data_8XLV
#
_entry.id   8XLV
#
_cell.length_a   1.00
_cell.length_b   1.00
_cell.length_c   1.00
_cell.angle_alpha   90.00
_cell.angle_beta   90.00
_cell.angle_gamma   90.00
#
_symmetry.space_group_name_H-M   'P 1'
#
loop_
_entity.id
_entity.type
_entity.pdbx_description
1 polymer 'Spike glycoprotein'
2 branched 2-acetamido-2-deoxy-beta-D-glucopyranose-(1-4)-2-acetamido-2-deoxy-beta-D-glucopyranose
3 non-polymer 2-acetamido-2-deoxy-beta-D-glucopyranose
#
_entity_poly.entity_id   1
_entity_poly.type   'polypeptide(L)'
_entity_poly.pdbx_seq_one_letter_code
;MFVFLVLLPLVSSQCVMPLFNLITTTQSYTNSFTRGVYYPDKVFRSSVLHLTQDLFLPFFSNVTWFHAISGTNGTKRFDN
PVLPFNDGVYFASTEKSNIIRGWIFGTTLDSKTQSLLIVNNATNVFIKVCEFQFCNDPFLDVYHKNNKSWMESESGVYSS
ANNCTFEYVSQPFLMDLEGKQGNFKNLREFVFKNIDGYFKIYSKHTPIIGRDFPQGFSALEPLVDLPIGINITRFQTLLA
LNRSYLTPGDSSSGWTAGAADYYVGYLQPRTFLLKYNENGTITDAVDCALDPLSETKCTLKSFTVEKGIYQTSNFRVQPT
ESIVRFPNVTNLCPFHEVFNATRFASVYAWNRTRISNCVADYSVLYNFAPFFAFKCYGVSPTKLNDLCFTNVYADSFVIK
GNEVSQIAPGQTGNIADYNYKLPDDFTGCVIAWNSNKLDSKHSGNYDYWYRLFRKSKLKPFERDISTEIYQAGNKPCKGK
GPNCYFPLQSYGFRPTYGVGHQPYRVVVLSFELLHAPATVCGPKKSTNLVKNKCVNFNFNGLTGTGVLTKSNKKFLPFQQ
FGRDIVDTTDAVRDPQTLEILDITPCSFGGVSVITPGTNTSNQVAVLYQGVNCTEVSVAIHADQLTPTWRVYSTGSNVFQ
TRAGCLIGAEYVNNSYECDIPIGAGVCASYQTQTKSRGSASSVASQSIIAYTMSLGAENSVAYSNNSIAIPTNFTISVTT
EILPVSMTKTSVDCTMYICGDSTECSNLLLQYGSFCTQLKRALTGIAVEQDKNTQEVFAQVKQIYKTPPIKYFGGFNFSQ
ILPDPSKPSKRSPIEDLLFNKVTLADAGFIKQYGDCLGDIAARDLICAQKFNGLTVLPPLLTDEMIAQYTSALLAGTITS
GWTFGAGPALQIPFPMQMAYRFNGIGVTQNVLYENQKLIANQFNSAIGKIQDSLFSTPSALGKLQDVVNHNAQALNTLVK
QLSSKFGAISSVLNDILSRLDPPEAEVQIDRLITGRLQSLQTYVTQQLIRAAEIRASANLAATKMSECVLGQSKRVDFCG
KGYHLMSFPQSAPHGVVFLHVTYVPAQEKNFTTAPAICHDGKAHFPREGVFVSNGTHWFVTQRNFYEPQIITTDNTFVSG
NCDVVIGIVNNTVYDPLQLELDSGGGSGGGSGYIPEAPRDGQAYVRKDGEWVLLSTFLGGGSAWSHPQFEK
;
_entity_poly.pdbx_strand_id   A,B,C
#
loop_
_chem_comp.id
_chem_comp.type
_chem_comp.name
_chem_comp.formula
NAG D-saccharide, beta linking 2-acetamido-2-deoxy-beta-D-glucopyranose 'C8 H15 N O6'
#
# COMPACT_ATOMS: atom_id res chain seq x y z
N GLN A 27 26.05 3.47 57.67
CA GLN A 27 25.54 3.32 56.31
C GLN A 27 25.06 1.89 56.07
N SER A 28 23.88 1.78 55.47
CA SER A 28 23.25 0.49 55.17
C SER A 28 22.68 0.56 53.77
N TYR A 29 21.90 -0.46 53.40
CA TYR A 29 21.27 -0.54 52.10
C TYR A 29 19.76 -0.62 52.27
N THR A 30 19.03 0.24 51.57
CA THR A 30 17.58 0.24 51.58
C THR A 30 17.08 0.18 50.14
N ASN A 31 15.76 0.24 49.98
CA ASN A 31 15.13 0.18 48.67
C ASN A 31 14.52 1.53 48.33
N SER A 32 14.84 2.05 47.15
CA SER A 32 14.20 3.24 46.62
C SER A 32 12.81 2.85 46.15
N PHE A 33 11.81 3.04 47.02
CA PHE A 33 10.48 2.51 46.74
C PHE A 33 9.89 3.12 45.48
N THR A 34 9.65 4.44 45.49
CA THR A 34 9.12 5.13 44.32
C THR A 34 9.76 6.49 44.10
N ARG A 35 10.93 6.73 44.65
CA ARG A 35 11.55 8.05 44.60
C ARG A 35 12.26 8.27 43.28
N GLY A 36 12.75 9.49 43.09
CA GLY A 36 13.57 9.83 41.94
C GLY A 36 12.84 10.34 40.73
N VAL A 37 11.51 10.48 40.79
CA VAL A 37 10.76 10.96 39.64
C VAL A 37 10.80 12.47 39.59
N TYR A 38 11.26 13.02 38.47
CA TYR A 38 11.36 14.46 38.26
C TYR A 38 10.68 14.82 36.96
N TYR A 39 10.52 16.13 36.74
CA TYR A 39 9.87 16.60 35.53
C TYR A 39 10.86 16.55 34.37
N PRO A 40 10.64 15.71 33.36
CA PRO A 40 11.64 15.56 32.29
C PRO A 40 11.83 16.81 31.45
N ASP A 41 10.86 17.73 31.43
CA ASP A 41 10.93 18.89 30.56
C ASP A 41 10.03 19.99 31.13
N LYS A 42 10.22 21.20 30.63
CA LYS A 42 9.45 22.36 31.04
C LYS A 42 8.21 22.57 30.19
N VAL A 43 7.65 21.51 29.64
CA VAL A 43 6.46 21.59 28.78
C VAL A 43 5.26 21.11 29.58
N PHE A 44 4.24 21.96 29.68
CA PHE A 44 3.06 21.62 30.45
C PHE A 44 2.24 20.54 29.77
N ARG A 45 1.79 19.56 30.56
CA ARG A 45 0.87 18.53 30.11
C ARG A 45 -0.13 18.28 31.23
N SER A 46 -1.39 18.10 30.86
CA SER A 46 -2.48 18.00 31.83
C SER A 46 -3.29 16.73 31.59
N SER A 47 -3.44 15.94 32.65
CA SER A 47 -4.29 14.75 32.66
C SER A 47 -3.97 13.81 31.49
N VAL A 48 -2.71 13.40 31.43
CA VAL A 48 -2.24 12.51 30.37
C VAL A 48 -1.42 11.39 30.99
N LEU A 49 -1.08 10.41 30.17
CA LEU A 49 -0.20 9.31 30.54
C LEU A 49 0.93 9.27 29.51
N HIS A 50 2.00 10.00 29.80
CA HIS A 50 3.08 10.20 28.84
C HIS A 50 4.18 9.18 29.10
N LEU A 51 4.58 8.46 28.04
CA LEU A 51 5.66 7.49 28.12
C LEU A 51 6.93 8.16 27.64
N THR A 52 7.91 8.30 28.54
CA THR A 52 9.15 8.98 28.24
C THR A 52 10.33 8.12 28.66
N GLN A 53 11.38 8.12 27.84
CA GLN A 53 12.60 7.38 28.13
C GLN A 53 13.69 8.38 28.48
N ASP A 54 14.26 8.24 29.68
CA ASP A 54 15.24 9.19 30.17
C ASP A 54 16.02 8.55 31.31
N LEU A 55 17.01 9.28 31.81
CA LEU A 55 17.76 8.82 32.97
C LEU A 55 16.93 9.01 34.23
N PHE A 56 16.66 7.91 34.93
CA PHE A 56 15.85 7.94 36.12
C PHE A 56 16.48 7.05 37.19
N LEU A 57 15.90 7.12 38.38
CA LEU A 57 16.22 6.17 39.44
C LEU A 57 15.25 5.00 39.31
N PRO A 58 15.71 3.81 38.93
CA PRO A 58 14.78 2.69 38.77
C PRO A 58 14.09 2.35 40.08
N PHE A 59 12.85 1.88 39.96
CA PHE A 59 12.07 1.53 41.13
C PHE A 59 12.74 0.40 41.89
N PHE A 60 12.62 0.44 43.22
CA PHE A 60 13.11 -0.62 44.10
C PHE A 60 14.60 -0.90 43.91
N SER A 61 15.36 0.13 43.55
CA SER A 61 16.80 0.00 43.43
C SER A 61 17.46 0.05 44.81
N ASN A 62 18.71 -0.37 44.85
CA ASN A 62 19.44 -0.43 46.12
C ASN A 62 20.08 0.93 46.39
N VAL A 63 19.78 1.49 47.56
CA VAL A 63 20.17 2.85 47.92
C VAL A 63 21.07 2.80 49.13
N THR A 64 22.19 3.52 49.08
CA THR A 64 23.16 3.55 50.16
C THR A 64 22.79 4.67 51.14
N TRP A 65 22.56 4.30 52.39
CA TRP A 65 22.13 5.25 53.41
C TRP A 65 23.29 5.50 54.36
N PHE A 66 23.93 6.66 54.21
CA PHE A 66 24.98 7.07 55.13
C PHE A 66 24.34 7.80 56.31
N ASN A 80 33.80 11.11 55.22
CA ASN A 80 33.45 11.87 54.03
C ASN A 80 33.97 11.17 52.78
N PRO A 81 33.29 10.11 52.36
CA PRO A 81 33.75 9.33 51.21
C PRO A 81 33.54 10.07 49.89
N VAL A 82 34.33 9.68 48.90
CA VAL A 82 34.27 10.28 47.57
C VAL A 82 33.40 9.34 46.71
N LEU A 83 32.11 9.64 46.67
CA LEU A 83 31.18 8.80 45.92
C LEU A 83 31.33 9.06 44.43
N PRO A 84 31.60 8.04 43.61
CA PRO A 84 31.64 8.26 42.16
C PRO A 84 30.28 8.71 41.63
N PHE A 85 30.32 9.59 40.65
CA PHE A 85 29.14 10.23 40.10
C PHE A 85 28.68 9.44 38.89
N ASN A 86 27.82 8.44 39.14
CA ASN A 86 27.28 7.60 38.07
C ASN A 86 26.20 8.38 37.35
N ASP A 87 26.62 9.16 36.35
CA ASP A 87 25.80 9.91 35.40
C ASP A 87 24.50 10.45 36.01
N GLY A 88 24.62 11.18 37.12
CA GLY A 88 23.46 11.73 37.79
C GLY A 88 23.05 10.91 38.99
N VAL A 89 22.83 11.57 40.12
CA VAL A 89 22.53 10.87 41.37
C VAL A 89 21.27 11.45 41.99
N TYR A 90 20.60 10.63 42.79
CA TYR A 90 19.48 11.05 43.61
C TYR A 90 19.98 11.10 45.06
N PHE A 91 20.07 12.31 45.60
CA PHE A 91 20.61 12.57 46.93
C PHE A 91 19.48 13.08 47.79
N ALA A 92 19.08 12.29 48.78
CA ALA A 92 17.97 12.66 49.67
C ALA A 92 18.53 12.83 51.08
N SER A 93 18.62 14.07 51.54
CA SER A 93 19.15 14.36 52.86
C SER A 93 18.00 14.51 53.85
N THR A 94 18.06 13.77 54.95
CA THR A 94 17.09 13.88 56.04
C THR A 94 17.85 14.39 57.26
N GLU A 95 17.52 15.58 57.73
CA GLU A 95 18.28 16.23 58.78
C GLU A 95 17.41 17.26 59.47
N LYS A 96 17.86 17.68 60.66
CA LYS A 96 17.24 18.77 61.39
C LYS A 96 18.24 19.79 61.91
N SER A 97 19.52 19.45 61.98
CA SER A 97 20.55 20.35 62.47
C SER A 97 21.23 21.13 61.35
N ASN A 98 20.78 20.95 60.12
CA ASN A 98 21.33 21.66 58.95
C ASN A 98 22.82 21.40 58.80
N ILE A 99 23.25 20.18 59.14
CA ILE A 99 24.66 19.83 58.99
C ILE A 99 25.06 19.81 57.52
N ILE A 100 24.18 19.35 56.65
CA ILE A 100 24.47 19.28 55.22
C ILE A 100 24.46 20.71 54.68
N ARG A 101 25.65 21.28 54.46
CA ARG A 101 25.79 22.64 53.99
C ARG A 101 25.95 22.75 52.47
N GLY A 102 26.06 21.63 51.77
CA GLY A 102 26.18 21.68 50.33
C GLY A 102 26.89 20.46 49.79
N TRP A 103 27.38 20.60 48.56
CA TRP A 103 27.96 19.49 47.81
C TRP A 103 29.23 19.96 47.10
N ILE A 104 30.06 18.97 46.75
CA ILE A 104 31.23 19.18 45.89
C ILE A 104 31.23 18.10 44.82
N PHE A 105 31.40 18.52 43.57
CA PHE A 105 31.42 17.63 42.41
C PHE A 105 32.72 17.84 41.64
N GLY A 106 33.18 16.78 40.98
CA GLY A 106 34.34 16.91 40.12
C GLY A 106 34.86 15.56 39.69
N THR A 107 36.00 15.60 39.02
CA THR A 107 36.72 14.39 38.60
C THR A 107 37.91 14.09 39.49
N THR A 108 38.58 15.13 40.00
CA THR A 108 39.73 14.98 40.88
C THR A 108 39.55 15.69 42.21
N LEU A 109 38.89 16.86 42.22
CA LEU A 109 38.56 17.58 43.45
C LEU A 109 39.82 17.92 44.27
N ASP A 110 40.91 18.22 43.57
CA ASP A 110 42.18 18.53 44.25
C ASP A 110 42.85 19.74 43.60
N SER A 111 42.05 20.73 43.23
CA SER A 111 42.54 21.98 42.63
C SER A 111 43.38 21.73 41.37
N LYS A 112 43.00 20.72 40.58
CA LYS A 112 43.61 20.51 39.28
C LYS A 112 42.61 20.60 38.15
N THR A 113 41.51 19.85 38.22
CA THR A 113 40.42 19.95 37.27
C THR A 113 39.31 20.81 37.86
N GLN A 114 38.43 21.30 36.99
CA GLN A 114 37.35 22.17 37.43
C GLN A 114 36.35 21.39 38.27
N SER A 115 36.04 21.93 39.45
CA SER A 115 35.14 21.30 40.40
C SER A 115 34.04 22.27 40.79
N LEU A 116 32.84 21.73 40.99
CA LEU A 116 31.66 22.49 41.34
C LEU A 116 31.47 22.47 42.85
N LEU A 117 31.33 23.65 43.45
CA LEU A 117 31.08 23.83 44.86
C LEU A 117 29.70 24.46 45.02
N ILE A 118 28.83 23.81 45.79
CA ILE A 118 27.50 24.33 46.10
C ILE A 118 27.41 24.44 47.61
N VAL A 119 27.04 25.61 48.11
CA VAL A 119 26.86 25.81 49.55
C VAL A 119 25.59 26.62 49.77
N ASN A 120 24.88 26.31 50.85
CA ASN A 120 23.63 26.97 51.21
C ASN A 120 23.78 27.45 52.66
N ASN A 121 24.11 28.72 52.84
CA ASN A 121 24.52 29.19 54.16
C ASN A 121 23.32 29.46 55.07
N ALA A 122 22.56 30.51 54.77
CA ALA A 122 21.29 30.72 55.45
C ALA A 122 20.16 31.24 54.56
N THR A 123 20.46 31.99 53.51
CA THR A 123 19.43 32.56 52.65
C THR A 123 19.67 32.32 51.18
N ASN A 124 20.92 32.36 50.73
CA ASN A 124 21.26 32.30 49.31
C ASN A 124 22.24 31.17 49.06
N VAL A 125 21.98 30.41 48.01
CA VAL A 125 22.84 29.29 47.62
C VAL A 125 23.99 29.83 46.79
N PHE A 126 25.19 29.84 47.36
CA PHE A 126 26.39 30.22 46.63
C PHE A 126 26.83 29.01 45.81
N ILE A 127 26.75 29.13 44.48
CA ILE A 127 27.16 28.09 43.57
C ILE A 127 28.37 28.63 42.80
N LYS A 128 29.50 27.96 42.93
CA LYS A 128 30.72 28.36 42.25
C LYS A 128 31.27 27.18 41.48
N VAL A 129 31.94 27.46 40.38
CA VAL A 129 32.62 26.44 39.60
C VAL A 129 34.09 26.85 39.56
N CYS A 130 34.86 26.34 40.52
CA CYS A 130 36.22 26.80 40.77
C CYS A 130 37.18 25.63 40.72
N GLU A 131 38.41 25.88 41.16
CA GLU A 131 39.47 24.86 41.17
C GLU A 131 40.12 24.95 42.55
N PHE A 132 39.55 24.19 43.50
CA PHE A 132 39.87 24.34 44.92
C PHE A 132 40.47 23.07 45.49
N GLN A 133 41.47 23.25 46.36
CA GLN A 133 42.11 22.11 47.01
C GLN A 133 41.20 21.47 48.06
N PHE A 134 40.59 22.29 48.90
CA PHE A 134 39.72 21.78 49.97
C PHE A 134 38.61 22.78 50.27
N CYS A 135 37.88 22.52 51.34
CA CYS A 135 36.64 23.21 51.64
C CYS A 135 36.48 23.29 53.16
N ASN A 136 35.26 23.52 53.61
CA ASN A 136 34.94 23.75 55.02
C ASN A 136 35.34 22.59 55.91
N ASP A 137 35.49 21.40 55.33
CA ASP A 137 35.89 20.23 56.12
C ASP A 137 37.28 20.44 56.70
N PRO A 138 37.45 20.35 58.03
CA PRO A 138 38.75 20.52 58.69
C PRO A 138 39.70 19.35 58.43
N MET A 151 24.49 32.06 66.16
CA MET A 151 25.43 30.99 66.52
C MET A 151 26.86 31.38 66.17
N GLU A 152 27.13 31.48 64.86
CA GLU A 152 28.46 31.84 64.35
C GLU A 152 29.53 30.88 64.86
N SER A 153 29.38 29.62 64.46
CA SER A 153 30.31 28.57 64.85
C SER A 153 31.17 28.04 63.71
N GLU A 154 30.90 28.46 62.48
CA GLU A 154 31.64 27.98 61.33
C GLU A 154 31.58 29.00 60.20
N SER A 155 32.64 29.02 59.39
CA SER A 155 32.73 29.90 58.23
C SER A 155 33.48 29.18 57.12
N GLY A 156 33.22 29.59 55.88
CA GLY A 156 33.83 28.94 54.73
C GLY A 156 35.20 29.50 54.40
N VAL A 157 36.23 28.65 54.54
CA VAL A 157 37.59 29.09 54.27
C VAL A 157 38.19 28.46 53.03
N TYR A 158 37.77 27.24 52.67
CA TYR A 158 38.31 26.44 51.56
C TYR A 158 39.84 26.49 51.52
N SER A 159 40.43 26.17 50.36
CA SER A 159 41.88 26.15 50.26
C SER A 159 42.38 26.84 49.00
N SER A 160 41.54 26.93 47.97
CA SER A 160 41.96 27.54 46.71
C SER A 160 40.75 28.12 46.00
N ALA A 161 40.98 29.16 45.20
CA ALA A 161 39.93 29.82 44.45
C ALA A 161 40.34 30.12 43.02
N ASN A 162 41.28 29.34 42.46
CA ASN A 162 41.79 29.64 41.10
C ASN A 162 40.64 29.62 40.10
N ASN A 163 40.77 30.39 39.01
CA ASN A 163 39.95 30.20 37.78
C ASN A 163 38.52 29.79 38.16
N CYS A 164 37.82 30.59 38.96
CA CYS A 164 36.36 30.38 39.20
C CYS A 164 35.59 30.83 37.96
N THR A 165 35.13 29.88 37.16
CA THR A 165 34.55 30.16 35.86
C THR A 165 33.07 30.51 35.92
N PHE A 166 32.35 30.09 36.96
CA PHE A 166 30.93 30.34 37.05
C PHE A 166 30.54 30.68 38.49
N GLU A 167 29.60 31.61 38.62
CA GLU A 167 29.08 32.06 39.90
C GLU A 167 27.56 32.16 39.81
N TYR A 168 26.89 31.88 40.93
CA TYR A 168 25.44 31.92 40.96
C TYR A 168 24.96 32.06 42.41
N VAL A 169 23.83 32.76 42.56
CA VAL A 169 23.15 32.89 43.84
C VAL A 169 21.66 32.71 43.60
N SER A 170 20.94 32.36 44.67
CA SER A 170 19.50 32.17 44.59
C SER A 170 18.77 33.50 44.52
N ASN A 186 13.79 19.31 55.87
CA ASN A 186 13.49 17.89 56.04
C ASN A 186 13.15 17.24 54.70
N LEU A 187 13.63 16.01 54.52
CA LEU A 187 13.36 15.21 53.33
C LEU A 187 13.74 15.98 52.06
N ARG A 188 14.92 16.59 52.10
CA ARG A 188 15.41 17.40 50.99
C ARG A 188 15.90 16.47 49.88
N GLU A 189 15.11 16.29 48.83
CA GLU A 189 15.49 15.45 47.71
C GLU A 189 16.10 16.30 46.61
N PHE A 190 17.20 15.84 46.04
CA PHE A 190 17.92 16.58 45.01
C PHE A 190 18.39 15.60 43.95
N VAL A 191 17.89 15.75 42.73
CA VAL A 191 18.42 15.01 41.59
C VAL A 191 19.47 15.89 40.91
N PHE A 192 20.69 15.36 40.81
CA PHE A 192 21.80 16.06 40.17
C PHE A 192 22.11 15.31 38.88
N LYS A 193 21.78 15.93 37.74
CA LYS A 193 21.96 15.28 36.44
C LYS A 193 22.92 16.11 35.61
N ASN A 194 24.02 15.50 35.20
CA ASN A 194 25.00 16.17 34.34
C ASN A 194 24.82 15.63 32.93
N ILE A 195 24.37 16.49 32.02
CA ILE A 195 24.08 16.09 30.64
C ILE A 195 24.06 17.33 29.76
N ASP A 196 24.65 17.21 28.58
CA ASP A 196 24.61 18.25 27.55
C ASP A 196 25.19 19.57 28.05
N GLY A 197 26.33 19.49 28.74
CA GLY A 197 26.93 20.67 29.33
C GLY A 197 26.08 21.35 30.37
N TYR A 198 25.10 20.64 30.93
CA TYR A 198 24.18 21.20 31.91
C TYR A 198 24.23 20.40 33.19
N PHE A 199 24.36 21.10 34.32
CA PHE A 199 24.10 20.54 35.64
C PHE A 199 22.66 20.90 35.99
N LYS A 200 21.76 19.94 35.86
CA LYS A 200 20.35 20.12 36.18
C LYS A 200 20.13 19.67 37.62
N ILE A 201 19.66 20.59 38.45
CA ILE A 201 19.35 20.31 39.85
C ILE A 201 17.84 20.37 40.00
N TYR A 202 17.25 19.23 40.35
CA TYR A 202 15.81 19.11 40.61
C TYR A 202 15.64 18.96 42.10
N SER A 203 15.11 19.99 42.76
CA SER A 203 15.02 20.01 44.21
C SER A 203 13.56 19.90 44.64
N LYS A 204 13.28 18.94 45.50
CA LYS A 204 12.00 18.82 46.18
C LYS A 204 12.26 18.94 47.67
N HIS A 205 11.89 20.08 48.25
CA HIS A 205 12.03 20.31 49.68
C HIS A 205 10.63 20.17 50.29
N THR A 206 10.25 18.93 50.60
CA THR A 206 9.02 18.67 51.31
C THR A 206 9.36 18.48 52.78
N PRO A 207 9.26 19.52 53.62
CA PRO A 207 9.73 19.40 55.00
C PRO A 207 8.80 18.55 55.85
N ILE A 208 8.93 17.23 55.73
CA ILE A 208 8.10 16.32 56.52
C ILE A 208 8.40 16.54 58.00
N ILE A 209 7.35 16.60 58.80
CA ILE A 209 7.46 16.82 60.25
C ILE A 209 7.48 15.44 60.88
N GLY A 210 8.68 14.92 61.09
CA GLY A 210 8.88 13.57 61.57
C GLY A 210 9.87 12.80 60.72
N ARG A 211 10.51 11.82 61.35
CA ARG A 211 11.54 11.03 60.71
C ARG A 211 11.00 9.80 59.99
N ASP A 212 9.68 9.59 60.01
CA ASP A 212 9.08 8.49 59.27
C ASP A 212 9.32 8.67 57.78
N PHE A 213 10.16 7.84 57.21
CA PHE A 213 10.45 7.93 55.78
C PHE A 213 9.30 7.33 55.00
N PRO A 214 8.49 8.13 54.29
CA PRO A 214 7.29 7.60 53.63
C PRO A 214 7.64 6.94 52.30
N GLN A 215 7.17 5.71 52.11
CA GLN A 215 7.27 5.03 50.83
C GLN A 215 6.13 5.55 49.93
N GLY A 216 6.26 6.82 49.56
CA GLY A 216 5.24 7.49 48.79
C GLY A 216 5.76 8.11 47.51
N PHE A 217 5.01 9.04 46.95
CA PHE A 217 5.34 9.65 45.67
C PHE A 217 5.51 11.15 45.83
N SER A 218 6.53 11.69 45.16
CA SER A 218 6.75 13.14 45.13
C SER A 218 7.61 13.46 43.93
N ALA A 219 7.06 14.21 42.97
CA ALA A 219 7.85 14.63 41.82
C ALA A 219 8.87 15.68 42.24
N LEU A 220 9.89 15.85 41.40
CA LEU A 220 10.98 16.78 41.67
C LEU A 220 10.98 17.86 40.59
N GLU A 221 10.46 19.03 40.94
CA GLU A 221 10.43 20.14 40.01
C GLU A 221 11.85 20.64 39.76
N PRO A 222 12.14 21.09 38.54
CA PRO A 222 13.51 21.52 38.21
C PRO A 222 13.89 22.81 38.90
N LEU A 223 14.75 22.73 39.92
CA LEU A 223 15.17 23.93 40.63
C LEU A 223 16.00 24.83 39.74
N VAL A 224 16.96 24.27 39.00
CA VAL A 224 17.84 25.09 38.18
C VAL A 224 18.48 24.21 37.12
N ASP A 225 18.87 24.82 36.00
CA ASP A 225 19.61 24.17 34.92
C ASP A 225 20.85 25.02 34.65
N LEU A 226 21.92 24.75 35.38
CA LEU A 226 23.13 25.56 35.24
C LEU A 226 23.92 25.14 34.01
N PRO A 227 24.31 26.08 33.14
CA PRO A 227 25.10 25.75 31.95
C PRO A 227 26.60 25.72 32.22
N ILE A 228 27.01 24.99 33.26
CA ILE A 228 28.41 24.98 33.67
C ILE A 228 29.27 24.23 32.65
N GLY A 229 28.78 23.11 32.13
CA GLY A 229 29.48 22.39 31.08
C GLY A 229 30.83 21.80 31.47
N ILE A 230 30.87 21.11 32.62
CA ILE A 230 32.13 20.51 33.14
C ILE A 230 31.96 18.98 33.24
N ASN A 231 33.07 18.27 33.41
CA ASN A 231 33.08 16.78 33.56
C ASN A 231 32.99 16.45 35.06
N ILE A 232 32.05 15.57 35.43
CA ILE A 232 31.91 15.15 36.85
C ILE A 232 31.87 13.61 36.91
N THR A 233 32.84 13.01 37.61
CA THR A 233 32.87 11.57 37.84
C THR A 233 32.76 11.19 39.31
N ARG A 234 33.05 12.09 40.24
CA ARG A 234 32.98 11.81 41.67
C ARG A 234 32.36 12.99 42.39
N PHE A 235 31.85 12.74 43.59
CA PHE A 235 31.27 13.82 44.37
C PHE A 235 31.18 13.41 45.84
N GLN A 236 31.28 14.41 46.71
CA GLN A 236 31.16 14.23 48.16
C GLN A 236 30.17 15.23 48.72
N THR A 237 29.80 15.04 49.98
CA THR A 237 28.87 15.91 50.68
C THR A 237 29.64 16.80 51.65
N LEU A 238 29.17 18.03 51.81
CA LEU A 238 29.82 19.01 52.68
C LEU A 238 29.04 19.20 53.97
N LEU A 239 29.76 19.14 55.08
CA LEU A 239 29.19 19.35 56.41
C LEU A 239 29.72 20.65 57.00
N ALA A 240 29.19 20.98 58.18
CA ALA A 240 29.61 22.19 58.89
C ALA A 240 30.38 21.83 60.15
N ASP A 261 21.29 12.45 58.38
CA ASP A 261 21.82 11.40 57.51
C ASP A 261 21.36 11.64 56.08
N TYR A 262 21.83 10.81 55.14
CA TYR A 262 21.47 11.05 53.75
C TYR A 262 21.54 9.74 52.95
N TYR A 263 20.70 9.68 51.92
CA TYR A 263 20.55 8.52 51.06
C TYR A 263 21.06 8.88 49.67
N VAL A 264 21.77 7.94 49.04
CA VAL A 264 22.31 8.14 47.70
C VAL A 264 21.86 6.98 46.82
N GLY A 265 21.32 7.32 45.66
CA GLY A 265 21.01 6.33 44.64
C GLY A 265 21.55 6.77 43.29
N TYR A 266 21.80 5.80 42.43
CA TYR A 266 22.41 6.04 41.13
C TYR A 266 21.39 5.82 40.03
N LEU A 267 21.42 6.70 39.02
CA LEU A 267 20.46 6.68 37.94
C LEU A 267 20.95 5.80 36.79
N GLN A 268 19.99 5.25 36.06
CA GLN A 268 20.20 4.54 34.81
C GLN A 268 19.19 5.00 33.77
N PRO A 269 19.50 4.85 32.49
CA PRO A 269 18.51 5.17 31.44
C PRO A 269 17.40 4.14 31.41
N ARG A 270 16.18 4.57 31.77
CA ARG A 270 15.01 3.71 31.82
C ARG A 270 13.88 4.35 31.03
N THR A 271 12.72 3.70 31.06
CA THR A 271 11.51 4.21 30.43
C THR A 271 10.41 4.23 31.48
N PHE A 272 9.72 5.36 31.57
CA PHE A 272 8.70 5.57 32.58
C PHE A 272 7.40 6.00 31.93
N LEU A 273 6.30 5.68 32.61
CA LEU A 273 4.98 6.19 32.26
C LEU A 273 4.56 7.15 33.37
N LEU A 274 4.45 8.43 33.05
CA LEU A 274 4.13 9.46 34.02
C LEU A 274 2.69 9.89 33.82
N LYS A 275 1.91 9.98 34.90
CA LYS A 275 0.51 10.44 34.81
C LYS A 275 0.41 11.90 35.21
N TYR A 276 0.44 12.81 34.23
CA TYR A 276 0.45 14.24 34.56
C TYR A 276 -0.96 14.58 35.02
N ASN A 277 -1.14 15.22 36.18
CA ASN A 277 -2.50 15.51 36.72
C ASN A 277 -3.03 16.81 36.12
N GLU A 278 -4.26 17.16 36.48
CA GLU A 278 -4.88 18.38 35.90
C GLU A 278 -3.98 19.57 36.13
N ASN A 279 -3.65 19.86 37.37
CA ASN A 279 -2.88 21.08 37.69
C ASN A 279 -1.47 21.01 37.08
N GLY A 280 -1.11 19.94 36.38
CA GLY A 280 0.22 19.81 35.73
C GLY A 280 1.22 19.07 36.58
N THR A 281 0.78 18.26 37.54
CA THR A 281 1.67 17.58 38.50
C THR A 281 1.73 16.07 38.23
N ILE A 282 2.92 15.46 38.31
CA ILE A 282 3.08 14.01 38.07
C ILE A 282 2.63 13.23 39.31
N THR A 283 1.35 12.87 39.44
CA THR A 283 0.85 12.20 40.63
C THR A 283 1.35 10.77 40.75
N ASP A 284 1.87 10.18 39.67
CA ASP A 284 2.26 8.79 39.72
C ASP A 284 3.17 8.49 38.52
N ALA A 285 4.02 7.47 38.70
CA ALA A 285 4.91 7.02 37.65
C ALA A 285 5.03 5.51 37.74
N VAL A 286 5.22 4.88 36.58
CA VAL A 286 5.31 3.43 36.47
C VAL A 286 6.54 3.08 35.65
N ASP A 287 7.41 2.26 36.21
CA ASP A 287 8.60 1.81 35.50
C ASP A 287 8.21 0.87 34.37
N CYS A 288 9.13 0.67 33.43
CA CYS A 288 8.91 -0.22 32.29
C CYS A 288 9.94 -1.33 32.22
N ALA A 289 10.64 -1.61 33.32
CA ALA A 289 11.62 -2.69 33.36
C ALA A 289 11.50 -3.59 34.58
N LEU A 290 10.80 -3.18 35.62
CA LEU A 290 10.51 -4.06 36.75
C LEU A 290 9.19 -4.77 36.53
N ASP A 291 9.20 -6.09 36.69
CA ASP A 291 8.02 -6.96 36.64
C ASP A 291 7.43 -7.02 35.24
N PRO A 292 6.89 -8.18 34.85
CA PRO A 292 6.09 -8.22 33.61
C PRO A 292 4.87 -7.33 33.67
N LEU A 293 4.26 -7.20 34.85
CA LEU A 293 3.07 -6.36 34.98
C LEU A 293 3.36 -4.91 34.64
N SER A 294 4.41 -4.35 35.22
CA SER A 294 4.83 -3.00 34.86
C SER A 294 5.70 -2.99 33.62
N GLU A 295 5.30 -3.73 32.61
CA GLU A 295 5.67 -3.60 31.21
C GLU A 295 4.44 -3.63 30.31
N THR A 296 3.44 -4.43 30.66
CA THR A 296 2.14 -4.34 30.03
C THR A 296 1.40 -3.08 30.46
N LYS A 297 1.69 -2.55 31.64
CA LYS A 297 1.18 -1.23 32.00
C LYS A 297 1.71 -0.16 31.04
N CYS A 298 2.99 -0.27 30.68
CA CYS A 298 3.56 0.65 29.70
C CYS A 298 3.01 0.38 28.30
N THR A 299 2.83 -0.90 27.95
CA THR A 299 2.40 -1.25 26.61
C THR A 299 1.01 -0.69 26.30
N LEU A 300 0.08 -0.84 27.24
CA LEU A 300 -1.25 -0.28 27.05
C LEU A 300 -1.35 1.18 27.42
N LYS A 301 -0.27 1.76 27.95
CA LYS A 301 -0.26 3.15 28.40
C LYS A 301 -1.39 3.42 29.38
N SER A 302 -1.49 2.55 30.38
CA SER A 302 -2.50 2.69 31.43
C SER A 302 -1.94 2.11 32.72
N PHE A 303 -2.52 2.53 33.83
CA PHE A 303 -2.12 2.04 35.15
C PHE A 303 -2.97 0.89 35.65
N THR A 304 -4.02 0.52 34.92
CA THR A 304 -4.90 -0.58 35.30
C THR A 304 -5.12 -1.44 34.06
N VAL A 305 -4.55 -2.64 34.05
CA VAL A 305 -4.73 -3.55 32.93
C VAL A 305 -5.89 -4.51 33.26
N GLU A 306 -6.52 -5.01 32.21
CA GLU A 306 -7.64 -5.94 32.34
C GLU A 306 -7.15 -7.37 32.31
N LYS A 307 -7.95 -8.27 32.88
CA LYS A 307 -7.60 -9.69 32.90
C LYS A 307 -7.49 -10.24 31.48
N GLY A 308 -6.29 -10.66 31.09
CA GLY A 308 -6.12 -11.22 29.77
C GLY A 308 -4.68 -11.41 29.34
N ILE A 309 -4.46 -12.25 28.33
CA ILE A 309 -3.14 -12.45 27.76
C ILE A 309 -2.76 -11.24 26.93
N TYR A 310 -1.58 -10.69 27.17
CA TYR A 310 -1.11 -9.48 26.51
C TYR A 310 0.20 -9.75 25.82
N GLN A 311 0.24 -9.55 24.50
CA GLN A 311 1.50 -9.53 23.78
C GLN A 311 2.33 -8.33 24.20
N THR A 312 3.64 -8.55 24.26
CA THR A 312 4.57 -7.52 24.70
C THR A 312 5.89 -7.72 23.96
N SER A 313 6.97 -7.17 24.51
CA SER A 313 8.28 -7.23 23.86
C SER A 313 8.69 -8.67 23.58
N ASN A 314 9.69 -8.82 22.72
CA ASN A 314 10.14 -10.14 22.29
C ASN A 314 11.40 -10.53 23.03
N PHE A 315 11.38 -11.71 23.65
CA PHE A 315 12.56 -12.23 24.32
C PHE A 315 13.57 -12.73 23.28
N ARG A 316 14.84 -12.72 23.66
CA ARG A 316 15.89 -13.25 22.81
C ARG A 316 17.12 -13.49 23.66
N VAL A 317 17.72 -14.67 23.54
CA VAL A 317 18.97 -14.94 24.24
C VAL A 317 20.08 -14.08 23.63
N GLN A 318 20.72 -13.29 24.47
CA GLN A 318 21.76 -12.43 23.96
C GLN A 318 23.02 -13.24 23.67
N PRO A 319 23.85 -12.80 22.73
CA PRO A 319 25.08 -13.55 22.41
C PRO A 319 25.98 -13.67 23.62
N THR A 320 26.59 -14.85 23.77
CA THR A 320 27.45 -15.11 24.91
C THR A 320 28.85 -14.54 24.69
N GLU A 321 29.50 -14.92 23.59
CA GLU A 321 30.82 -14.45 23.24
C GLU A 321 30.80 -13.85 21.83
N SER A 322 31.98 -13.57 21.30
CA SER A 322 32.10 -12.95 19.98
C SER A 322 33.40 -13.46 19.35
N ILE A 323 33.27 -14.44 18.46
CA ILE A 323 34.43 -15.01 17.78
C ILE A 323 34.63 -14.28 16.46
N VAL A 324 35.89 -14.20 16.03
CA VAL A 324 36.26 -13.62 14.73
C VAL A 324 37.27 -14.58 14.11
N ARG A 325 36.80 -15.48 13.26
CA ARG A 325 37.67 -16.47 12.63
C ARG A 325 38.00 -16.06 11.19
N PHE A 326 39.27 -16.17 10.85
CA PHE A 326 39.83 -15.95 9.53
C PHE A 326 40.64 -17.18 9.14
N PRO A 327 40.96 -17.33 7.85
CA PRO A 327 41.93 -18.38 7.47
C PRO A 327 43.33 -18.01 7.92
N ASN A 328 44.33 -18.82 7.56
CA ASN A 328 45.71 -18.46 7.86
C ASN A 328 46.07 -17.14 7.20
N VAL A 329 46.64 -16.23 7.98
CA VAL A 329 46.84 -14.86 7.54
C VAL A 329 48.33 -14.57 7.41
N THR A 330 48.65 -13.59 6.56
CA THR A 330 50.02 -13.13 6.35
C THR A 330 50.05 -11.61 6.36
N ASN A 331 51.20 -11.05 6.70
CA ASN A 331 51.38 -9.61 6.83
C ASN A 331 52.39 -9.15 5.79
N LEU A 332 51.90 -8.48 4.75
CA LEU A 332 52.77 -7.89 3.74
C LEU A 332 52.62 -6.38 3.62
N CYS A 333 51.39 -5.88 3.46
CA CYS A 333 51.12 -4.46 3.31
C CYS A 333 52.00 -3.81 2.25
N PRO A 334 51.88 -4.22 0.99
CA PRO A 334 52.76 -3.68 -0.07
C PRO A 334 52.21 -2.40 -0.70
N PHE A 335 51.99 -1.39 0.13
CA PHE A 335 51.42 -0.12 -0.34
C PHE A 335 52.37 1.04 -0.20
N HIS A 336 52.91 1.28 1.00
CA HIS A 336 53.75 2.46 1.21
C HIS A 336 54.99 2.41 0.32
N GLU A 337 55.60 1.24 0.17
CA GLU A 337 56.72 1.09 -0.75
C GLU A 337 56.30 1.35 -2.19
N VAL A 338 55.02 1.21 -2.50
CA VAL A 338 54.50 1.59 -3.80
C VAL A 338 54.01 3.04 -3.81
N PHE A 339 53.27 3.44 -2.77
CA PHE A 339 52.76 4.80 -2.70
C PHE A 339 53.87 5.84 -2.58
N ASN A 340 55.01 5.44 -2.03
CA ASN A 340 56.15 6.38 -1.83
C ASN A 340 57.01 6.47 -3.09
N ALA A 341 56.75 5.61 -4.08
CA ALA A 341 57.66 5.42 -5.20
C ALA A 341 57.94 6.75 -5.88
N THR A 342 59.07 6.79 -6.60
CA THR A 342 59.48 8.03 -7.24
C THR A 342 58.49 8.46 -8.32
N ARG A 343 58.02 7.52 -9.13
CA ARG A 343 57.21 7.85 -10.28
C ARG A 343 56.02 6.91 -10.39
N PHE A 344 54.84 7.50 -10.61
CA PHE A 344 53.67 6.76 -11.07
C PHE A 344 53.48 7.02 -12.57
N ALA A 345 52.37 6.54 -13.11
CA ALA A 345 52.08 6.63 -14.54
C ALA A 345 51.05 7.73 -14.80
N SER A 346 50.91 8.07 -16.07
CA SER A 346 50.00 9.12 -16.48
C SER A 346 48.55 8.65 -16.36
N VAL A 347 47.63 9.60 -16.54
CA VAL A 347 46.20 9.30 -16.44
C VAL A 347 45.78 8.32 -17.53
N TYR A 348 46.50 8.30 -18.64
CA TYR A 348 46.19 7.38 -19.74
C TYR A 348 47.07 6.14 -19.74
N ALA A 349 48.21 6.18 -19.07
CA ALA A 349 49.13 5.04 -18.99
C ALA A 349 49.07 4.36 -17.63
N TRP A 350 47.96 4.53 -16.92
CA TRP A 350 47.85 4.07 -15.54
C TRP A 350 48.08 2.57 -15.44
N ASN A 351 48.51 2.16 -14.24
CA ASN A 351 48.85 0.74 -13.96
C ASN A 351 47.79 0.15 -13.03
N ARG A 352 47.20 -0.98 -13.43
CA ARG A 352 46.26 -1.69 -12.57
C ARG A 352 47.08 -2.60 -11.66
N THR A 353 47.43 -2.08 -10.48
CA THR A 353 48.22 -2.82 -9.51
C THR A 353 47.29 -3.73 -8.73
N ARG A 354 47.63 -5.02 -8.68
CA ARG A 354 46.82 -6.00 -7.99
C ARG A 354 47.51 -6.39 -6.68
N ILE A 355 46.74 -6.37 -5.59
CA ILE A 355 47.25 -6.69 -4.26
C ILE A 355 46.52 -7.92 -3.74
N SER A 356 47.26 -8.86 -3.16
CA SER A 356 46.68 -10.08 -2.65
C SER A 356 47.54 -10.63 -1.52
N ASN A 357 46.89 -11.32 -0.59
CA ASN A 357 47.55 -11.99 0.53
C ASN A 357 48.40 -11.01 1.35
N CYS A 358 47.73 -10.03 1.93
CA CYS A 358 48.36 -9.09 2.85
C CYS A 358 47.31 -8.61 3.83
N VAL A 359 47.61 -7.51 4.53
CA VAL A 359 46.70 -6.93 5.50
C VAL A 359 46.48 -5.47 5.16
N ALA A 360 45.35 -4.93 5.61
CA ALA A 360 44.95 -3.56 5.29
C ALA A 360 45.51 -2.60 6.35
N ASP A 361 46.82 -2.40 6.30
CA ASP A 361 47.49 -1.42 7.15
C ASP A 361 47.35 -0.07 6.46
N TYR A 362 46.18 0.55 6.62
CA TYR A 362 45.83 1.77 5.91
C TYR A 362 46.03 3.04 6.73
N SER A 363 46.25 2.92 8.04
CA SER A 363 46.47 4.10 8.87
C SER A 363 47.76 4.82 8.47
N VAL A 364 48.72 4.09 7.90
CA VAL A 364 49.98 4.73 7.47
C VAL A 364 49.72 5.72 6.34
N LEU A 365 48.73 5.44 5.49
CA LEU A 365 48.43 6.34 4.38
C LEU A 365 47.90 7.68 4.86
N TYR A 366 47.52 7.80 6.14
CA TYR A 366 47.04 9.06 6.66
C TYR A 366 48.21 9.96 7.09
N ASN A 367 49.19 9.41 7.77
CA ASN A 367 50.29 10.19 8.33
C ASN A 367 51.67 9.75 7.85
N PHE A 368 51.93 8.45 7.73
CA PHE A 368 53.22 8.00 7.23
C PHE A 368 53.44 8.44 5.79
N ALA A 369 52.39 8.37 4.97
CA ALA A 369 52.37 8.96 3.64
C ALA A 369 51.28 10.02 3.67
N PRO A 370 51.55 11.18 4.25
CA PRO A 370 50.47 12.13 4.59
C PRO A 370 49.82 12.78 3.39
N PHE A 371 49.05 12.01 2.64
CA PHE A 371 48.31 12.56 1.51
C PHE A 371 46.99 13.15 2.01
N PHE A 372 46.67 14.36 1.55
CA PHE A 372 45.57 15.11 2.14
C PHE A 372 44.21 14.67 1.59
N ALA A 373 44.09 14.50 0.28
CA ALA A 373 42.80 14.25 -0.34
C ALA A 373 42.45 12.78 -0.20
N PHE A 374 41.49 12.46 0.67
CA PHE A 374 41.10 11.08 0.97
C PHE A 374 39.58 11.02 0.99
N LYS A 375 38.97 10.76 -0.18
CA LYS A 375 37.51 10.63 -0.26
C LYS A 375 37.16 9.21 -0.66
N CYS A 376 36.53 8.48 0.26
CA CYS A 376 36.13 7.10 0.00
C CYS A 376 34.66 7.08 -0.39
N TYR A 377 34.39 6.63 -1.62
CA TYR A 377 33.03 6.60 -2.16
C TYR A 377 32.53 5.16 -2.17
N GLY A 378 31.38 4.93 -1.56
CA GLY A 378 30.81 3.60 -1.49
C GLY A 378 31.14 2.88 -0.19
N VAL A 379 32.38 3.07 0.28
CA VAL A 379 32.83 2.47 1.54
C VAL A 379 33.59 3.53 2.32
N SER A 380 32.95 4.13 3.32
CA SER A 380 33.59 5.21 4.07
C SER A 380 34.81 4.68 4.82
N PRO A 381 35.82 5.53 5.04
CA PRO A 381 37.05 5.04 5.68
C PRO A 381 36.87 4.78 7.17
N THR A 382 37.97 4.41 7.83
CA THR A 382 38.07 4.08 9.25
C THR A 382 37.33 2.79 9.62
N LYS A 383 36.68 2.13 8.67
CA LYS A 383 36.08 0.82 8.88
C LYS A 383 36.86 -0.29 8.19
N LEU A 384 38.09 -0.01 7.75
CA LEU A 384 38.81 -0.89 6.84
C LEU A 384 39.68 -1.89 7.61
N ASN A 385 39.02 -2.79 8.35
CA ASN A 385 39.70 -3.76 9.19
C ASN A 385 39.24 -5.20 9.03
N ASP A 386 38.06 -5.45 8.46
CA ASP A 386 37.66 -6.79 8.08
C ASP A 386 36.63 -6.71 6.96
N LEU A 387 36.28 -7.88 6.41
CA LEU A 387 35.48 -7.92 5.16
C LEU A 387 35.76 -6.64 4.38
N CYS A 388 37.01 -6.45 3.96
CA CYS A 388 37.33 -5.16 3.34
C CYS A 388 37.51 -5.28 1.83
N PHE A 389 38.47 -6.08 1.38
CA PHE A 389 38.79 -6.19 -0.04
C PHE A 389 38.84 -7.65 -0.44
N THR A 390 38.40 -7.93 -1.67
CA THR A 390 38.51 -9.26 -2.28
C THR A 390 39.37 -9.23 -3.53
N ASN A 391 39.11 -8.31 -4.44
CA ASN A 391 39.84 -8.16 -5.70
C ASN A 391 40.35 -6.72 -5.84
N VAL A 392 41.00 -6.24 -4.78
CA VAL A 392 41.43 -4.85 -4.71
C VAL A 392 42.36 -4.54 -5.89
N TYR A 393 42.07 -3.46 -6.60
CA TYR A 393 42.92 -2.92 -7.64
C TYR A 393 43.29 -1.47 -7.31
N ALA A 394 44.46 -1.07 -7.78
CA ALA A 394 44.93 0.29 -7.57
C ALA A 394 45.27 0.92 -8.91
N ASP A 395 44.76 2.13 -9.13
CA ASP A 395 45.00 2.88 -10.37
C ASP A 395 45.82 4.12 -10.05
N SER A 396 46.90 4.32 -10.79
CA SER A 396 47.81 5.43 -10.56
C SER A 396 47.60 6.49 -11.64
N PHE A 397 47.09 7.65 -11.23
CA PHE A 397 46.84 8.78 -12.12
C PHE A 397 47.78 9.92 -11.76
N VAL A 398 48.23 10.65 -12.78
CA VAL A 398 48.97 11.89 -12.58
C VAL A 398 48.26 12.97 -13.37
N ILE A 399 47.76 13.99 -12.67
CA ILE A 399 46.93 15.01 -13.28
C ILE A 399 47.37 16.39 -12.82
N LYS A 400 46.63 17.42 -13.21
CA LYS A 400 46.84 18.77 -12.69
C LYS A 400 46.17 18.90 -11.33
N GLY A 401 46.09 20.12 -10.81
CA GLY A 401 45.37 20.38 -9.58
C GLY A 401 43.88 20.48 -9.79
N ASN A 402 43.47 21.24 -10.80
CA ASN A 402 42.06 21.42 -11.13
C ASN A 402 41.56 20.32 -12.07
N GLU A 403 41.83 19.06 -11.71
CA GLU A 403 41.39 17.91 -12.49
C GLU A 403 40.74 16.83 -11.66
N VAL A 404 40.99 16.76 -10.35
CA VAL A 404 40.38 15.73 -9.51
C VAL A 404 38.87 15.93 -9.41
N SER A 405 38.40 17.16 -9.62
CA SER A 405 36.97 17.44 -9.51
C SER A 405 36.18 16.63 -10.53
N GLN A 406 36.67 16.53 -11.76
CA GLN A 406 36.00 15.76 -12.79
C GLN A 406 36.06 14.26 -12.53
N ILE A 407 36.90 13.82 -11.60
CA ILE A 407 37.09 12.39 -11.32
C ILE A 407 36.12 12.02 -10.20
N ALA A 408 34.98 11.45 -10.57
CA ALA A 408 34.00 10.95 -9.62
C ALA A 408 33.13 9.91 -10.32
N PRO A 409 32.53 8.99 -9.59
CA PRO A 409 31.64 8.01 -10.23
C PRO A 409 30.47 8.69 -10.92
N GLY A 410 30.13 8.19 -12.12
CA GLY A 410 29.04 8.76 -12.88
C GLY A 410 29.34 10.07 -13.57
N GLN A 411 30.59 10.51 -13.57
CA GLN A 411 30.94 11.79 -14.18
C GLN A 411 31.08 11.65 -15.69
N THR A 412 31.10 12.80 -16.37
CA THR A 412 31.28 12.87 -17.80
C THR A 412 32.28 13.98 -18.14
N GLY A 413 32.89 13.85 -19.30
CA GLY A 413 33.87 14.82 -19.75
C GLY A 413 34.90 14.16 -20.65
N ASN A 414 35.80 15.00 -21.17
CA ASN A 414 36.85 14.49 -22.05
C ASN A 414 37.73 13.49 -21.32
N ILE A 415 38.05 13.76 -20.06
CA ILE A 415 38.78 12.79 -19.24
C ILE A 415 37.97 11.51 -19.11
N ALA A 416 36.66 11.65 -18.85
CA ALA A 416 35.79 10.48 -18.79
C ALA A 416 35.64 9.84 -20.16
N ASP A 417 35.56 10.66 -21.22
CA ASP A 417 35.27 10.14 -22.55
C ASP A 417 36.43 9.30 -23.09
N TYR A 418 37.66 9.80 -22.97
CA TYR A 418 38.79 9.19 -23.67
C TYR A 418 40.01 8.91 -22.81
N ASN A 419 40.00 9.26 -21.53
CA ASN A 419 41.13 8.91 -20.66
C ASN A 419 40.81 7.70 -19.81
N TYR A 420 39.72 7.76 -19.04
CA TYR A 420 39.25 6.62 -18.26
C TYR A 420 37.82 6.90 -17.82
N LYS A 421 37.01 5.84 -17.75
CA LYS A 421 35.62 5.93 -17.31
C LYS A 421 35.42 5.05 -16.09
N LEU A 422 34.72 5.59 -15.10
CA LEU A 422 34.42 4.95 -13.82
C LEU A 422 33.02 4.36 -13.85
N PRO A 423 32.83 3.17 -13.25
CA PRO A 423 31.47 2.66 -13.07
C PRO A 423 30.71 3.47 -12.04
N ASP A 424 29.38 3.46 -12.18
CA ASP A 424 28.54 4.16 -11.23
C ASP A 424 28.67 3.56 -9.83
N ASP A 425 28.74 2.24 -9.74
CA ASP A 425 28.86 1.55 -8.46
C ASP A 425 30.33 1.31 -8.09
N PHE A 426 31.07 2.41 -8.01
CA PHE A 426 32.47 2.36 -7.63
C PHE A 426 32.57 2.30 -6.11
N THR A 427 32.84 1.12 -5.58
CA THR A 427 32.98 0.91 -4.14
C THR A 427 34.47 0.94 -3.80
N GLY A 428 34.99 2.14 -3.61
CA GLY A 428 36.41 2.28 -3.38
C GLY A 428 36.75 3.62 -2.77
N CYS A 429 38.00 4.02 -2.98
CA CYS A 429 38.51 5.28 -2.44
C CYS A 429 39.33 6.02 -3.49
N VAL A 430 39.22 7.34 -3.48
CA VAL A 430 40.03 8.21 -4.32
C VAL A 430 40.96 9.00 -3.41
N ILE A 431 42.26 8.92 -3.68
CA ILE A 431 43.28 9.61 -2.91
C ILE A 431 44.03 10.53 -3.87
N ALA A 432 44.06 11.82 -3.55
CA ALA A 432 44.76 12.79 -4.37
C ALA A 432 45.63 13.67 -3.48
N TRP A 433 46.84 13.98 -3.96
CA TRP A 433 47.69 14.89 -3.22
C TRP A 433 48.66 15.60 -4.16
N ASN A 434 49.05 16.80 -3.78
CA ASN A 434 49.98 17.59 -4.57
C ASN A 434 51.33 16.88 -4.65
N SER A 435 51.93 16.91 -5.85
CA SER A 435 53.12 16.12 -6.13
C SER A 435 54.15 16.98 -6.87
N ASN A 436 54.42 18.18 -6.34
CA ASN A 436 55.40 19.05 -6.98
C ASN A 436 56.81 18.48 -6.89
N LYS A 437 57.28 18.20 -5.67
CA LYS A 437 58.66 17.77 -5.48
C LYS A 437 58.91 16.33 -5.88
N LEU A 438 57.87 15.56 -6.21
CA LEU A 438 58.03 14.16 -6.57
C LEU A 438 57.38 13.76 -7.89
N ASP A 439 56.57 14.63 -8.51
CA ASP A 439 56.02 14.36 -9.84
C ASP A 439 56.15 15.57 -10.75
N SER A 440 57.15 16.41 -10.52
CA SER A 440 57.43 17.56 -11.37
C SER A 440 58.92 17.81 -11.42
N LYS A 441 59.35 18.47 -12.49
CA LYS A 441 60.74 18.89 -12.67
C LYS A 441 60.85 20.35 -12.23
N HIS A 442 62.02 20.71 -11.69
CA HIS A 442 62.20 22.06 -11.18
C HIS A 442 61.99 23.09 -12.27
N SER A 443 62.38 22.78 -13.51
CA SER A 443 62.05 23.64 -14.64
C SER A 443 60.68 23.31 -15.21
N GLY A 444 60.21 22.08 -15.02
CA GLY A 444 58.94 21.65 -15.56
C GLY A 444 59.06 20.38 -16.37
N ASN A 445 58.31 19.34 -15.99
CA ASN A 445 58.42 18.04 -16.65
C ASN A 445 57.26 17.91 -17.64
N TYR A 446 57.59 17.97 -18.93
CA TYR A 446 56.59 17.90 -19.99
C TYR A 446 56.44 16.46 -20.50
N ASP A 447 56.17 15.56 -19.57
CA ASP A 447 55.99 14.14 -19.90
C ASP A 447 54.63 13.58 -19.50
N TYR A 448 54.04 14.07 -18.42
CA TYR A 448 52.73 13.59 -17.96
C TYR A 448 51.66 14.17 -18.88
N TRP A 449 51.28 13.41 -19.89
CA TRP A 449 50.33 13.86 -20.90
C TRP A 449 48.98 13.17 -20.67
N TYR A 450 48.04 13.43 -21.56
CA TYR A 450 46.71 12.86 -21.43
C TYR A 450 46.12 12.60 -22.81
N ARG A 451 45.20 11.64 -22.88
CA ARG A 451 44.54 11.28 -24.13
C ARG A 451 43.52 12.35 -24.46
N LEU A 452 43.95 13.35 -25.24
CA LEU A 452 43.05 14.44 -25.60
C LEU A 452 41.87 13.94 -26.42
N PHE A 453 42.13 13.08 -27.39
CA PHE A 453 41.09 12.50 -28.24
C PHE A 453 41.37 11.02 -28.43
N ARG A 454 40.32 10.28 -28.78
CA ARG A 454 40.43 8.85 -29.04
C ARG A 454 39.20 8.43 -29.84
N LYS A 455 39.35 7.36 -30.63
CA LYS A 455 38.30 6.87 -31.50
C LYS A 455 37.54 5.69 -30.90
N SER A 456 37.55 5.57 -29.57
CA SER A 456 36.84 4.48 -28.90
C SER A 456 36.19 5.02 -27.63
N LYS A 457 34.90 4.76 -27.47
CA LYS A 457 34.18 5.19 -26.30
C LYS A 457 34.64 4.41 -25.08
N LEU A 458 34.98 5.12 -24.01
CA LEU A 458 35.45 4.47 -22.79
C LEU A 458 34.29 3.91 -21.99
N LYS A 459 34.52 2.76 -21.39
CA LYS A 459 33.58 2.06 -20.55
C LYS A 459 34.21 1.85 -19.18
N PRO A 460 33.42 1.54 -18.15
CA PRO A 460 34.00 1.32 -16.82
C PRO A 460 35.07 0.25 -16.83
N PHE A 461 36.16 0.52 -16.11
CA PHE A 461 37.28 -0.39 -15.96
C PHE A 461 37.87 -0.78 -17.31
N GLU A 462 38.25 0.23 -18.10
CA GLU A 462 38.92 0.02 -19.38
C GLU A 462 39.99 1.09 -19.55
N ARG A 463 41.09 0.73 -20.18
CA ARG A 463 42.25 1.60 -20.33
C ARG A 463 42.40 2.03 -21.79
N ASP A 464 42.86 3.25 -22.00
CA ASP A 464 43.16 3.78 -23.32
C ASP A 464 44.62 3.53 -23.66
N ILE A 465 44.86 2.88 -24.79
CA ILE A 465 46.20 2.52 -25.23
C ILE A 465 46.55 3.14 -26.58
N SER A 466 45.63 3.05 -27.54
CA SER A 466 45.89 3.57 -28.88
C SER A 466 46.11 5.08 -28.83
N THR A 467 47.21 5.53 -29.45
CA THR A 467 47.55 6.94 -29.50
C THR A 467 47.68 7.46 -30.92
N GLU A 468 47.15 6.72 -31.90
CA GLU A 468 47.19 7.16 -33.28
C GLU A 468 46.36 8.44 -33.45
N ILE A 469 46.59 9.12 -34.57
CA ILE A 469 45.90 10.38 -34.83
C ILE A 469 44.39 10.12 -34.84
N TYR A 470 43.66 10.94 -34.08
CA TYR A 470 42.21 10.78 -33.97
C TYR A 470 41.55 11.25 -35.26
N GLN A 471 41.12 10.30 -36.09
CA GLN A 471 40.48 10.65 -37.36
C GLN A 471 39.13 11.31 -37.08
N ALA A 472 38.92 12.48 -37.69
CA ALA A 472 37.69 13.24 -37.50
C ALA A 472 36.92 13.49 -38.79
N GLY A 473 37.39 12.96 -39.92
CA GLY A 473 36.73 13.14 -41.19
C GLY A 473 36.44 11.81 -41.85
N ASN A 474 35.46 11.81 -42.77
CA ASN A 474 35.14 10.60 -43.51
C ASN A 474 36.33 10.12 -44.34
N LYS A 475 37.03 11.04 -44.99
CA LYS A 475 38.29 10.69 -45.63
C LYS A 475 39.30 10.31 -44.55
N PRO A 476 40.25 9.42 -44.87
CA PRO A 476 41.27 9.06 -43.87
C PRO A 476 42.06 10.28 -43.42
N CYS A 477 41.90 10.66 -42.16
CA CYS A 477 42.47 11.89 -41.64
C CYS A 477 43.73 11.58 -40.86
N LYS A 478 44.86 12.13 -41.32
CA LYS A 478 46.17 11.90 -40.70
C LYS A 478 46.85 13.25 -40.52
N GLY A 479 46.78 13.80 -39.32
CA GLY A 479 47.43 15.06 -39.02
C GLY A 479 46.50 16.25 -39.21
N LYS A 480 47.03 17.26 -39.91
CA LYS A 480 46.31 18.51 -40.14
C LYS A 480 45.27 18.30 -41.26
N GLY A 481 44.68 19.40 -41.71
CA GLY A 481 43.60 19.35 -42.67
C GLY A 481 42.26 19.42 -41.98
N PRO A 482 41.63 18.28 -41.78
CA PRO A 482 40.41 18.24 -40.95
C PRO A 482 40.71 18.54 -39.50
N ASN A 483 39.68 18.46 -38.66
CA ASN A 483 39.75 18.82 -37.24
C ASN A 483 40.79 18.04 -36.45
N CYS A 484 41.43 17.05 -37.09
CA CYS A 484 42.31 16.14 -36.37
C CYS A 484 43.49 16.88 -35.75
N TYR A 485 43.91 16.40 -34.58
CA TYR A 485 45.10 16.91 -33.90
C TYR A 485 45.69 15.78 -33.07
N PHE A 486 46.94 15.97 -32.66
CA PHE A 486 47.63 14.96 -31.87
C PHE A 486 46.97 14.84 -30.50
N PRO A 487 46.52 13.66 -30.09
CA PRO A 487 45.77 13.56 -28.83
C PRO A 487 46.66 13.41 -27.61
N LEU A 488 47.67 14.27 -27.51
CA LEU A 488 48.62 14.21 -26.38
C LEU A 488 49.19 15.60 -26.17
N GLN A 489 48.70 16.29 -25.15
CA GLN A 489 49.15 17.64 -24.83
C GLN A 489 49.98 17.62 -23.55
N SER A 490 51.14 18.27 -23.59
CA SER A 490 52.01 18.30 -22.43
C SER A 490 51.43 19.19 -21.34
N TYR A 491 51.52 18.70 -20.09
CA TYR A 491 51.16 19.49 -18.93
C TYR A 491 52.39 20.22 -18.40
N GLY A 492 52.27 21.53 -18.25
CA GLY A 492 53.36 22.33 -17.73
C GLY A 492 53.47 22.27 -16.23
N PHE A 493 53.94 21.13 -15.71
CA PHE A 493 54.07 20.95 -14.27
C PHE A 493 55.27 21.75 -13.77
N ARG A 494 55.06 23.05 -13.55
CA ARG A 494 56.07 23.92 -13.00
C ARG A 494 55.85 24.11 -11.50
N PRO A 495 56.93 24.24 -10.72
CA PRO A 495 56.75 24.59 -9.30
C PRO A 495 56.39 26.04 -9.07
N THR A 496 56.48 26.89 -10.09
CA THR A 496 56.13 28.29 -9.99
C THR A 496 54.66 28.57 -10.26
N TYR A 497 53.91 27.56 -10.71
CA TYR A 497 52.48 27.74 -10.97
C TYR A 497 51.70 27.79 -9.65
N GLY A 498 50.46 28.25 -9.75
CA GLY A 498 49.61 28.38 -8.59
C GLY A 498 49.08 27.05 -8.10
N VAL A 499 48.27 27.12 -7.04
CA VAL A 499 47.71 25.91 -6.43
C VAL A 499 46.82 25.17 -7.42
N GLY A 500 46.07 25.91 -8.24
CA GLY A 500 45.18 25.28 -9.20
C GLY A 500 45.88 24.49 -10.28
N HIS A 501 47.17 24.78 -10.54
CA HIS A 501 47.92 24.09 -11.57
C HIS A 501 48.93 23.09 -11.02
N GLN A 502 49.14 23.05 -9.70
CA GLN A 502 50.09 22.11 -9.14
C GLN A 502 49.61 20.68 -9.38
N PRO A 503 50.49 19.79 -9.85
CA PRO A 503 50.04 18.45 -10.23
C PRO A 503 49.59 17.64 -9.03
N TYR A 504 48.65 16.73 -9.28
CA TYR A 504 48.13 15.82 -8.27
C TYR A 504 48.46 14.39 -8.65
N ARG A 505 49.06 13.66 -7.73
CA ARG A 505 49.16 12.21 -7.84
C ARG A 505 47.94 11.60 -7.17
N VAL A 506 47.32 10.62 -7.84
CA VAL A 506 46.05 10.06 -7.45
C VAL A 506 46.16 8.55 -7.44
N VAL A 507 45.70 7.94 -6.35
CA VAL A 507 45.52 6.50 -6.24
C VAL A 507 44.02 6.21 -6.15
N VAL A 508 43.53 5.39 -7.07
CA VAL A 508 42.14 4.95 -7.03
C VAL A 508 42.11 3.49 -6.60
N LEU A 509 41.67 3.25 -5.38
CA LEU A 509 41.48 1.89 -4.87
C LEU A 509 40.08 1.45 -5.25
N SER A 510 39.98 0.56 -6.23
CA SER A 510 38.72 0.01 -6.69
C SER A 510 38.68 -1.47 -6.32
N PHE A 511 37.81 -1.80 -5.37
CA PHE A 511 37.70 -3.16 -4.85
C PHE A 511 36.23 -3.55 -4.76
N GLU A 512 35.99 -4.86 -4.77
CA GLU A 512 34.64 -5.42 -4.84
C GLU A 512 34.38 -6.23 -3.57
N LEU A 513 33.44 -5.74 -2.79
CA LEU A 513 33.23 -6.36 -1.46
C LEU A 513 32.27 -7.53 -1.66
N LEU A 514 32.54 -8.36 -2.66
CA LEU A 514 31.55 -9.42 -2.95
C LEU A 514 32.20 -10.81 -3.03
N HIS A 515 33.09 -11.04 -4.00
CA HIS A 515 33.61 -12.43 -4.18
C HIS A 515 33.78 -13.13 -2.83
N ALA A 516 33.04 -14.22 -2.60
CA ALA A 516 33.07 -14.94 -1.30
C ALA A 516 34.50 -15.29 -0.86
N PRO A 517 35.34 -15.97 -1.67
CA PRO A 517 36.73 -16.21 -1.24
C PRO A 517 37.46 -14.86 -1.12
N ALA A 518 38.21 -14.68 -0.04
CA ALA A 518 38.88 -13.38 0.16
C ALA A 518 40.38 -13.59 0.14
N THR A 519 41.16 -12.60 0.55
CA THR A 519 42.62 -12.70 0.45
C THR A 519 43.32 -11.58 1.21
N VAL A 520 42.59 -10.52 1.57
CA VAL A 520 43.20 -9.40 2.27
C VAL A 520 42.23 -8.65 3.18
N CYS A 521 42.53 -8.65 4.48
CA CYS A 521 42.10 -7.67 5.50
C CYS A 521 43.03 -7.74 6.71
N GLY A 522 42.79 -6.82 7.63
CA GLY A 522 43.67 -6.61 8.75
C GLY A 522 43.59 -7.74 9.76
N PRO A 523 44.47 -7.69 10.75
CA PRO A 523 44.55 -8.77 11.74
C PRO A 523 43.50 -8.64 12.83
N LYS A 524 43.06 -9.79 13.35
CA LYS A 524 42.10 -9.83 14.45
C LYS A 524 42.23 -11.17 15.17
N LYS A 525 41.79 -11.17 16.42
CA LYS A 525 41.85 -12.36 17.27
C LYS A 525 40.90 -13.44 16.76
N SER A 526 41.41 -14.67 16.68
CA SER A 526 40.61 -15.82 16.31
C SER A 526 40.19 -16.59 17.56
N THR A 527 39.17 -17.44 17.39
CA THR A 527 38.65 -18.20 18.50
C THR A 527 38.17 -19.55 17.98
N ASN A 528 38.21 -20.55 18.86
CA ASN A 528 37.86 -21.91 18.49
C ASN A 528 36.34 -22.01 18.28
N LEU A 529 35.87 -23.24 18.05
CA LEU A 529 34.44 -23.46 17.87
C LEU A 529 33.68 -23.02 19.11
N VAL A 530 32.52 -22.38 18.87
CA VAL A 530 31.71 -21.87 19.97
C VAL A 530 31.12 -22.99 20.82
N LYS A 531 31.02 -24.20 20.27
CA LYS A 531 30.50 -25.36 20.98
C LYS A 531 29.08 -25.10 21.50
N ASN A 532 28.15 -24.96 20.56
CA ASN A 532 26.72 -24.91 20.85
C ASN A 532 26.37 -23.68 21.69
N LYS A 533 27.03 -22.56 21.40
CA LYS A 533 26.86 -21.35 22.18
C LYS A 533 26.47 -20.19 21.28
N CYS A 534 25.45 -19.45 21.69
CA CYS A 534 24.95 -18.30 20.94
C CYS A 534 26.02 -17.21 20.98
N VAL A 535 26.71 -17.02 19.86
CA VAL A 535 27.92 -16.21 19.82
C VAL A 535 27.88 -15.31 18.57
N ASN A 536 28.49 -14.14 18.68
CA ASN A 536 28.74 -13.30 17.53
C ASN A 536 29.83 -13.92 16.66
N PHE A 537 29.46 -14.40 15.48
CA PHE A 537 30.40 -14.99 14.54
C PHE A 537 30.76 -13.99 13.45
N ASN A 538 32.01 -14.05 13.01
CA ASN A 538 32.57 -13.15 11.99
C ASN A 538 33.34 -13.97 10.97
N PHE A 539 32.69 -15.01 10.44
CA PHE A 539 33.38 -15.98 9.59
C PHE A 539 33.74 -15.39 8.23
N ASN A 540 35.01 -15.02 8.05
CA ASN A 540 35.53 -14.54 6.77
C ASN A 540 34.77 -13.32 6.27
N GLY A 541 34.25 -12.52 7.20
CA GLY A 541 33.44 -11.37 6.85
C GLY A 541 31.95 -11.57 6.99
N LEU A 542 31.47 -12.82 6.88
CA LEU A 542 30.07 -13.12 7.15
C LEU A 542 29.81 -12.92 8.64
N THR A 543 29.09 -11.87 8.98
CA THR A 543 28.92 -11.45 10.36
C THR A 543 27.48 -11.70 10.82
N GLY A 544 27.34 -12.11 12.08
CA GLY A 544 26.02 -12.33 12.63
C GLY A 544 26.10 -12.87 14.03
N THR A 545 24.95 -13.28 14.55
CA THR A 545 24.86 -13.96 15.84
C THR A 545 24.18 -15.30 15.63
N GLY A 546 24.80 -16.36 16.13
CA GLY A 546 24.20 -17.67 15.94
C GLY A 546 24.90 -18.75 16.74
N VAL A 547 24.44 -19.98 16.53
CA VAL A 547 24.98 -21.17 17.16
C VAL A 547 25.60 -22.02 16.07
N LEU A 548 26.89 -22.32 16.23
CA LEU A 548 27.69 -22.98 15.21
C LEU A 548 27.92 -24.43 15.62
N THR A 549 27.28 -25.35 14.92
CA THR A 549 27.32 -26.77 15.27
C THR A 549 27.85 -27.58 14.09
N LYS A 550 28.32 -28.79 14.41
CA LYS A 550 28.84 -29.70 13.40
C LYS A 550 27.77 -29.98 12.34
N SER A 551 28.19 -29.96 11.07
CA SER A 551 27.27 -30.11 9.95
C SER A 551 27.58 -31.38 9.17
N ASN A 552 26.52 -31.98 8.64
CA ASN A 552 26.62 -33.16 7.79
C ASN A 552 26.43 -32.82 6.32
N LYS A 553 26.31 -31.54 5.98
CA LYS A 553 26.11 -31.13 4.60
C LYS A 553 27.43 -31.25 3.84
N LYS A 554 27.45 -32.05 2.79
CA LYS A 554 28.68 -32.34 2.05
C LYS A 554 28.99 -31.16 1.11
N PHE A 555 29.82 -30.24 1.59
CA PHE A 555 30.35 -29.21 0.72
C PHE A 555 31.39 -29.79 -0.22
N LEU A 556 31.15 -29.68 -1.53
CA LEU A 556 32.17 -30.03 -2.49
C LEU A 556 33.34 -29.05 -2.36
N PRO A 557 34.57 -29.49 -2.60
CA PRO A 557 35.73 -28.68 -2.20
C PRO A 557 35.94 -27.46 -3.09
N PHE A 558 34.86 -26.75 -3.38
CA PHE A 558 34.95 -25.39 -3.91
C PHE A 558 33.94 -24.44 -3.30
N GLN A 559 32.92 -24.94 -2.60
CA GLN A 559 31.87 -24.10 -2.04
C GLN A 559 32.29 -23.60 -0.66
N GLN A 560 32.29 -22.27 -0.49
CA GLN A 560 32.66 -21.66 0.78
C GLN A 560 31.45 -21.49 1.69
N PHE A 561 30.41 -20.84 1.19
CA PHE A 561 29.20 -20.59 1.97
C PHE A 561 28.17 -21.67 1.71
N GLY A 562 27.07 -21.62 2.46
CA GLY A 562 25.93 -22.46 2.19
C GLY A 562 24.66 -21.86 2.74
N ARG A 563 23.67 -21.69 1.87
CA ARG A 563 22.45 -20.96 2.18
C ARG A 563 21.27 -21.92 2.12
N ASP A 564 20.07 -21.36 2.23
CA ASP A 564 18.86 -22.15 2.07
C ASP A 564 17.98 -21.50 1.01
N ILE A 565 16.76 -22.04 0.83
CA ILE A 565 15.85 -21.48 -0.17
C ILE A 565 15.46 -20.05 0.19
N VAL A 566 15.60 -19.68 1.46
CA VAL A 566 15.22 -18.35 1.93
C VAL A 566 16.45 -17.44 1.80
N ASP A 567 17.52 -17.96 1.21
CA ASP A 567 18.77 -17.23 1.00
C ASP A 567 19.38 -16.80 2.33
N THR A 568 19.18 -17.62 3.36
CA THR A 568 19.79 -17.42 4.67
C THR A 568 20.93 -18.41 4.81
N THR A 569 22.11 -17.90 5.17
CA THR A 569 23.30 -18.73 5.27
C THR A 569 23.13 -19.70 6.44
N ASP A 570 22.83 -20.96 6.12
CA ASP A 570 22.66 -21.99 7.12
C ASP A 570 23.89 -22.89 7.27
N ALA A 571 25.01 -22.52 6.65
CA ALA A 571 26.24 -23.28 6.81
C ALA A 571 27.45 -22.46 6.36
N VAL A 572 28.52 -22.50 7.15
CA VAL A 572 29.77 -21.82 6.79
C VAL A 572 30.92 -22.69 7.25
N ARG A 573 32.09 -22.47 6.63
CA ARG A 573 33.30 -23.19 7.03
C ARG A 573 34.48 -22.25 6.81
N ASP A 574 35.24 -22.02 7.87
CA ASP A 574 36.45 -21.21 7.75
C ASP A 574 37.59 -22.08 7.22
N PRO A 575 38.37 -21.60 6.25
CA PRO A 575 39.48 -22.41 5.73
C PRO A 575 40.49 -22.81 6.79
N GLN A 576 40.69 -21.97 7.82
CA GLN A 576 41.65 -22.32 8.87
C GLN A 576 41.22 -23.59 9.59
N THR A 577 39.95 -23.72 9.90
CA THR A 577 39.44 -24.97 10.48
C THR A 577 39.01 -25.97 9.42
N LEU A 578 38.57 -25.49 8.25
CA LEU A 578 38.14 -26.34 7.14
C LEU A 578 37.08 -27.35 7.60
N GLU A 579 36.20 -26.88 8.46
CA GLU A 579 35.14 -27.70 9.04
C GLU A 579 33.80 -27.08 8.71
N ILE A 580 32.92 -27.86 8.08
CA ILE A 580 31.60 -27.36 7.71
C ILE A 580 30.70 -27.35 8.94
N LEU A 581 30.14 -26.18 9.24
CA LEU A 581 29.33 -25.99 10.44
C LEU A 581 28.12 -25.14 10.09
N ASP A 582 26.97 -25.50 10.67
CA ASP A 582 25.74 -24.79 10.36
C ASP A 582 25.56 -23.57 11.26
N ILE A 583 24.64 -22.69 10.87
CA ILE A 583 24.52 -21.36 11.44
C ILE A 583 23.12 -21.16 12.02
N THR A 584 22.56 -22.21 12.60
CA THR A 584 21.25 -22.11 13.22
C THR A 584 21.21 -20.93 14.18
N PRO A 585 20.25 -20.02 14.07
CA PRO A 585 20.36 -18.73 14.76
C PRO A 585 20.13 -18.84 16.26
N CYS A 586 20.49 -17.76 16.95
CA CYS A 586 20.26 -17.68 18.38
C CYS A 586 18.77 -17.74 18.67
N SER A 587 18.40 -18.46 19.73
CA SER A 587 16.99 -18.68 20.04
C SER A 587 16.31 -17.36 20.37
N PHE A 588 15.07 -17.21 19.91
CA PHE A 588 14.26 -16.04 20.20
C PHE A 588 12.79 -16.41 20.05
N GLY A 589 11.94 -15.39 20.00
CA GLY A 589 10.52 -15.57 19.85
C GLY A 589 9.78 -14.37 20.37
N GLY A 590 8.82 -14.60 21.26
CA GLY A 590 8.16 -13.52 21.96
C GLY A 590 7.85 -13.95 23.37
N VAL A 591 7.54 -12.97 24.21
CA VAL A 591 7.04 -13.24 25.55
C VAL A 591 5.69 -12.56 25.66
N SER A 592 4.75 -13.23 26.33
CA SER A 592 3.41 -12.71 26.53
C SER A 592 3.04 -12.82 28.00
N VAL A 593 2.40 -11.79 28.52
CA VAL A 593 2.12 -11.69 29.95
C VAL A 593 0.67 -12.11 30.19
N ILE A 594 0.48 -13.12 31.02
CA ILE A 594 -0.84 -13.52 31.50
C ILE A 594 -1.07 -12.80 32.82
N THR A 595 -2.10 -11.94 32.85
CA THR A 595 -2.40 -11.19 34.05
C THR A 595 -3.88 -11.31 34.37
N PRO A 596 -4.22 -11.49 35.65
CA PRO A 596 -5.63 -11.57 36.04
C PRO A 596 -6.31 -10.22 36.23
N GLY A 597 -5.71 -9.13 35.76
CA GLY A 597 -6.25 -7.81 35.96
C GLY A 597 -5.63 -7.11 37.14
N THR A 598 -5.33 -5.81 36.99
CA THR A 598 -4.72 -5.06 38.08
C THR A 598 -5.64 -4.98 39.28
N ASN A 599 -6.94 -4.78 39.04
CA ASN A 599 -7.90 -4.70 40.13
C ASN A 599 -7.95 -6.00 40.94
N THR A 600 -7.94 -7.15 40.25
CA THR A 600 -8.03 -8.42 40.94
C THR A 600 -6.79 -8.71 41.76
N SER A 601 -5.61 -8.57 41.16
CA SER A 601 -4.36 -8.92 41.82
C SER A 601 -3.21 -8.27 41.08
N ASN A 602 -1.97 -8.62 41.48
CA ASN A 602 -0.78 -8.12 40.82
C ASN A 602 0.15 -9.21 40.32
N GLN A 603 -0.06 -10.47 40.71
CA GLN A 603 0.78 -11.54 40.22
C GLN A 603 0.56 -11.74 38.72
N VAL A 604 1.62 -12.16 38.03
CA VAL A 604 1.56 -12.38 36.58
C VAL A 604 2.29 -13.67 36.25
N ALA A 605 2.00 -14.18 35.05
CA ALA A 605 2.73 -15.29 34.46
C ALA A 605 3.30 -14.84 33.13
N VAL A 606 4.33 -15.52 32.65
CA VAL A 606 4.98 -15.17 31.40
C VAL A 606 5.08 -16.41 30.51
N LEU A 607 4.80 -16.24 29.23
CA LEU A 607 4.86 -17.31 28.25
C LEU A 607 5.91 -16.93 27.21
N TYR A 608 7.03 -17.64 27.23
CA TYR A 608 8.04 -17.54 26.18
C TYR A 608 7.58 -18.46 25.05
N GLN A 609 7.06 -17.85 23.99
CA GLN A 609 6.41 -18.62 22.93
C GLN A 609 7.42 -19.42 22.13
N GLY A 610 7.09 -20.69 21.91
CA GLY A 610 7.87 -21.57 21.06
C GLY A 610 9.28 -22.03 21.36
N VAL A 611 9.57 -22.27 22.64
CA VAL A 611 10.92 -22.49 23.13
C VAL A 611 10.92 -23.61 24.16
N ASN A 612 12.01 -24.36 24.19
CA ASN A 612 12.17 -25.40 25.20
C ASN A 612 12.47 -24.77 26.56
N CYS A 613 11.83 -25.32 27.60
CA CYS A 613 12.02 -24.76 28.94
C CYS A 613 13.45 -24.90 29.42
N THR A 614 14.14 -25.95 28.98
CA THR A 614 15.56 -26.09 29.32
C THR A 614 16.36 -24.92 28.76
N GLU A 615 16.07 -24.53 27.50
CA GLU A 615 16.78 -23.41 26.89
C GLU A 615 16.53 -22.12 27.66
N VAL A 616 15.28 -21.84 28.02
CA VAL A 616 14.99 -20.60 28.72
C VAL A 616 15.58 -20.61 30.13
N SER A 617 15.58 -21.76 30.81
CA SER A 617 16.19 -21.83 32.13
C SER A 617 17.70 -21.61 32.04
N VAL A 618 18.35 -22.20 31.04
CA VAL A 618 19.79 -21.99 30.86
C VAL A 618 20.09 -20.54 30.57
N ALA A 619 19.28 -19.91 29.71
CA ALA A 619 19.44 -18.48 29.45
C ALA A 619 19.22 -17.63 30.70
N ILE A 620 18.28 -18.03 31.56
CA ILE A 620 18.10 -17.34 32.84
C ILE A 620 19.36 -17.45 33.67
N HIS A 621 19.94 -18.65 33.74
CA HIS A 621 21.08 -18.87 34.62
C HIS A 621 22.28 -18.01 34.22
N ALA A 622 22.69 -18.07 32.96
CA ALA A 622 23.84 -17.29 32.52
C ALA A 622 23.44 -15.94 31.94
N ASP A 623 22.54 -15.22 32.63
CA ASP A 623 22.23 -13.82 32.39
C ASP A 623 22.24 -13.45 30.90
N GLN A 624 21.38 -14.14 30.13
CA GLN A 624 21.40 -13.98 28.69
C GLN A 624 20.07 -13.56 28.08
N LEU A 625 18.98 -13.48 28.84
CA LEU A 625 17.69 -13.13 28.27
C LEU A 625 17.53 -11.62 28.20
N THR A 626 17.09 -11.14 27.03
CA THR A 626 16.90 -9.71 26.85
C THR A 626 15.87 -9.09 27.80
N PRO A 627 14.70 -9.69 28.06
CA PRO A 627 13.79 -9.10 29.04
C PRO A 627 14.32 -9.26 30.45
N THR A 628 15.15 -8.30 30.86
CA THR A 628 16.00 -8.45 32.04
C THR A 628 15.22 -8.76 33.31
N TRP A 629 13.94 -8.39 33.38
CA TRP A 629 13.12 -8.78 34.53
C TRP A 629 13.04 -10.31 34.57
N ARG A 630 13.39 -10.88 35.72
CA ARG A 630 13.45 -12.32 35.89
C ARG A 630 12.41 -12.78 36.90
N VAL A 631 11.42 -13.53 36.42
CA VAL A 631 10.51 -14.21 37.33
C VAL A 631 11.25 -15.38 37.97
N TYR A 632 11.18 -15.46 39.30
CA TYR A 632 11.94 -16.48 40.02
C TYR A 632 11.48 -17.87 39.59
N SER A 633 12.42 -18.64 39.03
CA SER A 633 12.11 -19.95 38.48
C SER A 633 12.14 -21.02 39.58
N THR A 634 11.31 -20.86 40.60
CA THR A 634 11.24 -21.85 41.66
C THR A 634 10.57 -23.12 41.14
N GLY A 635 10.65 -24.18 41.94
CA GLY A 635 10.08 -25.45 41.55
C GLY A 635 8.58 -25.38 41.40
N SER A 636 8.06 -26.25 40.53
CA SER A 636 6.63 -26.34 40.24
C SER A 636 6.06 -25.02 39.72
N ASN A 637 6.87 -24.27 38.98
CA ASN A 637 6.39 -23.05 38.34
C ASN A 637 6.90 -22.87 36.92
N VAL A 638 7.62 -23.85 36.37
CA VAL A 638 8.05 -23.82 34.97
C VAL A 638 7.38 -24.99 34.27
N PHE A 639 6.55 -24.68 33.28
CA PHE A 639 5.78 -25.68 32.56
C PHE A 639 6.10 -25.58 31.07
N GLN A 640 6.17 -26.72 30.41
CA GLN A 640 6.51 -26.78 28.98
C GLN A 640 5.26 -27.17 28.20
N THR A 641 4.64 -26.18 27.56
CA THR A 641 3.52 -26.41 26.68
C THR A 641 3.98 -26.34 25.24
N ARG A 642 3.14 -26.84 24.33
CA ARG A 642 3.47 -26.76 22.91
C ARG A 642 3.58 -25.32 22.42
N ALA A 643 2.96 -24.38 23.13
CA ALA A 643 3.13 -22.97 22.81
C ALA A 643 4.49 -22.43 23.23
N GLY A 644 5.12 -23.02 24.22
CA GLY A 644 6.42 -22.57 24.67
C GLY A 644 6.66 -22.94 26.12
N CYS A 645 7.21 -21.99 26.87
CA CYS A 645 7.52 -22.18 28.29
C CYS A 645 6.73 -21.17 29.10
N LEU A 646 5.95 -21.66 30.06
CA LEU A 646 5.11 -20.83 30.92
C LEU A 646 5.72 -20.83 32.32
N ILE A 647 6.05 -19.63 32.81
CA ILE A 647 6.69 -19.45 34.11
C ILE A 647 5.82 -18.55 34.96
N GLY A 648 5.68 -18.91 36.24
CA GLY A 648 4.83 -18.17 37.15
C GLY A 648 3.48 -18.78 37.40
N ALA A 649 3.15 -19.88 36.73
CA ALA A 649 1.91 -20.59 36.96
C ALA A 649 2.20 -22.09 36.97
N GLU A 650 1.60 -22.79 37.93
CA GLU A 650 1.77 -24.22 38.06
C GLU A 650 0.72 -24.93 37.23
N TYR A 651 1.11 -26.06 36.64
CA TYR A 651 0.19 -26.84 35.82
C TYR A 651 -0.60 -27.78 36.72
N VAL A 652 -1.93 -27.74 36.59
CA VAL A 652 -2.83 -28.58 37.37
C VAL A 652 -3.48 -29.59 36.43
N ASN A 653 -3.46 -30.86 36.84
CA ASN A 653 -4.05 -31.91 36.04
C ASN A 653 -5.58 -31.85 36.02
N ASN A 654 -6.19 -31.00 36.84
CA ASN A 654 -7.62 -30.78 36.75
C ASN A 654 -7.96 -30.07 35.45
N SER A 655 -9.24 -30.09 35.11
CA SER A 655 -9.74 -29.50 33.88
C SER A 655 -10.78 -28.45 34.20
N TYR A 656 -10.70 -27.30 33.51
CA TYR A 656 -11.63 -26.21 33.69
C TYR A 656 -11.89 -25.55 32.34
N GLU A 657 -12.96 -24.77 32.27
CA GLU A 657 -13.23 -23.98 31.07
C GLU A 657 -12.16 -22.92 30.89
N CYS A 658 -11.88 -22.58 29.63
CA CYS A 658 -10.81 -21.64 29.34
C CYS A 658 -11.16 -20.25 29.84
N ASP A 659 -10.19 -19.60 30.50
CA ASP A 659 -10.35 -18.24 30.99
C ASP A 659 -9.43 -17.26 30.27
N ILE A 660 -8.13 -17.54 30.25
CA ILE A 660 -7.16 -16.78 29.50
C ILE A 660 -6.49 -17.72 28.51
N PRO A 661 -6.91 -17.71 27.24
CA PRO A 661 -6.33 -18.64 26.26
C PRO A 661 -4.83 -18.44 26.11
N ILE A 662 -4.11 -19.54 26.00
CA ILE A 662 -2.66 -19.56 25.87
C ILE A 662 -2.22 -20.20 24.57
N GLY A 663 -2.71 -21.40 24.29
CA GLY A 663 -2.35 -22.14 23.09
C GLY A 663 -2.33 -23.62 23.39
N ALA A 664 -2.38 -24.43 22.32
CA ALA A 664 -2.29 -25.88 22.42
C ALA A 664 -3.29 -26.47 23.41
N GLY A 665 -4.37 -25.76 23.69
CA GLY A 665 -5.39 -26.26 24.58
C GLY A 665 -5.16 -26.01 26.05
N VAL A 666 -4.12 -25.28 26.44
CA VAL A 666 -3.89 -24.93 27.84
C VAL A 666 -4.41 -23.52 28.08
N CYS A 667 -4.97 -23.29 29.27
CA CYS A 667 -5.55 -22.01 29.62
C CYS A 667 -5.22 -21.70 31.08
N ALA A 668 -4.93 -20.44 31.36
CA ALA A 668 -4.55 -20.00 32.69
C ALA A 668 -5.66 -19.19 33.35
N SER A 669 -5.70 -19.25 34.68
CA SER A 669 -6.72 -18.53 35.42
C SER A 669 -6.26 -18.32 36.86
N TYR A 670 -6.89 -17.35 37.51
CA TYR A 670 -6.62 -17.03 38.91
C TYR A 670 -7.55 -17.87 39.79
N GLN A 671 -6.98 -18.62 40.73
CA GLN A 671 -7.76 -19.49 41.60
C GLN A 671 -7.34 -19.27 43.04
N THR A 672 -8.14 -19.81 43.96
CA THR A 672 -7.88 -19.71 45.39
C THR A 672 -7.36 -21.04 45.92
N SER A 685 -2.38 -18.38 48.93
CA SER A 685 -3.70 -18.99 48.83
C SER A 685 -4.27 -18.83 47.42
N GLN A 686 -4.10 -17.64 46.85
CA GLN A 686 -4.61 -17.31 45.53
C GLN A 686 -3.41 -17.20 44.58
N SER A 687 -3.52 -17.81 43.41
CA SER A 687 -2.40 -17.84 42.48
C SER A 687 -2.90 -18.13 41.08
N ILE A 688 -2.00 -18.01 40.11
CA ILE A 688 -2.30 -18.29 38.70
C ILE A 688 -1.96 -19.74 38.41
N ILE A 689 -2.91 -20.45 37.81
CA ILE A 689 -2.75 -21.86 37.48
C ILE A 689 -3.01 -22.05 36.00
N ALA A 690 -2.37 -23.07 35.43
CA ALA A 690 -2.55 -23.45 34.04
C ALA A 690 -3.14 -24.85 33.98
N TYR A 691 -4.24 -25.01 33.24
CA TYR A 691 -4.93 -26.27 33.15
C TYR A 691 -5.24 -26.59 31.70
N THR A 692 -5.36 -27.88 31.40
CA THR A 692 -5.85 -28.30 30.10
C THR A 692 -7.31 -27.91 29.97
N MET A 693 -7.65 -27.26 28.86
CA MET A 693 -9.01 -26.77 28.67
C MET A 693 -10.00 -27.92 28.60
N SER A 694 -11.08 -27.79 29.35
CA SER A 694 -12.12 -28.81 29.38
C SER A 694 -13.22 -28.43 28.40
N LEU A 695 -13.49 -29.30 27.45
CA LEU A 695 -14.41 -29.01 26.36
C LEU A 695 -15.86 -29.20 26.81
N GLY A 696 -16.26 -28.58 27.90
CA GLY A 696 -17.58 -28.84 28.44
C GLY A 696 -17.66 -30.20 29.10
N ALA A 697 -18.84 -30.50 29.64
CA ALA A 697 -19.07 -31.77 30.30
C ALA A 697 -19.20 -32.89 29.28
N GLU A 698 -19.04 -34.12 29.78
CA GLU A 698 -19.22 -35.33 28.99
C GLU A 698 -20.57 -35.95 29.34
N ASN A 699 -21.40 -36.16 28.32
CA ASN A 699 -22.77 -36.65 28.52
C ASN A 699 -23.01 -37.79 27.54
N SER A 700 -23.22 -38.99 28.06
CA SER A 700 -23.51 -40.16 27.24
C SER A 700 -25.01 -40.30 27.07
N VAL A 701 -25.47 -40.22 25.83
CA VAL A 701 -26.89 -40.35 25.52
C VAL A 701 -27.25 -41.83 25.52
N ALA A 702 -28.33 -42.17 26.23
CA ALA A 702 -28.74 -43.56 26.40
C ALA A 702 -29.58 -44.00 25.21
N TYR A 703 -28.90 -44.21 24.08
CA TYR A 703 -29.56 -44.75 22.91
C TYR A 703 -29.93 -46.21 23.12
N SER A 704 -31.02 -46.62 22.47
CA SER A 704 -31.46 -48.01 22.50
C SER A 704 -32.28 -48.27 21.24
N ASN A 705 -32.53 -49.56 20.98
CA ASN A 705 -33.33 -49.93 19.83
C ASN A 705 -34.71 -49.30 19.89
N ASN A 706 -35.30 -49.24 21.08
CA ASN A 706 -36.62 -48.64 21.29
C ASN A 706 -36.56 -47.80 22.56
N SER A 707 -36.22 -46.52 22.40
CA SER A 707 -36.12 -45.61 23.54
C SER A 707 -36.15 -44.19 23.01
N ILE A 708 -37.18 -43.44 23.38
CA ILE A 708 -37.31 -42.04 22.97
C ILE A 708 -37.60 -41.21 24.21
N ALA A 709 -37.21 -39.93 24.16
CA ALA A 709 -37.45 -38.99 25.24
C ALA A 709 -38.19 -37.79 24.68
N ILE A 710 -39.37 -37.52 25.25
CA ILE A 710 -40.22 -36.41 24.81
C ILE A 710 -40.32 -35.43 25.96
N PRO A 711 -40.06 -34.14 25.74
CA PRO A 711 -40.16 -33.17 26.83
C PRO A 711 -41.58 -33.04 27.34
N THR A 712 -41.70 -32.81 28.65
CA THR A 712 -42.99 -32.58 29.28
C THR A 712 -43.21 -31.13 29.67
N ASN A 713 -42.23 -30.25 29.44
CA ASN A 713 -42.37 -28.86 29.81
C ASN A 713 -41.42 -28.06 28.93
N PHE A 714 -41.41 -26.74 29.09
CA PHE A 714 -40.57 -25.93 28.22
C PHE A 714 -40.17 -24.65 28.93
N THR A 715 -39.48 -23.78 28.19
CA THR A 715 -38.99 -22.52 28.70
C THR A 715 -39.00 -21.51 27.56
N ILE A 716 -39.55 -20.32 27.82
CA ILE A 716 -39.54 -19.24 26.84
C ILE A 716 -38.31 -18.39 27.16
N SER A 717 -37.18 -18.76 26.56
CA SER A 717 -35.93 -18.05 26.77
C SER A 717 -35.90 -16.80 25.92
N VAL A 718 -35.27 -15.75 26.44
CA VAL A 718 -35.04 -14.52 25.70
C VAL A 718 -33.54 -14.24 25.74
N THR A 719 -32.90 -14.28 24.58
CA THR A 719 -31.46 -14.10 24.49
C THR A 719 -31.15 -12.87 23.64
N THR A 720 -30.20 -12.08 24.11
CA THR A 720 -29.79 -10.88 23.39
C THR A 720 -28.68 -11.22 22.41
N GLU A 721 -28.78 -10.67 21.21
CA GLU A 721 -27.78 -10.87 20.16
C GLU A 721 -27.44 -9.50 19.60
N ILE A 722 -26.20 -9.07 19.76
CA ILE A 722 -25.78 -7.71 19.43
C ILE A 722 -25.07 -7.74 18.08
N LEU A 723 -25.42 -6.79 17.20
CA LEU A 723 -24.87 -6.76 15.86
C LEU A 723 -24.51 -5.33 15.47
N PRO A 724 -23.25 -5.08 15.13
CA PRO A 724 -22.90 -3.77 14.55
C PRO A 724 -23.62 -3.54 13.25
N VAL A 725 -24.05 -2.29 13.04
CA VAL A 725 -24.84 -1.96 11.86
C VAL A 725 -24.18 -0.83 11.07
N SER A 726 -23.41 0.01 11.75
CA SER A 726 -22.89 1.22 11.13
C SER A 726 -21.48 1.48 11.66
N MET A 727 -20.97 2.65 11.32
CA MET A 727 -19.63 3.08 11.71
C MET A 727 -19.61 4.61 11.68
N THR A 728 -18.66 5.19 12.40
CA THR A 728 -18.54 6.64 12.42
C THR A 728 -18.08 7.13 11.05
N LYS A 729 -18.92 7.95 10.42
CA LYS A 729 -18.58 8.50 9.11
C LYS A 729 -17.49 9.55 9.28
N THR A 730 -16.31 9.29 8.73
CA THR A 730 -15.18 10.19 8.87
C THR A 730 -14.79 10.73 7.50
N SER A 731 -14.68 12.05 7.41
CA SER A 731 -14.19 12.72 6.22
C SER A 731 -12.86 13.39 6.56
N VAL A 732 -11.84 13.12 5.74
CA VAL A 732 -10.49 13.63 5.98
C VAL A 732 -10.13 14.58 4.86
N ASP A 733 -9.76 15.81 5.22
CA ASP A 733 -9.27 16.76 4.24
C ASP A 733 -7.81 16.46 3.96
N CYS A 734 -7.53 15.95 2.76
CA CYS A 734 -6.18 15.53 2.42
C CYS A 734 -5.19 16.69 2.52
N THR A 735 -5.57 17.85 1.99
CA THR A 735 -4.66 18.99 1.96
C THR A 735 -4.29 19.45 3.36
N MET A 736 -5.30 19.70 4.21
CA MET A 736 -5.02 20.22 5.54
C MET A 736 -4.26 19.22 6.40
N TYR A 737 -4.61 17.94 6.30
CA TYR A 737 -3.88 16.94 7.06
C TYR A 737 -2.42 16.86 6.63
N ILE A 738 -2.19 16.72 5.31
CA ILE A 738 -0.81 16.62 4.83
C ILE A 738 -0.10 17.96 4.98
N CYS A 739 -0.77 19.05 4.60
CA CYS A 739 -0.19 20.38 4.61
C CYS A 739 -0.99 21.27 5.54
N GLY A 740 -0.36 21.79 6.58
CA GLY A 740 -1.06 22.61 7.55
C GLY A 740 -1.40 23.98 7.03
N ASP A 741 -2.32 24.03 6.05
CA ASP A 741 -2.74 25.27 5.42
C ASP A 741 -1.55 26.01 4.83
N SER A 742 -0.64 25.28 4.20
CA SER A 742 0.55 25.86 3.58
C SER A 742 0.44 25.68 2.07
N THR A 743 0.42 26.79 1.34
CA THR A 743 0.44 26.71 -0.12
C THR A 743 1.76 26.14 -0.64
N GLU A 744 2.86 26.37 0.07
CA GLU A 744 4.14 25.79 -0.32
C GLU A 744 4.08 24.27 -0.31
N CYS A 745 3.46 23.70 0.73
CA CYS A 745 3.26 22.25 0.77
C CYS A 745 2.18 21.79 -0.19
N SER A 746 1.14 22.60 -0.40
CA SER A 746 0.07 22.22 -1.31
C SER A 746 0.58 22.08 -2.74
N ASN A 747 1.49 22.98 -3.15
CA ASN A 747 2.05 22.87 -4.50
C ASN A 747 2.83 21.58 -4.68
N LEU A 748 3.61 21.18 -3.67
CA LEU A 748 4.33 19.92 -3.75
C LEU A 748 3.38 18.72 -3.74
N LEU A 749 2.31 18.81 -2.94
CA LEU A 749 1.33 17.74 -2.92
C LEU A 749 0.62 17.58 -4.26
N LEU A 750 0.40 18.70 -4.97
CA LEU A 750 -0.32 18.65 -6.24
C LEU A 750 0.39 17.80 -7.28
N GLN A 751 1.70 17.58 -7.14
CA GLN A 751 2.45 16.78 -8.11
C GLN A 751 2.32 15.28 -7.85
N TYR A 752 1.62 14.87 -6.79
CA TYR A 752 1.49 13.47 -6.44
C TYR A 752 0.24 12.83 -7.05
N GLY A 753 -0.26 13.37 -8.16
CA GLY A 753 -1.44 12.81 -8.79
C GLY A 753 -2.70 13.06 -7.97
N SER A 754 -3.74 12.31 -8.33
CA SER A 754 -5.04 12.42 -7.67
C SER A 754 -5.16 11.46 -6.50
N PHE A 755 -4.19 11.49 -5.58
CA PHE A 755 -4.32 10.69 -4.36
C PHE A 755 -5.39 11.25 -3.44
N CYS A 756 -5.41 12.56 -3.24
CA CYS A 756 -6.41 13.15 -2.36
C CYS A 756 -7.81 12.93 -2.90
N THR A 757 -7.99 13.03 -4.22
CA THR A 757 -9.29 12.75 -4.82
C THR A 757 -9.70 11.30 -4.58
N GLN A 758 -8.77 10.36 -4.73
CA GLN A 758 -9.07 8.95 -4.48
C GLN A 758 -9.48 8.72 -3.03
N LEU A 759 -8.74 9.31 -2.09
CA LEU A 759 -9.06 9.13 -0.68
C LEU A 759 -10.41 9.73 -0.34
N LYS A 760 -10.70 10.91 -0.87
CA LYS A 760 -12.00 11.53 -0.64
C LYS A 760 -13.12 10.69 -1.21
N ARG A 761 -12.92 10.14 -2.42
CA ARG A 761 -13.93 9.27 -3.01
C ARG A 761 -14.17 8.03 -2.14
N ALA A 762 -13.09 7.41 -1.65
CA ALA A 762 -13.24 6.22 -0.83
C ALA A 762 -13.97 6.54 0.47
N LEU A 763 -13.62 7.65 1.12
CA LEU A 763 -14.28 8.01 2.37
C LEU A 763 -15.75 8.35 2.16
N THR A 764 -16.07 9.06 1.08
CA THR A 764 -17.46 9.36 0.79
C THR A 764 -18.24 8.08 0.49
N GLY A 765 -17.62 7.15 -0.22
CA GLY A 765 -18.26 5.86 -0.45
C GLY A 765 -18.54 5.13 0.85
N ILE A 766 -17.58 5.16 1.78
CA ILE A 766 -17.77 4.52 3.08
C ILE A 766 -18.92 5.19 3.83
N ALA A 767 -19.00 6.52 3.78
CA ALA A 767 -20.04 7.23 4.50
C ALA A 767 -21.43 6.92 3.94
N VAL A 768 -21.57 6.99 2.61
CA VAL A 768 -22.86 6.67 2.02
C VAL A 768 -23.20 5.20 2.23
N GLU A 769 -22.18 4.34 2.32
CA GLU A 769 -22.42 2.94 2.65
C GLU A 769 -22.97 2.80 4.06
N GLN A 770 -22.44 3.58 5.02
CA GLN A 770 -22.97 3.55 6.38
C GLN A 770 -24.43 3.99 6.39
N ASP A 771 -24.74 5.07 5.67
CA ASP A 771 -26.13 5.53 5.61
C ASP A 771 -27.03 4.47 4.98
N LYS A 772 -26.58 3.84 3.90
CA LYS A 772 -27.38 2.79 3.29
C LYS A 772 -27.49 1.57 4.20
N ASN A 773 -26.47 1.30 5.01
CA ASN A 773 -26.53 0.19 5.94
C ASN A 773 -27.64 0.40 6.97
N THR A 774 -27.64 1.56 7.63
CA THR A 774 -28.72 1.81 8.58
C THR A 774 -30.08 1.94 7.90
N GLN A 775 -30.11 2.45 6.67
CA GLN A 775 -31.34 2.51 5.89
C GLN A 775 -31.90 1.11 5.67
N GLU A 776 -31.08 0.19 5.19
CA GLU A 776 -31.53 -1.15 4.89
C GLU A 776 -31.84 -1.95 6.15
N VAL A 777 -31.14 -1.70 7.25
CA VAL A 777 -31.41 -2.45 8.47
C VAL A 777 -32.69 -1.97 9.14
N PHE A 778 -32.93 -0.66 9.23
CA PHE A 778 -34.03 -0.19 10.06
C PHE A 778 -35.27 0.23 9.26
N ALA A 779 -35.13 0.60 8.00
CA ALA A 779 -36.20 1.20 7.23
C ALA A 779 -36.89 0.21 6.30
N GLN A 780 -37.02 -1.03 6.75
CA GLN A 780 -37.71 -2.05 5.95
C GLN A 780 -39.22 -1.95 6.05
N VAL A 781 -39.76 -0.99 6.82
CA VAL A 781 -41.18 -0.80 6.97
C VAL A 781 -41.59 0.46 6.22
N LYS A 782 -42.68 0.37 5.47
CA LYS A 782 -43.12 1.51 4.66
C LYS A 782 -43.71 2.61 5.54
N GLN A 783 -44.59 2.25 6.48
CA GLN A 783 -45.32 3.21 7.27
C GLN A 783 -44.96 3.09 8.75
N ILE A 784 -44.75 4.22 9.39
CA ILE A 784 -44.48 4.24 10.83
C ILE A 784 -45.75 3.79 11.55
N TYR A 785 -45.69 2.64 12.21
CA TYR A 785 -46.83 2.13 12.95
C TYR A 785 -46.79 2.64 14.38
N LYS A 786 -47.95 3.07 14.87
CA LYS A 786 -48.09 3.54 16.24
C LYS A 786 -48.66 2.44 17.12
N THR A 787 -48.00 2.19 18.24
CA THR A 787 -48.53 1.23 19.20
C THR A 787 -49.85 1.73 19.77
N PRO A 788 -50.80 0.85 20.06
CA PRO A 788 -52.13 1.29 20.50
C PRO A 788 -52.06 2.02 21.84
N PRO A 789 -53.05 2.88 22.13
CA PRO A 789 -53.05 3.60 23.40
C PRO A 789 -53.05 2.66 24.60
N ILE A 790 -54.04 1.76 24.67
CA ILE A 790 -54.04 0.73 25.69
C ILE A 790 -53.16 -0.43 25.23
N LYS A 791 -52.29 -0.90 26.13
CA LYS A 791 -51.21 -1.81 25.75
C LYS A 791 -51.31 -3.12 26.51
N TYR A 792 -52.50 -3.70 26.59
CA TYR A 792 -52.67 -5.04 27.14
C TYR A 792 -52.52 -6.05 26.01
N PHE A 793 -51.60 -7.01 26.19
CA PHE A 793 -51.27 -7.99 25.17
C PHE A 793 -51.34 -9.39 25.73
N GLY A 794 -52.42 -9.68 26.45
CA GLY A 794 -52.62 -11.01 26.99
C GLY A 794 -51.61 -11.41 28.04
N GLY A 795 -51.18 -10.47 28.88
CA GLY A 795 -50.20 -10.73 29.91
C GLY A 795 -48.77 -10.43 29.50
N PHE A 796 -48.50 -10.40 28.20
CA PHE A 796 -47.19 -9.99 27.73
C PHE A 796 -46.97 -8.51 28.05
N ASN A 797 -45.84 -8.21 28.68
CA ASN A 797 -45.67 -6.90 29.30
C ASN A 797 -45.33 -5.82 28.27
N PHE A 798 -44.21 -5.98 27.56
CA PHE A 798 -43.78 -5.06 26.51
C PHE A 798 -43.63 -3.63 27.01
N SER A 799 -43.13 -3.44 28.23
CA SER A 799 -42.83 -2.10 28.71
C SER A 799 -41.38 -1.71 28.50
N GLN A 800 -40.45 -2.63 28.77
CA GLN A 800 -39.03 -2.34 28.61
C GLN A 800 -38.61 -2.21 27.15
N ILE A 801 -39.46 -2.63 26.21
CA ILE A 801 -39.12 -2.54 24.80
C ILE A 801 -39.96 -1.50 24.06
N LEU A 802 -41.21 -1.28 24.45
CA LEU A 802 -41.99 -0.22 23.83
C LEU A 802 -41.53 1.14 24.35
N PRO A 803 -41.57 2.17 23.51
CA PRO A 803 -41.17 3.51 23.96
C PRO A 803 -42.11 4.01 25.06
N ASP A 804 -41.51 4.71 26.03
CA ASP A 804 -42.27 5.34 27.10
C ASP A 804 -42.27 6.85 26.90
N PRO A 805 -43.42 7.46 26.64
CA PRO A 805 -43.43 8.91 26.34
C PRO A 805 -42.96 9.79 27.49
N SER A 806 -42.95 9.28 28.72
CA SER A 806 -42.56 10.10 29.87
C SER A 806 -41.05 10.20 29.98
N LYS A 807 -40.39 10.63 28.90
CA LYS A 807 -38.94 10.84 28.86
C LYS A 807 -38.56 11.46 27.52
N PRO A 808 -37.46 12.20 27.45
CA PRO A 808 -37.01 12.72 26.16
C PRO A 808 -36.46 11.61 25.27
N SER A 809 -36.50 11.90 23.96
CA SER A 809 -35.98 11.03 22.91
C SER A 809 -36.84 9.81 22.68
N LYS A 810 -37.85 9.60 23.53
CA LYS A 810 -38.87 8.57 23.35
C LYS A 810 -38.25 7.19 23.12
N ARG A 811 -37.23 6.86 23.91
CA ARG A 811 -36.58 5.56 23.82
C ARG A 811 -37.11 4.64 24.91
N SER A 812 -37.02 3.33 24.66
CA SER A 812 -37.43 2.35 25.64
C SER A 812 -36.42 2.29 26.78
N PRO A 813 -36.85 1.84 27.96
CA PRO A 813 -35.89 1.72 29.08
C PRO A 813 -34.68 0.85 28.74
N ILE A 814 -34.90 -0.25 28.02
CA ILE A 814 -33.78 -1.06 27.57
C ILE A 814 -32.90 -0.26 26.63
N GLU A 815 -33.51 0.53 25.73
CA GLU A 815 -32.74 1.42 24.87
C GLU A 815 -31.99 2.45 25.68
N ASP A 816 -32.60 2.94 26.77
CA ASP A 816 -31.90 3.88 27.64
C ASP A 816 -30.66 3.26 28.27
N LEU A 817 -30.78 2.02 28.74
CA LEU A 817 -29.63 1.33 29.31
C LEU A 817 -28.55 1.11 28.24
N LEU A 818 -28.97 0.71 27.04
CA LEU A 818 -28.00 0.48 25.97
C LEU A 818 -27.27 1.77 25.61
N PHE A 819 -27.99 2.88 25.56
CA PHE A 819 -27.36 4.15 25.21
C PHE A 819 -26.44 4.64 26.31
N ASN A 820 -26.87 4.56 27.56
CA ASN A 820 -26.02 4.99 28.66
C ASN A 820 -24.85 4.04 28.91
N LYS A 821 -24.90 2.84 28.34
CA LYS A 821 -23.83 1.87 28.53
C LYS A 821 -22.69 2.03 27.54
N VAL A 822 -22.97 2.55 26.34
CA VAL A 822 -21.94 2.74 25.33
C VAL A 822 -21.36 4.15 25.48
N THR A 823 -20.05 4.23 25.65
CA THR A 823 -19.34 5.49 25.85
C THR A 823 -19.94 6.31 26.97
N PHE A 851 -10.55 18.19 14.28
CA PHE A 851 -9.33 18.60 14.96
C PHE A 851 -8.30 19.15 13.97
N ASN A 852 -7.67 18.25 13.21
CA ASN A 852 -6.63 18.65 12.27
C ASN A 852 -6.98 18.23 10.86
N GLY A 853 -8.22 18.47 10.44
CA GLY A 853 -8.71 18.06 9.14
C GLY A 853 -9.59 16.85 9.15
N LEU A 854 -9.69 16.15 10.28
CA LEU A 854 -10.58 15.01 10.39
C LEU A 854 -11.93 15.46 10.94
N THR A 855 -13.01 15.09 10.26
CA THR A 855 -14.35 15.51 10.63
C THR A 855 -15.23 14.27 10.76
N VAL A 856 -16.06 14.24 11.80
CA VAL A 856 -16.99 13.16 12.03
C VAL A 856 -18.35 13.65 11.54
N LEU A 857 -18.72 13.25 10.32
CA LEU A 857 -20.01 13.65 9.78
C LEU A 857 -21.14 12.99 10.57
N PRO A 858 -22.18 13.74 10.91
CA PRO A 858 -23.28 13.14 11.66
C PRO A 858 -24.03 12.15 10.80
N PRO A 859 -24.61 11.11 11.41
CA PRO A 859 -25.44 10.18 10.64
C PRO A 859 -26.68 10.88 10.09
N LEU A 860 -27.13 10.43 8.92
CA LEU A 860 -28.32 11.02 8.31
C LEU A 860 -29.54 10.81 9.21
N LEU A 861 -29.70 9.62 9.75
CA LEU A 861 -30.83 9.30 10.61
C LEU A 861 -30.46 9.62 12.05
N THR A 862 -31.11 10.62 12.63
CA THR A 862 -30.86 10.94 14.02
C THR A 862 -31.32 9.79 14.91
N ASP A 863 -30.75 9.74 16.12
CA ASP A 863 -31.06 8.64 17.04
C ASP A 863 -32.55 8.57 17.34
N GLU A 864 -33.24 9.72 17.35
CA GLU A 864 -34.69 9.70 17.52
C GLU A 864 -35.38 9.05 16.33
N MET A 865 -34.90 9.31 15.12
CA MET A 865 -35.49 8.67 13.95
C MET A 865 -35.25 7.16 13.96
N ILE A 866 -34.06 6.74 14.35
CA ILE A 866 -33.78 5.32 14.45
C ILE A 866 -34.66 4.67 15.50
N ALA A 867 -34.84 5.34 16.64
CA ALA A 867 -35.74 4.85 17.66
C ALA A 867 -37.17 4.77 17.15
N GLN A 868 -37.57 5.72 16.30
CA GLN A 868 -38.92 5.69 15.73
C GLN A 868 -39.09 4.52 14.77
N TYR A 869 -38.08 4.25 13.94
CA TYR A 869 -38.10 3.05 13.11
C TYR A 869 -38.22 1.80 13.96
N THR A 870 -37.45 1.73 15.03
CA THR A 870 -37.53 0.56 15.91
C THR A 870 -38.91 0.44 16.54
N SER A 871 -39.48 1.55 16.96
CA SER A 871 -40.82 1.55 17.56
C SER A 871 -41.86 1.08 16.57
N ALA A 872 -41.78 1.57 15.33
CA ALA A 872 -42.74 1.14 14.31
C ALA A 872 -42.60 -0.34 14.00
N LEU A 873 -41.35 -0.82 13.87
CA LEU A 873 -41.13 -2.24 13.63
C LEU A 873 -41.73 -3.08 14.75
N LEU A 874 -41.45 -2.70 15.99
CA LEU A 874 -41.92 -3.48 17.13
C LEU A 874 -43.43 -3.41 17.27
N ALA A 875 -44.03 -2.24 17.00
CA ALA A 875 -45.48 -2.12 17.09
C ALA A 875 -46.17 -2.95 16.02
N GLY A 876 -45.66 -2.92 14.79
CA GLY A 876 -46.18 -3.80 13.77
C GLY A 876 -46.03 -5.26 14.13
N THR A 877 -44.88 -5.63 14.71
CA THR A 877 -44.68 -7.02 15.11
C THR A 877 -45.67 -7.44 16.18
N ILE A 878 -45.93 -6.57 17.17
CA ILE A 878 -46.77 -6.95 18.30
C ILE A 878 -48.25 -6.74 18.05
N THR A 879 -48.63 -6.04 16.98
CA THR A 879 -50.04 -5.85 16.65
C THR A 879 -50.47 -6.61 15.41
N SER A 880 -49.80 -6.39 14.29
CA SER A 880 -50.16 -7.05 13.03
C SER A 880 -49.43 -8.37 12.84
N GLY A 881 -48.63 -8.81 13.80
CA GLY A 881 -47.87 -10.02 13.60
C GLY A 881 -46.80 -9.84 12.55
N TRP A 882 -46.57 -10.90 11.78
CA TRP A 882 -45.60 -10.90 10.70
C TRP A 882 -46.18 -10.44 9.38
N THR A 883 -47.49 -10.18 9.33
CA THR A 883 -48.16 -9.87 8.07
C THR A 883 -47.68 -8.56 7.47
N PHE A 884 -47.24 -7.61 8.30
CA PHE A 884 -46.83 -6.31 7.79
C PHE A 884 -45.54 -6.36 6.99
N GLY A 885 -44.82 -7.49 7.02
CA GLY A 885 -43.62 -7.63 6.22
C GLY A 885 -43.89 -8.17 4.84
N ALA A 886 -45.07 -8.74 4.63
CA ALA A 886 -45.46 -9.31 3.34
C ALA A 886 -46.47 -8.45 2.60
N GLY A 887 -46.72 -7.23 3.07
CA GLY A 887 -47.66 -6.34 2.44
C GLY A 887 -48.34 -5.44 3.44
N PRO A 888 -49.66 -5.27 3.32
CA PRO A 888 -50.38 -4.46 4.29
C PRO A 888 -50.41 -5.13 5.66
N ALA A 889 -50.37 -4.31 6.70
CA ALA A 889 -50.40 -4.80 8.06
C ALA A 889 -51.78 -5.33 8.40
N LEU A 890 -51.84 -6.55 8.91
CA LEU A 890 -53.10 -7.21 9.25
C LEU A 890 -53.18 -7.39 10.76
N GLN A 891 -54.06 -6.63 11.39
CA GLN A 891 -54.24 -6.71 12.83
C GLN A 891 -54.66 -8.11 13.25
N ILE A 892 -54.12 -8.54 14.39
CA ILE A 892 -54.38 -9.88 14.92
C ILE A 892 -53.99 -9.91 16.39
N PRO A 893 -54.84 -10.43 17.28
CA PRO A 893 -54.49 -10.44 18.70
C PRO A 893 -53.22 -11.23 18.96
N PHE A 894 -52.41 -10.72 19.89
CA PHE A 894 -51.14 -11.36 20.21
C PHE A 894 -51.27 -12.80 20.69
N PRO A 895 -52.23 -13.17 21.54
CA PRO A 895 -52.38 -14.59 21.88
C PRO A 895 -52.71 -15.47 20.68
N MET A 896 -53.17 -14.88 19.57
CA MET A 896 -53.37 -15.68 18.36
C MET A 896 -52.10 -15.75 17.54
N GLN A 897 -51.33 -14.66 17.50
CA GLN A 897 -50.05 -14.68 16.79
C GLN A 897 -49.08 -15.65 17.44
N MET A 898 -49.09 -15.74 18.78
CA MET A 898 -48.22 -16.68 19.44
C MET A 898 -48.66 -18.13 19.21
N ALA A 899 -49.97 -18.36 19.06
CA ALA A 899 -50.43 -19.69 18.68
C ALA A 899 -49.96 -20.05 17.28
N TYR A 900 -50.02 -19.09 16.35
CA TYR A 900 -49.44 -19.31 15.03
C TYR A 900 -47.95 -19.62 15.13
N ARG A 901 -47.23 -18.91 15.99
CA ARG A 901 -45.79 -19.12 16.08
C ARG A 901 -45.46 -20.46 16.74
N PHE A 902 -46.33 -20.98 17.61
CA PHE A 902 -46.20 -22.37 18.03
C PHE A 902 -46.47 -23.33 16.89
N ASN A 903 -47.52 -23.09 16.10
CA ASN A 903 -47.77 -23.92 14.93
C ASN A 903 -46.59 -23.93 13.98
N GLY A 904 -45.80 -22.87 13.96
CA GLY A 904 -44.63 -22.79 13.11
C GLY A 904 -43.42 -23.55 13.59
N ILE A 905 -43.47 -24.16 14.79
CA ILE A 905 -42.35 -24.93 15.32
C ILE A 905 -42.77 -26.35 15.67
N GLY A 906 -43.81 -26.87 15.03
CA GLY A 906 -44.25 -28.22 15.29
C GLY A 906 -44.93 -28.43 16.63
N VAL A 907 -45.43 -27.37 17.25
CA VAL A 907 -46.15 -27.45 18.52
C VAL A 907 -47.58 -27.00 18.27
N THR A 908 -48.54 -27.86 18.60
CA THR A 908 -49.93 -27.53 18.35
C THR A 908 -50.35 -26.33 19.18
N GLN A 909 -51.22 -25.49 18.59
CA GLN A 909 -51.63 -24.25 19.21
C GLN A 909 -52.34 -24.45 20.54
N ASN A 910 -52.94 -25.64 20.75
CA ASN A 910 -53.64 -25.91 22.00
C ASN A 910 -52.73 -25.74 23.21
N VAL A 911 -51.42 -25.90 23.01
CA VAL A 911 -50.47 -25.73 24.11
C VAL A 911 -50.51 -24.31 24.65
N LEU A 912 -50.61 -23.33 23.75
CA LEU A 912 -50.55 -21.93 24.20
C LEU A 912 -51.75 -21.56 25.06
N TYR A 913 -52.96 -21.68 24.51
CA TYR A 913 -54.15 -21.26 25.25
C TYR A 913 -54.31 -22.06 26.53
N GLU A 914 -54.00 -23.36 26.49
CA GLU A 914 -54.08 -24.19 27.68
C GLU A 914 -53.08 -23.78 28.75
N ASN A 915 -52.03 -23.05 28.38
CA ASN A 915 -51.02 -22.60 29.32
C ASN A 915 -50.61 -21.16 29.04
N GLN A 916 -51.60 -20.29 28.79
CA GLN A 916 -51.30 -18.93 28.35
C GLN A 916 -50.59 -18.14 29.45
N LYS A 917 -51.27 -17.94 30.59
CA LYS A 917 -50.78 -17.02 31.61
C LYS A 917 -49.37 -17.37 32.05
N LEU A 918 -49.13 -18.66 32.36
CA LEU A 918 -47.80 -19.09 32.74
C LEU A 918 -46.77 -18.66 31.71
N ILE A 919 -47.02 -18.95 30.43
CA ILE A 919 -46.09 -18.55 29.38
C ILE A 919 -45.86 -17.05 29.43
N ALA A 920 -46.92 -16.27 29.61
CA ALA A 920 -46.77 -14.82 29.73
C ALA A 920 -45.76 -14.48 30.81
N ASN A 921 -45.93 -15.05 32.02
CA ASN A 921 -44.96 -14.81 33.08
C ASN A 921 -43.59 -15.33 32.68
N GLN A 922 -43.55 -16.51 32.07
CA GLN A 922 -42.27 -17.03 31.57
C GLN A 922 -41.61 -16.04 30.63
N PHE A 923 -42.41 -15.34 29.84
CA PHE A 923 -41.83 -14.29 29.00
C PHE A 923 -41.42 -13.09 29.85
N ASN A 924 -42.30 -12.64 30.75
CA ASN A 924 -42.07 -11.38 31.44
C ASN A 924 -40.80 -11.42 32.27
N SER A 925 -40.68 -12.42 33.16
CA SER A 925 -39.43 -12.58 33.91
C SER A 925 -38.25 -12.71 32.96
N ALA A 926 -38.44 -13.41 31.84
CA ALA A 926 -37.37 -13.57 30.87
C ALA A 926 -36.89 -12.21 30.36
N ILE A 927 -37.82 -11.28 30.13
CA ILE A 927 -37.37 -9.96 29.69
C ILE A 927 -36.75 -9.19 30.85
N GLY A 928 -37.23 -9.40 32.07
CA GLY A 928 -36.71 -8.63 33.19
C GLY A 928 -35.24 -8.88 33.43
N LYS A 929 -34.84 -10.16 33.46
CA LYS A 929 -33.43 -10.49 33.59
C LYS A 929 -32.59 -9.83 32.51
N ILE A 930 -33.18 -9.62 31.33
CA ILE A 930 -32.44 -8.97 30.25
C ILE A 930 -31.89 -7.63 30.71
N GLN A 931 -32.73 -6.84 31.39
CA GLN A 931 -32.25 -5.57 31.93
C GLN A 931 -31.01 -5.79 32.78
N ASP A 932 -31.08 -6.71 33.74
CA ASP A 932 -29.93 -6.98 34.59
C ASP A 932 -28.78 -7.54 33.77
N SER A 933 -29.08 -8.38 32.77
CA SER A 933 -28.03 -8.87 31.89
C SER A 933 -27.33 -7.74 31.18
N LEU A 934 -28.07 -6.65 30.90
CA LEU A 934 -27.45 -5.46 30.34
C LEU A 934 -27.06 -4.46 31.42
N PHE A 935 -27.54 -4.64 32.65
CA PHE A 935 -27.23 -3.70 33.72
C PHE A 935 -26.03 -4.16 34.54
N SER A 936 -26.12 -5.35 35.13
CA SER A 936 -25.04 -5.84 35.98
C SER A 936 -23.78 -6.12 35.18
N THR A 937 -23.90 -6.86 34.10
CA THR A 937 -22.75 -7.17 33.26
C THR A 937 -22.35 -5.93 32.47
N PRO A 938 -21.13 -5.41 32.63
CA PRO A 938 -20.75 -4.20 31.91
C PRO A 938 -20.20 -4.43 30.51
N SER A 939 -19.87 -5.68 30.16
CA SER A 939 -19.31 -6.01 28.85
C SER A 939 -20.32 -6.67 27.93
N ALA A 940 -21.61 -6.47 28.19
CA ALA A 940 -22.63 -7.06 27.33
C ALA A 940 -22.55 -6.51 25.91
N LEU A 941 -22.40 -5.19 25.79
CA LEU A 941 -22.23 -4.54 24.48
C LEU A 941 -20.76 -4.50 24.08
N GLY A 942 -20.11 -5.66 24.10
CA GLY A 942 -18.71 -5.73 23.75
C GLY A 942 -18.43 -5.40 22.29
N LYS A 943 -19.29 -5.88 21.40
CA LYS A 943 -19.02 -5.76 19.97
C LYS A 943 -19.12 -4.30 19.50
N LEU A 944 -20.19 -3.62 19.90
CA LEU A 944 -20.37 -2.22 19.51
C LEU A 944 -19.28 -1.34 20.10
N GLN A 945 -18.95 -1.54 21.38
CA GLN A 945 -17.86 -0.79 21.98
C GLN A 945 -16.53 -1.11 21.30
N ASP A 946 -16.35 -2.35 20.84
CA ASP A 946 -15.14 -2.68 20.09
C ASP A 946 -15.09 -1.91 18.78
N VAL A 947 -16.23 -1.79 18.09
CA VAL A 947 -16.27 -1.01 16.85
C VAL A 947 -15.90 0.45 17.13
N VAL A 948 -16.50 1.03 18.18
CA VAL A 948 -16.22 2.42 18.53
C VAL A 948 -14.75 2.61 18.88
N ASN A 949 -14.21 1.68 19.67
CA ASN A 949 -12.82 1.77 20.07
C ASN A 949 -11.88 1.59 18.88
N HIS A 950 -12.25 0.73 17.93
CA HIS A 950 -11.44 0.57 16.73
C HIS A 950 -11.38 1.85 15.93
N ASN A 951 -12.53 2.51 15.74
CA ASN A 951 -12.52 3.78 15.02
C ASN A 951 -11.72 4.84 15.77
N ALA A 952 -11.89 4.89 17.09
CA ALA A 952 -11.16 5.87 17.89
C ALA A 952 -9.65 5.63 17.82
N GLN A 953 -9.24 4.36 17.89
CA GLN A 953 -7.82 4.04 17.80
C GLN A 953 -7.25 4.39 16.44
N ALA A 954 -8.01 4.14 15.37
CA ALA A 954 -7.55 4.53 14.04
C ALA A 954 -7.35 6.03 13.94
N LEU A 955 -8.33 6.82 14.42
CA LEU A 955 -8.18 8.27 14.37
C LEU A 955 -7.04 8.75 15.25
N ASN A 956 -6.87 8.13 16.42
CA ASN A 956 -5.79 8.52 17.32
C ASN A 956 -4.42 8.24 16.70
N THR A 957 -4.27 7.09 16.05
CA THR A 957 -3.01 6.81 15.36
C THR A 957 -2.78 7.79 14.23
N LEU A 958 -3.82 8.12 13.49
CA LEU A 958 -3.68 9.07 12.38
C LEU A 958 -3.23 10.43 12.88
N VAL A 959 -3.81 10.92 13.98
CA VAL A 959 -3.39 12.22 14.48
C VAL A 959 -2.02 12.15 15.14
N LYS A 960 -1.68 11.03 15.79
CA LYS A 960 -0.38 10.92 16.44
C LYS A 960 0.75 10.86 15.43
N GLN A 961 0.51 10.26 14.27
CA GLN A 961 1.55 10.21 13.25
C GLN A 961 1.78 11.56 12.58
N LEU A 962 0.96 12.57 12.88
CA LEU A 962 1.29 13.94 12.50
C LEU A 962 2.52 14.45 13.23
N SER A 963 2.88 13.83 14.35
CA SER A 963 4.05 14.23 15.13
C SER A 963 5.29 13.43 14.80
N SER A 964 5.24 12.58 13.78
CA SER A 964 6.39 11.77 13.39
C SER A 964 7.21 12.53 12.35
N LYS A 965 8.53 12.56 12.56
CA LYS A 965 9.41 13.30 11.66
C LYS A 965 9.62 12.60 10.32
N PHE A 966 9.47 11.28 10.28
CA PHE A 966 9.66 10.50 9.05
C PHE A 966 11.04 10.74 8.45
N GLY A 967 12.04 10.85 9.33
CA GLY A 967 13.39 11.15 8.90
C GLY A 967 13.57 12.52 8.30
N ALA A 968 12.91 13.53 8.86
CA ALA A 968 13.05 14.91 8.41
C ALA A 968 13.54 15.77 9.57
N ILE A 969 13.61 17.08 9.32
CA ILE A 969 14.10 18.01 10.35
C ILE A 969 13.14 18.09 11.53
N SER A 970 11.85 18.23 11.24
CA SER A 970 10.87 18.41 12.30
C SER A 970 9.52 17.92 11.83
N SER A 971 8.63 17.68 12.79
CA SER A 971 7.30 17.16 12.51
C SER A 971 6.27 18.26 12.27
N VAL A 972 6.64 19.52 12.40
CA VAL A 972 5.73 20.64 12.19
C VAL A 972 6.16 21.39 10.94
N LEU A 973 5.22 21.59 10.03
CA LEU A 973 5.54 22.24 8.75
C LEU A 973 6.03 23.66 8.97
N ASN A 974 5.38 24.41 9.87
CA ASN A 974 5.68 25.83 10.01
C ASN A 974 7.12 26.06 10.46
N ASP A 975 7.69 25.13 11.23
CA ASP A 975 9.09 25.25 11.59
C ASP A 975 9.99 25.14 10.36
N ILE A 976 9.76 24.12 9.53
CA ILE A 976 10.58 23.91 8.35
C ILE A 976 10.44 25.09 7.39
N LEU A 977 9.21 25.62 7.26
CA LEU A 977 9.02 26.82 6.45
C LEU A 977 9.83 27.98 6.99
N SER A 978 9.74 28.24 8.29
CA SER A 978 10.56 29.30 8.89
C SER A 978 11.86 28.76 9.46
N ARG A 979 12.55 27.94 8.67
CA ARG A 979 13.92 27.52 9.00
C ARG A 979 14.86 27.47 7.80
N LEU A 980 14.36 27.28 6.59
CA LEU A 980 15.22 27.01 5.44
C LEU A 980 14.68 27.72 4.21
N ASP A 981 15.57 27.91 3.24
CA ASP A 981 15.14 28.38 1.93
C ASP A 981 14.27 27.33 1.27
N PRO A 982 13.28 27.75 0.46
CA PRO A 982 12.33 26.79 -0.11
C PRO A 982 12.96 25.68 -0.94
N PRO A 983 14.04 25.92 -1.72
CA PRO A 983 14.63 24.77 -2.44
C PRO A 983 15.14 23.68 -1.51
N GLU A 984 15.75 24.05 -0.39
CA GLU A 984 16.22 23.05 0.56
C GLU A 984 15.05 22.49 1.37
N ALA A 985 14.09 23.33 1.74
CA ALA A 985 12.92 22.87 2.47
C ALA A 985 12.07 21.92 1.65
N GLU A 986 12.24 21.91 0.32
CA GLU A 986 11.45 21.04 -0.53
C GLU A 986 11.66 19.57 -0.18
N VAL A 987 12.90 19.18 0.11
CA VAL A 987 13.18 17.77 0.43
C VAL A 987 12.49 17.37 1.72
N GLN A 988 12.58 18.21 2.76
CA GLN A 988 11.95 17.89 4.02
C GLN A 988 10.43 17.84 3.88
N ILE A 989 9.87 18.79 3.14
CA ILE A 989 8.42 18.80 2.91
C ILE A 989 8.01 17.53 2.15
N ASP A 990 8.84 17.11 1.19
CA ASP A 990 8.53 15.90 0.44
C ASP A 990 8.55 14.67 1.33
N ARG A 991 9.54 14.57 2.22
CA ARG A 991 9.59 13.43 3.14
C ARG A 991 8.38 13.42 4.07
N LEU A 992 8.02 14.58 4.61
CA LEU A 992 6.84 14.66 5.47
C LEU A 992 5.57 14.31 4.70
N ILE A 993 5.47 14.78 3.46
CA ILE A 993 4.31 14.49 2.63
C ILE A 993 4.19 13.00 2.37
N THR A 994 5.31 12.35 2.04
CA THR A 994 5.27 10.92 1.78
C THR A 994 4.86 10.15 3.03
N GLY A 995 5.42 10.53 4.19
CA GLY A 995 5.04 9.85 5.42
C GLY A 995 3.57 10.01 5.74
N ARG A 996 3.07 11.24 5.68
CA ARG A 996 1.68 11.49 6.03
C ARG A 996 0.73 10.89 4.99
N LEU A 997 1.18 10.81 3.74
CA LEU A 997 0.35 10.23 2.69
C LEU A 997 0.26 8.72 2.83
N GLN A 998 1.36 8.06 3.21
CA GLN A 998 1.28 6.64 3.54
C GLN A 998 0.42 6.41 4.76
N SER A 999 0.49 7.33 5.74
CA SER A 999 -0.42 7.23 6.89
C SER A 999 -1.87 7.29 6.43
N LEU A 1000 -2.20 8.26 5.58
CA LEU A 1000 -3.57 8.38 5.08
C LEU A 1000 -4.00 7.14 4.30
N GLN A 1001 -3.10 6.62 3.45
CA GLN A 1001 -3.45 5.44 2.66
C GLN A 1001 -3.68 4.22 3.54
N THR A 1002 -2.83 4.03 4.55
CA THR A 1002 -3.03 2.92 5.47
C THR A 1002 -4.36 3.07 6.22
N TYR A 1003 -4.65 4.28 6.70
CA TYR A 1003 -5.91 4.51 7.40
C TYR A 1003 -7.10 4.25 6.50
N VAL A 1004 -7.02 4.69 5.24
CA VAL A 1004 -8.15 4.53 4.33
C VAL A 1004 -8.35 3.06 3.97
N THR A 1005 -7.26 2.33 3.76
CA THR A 1005 -7.38 0.89 3.47
C THR A 1005 -7.96 0.14 4.66
N GLN A 1006 -7.49 0.45 5.86
CA GLN A 1006 -8.04 -0.16 7.07
C GLN A 1006 -9.52 0.16 7.21
N GLN A 1007 -9.90 1.42 6.93
CA GLN A 1007 -11.29 1.80 7.01
C GLN A 1007 -12.13 1.08 5.97
N LEU A 1008 -11.58 0.88 4.77
CA LEU A 1008 -12.31 0.14 3.73
C LEU A 1008 -12.54 -1.30 4.15
N ILE A 1009 -11.52 -1.94 4.71
CA ILE A 1009 -11.68 -3.33 5.17
C ILE A 1009 -12.69 -3.41 6.30
N ARG A 1010 -12.60 -2.49 7.27
CA ARG A 1010 -13.55 -2.48 8.38
C ARG A 1010 -14.96 -2.18 7.88
N ALA A 1011 -15.08 -1.34 6.86
CA ALA A 1011 -16.39 -1.02 6.30
C ALA A 1011 -16.97 -2.21 5.56
N ALA A 1012 -16.13 -2.99 4.89
CA ALA A 1012 -16.60 -4.23 4.28
C ALA A 1012 -17.08 -5.21 5.35
N GLU A 1013 -16.34 -5.33 6.44
CA GLU A 1013 -16.77 -6.21 7.54
C GLU A 1013 -18.09 -5.74 8.13
N ILE A 1014 -18.23 -4.43 8.35
CA ILE A 1014 -19.47 -3.89 8.91
C ILE A 1014 -20.61 -4.00 7.89
N ARG A 1015 -20.29 -3.95 6.60
CA ARG A 1015 -21.31 -4.18 5.58
C ARG A 1015 -21.82 -5.60 5.63
N ALA A 1016 -20.91 -6.57 5.82
CA ALA A 1016 -21.35 -7.95 6.00
C ALA A 1016 -22.21 -8.09 7.25
N SER A 1017 -21.79 -7.44 8.34
CA SER A 1017 -22.58 -7.49 9.58
C SER A 1017 -23.94 -6.85 9.40
N ALA A 1018 -24.01 -5.75 8.64
CA ALA A 1018 -25.27 -5.06 8.42
C ALA A 1018 -26.18 -5.87 7.50
N ASN A 1019 -25.60 -6.57 6.53
CA ASN A 1019 -26.40 -7.49 5.72
C ASN A 1019 -26.96 -8.61 6.56
N LEU A 1020 -26.16 -9.14 7.50
CA LEU A 1020 -26.67 -10.14 8.42
C LEU A 1020 -27.77 -9.58 9.30
N ALA A 1021 -27.62 -8.34 9.77
CA ALA A 1021 -28.64 -7.71 10.60
C ALA A 1021 -29.93 -7.49 9.82
N ALA A 1022 -29.80 -7.06 8.56
CA ALA A 1022 -30.99 -6.88 7.72
C ALA A 1022 -31.68 -8.22 7.47
N THR A 1023 -30.89 -9.27 7.22
CA THR A 1023 -31.47 -10.59 7.04
C THR A 1023 -32.19 -11.05 8.30
N LYS A 1024 -31.61 -10.78 9.47
CA LYS A 1024 -32.26 -11.17 10.71
C LYS A 1024 -33.55 -10.40 10.92
N MET A 1025 -33.54 -9.08 10.68
CA MET A 1025 -34.75 -8.30 10.87
C MET A 1025 -35.82 -8.68 9.85
N SER A 1026 -35.41 -9.13 8.67
CA SER A 1026 -36.39 -9.61 7.70
C SER A 1026 -36.97 -10.95 8.11
N GLU A 1027 -36.13 -11.86 8.59
CA GLU A 1027 -36.53 -13.24 8.87
C GLU A 1027 -36.86 -13.48 10.34
N CYS A 1028 -36.13 -12.86 11.26
CA CYS A 1028 -36.33 -13.11 12.68
C CYS A 1028 -37.42 -12.22 13.26
N VAL A 1029 -37.58 -11.01 12.72
CA VAL A 1029 -38.55 -10.03 13.21
C VAL A 1029 -39.79 -9.96 12.33
N LEU A 1030 -39.60 -9.85 11.01
CA LEU A 1030 -40.73 -9.80 10.09
C LEU A 1030 -41.15 -11.20 9.66
N GLY A 1031 -41.36 -12.07 10.64
CA GLY A 1031 -41.66 -13.44 10.36
C GLY A 1031 -40.99 -14.39 11.32
N GLN A 1032 -41.21 -15.69 11.16
CA GLN A 1032 -40.58 -16.71 11.99
C GLN A 1032 -39.69 -17.56 11.11
N SER A 1033 -38.45 -17.78 11.56
CA SER A 1033 -37.45 -18.46 10.77
C SER A 1033 -37.35 -19.92 11.18
N LYS A 1034 -37.32 -20.82 10.19
CA LYS A 1034 -37.11 -22.24 10.44
C LYS A 1034 -35.64 -22.61 10.44
N ARG A 1035 -34.75 -21.70 10.08
CA ARG A 1035 -33.32 -21.96 10.14
C ARG A 1035 -32.90 -22.18 11.59
N VAL A 1036 -32.20 -23.28 11.85
CA VAL A 1036 -31.87 -23.66 13.22
C VAL A 1036 -30.72 -22.80 13.72
N ASP A 1037 -30.88 -22.27 14.93
CA ASP A 1037 -29.86 -21.47 15.60
C ASP A 1037 -29.47 -20.24 14.77
N PHE A 1038 -30.46 -19.62 14.13
CA PHE A 1038 -30.26 -18.36 13.44
C PHE A 1038 -30.90 -17.18 14.15
N CYS A 1039 -32.07 -17.39 14.74
CA CYS A 1039 -32.74 -16.38 15.56
C CYS A 1039 -32.75 -16.75 17.03
N GLY A 1040 -31.65 -17.30 17.53
CA GLY A 1040 -31.51 -17.63 18.92
C GLY A 1040 -30.91 -19.00 19.09
N LYS A 1041 -31.07 -19.55 20.29
CA LYS A 1041 -30.60 -20.89 20.65
C LYS A 1041 -31.83 -21.70 21.06
N GLY A 1042 -32.48 -22.31 20.08
CA GLY A 1042 -33.69 -23.05 20.30
C GLY A 1042 -34.64 -22.84 19.14
N TYR A 1043 -35.90 -23.22 19.34
CA TYR A 1043 -36.91 -23.03 18.29
C TYR A 1043 -37.39 -21.59 18.30
N HIS A 1044 -37.06 -20.84 17.26
CA HIS A 1044 -37.40 -19.42 17.23
C HIS A 1044 -38.91 -19.20 17.30
N LEU A 1045 -39.32 -18.25 18.14
CA LEU A 1045 -40.71 -17.84 18.26
C LEU A 1045 -40.96 -16.47 17.65
N MET A 1046 -40.20 -15.46 18.07
CA MET A 1046 -40.28 -14.12 17.53
C MET A 1046 -39.01 -13.38 17.94
N SER A 1047 -38.91 -12.13 17.54
CA SER A 1047 -37.73 -11.34 17.85
C SER A 1047 -38.12 -9.86 17.95
N PHE A 1048 -37.28 -9.10 18.65
CA PHE A 1048 -37.53 -7.68 18.85
C PHE A 1048 -36.25 -6.90 18.64
N PRO A 1049 -36.26 -5.89 17.78
CA PRO A 1049 -35.07 -5.05 17.60
C PRO A 1049 -35.05 -3.91 18.61
N GLN A 1050 -33.84 -3.53 19.00
CA GLN A 1050 -33.61 -2.38 19.87
C GLN A 1050 -32.40 -1.63 19.34
N SER A 1051 -32.58 -0.33 19.10
CA SER A 1051 -31.49 0.50 18.60
C SER A 1051 -30.37 0.60 19.63
N ALA A 1052 -29.15 0.77 19.14
CA ALA A 1052 -28.01 1.00 20.00
C ALA A 1052 -26.99 1.79 19.21
N PRO A 1053 -26.08 2.51 19.88
CA PRO A 1053 -25.09 3.32 19.15
C PRO A 1053 -24.34 2.49 18.12
N HIS A 1054 -24.59 2.80 16.84
CA HIS A 1054 -23.95 2.14 15.71
C HIS A 1054 -24.23 0.64 15.69
N GLY A 1055 -25.46 0.25 16.03
CA GLY A 1055 -25.78 -1.16 15.98
C GLY A 1055 -27.20 -1.44 16.45
N VAL A 1056 -27.53 -2.72 16.45
CA VAL A 1056 -28.84 -3.20 16.85
C VAL A 1056 -28.65 -4.33 17.84
N VAL A 1057 -29.68 -4.55 18.67
CA VAL A 1057 -29.72 -5.65 19.62
C VAL A 1057 -31.03 -6.38 19.44
N PHE A 1058 -30.95 -7.68 19.18
CA PHE A 1058 -32.13 -8.51 18.95
C PHE A 1058 -32.44 -9.29 20.22
N LEU A 1059 -33.70 -9.23 20.65
CA LEU A 1059 -34.16 -9.99 21.81
C LEU A 1059 -34.83 -11.25 21.27
N HIS A 1060 -33.99 -12.19 20.83
CA HIS A 1060 -34.46 -13.44 20.24
C HIS A 1060 -35.25 -14.22 21.27
N VAL A 1061 -36.54 -14.41 21.01
CA VAL A 1061 -37.40 -15.22 21.87
C VAL A 1061 -37.40 -16.63 21.29
N THR A 1062 -37.02 -17.60 22.13
CA THR A 1062 -36.90 -18.99 21.69
C THR A 1062 -37.65 -19.91 22.64
N TYR A 1063 -38.30 -20.91 22.05
CA TYR A 1063 -38.84 -22.03 22.79
C TYR A 1063 -37.73 -23.04 23.00
N VAL A 1064 -37.55 -23.49 24.25
CA VAL A 1064 -36.55 -24.48 24.59
C VAL A 1064 -37.22 -25.57 25.40
N PRO A 1065 -37.29 -26.80 24.92
CA PRO A 1065 -37.95 -27.86 25.68
C PRO A 1065 -37.14 -28.25 26.91
N ALA A 1066 -37.84 -28.85 27.88
CA ALA A 1066 -37.22 -29.22 29.14
C ALA A 1066 -38.14 -30.21 29.86
N GLN A 1067 -37.64 -30.73 30.98
CA GLN A 1067 -38.34 -31.74 31.78
C GLN A 1067 -38.65 -32.98 30.93
N GLU A 1068 -37.59 -33.65 30.53
CA GLU A 1068 -37.67 -34.81 29.66
C GLU A 1068 -38.41 -35.96 30.35
N LYS A 1069 -38.63 -37.03 29.60
CA LYS A 1069 -39.25 -38.23 30.15
C LYS A 1069 -38.86 -39.41 29.27
N ASN A 1070 -38.08 -40.34 29.81
CA ASN A 1070 -37.61 -41.46 29.02
C ASN A 1070 -38.77 -42.41 28.73
N PHE A 1071 -38.91 -42.79 27.47
CA PHE A 1071 -40.11 -43.49 27.00
C PHE A 1071 -39.71 -44.63 26.07
N THR A 1072 -40.62 -45.58 25.91
CA THR A 1072 -40.45 -46.69 24.98
C THR A 1072 -41.26 -46.44 23.72
N THR A 1073 -40.66 -46.73 22.57
CA THR A 1073 -41.22 -46.34 21.28
C THR A 1073 -41.19 -47.52 20.31
N ALA A 1074 -41.79 -47.30 19.15
CA ALA A 1074 -41.87 -48.29 18.08
C ALA A 1074 -42.27 -47.61 16.77
N PRO A 1075 -41.60 -47.92 15.66
CA PRO A 1075 -41.90 -47.21 14.41
C PRO A 1075 -43.28 -47.49 13.84
N ALA A 1076 -43.94 -48.60 14.21
CA ALA A 1076 -45.20 -48.95 13.58
C ALA A 1076 -46.02 -49.83 14.49
N ILE A 1077 -47.34 -49.77 14.31
CA ILE A 1077 -48.30 -50.52 15.09
C ILE A 1077 -49.07 -51.44 14.16
N CYS A 1078 -49.18 -52.70 14.55
CA CYS A 1078 -49.84 -53.74 13.75
C CYS A 1078 -51.15 -54.12 14.44
N HIS A 1079 -52.25 -53.52 14.00
CA HIS A 1079 -53.54 -53.79 14.64
C HIS A 1079 -54.34 -54.85 13.87
N ASP A 1080 -54.76 -54.53 12.65
CA ASP A 1080 -55.53 -55.47 11.83
C ASP A 1080 -54.64 -56.14 10.78
N GLY A 1081 -53.57 -56.77 11.26
CA GLY A 1081 -52.64 -57.41 10.34
C GLY A 1081 -51.99 -56.46 9.35
N LYS A 1082 -52.09 -55.14 9.60
CA LYS A 1082 -51.53 -54.13 8.73
C LYS A 1082 -50.75 -53.13 9.57
N ALA A 1083 -49.75 -52.52 8.95
CA ALA A 1083 -48.97 -51.50 9.64
C ALA A 1083 -49.80 -50.24 9.84
N HIS A 1084 -49.43 -49.47 10.86
CA HIS A 1084 -50.06 -48.19 11.13
C HIS A 1084 -48.99 -47.19 11.52
N PHE A 1085 -49.13 -45.95 11.03
CA PHE A 1085 -48.13 -44.93 11.26
C PHE A 1085 -48.80 -43.65 11.72
N PRO A 1086 -48.23 -42.96 12.71
CA PRO A 1086 -48.78 -41.67 13.12
C PRO A 1086 -48.70 -40.66 11.97
N ARG A 1087 -49.77 -39.88 11.82
CA ARG A 1087 -49.83 -38.92 10.73
C ARG A 1087 -48.76 -37.84 10.88
N GLU A 1088 -48.61 -37.30 12.09
CA GLU A 1088 -47.55 -36.35 12.37
C GLU A 1088 -46.83 -36.60 13.69
N GLY A 1089 -47.35 -37.46 14.55
CA GLY A 1089 -46.77 -37.69 15.87
C GLY A 1089 -45.78 -38.84 15.91
N VAL A 1090 -45.65 -39.42 17.10
CA VAL A 1090 -44.71 -40.48 17.40
C VAL A 1090 -45.42 -41.49 18.30
N PHE A 1091 -45.19 -42.77 18.03
CA PHE A 1091 -45.72 -43.83 18.86
C PHE A 1091 -44.80 -44.05 20.06
N VAL A 1092 -45.34 -43.91 21.27
CA VAL A 1092 -44.57 -44.06 22.50
C VAL A 1092 -45.39 -44.86 23.49
N SER A 1093 -44.76 -45.27 24.58
CA SER A 1093 -45.45 -46.03 25.61
C SER A 1093 -44.83 -45.73 26.96
N ASN A 1094 -45.65 -45.83 28.00
CA ASN A 1094 -45.21 -45.70 29.39
C ASN A 1094 -45.18 -47.08 30.06
N GLY A 1095 -44.77 -48.09 29.30
CA GLY A 1095 -44.69 -49.45 29.79
C GLY A 1095 -45.86 -50.33 29.42
N THR A 1096 -47.09 -49.89 29.68
CA THR A 1096 -48.27 -50.70 29.45
C THR A 1096 -49.15 -50.17 28.33
N HIS A 1097 -49.57 -48.91 28.39
CA HIS A 1097 -50.39 -48.33 27.34
C HIS A 1097 -49.53 -47.66 26.29
N TRP A 1098 -50.05 -47.60 25.06
CA TRP A 1098 -49.38 -46.97 23.94
C TRP A 1098 -50.13 -45.72 23.52
N PHE A 1099 -49.40 -44.65 23.26
CA PHE A 1099 -49.98 -43.35 22.91
C PHE A 1099 -49.24 -42.76 21.73
N VAL A 1100 -49.99 -42.12 20.85
CA VAL A 1100 -49.42 -41.30 19.78
C VAL A 1100 -49.37 -39.86 20.27
N THR A 1101 -48.21 -39.22 20.13
CA THR A 1101 -48.03 -37.90 20.71
C THR A 1101 -47.11 -37.06 19.84
N GLN A 1102 -47.36 -35.76 19.85
CA GLN A 1102 -46.51 -34.83 19.13
C GLN A 1102 -45.09 -34.87 19.68
N ARG A 1103 -44.12 -34.64 18.81
CA ARG A 1103 -42.72 -35.00 19.08
C ARG A 1103 -41.92 -33.86 19.67
N ASN A 1104 -42.57 -32.78 20.11
CA ASN A 1104 -41.87 -31.68 20.78
C ASN A 1104 -42.49 -31.30 22.11
N PHE A 1105 -43.51 -32.02 22.56
CA PHE A 1105 -44.17 -31.74 23.82
C PHE A 1105 -45.01 -32.96 24.18
N TYR A 1106 -44.79 -33.51 25.37
CA TYR A 1106 -45.48 -34.75 25.71
C TYR A 1106 -46.97 -34.51 25.89
N GLU A 1107 -47.76 -34.90 24.88
CA GLU A 1107 -49.21 -34.85 24.93
C GLU A 1107 -49.73 -36.20 24.48
N PRO A 1108 -49.74 -37.19 25.37
CA PRO A 1108 -50.17 -38.54 24.99
C PRO A 1108 -51.61 -38.54 24.53
N GLN A 1109 -51.88 -39.33 23.49
CA GLN A 1109 -53.22 -39.45 22.91
C GLN A 1109 -53.49 -40.91 22.62
N ILE A 1110 -54.73 -41.33 22.85
CA ILE A 1110 -55.11 -42.72 22.56
C ILE A 1110 -55.05 -42.94 21.06
N ILE A 1111 -54.39 -44.02 20.65
CA ILE A 1111 -54.11 -44.24 19.24
C ILE A 1111 -55.40 -44.63 18.53
N THR A 1112 -55.73 -43.91 17.46
CA THR A 1112 -56.93 -44.16 16.68
C THR A 1112 -56.63 -43.85 15.21
N THR A 1113 -57.57 -44.25 14.35
CA THR A 1113 -57.39 -44.08 12.91
C THR A 1113 -57.35 -42.61 12.51
N ASP A 1114 -57.82 -41.71 13.36
CA ASP A 1114 -57.71 -40.28 13.06
C ASP A 1114 -56.26 -39.85 12.94
N ASN A 1115 -55.41 -40.29 13.86
CA ASN A 1115 -54.01 -39.90 13.86
C ASN A 1115 -53.11 -40.91 13.15
N THR A 1116 -53.65 -42.04 12.70
CA THR A 1116 -52.84 -43.10 12.09
C THR A 1116 -53.31 -43.37 10.67
N PHE A 1117 -52.35 -43.65 9.79
CA PHE A 1117 -52.63 -44.06 8.43
C PHE A 1117 -51.95 -45.39 8.16
N VAL A 1118 -52.57 -46.22 7.34
CA VAL A 1118 -52.14 -47.58 7.08
C VAL A 1118 -51.33 -47.64 5.79
N SER A 1119 -50.28 -48.45 5.79
CA SER A 1119 -49.47 -48.66 4.58
C SER A 1119 -48.77 -50.00 4.70
N GLY A 1120 -49.28 -51.00 3.98
CA GLY A 1120 -48.66 -52.31 3.94
C GLY A 1120 -49.10 -53.24 5.04
N ASN A 1121 -48.50 -54.42 5.04
CA ASN A 1121 -48.78 -55.47 6.01
C ASN A 1121 -47.64 -55.57 7.01
N CYS A 1122 -47.79 -56.48 7.97
CA CYS A 1122 -46.89 -56.58 9.12
C CYS A 1122 -45.76 -57.57 8.90
N ASP A 1123 -45.01 -57.41 7.80
CA ASP A 1123 -43.85 -58.26 7.57
C ASP A 1123 -42.67 -57.52 6.97
N VAL A 1124 -42.73 -56.21 6.81
CA VAL A 1124 -41.64 -55.42 6.26
C VAL A 1124 -41.02 -54.51 7.31
N VAL A 1125 -41.83 -53.98 8.22
CA VAL A 1125 -41.32 -53.10 9.26
C VAL A 1125 -40.38 -53.86 10.18
N ILE A 1126 -39.23 -53.27 10.46
CA ILE A 1126 -38.24 -53.93 11.31
C ILE A 1126 -38.76 -54.06 12.74
N GLY A 1127 -39.33 -52.98 13.28
CA GLY A 1127 -39.71 -52.96 14.68
C GLY A 1127 -41.18 -52.68 14.94
N ILE A 1128 -42.06 -53.22 14.10
CA ILE A 1128 -43.49 -53.06 14.34
C ILE A 1128 -43.87 -53.79 15.64
N VAL A 1129 -44.93 -53.30 16.29
CA VAL A 1129 -45.39 -53.85 17.56
C VAL A 1129 -46.88 -54.10 17.48
N ASN A 1130 -47.33 -55.25 18.00
CA ASN A 1130 -48.74 -55.54 18.08
C ASN A 1130 -49.41 -54.59 19.06
N ASN A 1131 -50.60 -54.11 18.69
CA ASN A 1131 -51.36 -53.17 19.53
C ASN A 1131 -52.75 -53.04 18.94
N THR A 1132 -53.55 -52.16 19.54
CA THR A 1132 -54.89 -51.86 19.08
C THR A 1132 -54.97 -50.41 18.64
N VAL A 1133 -55.49 -50.18 17.44
CA VAL A 1133 -55.76 -48.84 16.93
C VAL A 1133 -57.28 -48.69 16.96
N TYR A 1134 -57.78 -47.93 17.92
CA TYR A 1134 -59.21 -47.89 18.19
C TYR A 1134 -59.94 -47.06 17.13
N ASP A 1135 -61.25 -47.32 17.02
CA ASP A 1135 -62.16 -46.57 16.15
C ASP A 1135 -62.92 -45.54 16.97
N PRO A 1136 -62.91 -44.26 16.58
CA PRO A 1136 -63.59 -43.21 17.34
C PRO A 1136 -65.11 -43.30 17.25
N GLN B 27 34.17 -30.75 -39.12
CA GLN B 27 33.56 -29.46 -39.44
C GLN B 27 32.08 -29.61 -39.74
N SER B 28 31.39 -30.38 -38.89
CA SER B 28 29.95 -30.59 -39.02
C SER B 28 29.23 -29.73 -38.00
N TYR B 29 27.89 -29.76 -38.06
CA TYR B 29 27.06 -28.98 -37.15
C TYR B 29 26.10 -29.91 -36.43
N THR B 30 26.14 -29.87 -35.10
CA THR B 30 25.26 -30.70 -34.27
C THR B 30 24.49 -29.83 -33.28
N ASN B 31 23.74 -30.46 -32.38
CA ASN B 31 22.97 -29.74 -31.37
C ASN B 31 23.48 -30.10 -29.98
N SER B 32 23.75 -29.07 -29.18
CA SER B 32 24.13 -29.28 -27.78
C SER B 32 22.85 -29.61 -27.00
N PHE B 33 22.68 -30.89 -26.68
CA PHE B 33 21.42 -31.37 -26.10
C PHE B 33 21.11 -30.68 -24.80
N THR B 34 21.92 -30.92 -23.76
CA THR B 34 21.77 -30.25 -22.47
C THR B 34 23.13 -29.90 -21.87
N ARG B 35 24.16 -29.79 -22.72
CA ARG B 35 25.50 -29.57 -22.22
C ARG B 35 25.70 -28.10 -21.85
N GLY B 36 26.75 -27.85 -21.07
CA GLY B 36 27.14 -26.49 -20.75
C GLY B 36 26.52 -25.90 -19.51
N VAL B 37 26.37 -26.68 -18.44
CA VAL B 37 25.84 -26.18 -17.17
C VAL B 37 26.98 -26.19 -16.16
N TYR B 38 27.36 -25.00 -15.69
CA TYR B 38 28.42 -24.84 -14.71
C TYR B 38 27.86 -24.21 -13.44
N TYR B 39 28.65 -24.29 -12.37
CA TYR B 39 28.23 -23.74 -11.10
C TYR B 39 28.42 -22.23 -11.11
N PRO B 40 27.35 -21.46 -10.99
CA PRO B 40 27.48 -20.00 -11.11
C PRO B 40 28.12 -19.36 -9.89
N ASP B 41 27.80 -19.87 -8.69
CA ASP B 41 28.31 -19.31 -7.46
C ASP B 41 28.66 -20.45 -6.50
N LYS B 42 29.52 -20.13 -5.53
CA LYS B 42 29.97 -21.09 -4.54
C LYS B 42 28.96 -21.32 -3.43
N VAL B 43 27.72 -20.88 -3.62
CA VAL B 43 26.67 -21.05 -2.60
C VAL B 43 26.17 -22.48 -2.67
N PHE B 44 26.38 -23.23 -1.60
CA PHE B 44 25.78 -24.55 -1.49
C PHE B 44 24.28 -24.43 -1.28
N ARG B 45 23.52 -25.30 -1.93
CA ARG B 45 22.08 -25.37 -1.76
C ARG B 45 21.67 -26.84 -1.80
N SER B 46 20.63 -27.19 -1.03
CA SER B 46 20.23 -28.58 -0.85
C SER B 46 18.81 -28.77 -1.39
N SER B 47 18.70 -29.53 -2.47
CA SER B 47 17.41 -29.93 -3.05
C SER B 47 16.52 -28.71 -3.30
N VAL B 48 17.05 -27.77 -4.08
CA VAL B 48 16.35 -26.53 -4.37
C VAL B 48 16.23 -26.37 -5.87
N LEU B 49 15.46 -25.35 -6.28
CA LEU B 49 15.30 -24.99 -7.69
C LEU B 49 15.59 -23.50 -7.80
N HIS B 50 16.80 -23.17 -8.20
CA HIS B 50 17.28 -21.79 -8.23
C HIS B 50 17.26 -21.29 -9.66
N LEU B 51 16.57 -20.18 -9.91
CA LEU B 51 16.44 -19.59 -11.23
C LEU B 51 17.44 -18.44 -11.35
N THR B 52 18.45 -18.61 -12.19
CA THR B 52 19.52 -17.64 -12.32
C THR B 52 19.73 -17.26 -13.77
N GLN B 53 20.07 -16.00 -14.01
CA GLN B 53 20.38 -15.50 -15.34
C GLN B 53 21.89 -15.30 -15.46
N ASP B 54 22.48 -15.87 -16.50
CA ASP B 54 23.93 -15.79 -16.68
C ASP B 54 24.24 -16.17 -18.12
N LEU B 55 25.51 -16.00 -18.49
CA LEU B 55 25.98 -16.42 -19.81
C LEU B 55 26.06 -17.95 -19.83
N PHE B 56 25.07 -18.58 -20.44
CA PHE B 56 24.96 -20.03 -20.48
C PHE B 56 25.12 -20.52 -21.92
N LEU B 57 25.17 -21.84 -22.06
CA LEU B 57 25.09 -22.48 -23.36
C LEU B 57 23.63 -22.82 -23.64
N PRO B 58 22.97 -22.13 -24.57
CA PRO B 58 21.56 -22.42 -24.83
C PRO B 58 21.36 -23.86 -25.29
N PHE B 59 20.28 -24.47 -24.84
CA PHE B 59 19.99 -25.84 -25.21
C PHE B 59 19.73 -25.96 -26.70
N PHE B 60 20.16 -27.07 -27.28
CA PHE B 60 19.88 -27.41 -28.68
C PHE B 60 20.44 -26.36 -29.64
N SER B 61 21.45 -25.61 -29.19
CA SER B 61 22.08 -24.64 -30.06
C SER B 61 22.98 -25.35 -31.06
N ASN B 62 23.44 -24.59 -32.06
CA ASN B 62 24.25 -25.14 -33.13
C ASN B 62 25.71 -25.18 -32.69
N VAL B 63 26.33 -26.36 -32.78
CA VAL B 63 27.67 -26.61 -32.26
C VAL B 63 28.55 -27.09 -33.39
N THR B 64 29.73 -26.50 -33.53
CA THR B 64 30.66 -26.84 -34.59
C THR B 64 31.56 -27.99 -34.11
N TRP B 65 31.49 -29.11 -34.83
CA TRP B 65 32.29 -30.30 -34.51
C TRP B 65 33.47 -30.34 -35.47
N PHE B 66 34.68 -30.26 -34.92
CA PHE B 66 35.89 -30.29 -35.70
C PHE B 66 36.69 -31.55 -35.37
N ASN B 80 44.03 -26.11 -38.11
CA ASN B 80 43.86 -25.22 -36.97
C ASN B 80 43.40 -23.83 -37.41
N PRO B 81 42.10 -23.70 -37.69
CA PRO B 81 41.56 -22.40 -38.10
C PRO B 81 41.43 -21.45 -36.91
N VAL B 82 41.19 -20.19 -37.22
CA VAL B 82 41.05 -19.16 -36.19
C VAL B 82 39.59 -19.10 -35.77
N LEU B 83 39.31 -19.48 -34.54
CA LEU B 83 37.96 -19.43 -34.00
C LEU B 83 37.81 -18.18 -33.14
N PRO B 84 36.91 -17.26 -33.48
CA PRO B 84 36.73 -16.06 -32.65
C PRO B 84 36.20 -16.41 -31.27
N PHE B 85 36.65 -15.64 -30.28
CA PHE B 85 36.21 -15.79 -28.90
C PHE B 85 35.06 -14.82 -28.67
N ASN B 86 33.84 -15.31 -28.84
CA ASN B 86 32.63 -14.50 -28.60
C ASN B 86 32.17 -14.76 -27.17
N ASP B 87 32.56 -13.84 -26.28
CA ASP B 87 32.14 -13.76 -24.88
C ASP B 87 31.89 -15.14 -24.24
N GLY B 88 32.92 -15.98 -24.31
CA GLY B 88 32.87 -17.29 -23.71
C GLY B 88 32.54 -18.41 -24.68
N VAL B 89 33.18 -19.56 -24.50
CA VAL B 89 33.00 -20.70 -25.39
C VAL B 89 32.95 -21.98 -24.57
N TYR B 90 32.06 -22.89 -24.95
CA TYR B 90 32.02 -24.24 -24.40
C TYR B 90 32.81 -25.14 -25.35
N PHE B 91 33.92 -25.68 -24.87
CA PHE B 91 34.86 -26.48 -25.66
C PHE B 91 34.90 -27.87 -25.08
N ALA B 92 34.39 -28.86 -25.81
CA ALA B 92 34.39 -30.25 -25.37
C ALA B 92 35.37 -31.01 -26.26
N SER B 93 36.56 -31.26 -25.73
CA SER B 93 37.57 -32.02 -26.46
C SER B 93 37.44 -33.49 -26.09
N THR B 94 37.24 -34.35 -27.09
CA THR B 94 37.06 -35.78 -26.89
C THR B 94 38.17 -36.50 -27.65
N GLU B 95 39.23 -36.86 -26.94
CA GLU B 95 40.32 -37.62 -27.53
C GLU B 95 41.08 -38.34 -26.43
N LYS B 96 41.64 -39.50 -26.79
CA LYS B 96 42.52 -40.24 -25.91
C LYS B 96 43.95 -40.33 -26.43
N SER B 97 44.19 -39.86 -27.65
CA SER B 97 45.54 -39.80 -28.22
C SER B 97 46.27 -38.53 -27.81
N ASN B 98 45.63 -37.65 -27.04
CA ASN B 98 46.25 -36.42 -26.55
C ASN B 98 46.72 -35.52 -27.69
N ILE B 99 45.96 -35.52 -28.79
CA ILE B 99 46.26 -34.61 -29.89
C ILE B 99 46.11 -33.17 -29.42
N ILE B 100 45.07 -32.88 -28.65
CA ILE B 100 44.90 -31.56 -28.05
C ILE B 100 46.00 -31.37 -27.01
N ARG B 101 46.78 -30.30 -27.15
CA ARG B 101 47.86 -29.98 -26.23
C ARG B 101 47.67 -28.64 -25.55
N GLY B 102 46.45 -28.12 -25.52
CA GLY B 102 46.16 -26.89 -24.82
C GLY B 102 45.47 -25.89 -25.72
N TRP B 103 45.76 -24.62 -25.45
CA TRP B 103 45.04 -23.51 -26.06
C TRP B 103 45.98 -22.33 -26.24
N ILE B 104 45.75 -21.56 -27.31
CA ILE B 104 46.38 -20.26 -27.52
C ILE B 104 45.27 -19.22 -27.61
N PHE B 105 45.39 -18.16 -26.82
CA PHE B 105 44.35 -17.15 -26.67
C PHE B 105 44.92 -15.78 -26.99
N GLY B 106 44.13 -14.96 -27.67
CA GLY B 106 44.56 -13.61 -27.99
C GLY B 106 43.62 -12.95 -28.97
N THR B 107 44.09 -11.85 -29.55
CA THR B 107 43.34 -11.13 -30.56
C THR B 107 44.04 -11.10 -31.91
N THR B 108 45.33 -10.77 -31.93
CA THR B 108 46.08 -10.76 -33.18
C THR B 108 47.45 -11.43 -33.10
N LEU B 109 47.99 -11.69 -31.90
CA LEU B 109 49.31 -12.28 -31.73
C LEU B 109 50.37 -11.47 -32.48
N ASP B 110 50.40 -10.17 -32.21
CA ASP B 110 51.32 -9.25 -32.86
C ASP B 110 52.22 -8.56 -31.83
N SER B 111 52.49 -9.25 -30.73
CA SER B 111 53.31 -8.73 -29.64
C SER B 111 52.77 -7.41 -29.11
N LYS B 112 51.44 -7.31 -28.99
CA LYS B 112 50.80 -6.25 -28.23
C LYS B 112 49.91 -6.80 -27.13
N THR B 113 49.05 -7.76 -27.44
CA THR B 113 48.17 -8.37 -26.45
C THR B 113 48.85 -9.55 -25.78
N GLN B 114 48.34 -9.91 -24.60
CA GLN B 114 48.90 -11.01 -23.82
C GLN B 114 48.35 -12.32 -24.37
N SER B 115 49.15 -12.97 -25.21
CA SER B 115 48.74 -14.25 -25.78
C SER B 115 48.90 -15.36 -24.75
N LEU B 116 47.79 -15.98 -24.38
CA LEU B 116 47.75 -16.99 -23.34
C LEU B 116 48.08 -18.36 -23.94
N LEU B 117 49.06 -19.05 -23.34
CA LEU B 117 49.47 -20.39 -23.75
C LEU B 117 49.15 -21.34 -22.60
N ILE B 118 48.25 -22.28 -22.86
CA ILE B 118 47.78 -23.24 -21.87
C ILE B 118 48.13 -24.63 -22.35
N VAL B 119 48.73 -25.45 -21.49
CA VAL B 119 48.98 -26.85 -21.78
C VAL B 119 48.47 -27.68 -20.61
N ASN B 120 48.04 -28.91 -20.88
CA ASN B 120 47.49 -29.79 -19.86
C ASN B 120 47.65 -31.23 -20.33
N ASN B 121 48.48 -32.00 -19.61
CA ASN B 121 48.70 -33.39 -20.00
C ASN B 121 47.52 -34.27 -19.59
N ALA B 122 47.30 -34.43 -18.28
CA ALA B 122 46.11 -35.14 -17.81
C ALA B 122 45.34 -34.43 -16.71
N THR B 123 45.99 -33.84 -15.71
CA THR B 123 45.26 -33.21 -14.61
C THR B 123 45.73 -31.80 -14.29
N ASN B 124 47.04 -31.54 -14.35
CA ASN B 124 47.60 -30.26 -13.98
C ASN B 124 47.87 -29.43 -15.22
N VAL B 125 47.50 -28.15 -15.13
CA VAL B 125 47.55 -27.24 -16.27
C VAL B 125 48.67 -26.25 -16.05
N PHE B 126 49.53 -26.11 -17.05
CA PHE B 126 50.58 -25.10 -17.05
C PHE B 126 50.13 -23.93 -17.92
N ILE B 127 50.03 -22.75 -17.31
CA ILE B 127 49.41 -21.58 -17.92
C ILE B 127 50.42 -20.45 -17.93
N LYS B 128 50.82 -20.01 -19.11
CA LYS B 128 51.72 -18.85 -19.27
C LYS B 128 51.00 -17.80 -20.09
N VAL B 129 50.66 -16.68 -19.47
CA VAL B 129 49.99 -15.58 -20.20
C VAL B 129 51.11 -14.75 -20.82
N CYS B 130 51.59 -15.22 -21.96
CA CYS B 130 52.75 -14.68 -22.64
C CYS B 130 52.31 -13.63 -23.66
N GLU B 131 53.23 -13.21 -24.51
CA GLU B 131 52.94 -12.23 -25.57
C GLU B 131 53.93 -12.49 -26.70
N PHE B 132 53.47 -13.20 -27.73
CA PHE B 132 54.33 -13.68 -28.79
C PHE B 132 53.65 -13.53 -30.14
N GLN B 133 54.48 -13.50 -31.19
CA GLN B 133 53.96 -13.44 -32.56
C GLN B 133 53.26 -14.73 -32.95
N PHE B 134 53.90 -15.87 -32.71
CA PHE B 134 53.41 -17.15 -33.18
C PHE B 134 53.66 -18.25 -32.17
N CYS B 135 52.80 -19.25 -32.18
CA CYS B 135 52.99 -20.48 -31.42
C CYS B 135 53.75 -21.48 -32.28
N ASN B 136 53.74 -22.75 -31.88
CA ASN B 136 54.37 -23.80 -32.69
C ASN B 136 53.82 -23.81 -34.11
N ASP B 137 52.54 -23.49 -34.28
CA ASP B 137 51.96 -23.38 -35.62
C ASP B 137 52.00 -21.92 -36.07
N PRO B 138 52.69 -21.61 -37.18
CA PRO B 138 52.78 -20.25 -37.74
C PRO B 138 51.42 -19.56 -37.85
N MET B 151 61.56 -40.70 -27.60
CA MET B 151 60.35 -40.31 -28.31
C MET B 151 60.22 -38.79 -28.34
N GLU B 152 59.57 -38.23 -27.33
CA GLU B 152 59.45 -36.78 -27.14
C GLU B 152 58.80 -36.12 -28.35
N SER B 153 57.53 -36.48 -28.57
CA SER B 153 56.72 -35.82 -29.59
C SER B 153 56.20 -34.47 -29.14
N GLU B 154 57.08 -33.59 -28.68
CA GLU B 154 56.68 -32.29 -28.15
C GLU B 154 57.49 -31.21 -28.83
N SER B 155 56.84 -30.11 -29.22
CA SER B 155 57.51 -28.96 -29.83
C SER B 155 57.07 -27.73 -29.03
N GLY B 156 58.05 -26.98 -28.52
CA GLY B 156 57.77 -25.78 -27.76
C GLY B 156 58.52 -24.57 -28.26
N VAL B 157 58.66 -24.46 -29.58
CA VAL B 157 59.46 -23.37 -30.15
C VAL B 157 58.77 -22.01 -30.02
N TYR B 158 57.45 -21.95 -30.22
CA TYR B 158 56.70 -20.70 -30.39
C TYR B 158 57.52 -19.59 -31.08
N SER B 159 57.29 -18.34 -30.68
CA SER B 159 58.04 -17.24 -31.30
C SER B 159 58.76 -16.39 -30.25
N SER B 160 58.09 -16.11 -29.13
CA SER B 160 58.66 -15.23 -28.12
C SER B 160 58.04 -15.45 -26.75
N ALA B 161 58.71 -14.98 -25.70
CA ALA B 161 58.21 -15.04 -24.33
C ALA B 161 58.16 -13.67 -23.67
N ASN B 162 58.06 -12.59 -24.46
CA ASN B 162 58.10 -11.25 -23.91
C ASN B 162 56.86 -10.94 -23.08
N ASN B 163 57.08 -10.32 -21.93
CA ASN B 163 56.01 -9.87 -21.03
C ASN B 163 55.03 -11.00 -20.74
N CYS B 164 55.56 -12.13 -20.26
CA CYS B 164 54.74 -13.27 -19.86
C CYS B 164 54.48 -13.11 -18.36
N THR B 165 53.44 -12.35 -18.04
CA THR B 165 53.27 -11.85 -16.68
C THR B 165 53.03 -12.97 -15.67
N PHE B 166 52.21 -13.96 -16.03
CA PHE B 166 51.77 -14.95 -15.04
C PHE B 166 51.96 -16.37 -15.56
N GLU B 167 52.40 -17.24 -14.64
CA GLU B 167 52.50 -18.68 -14.86
C GLU B 167 51.81 -19.39 -13.71
N TYR B 168 50.97 -20.37 -14.04
CA TYR B 168 50.14 -21.08 -13.08
C TYR B 168 50.25 -22.58 -13.29
N VAL B 169 50.23 -23.33 -12.18
CA VAL B 169 50.20 -24.79 -12.19
C VAL B 169 49.06 -25.25 -11.31
N SER B 170 48.60 -26.46 -11.56
CA SER B 170 47.51 -27.03 -10.78
C SER B 170 47.75 -28.52 -10.50
N ASN B 186 39.67 -37.61 -22.66
CA ASN B 186 38.37 -38.24 -22.90
C ASN B 186 37.24 -37.42 -22.28
N LEU B 187 36.43 -36.81 -23.15
CA LEU B 187 35.27 -36.02 -22.74
C LEU B 187 35.68 -34.95 -21.72
N ARG B 188 36.61 -34.11 -22.14
CA ARG B 188 37.09 -33.00 -21.33
C ARG B 188 36.36 -31.75 -21.77
N GLU B 189 35.40 -31.28 -20.97
CA GLU B 189 34.63 -30.11 -21.35
C GLU B 189 35.00 -28.91 -20.50
N PHE B 190 35.13 -27.76 -21.14
CA PHE B 190 35.66 -26.56 -20.52
C PHE B 190 34.81 -25.37 -20.92
N VAL B 191 34.32 -24.62 -19.94
CA VAL B 191 33.71 -23.33 -20.18
C VAL B 191 34.79 -22.27 -20.02
N PHE B 192 35.03 -21.51 -21.08
CA PHE B 192 36.03 -20.44 -21.08
C PHE B 192 35.29 -19.11 -21.11
N LYS B 193 35.46 -18.32 -20.05
CA LYS B 193 34.76 -17.05 -19.91
C LYS B 193 35.75 -15.97 -19.52
N ASN B 194 35.45 -14.73 -19.89
CA ASN B 194 36.28 -13.58 -19.53
C ASN B 194 35.36 -12.48 -19.03
N ILE B 195 35.32 -12.28 -17.72
CA ILE B 195 34.37 -11.34 -17.13
C ILE B 195 34.95 -10.82 -15.81
N ASP B 196 34.73 -9.54 -15.54
CA ASP B 196 35.19 -8.88 -14.31
C ASP B 196 36.70 -8.99 -14.14
N GLY B 197 37.43 -8.90 -15.25
CA GLY B 197 38.86 -9.04 -15.21
C GLY B 197 39.35 -10.41 -14.84
N TYR B 198 38.45 -11.39 -14.78
CA TYR B 198 38.79 -12.77 -14.48
C TYR B 198 38.57 -13.64 -15.71
N PHE B 199 39.61 -14.37 -16.09
CA PHE B 199 39.47 -15.51 -16.99
C PHE B 199 39.04 -16.70 -16.16
N LYS B 200 37.82 -17.17 -16.40
CA LYS B 200 37.24 -18.28 -15.66
C LYS B 200 37.22 -19.51 -16.56
N ILE B 201 37.87 -20.58 -16.11
CA ILE B 201 37.83 -21.87 -16.78
C ILE B 201 37.08 -22.82 -15.84
N TYR B 202 35.98 -23.38 -16.34
CA TYR B 202 35.20 -24.38 -15.62
C TYR B 202 35.45 -25.72 -16.29
N SER B 203 35.90 -26.71 -15.52
CA SER B 203 36.34 -27.98 -16.08
C SER B 203 35.45 -29.11 -15.59
N LYS B 204 35.02 -29.96 -16.53
CA LYS B 204 34.46 -31.27 -16.22
C LYS B 204 35.32 -32.27 -16.99
N HIS B 205 36.21 -32.94 -16.27
CA HIS B 205 37.10 -33.95 -16.83
C HIS B 205 36.54 -35.33 -16.51
N THR B 206 35.43 -35.66 -17.16
CA THR B 206 34.85 -36.99 -17.00
C THR B 206 35.43 -37.90 -18.08
N PRO B 207 36.33 -38.82 -17.72
CA PRO B 207 36.98 -39.64 -18.75
C PRO B 207 36.11 -40.79 -19.22
N ILE B 208 35.14 -40.49 -20.08
CA ILE B 208 34.31 -41.55 -20.63
C ILE B 208 35.15 -42.43 -21.55
N ILE B 209 34.80 -43.71 -21.62
CA ILE B 209 35.52 -44.65 -22.47
C ILE B 209 35.01 -44.52 -23.91
N GLY B 210 35.66 -43.67 -24.69
CA GLY B 210 35.31 -43.42 -26.07
C GLY B 210 35.44 -41.96 -26.41
N ARG B 211 34.96 -41.60 -27.60
CA ARG B 211 35.04 -40.22 -28.09
C ARG B 211 33.74 -39.73 -28.71
N ASP B 212 32.72 -40.57 -28.82
CA ASP B 212 31.46 -40.15 -29.41
C ASP B 212 30.76 -39.12 -28.54
N PHE B 213 30.13 -38.14 -29.17
CA PHE B 213 29.44 -37.08 -28.44
C PHE B 213 28.21 -37.65 -27.74
N PRO B 214 28.16 -37.66 -26.41
CA PRO B 214 26.98 -38.17 -25.72
C PRO B 214 25.96 -37.08 -25.40
N GLN B 215 24.70 -37.32 -25.73
CA GLN B 215 23.63 -36.39 -25.39
C GLN B 215 23.21 -36.66 -23.94
N GLY B 216 24.10 -36.27 -23.03
CA GLY B 216 23.90 -36.52 -21.62
C GLY B 216 24.05 -35.28 -20.76
N PHE B 217 24.02 -35.45 -19.44
CA PHE B 217 24.07 -34.34 -18.51
C PHE B 217 25.28 -34.47 -17.61
N SER B 218 25.93 -33.32 -17.34
CA SER B 218 27.06 -33.27 -16.42
C SER B 218 27.31 -31.82 -16.06
N ALA B 219 27.40 -31.53 -14.77
CA ALA B 219 27.71 -30.18 -14.32
C ALA B 219 29.19 -29.87 -14.54
N LEU B 220 29.52 -28.59 -14.54
CA LEU B 220 30.89 -28.14 -14.73
C LEU B 220 31.32 -27.36 -13.49
N GLU B 221 32.29 -27.93 -12.77
CA GLU B 221 32.78 -27.29 -11.56
C GLU B 221 33.73 -26.14 -11.91
N PRO B 222 33.82 -25.12 -11.04
CA PRO B 222 34.77 -24.03 -11.29
C PRO B 222 36.21 -24.47 -11.10
N LEU B 223 36.99 -24.47 -12.18
CA LEU B 223 38.36 -24.97 -12.10
C LEU B 223 39.33 -23.86 -11.68
N VAL B 224 39.37 -22.77 -12.43
CA VAL B 224 40.37 -21.72 -12.16
C VAL B 224 39.81 -20.36 -12.54
N ASP B 225 40.19 -19.35 -11.76
CA ASP B 225 39.89 -17.95 -12.05
C ASP B 225 41.20 -17.18 -11.99
N LEU B 226 41.51 -16.44 -13.06
CA LEU B 226 42.77 -15.72 -13.16
C LEU B 226 42.53 -14.23 -13.38
N PRO B 227 43.11 -13.35 -12.57
CA PRO B 227 42.92 -11.89 -12.75
C PRO B 227 43.81 -11.31 -13.86
N ILE B 228 43.32 -11.43 -15.10
CA ILE B 228 44.10 -10.95 -16.24
C ILE B 228 43.77 -9.51 -16.58
N GLY B 229 42.48 -9.20 -16.75
CA GLY B 229 42.07 -7.85 -17.12
C GLY B 229 42.61 -7.42 -18.46
N ILE B 230 42.52 -8.28 -19.47
CA ILE B 230 43.05 -8.02 -20.80
C ILE B 230 41.91 -8.17 -21.81
N ASN B 231 42.26 -7.95 -23.08
CA ASN B 231 41.30 -8.04 -24.19
C ASN B 231 41.56 -9.31 -24.98
N ILE B 232 40.50 -10.07 -25.23
CA ILE B 232 40.58 -11.32 -26.00
C ILE B 232 39.43 -11.37 -26.97
N THR B 233 39.73 -11.66 -28.24
CA THR B 233 38.71 -11.78 -29.28
C THR B 233 38.78 -13.07 -30.07
N ARG B 234 39.90 -13.80 -30.03
CA ARG B 234 40.09 -15.00 -30.83
C ARG B 234 40.70 -16.09 -29.97
N PHE B 235 40.60 -17.33 -30.45
CA PHE B 235 41.22 -18.45 -29.76
C PHE B 235 41.41 -19.60 -30.73
N GLN B 236 42.55 -20.29 -30.59
CA GLN B 236 42.88 -21.45 -31.42
C GLN B 236 43.38 -22.56 -30.51
N THR B 237 43.28 -23.79 -31.01
CA THR B 237 43.60 -24.98 -30.24
C THR B 237 45.01 -25.47 -30.54
N LEU B 238 45.77 -25.73 -29.50
CA LEU B 238 47.12 -26.29 -29.67
C LEU B 238 47.02 -27.76 -30.07
N LEU B 239 47.75 -28.13 -31.11
CA LEU B 239 47.76 -29.50 -31.61
C LEU B 239 49.19 -30.01 -31.67
N ALA B 240 49.42 -31.19 -31.10
CA ALA B 240 50.74 -31.82 -31.13
C ALA B 240 50.64 -33.29 -30.75
N ASP B 261 38.75 -35.58 -31.47
CA ASP B 261 38.14 -34.41 -32.07
C ASP B 261 37.65 -33.45 -30.99
N TYR B 262 36.90 -32.43 -31.37
CA TYR B 262 36.35 -31.51 -30.38
C TYR B 262 35.10 -30.85 -30.91
N TYR B 263 34.34 -30.28 -29.98
CA TYR B 263 33.10 -29.57 -30.26
C TYR B 263 33.18 -28.19 -29.63
N VAL B 264 32.69 -27.19 -30.35
CA VAL B 264 32.74 -25.80 -29.89
C VAL B 264 31.34 -25.21 -29.99
N GLY B 265 30.90 -24.58 -28.90
CA GLY B 265 29.64 -23.86 -28.89
C GLY B 265 29.80 -22.50 -28.23
N TYR B 266 28.90 -21.60 -28.58
CA TYR B 266 28.94 -20.22 -28.09
C TYR B 266 27.89 -20.00 -27.00
N LEU B 267 28.19 -19.09 -26.10
CA LEU B 267 27.35 -18.79 -24.95
C LEU B 267 26.63 -17.46 -25.14
N GLN B 268 25.44 -17.38 -24.55
CA GLN B 268 24.60 -16.19 -24.61
C GLN B 268 24.00 -15.94 -23.24
N PRO B 269 23.63 -14.69 -22.93
CA PRO B 269 22.99 -14.42 -21.64
C PRO B 269 21.56 -14.94 -21.61
N ARG B 270 21.34 -16.03 -20.87
CA ARG B 270 20.03 -16.67 -20.79
C ARG B 270 19.63 -16.82 -19.33
N THR B 271 18.46 -17.40 -19.12
CA THR B 271 17.94 -17.71 -17.79
C THR B 271 17.75 -19.21 -17.68
N PHE B 272 18.27 -19.79 -16.60
CA PHE B 272 18.25 -21.23 -16.39
C PHE B 272 17.72 -21.54 -15.00
N LEU B 273 16.91 -22.59 -14.91
CA LEU B 273 16.44 -23.10 -13.62
C LEU B 273 17.30 -24.32 -13.28
N LEU B 274 18.18 -24.16 -12.30
CA LEU B 274 19.08 -25.22 -11.87
C LEU B 274 18.46 -25.96 -10.69
N LYS B 275 18.51 -27.29 -10.73
CA LYS B 275 17.94 -28.12 -9.67
C LYS B 275 19.10 -28.66 -8.84
N TYR B 276 19.41 -28.03 -7.72
CA TYR B 276 20.47 -28.64 -6.91
C TYR B 276 19.85 -29.89 -6.25
N ASN B 277 20.55 -31.03 -6.18
CA ASN B 277 20.05 -32.26 -5.50
C ASN B 277 20.29 -32.14 -4.01
N GLU B 278 20.29 -33.26 -3.29
CA GLU B 278 20.44 -33.18 -1.82
C GLU B 278 21.80 -32.55 -1.56
N ASN B 279 22.84 -33.15 -2.08
CA ASN B 279 24.18 -32.54 -1.98
C ASN B 279 24.20 -31.32 -2.91
N GLY B 280 25.32 -30.63 -3.01
CA GLY B 280 25.36 -29.52 -3.97
C GLY B 280 25.60 -30.02 -5.38
N THR B 281 24.74 -30.88 -5.90
CA THR B 281 25.04 -31.48 -7.23
C THR B 281 23.97 -31.04 -8.23
N ILE B 282 24.23 -29.98 -8.98
CA ILE B 282 23.16 -29.55 -9.89
C ILE B 282 22.97 -30.64 -10.94
N THR B 283 22.04 -31.55 -10.70
CA THR B 283 21.83 -32.70 -11.57
C THR B 283 20.93 -32.39 -12.77
N ASP B 284 20.33 -31.21 -12.82
CA ASP B 284 19.42 -30.89 -13.91
C ASP B 284 19.34 -29.39 -14.09
N ALA B 285 19.14 -28.98 -15.34
CA ALA B 285 18.97 -27.59 -15.69
C ALA B 285 17.89 -27.47 -16.75
N VAL B 286 16.98 -26.52 -16.57
CA VAL B 286 15.87 -26.29 -17.49
C VAL B 286 16.05 -24.90 -18.11
N ASP B 287 16.02 -24.86 -19.44
CA ASP B 287 16.14 -23.60 -20.16
C ASP B 287 14.85 -22.79 -19.99
N CYS B 288 14.93 -21.51 -20.36
CA CYS B 288 13.77 -20.64 -20.33
C CYS B 288 13.46 -20.00 -21.68
N ALA B 289 14.41 -19.94 -22.60
CA ALA B 289 14.18 -19.39 -23.93
C ALA B 289 13.80 -20.45 -24.95
N LEU B 290 13.72 -21.72 -24.55
CA LEU B 290 13.31 -22.80 -25.44
C LEU B 290 11.96 -23.33 -25.00
N ASP B 291 11.03 -23.43 -25.96
CA ASP B 291 9.73 -24.06 -25.82
C ASP B 291 8.81 -23.29 -24.89
N PRO B 292 7.51 -23.25 -25.18
CA PRO B 292 6.54 -22.78 -24.18
C PRO B 292 6.52 -23.66 -22.95
N LEU B 293 6.74 -24.96 -23.11
CA LEU B 293 6.75 -25.86 -21.96
C LEU B 293 7.86 -25.49 -20.98
N SER B 294 9.08 -25.32 -21.49
CA SER B 294 10.19 -24.94 -20.63
C SER B 294 10.28 -23.43 -20.48
N GLU B 295 9.15 -22.81 -20.22
CA GLU B 295 9.03 -21.47 -19.68
C GLU B 295 8.04 -21.41 -18.53
N THR B 296 6.97 -22.20 -18.60
CA THR B 296 6.11 -22.38 -17.44
C THR B 296 6.88 -23.06 -16.30
N LYS B 297 7.84 -23.91 -16.65
CA LYS B 297 8.70 -24.50 -15.62
C LYS B 297 9.54 -23.42 -14.94
N CYS B 298 10.07 -22.47 -15.72
CA CYS B 298 10.79 -21.36 -15.13
C CYS B 298 9.89 -20.51 -14.26
N THR B 299 8.66 -20.25 -14.72
CA THR B 299 7.74 -19.42 -13.96
C THR B 299 7.33 -20.08 -12.65
N LEU B 300 7.01 -21.37 -12.69
CA LEU B 300 6.51 -22.09 -11.52
C LEU B 300 7.63 -22.65 -10.64
N LYS B 301 8.89 -22.48 -11.04
CA LYS B 301 10.03 -22.98 -10.27
C LYS B 301 9.92 -24.48 -10.03
N SER B 302 9.42 -25.20 -11.03
CA SER B 302 9.20 -26.64 -10.87
C SER B 302 9.56 -27.35 -12.16
N PHE B 303 9.86 -28.65 -12.04
CA PHE B 303 10.21 -29.47 -13.17
C PHE B 303 9.04 -30.32 -13.66
N THR B 304 7.89 -30.24 -13.02
CA THR B 304 6.69 -30.96 -13.48
C THR B 304 5.50 -30.00 -13.32
N VAL B 305 4.88 -29.67 -14.43
CA VAL B 305 3.71 -28.80 -14.42
C VAL B 305 2.46 -29.64 -14.59
N GLU B 306 1.38 -29.19 -13.98
CA GLU B 306 0.11 -29.89 -14.02
C GLU B 306 -0.74 -29.38 -15.19
N LYS B 307 -1.71 -30.20 -15.59
CA LYS B 307 -2.54 -29.87 -16.73
C LYS B 307 -3.32 -28.58 -16.48
N GLY B 308 -3.21 -27.65 -17.41
CA GLY B 308 -3.94 -26.40 -17.30
C GLY B 308 -3.35 -25.34 -18.19
N ILE B 309 -3.86 -24.12 -18.00
CA ILE B 309 -3.37 -22.94 -18.71
C ILE B 309 -2.58 -22.08 -17.73
N TYR B 310 -1.38 -21.68 -18.12
CA TYR B 310 -0.46 -20.97 -17.26
C TYR B 310 -0.14 -19.61 -17.87
N GLN B 311 -0.31 -18.56 -17.09
CA GLN B 311 0.16 -17.24 -17.48
C GLN B 311 1.69 -17.22 -17.49
N THR B 312 2.25 -16.47 -18.44
CA THR B 312 3.70 -16.36 -18.58
C THR B 312 4.00 -14.97 -19.12
N SER B 313 5.19 -14.79 -19.69
CA SER B 313 5.65 -13.48 -20.16
C SER B 313 4.67 -12.85 -21.14
N ASN B 314 4.80 -11.55 -21.35
CA ASN B 314 3.91 -10.81 -22.23
C ASN B 314 4.58 -10.60 -23.59
N PHE B 315 3.82 -10.86 -24.64
CA PHE B 315 4.34 -10.64 -25.98
C PHE B 315 4.08 -9.22 -26.43
N ARG B 316 4.96 -8.74 -27.31
CA ARG B 316 4.78 -7.44 -27.95
C ARG B 316 5.46 -7.46 -29.31
N VAL B 317 4.86 -6.82 -30.31
CA VAL B 317 5.54 -6.69 -31.59
C VAL B 317 6.60 -5.60 -31.46
N GLN B 318 7.86 -5.99 -31.54
CA GLN B 318 8.95 -5.05 -31.32
C GLN B 318 9.01 -4.03 -32.45
N PRO B 319 9.53 -2.83 -32.17
CA PRO B 319 9.64 -1.82 -33.22
C PRO B 319 10.53 -2.30 -34.37
N THR B 320 10.16 -1.89 -35.58
CA THR B 320 10.89 -2.31 -36.76
C THR B 320 11.95 -1.29 -37.18
N GLU B 321 11.63 0.00 -37.08
CA GLU B 321 12.56 1.05 -37.48
C GLU B 321 12.43 2.20 -36.50
N SER B 322 13.19 3.27 -36.75
CA SER B 322 13.12 4.47 -35.94
C SER B 322 13.19 5.68 -36.86
N ILE B 323 12.30 6.64 -36.65
CA ILE B 323 12.21 7.84 -37.47
C ILE B 323 12.15 9.07 -36.57
N VAL B 324 12.96 10.06 -36.89
CA VAL B 324 12.97 11.35 -36.21
C VAL B 324 12.67 12.41 -37.26
N ARG B 325 11.65 13.23 -36.99
CA ARG B 325 11.20 14.22 -37.95
C ARG B 325 11.23 15.60 -37.31
N PHE B 326 11.65 16.59 -38.09
CA PHE B 326 11.80 17.96 -37.65
C PHE B 326 11.19 18.87 -38.71
N PRO B 327 10.85 20.11 -38.34
CA PRO B 327 10.28 21.03 -39.34
C PRO B 327 11.23 21.30 -40.49
N ASN B 328 10.75 21.97 -41.53
CA ASN B 328 11.60 22.36 -42.66
C ASN B 328 12.82 23.10 -42.11
N VAL B 329 14.01 22.58 -42.40
CA VAL B 329 15.23 23.01 -41.72
C VAL B 329 15.54 24.42 -42.19
N THR B 330 15.17 25.41 -41.37
CA THR B 330 15.42 26.80 -41.69
C THR B 330 16.88 27.13 -41.39
N ASN B 331 17.71 27.12 -42.43
CA ASN B 331 19.12 27.44 -42.29
C ASN B 331 19.30 28.92 -41.97
N LEU B 332 18.21 29.68 -42.05
CA LEU B 332 18.25 31.13 -41.89
C LEU B 332 18.47 31.45 -40.41
N CYS B 333 19.70 31.33 -39.98
CA CYS B 333 20.24 31.92 -38.76
C CYS B 333 21.30 32.94 -39.15
N PRO B 334 21.65 33.87 -38.27
CA PRO B 334 22.67 34.87 -38.65
C PRO B 334 24.04 34.23 -38.82
N PHE B 335 24.15 33.29 -39.76
CA PHE B 335 25.36 32.50 -39.96
C PHE B 335 26.26 33.07 -41.05
N HIS B 336 25.79 33.08 -42.31
CA HIS B 336 26.68 33.34 -43.43
C HIS B 336 27.25 34.75 -43.38
N GLU B 337 26.41 35.73 -43.01
CA GLU B 337 26.90 37.09 -42.85
C GLU B 337 27.94 37.18 -41.74
N VAL B 338 27.76 36.41 -40.67
CA VAL B 338 28.72 36.42 -39.57
C VAL B 338 29.88 35.46 -39.86
N PHE B 339 29.56 34.24 -40.31
CA PHE B 339 30.58 33.22 -40.49
C PHE B 339 31.48 33.48 -41.69
N ASN B 340 30.93 34.19 -42.68
CA ASN B 340 31.61 34.37 -43.99
C ASN B 340 31.73 35.86 -44.30
N ALA B 341 32.12 36.68 -43.31
CA ALA B 341 32.36 38.10 -43.58
C ALA B 341 33.83 38.34 -43.83
N THR B 342 34.12 39.24 -44.78
CA THR B 342 35.51 39.56 -45.10
C THR B 342 36.19 40.26 -43.93
N ARG B 343 35.48 41.15 -43.25
CA ARG B 343 36.05 41.96 -42.18
C ARG B 343 35.18 41.88 -40.94
N PHE B 344 35.80 41.62 -39.80
CA PHE B 344 35.13 41.69 -38.51
C PHE B 344 35.52 42.97 -37.79
N ALA B 345 34.93 43.16 -36.61
CA ALA B 345 35.36 44.21 -35.71
C ALA B 345 36.60 43.75 -34.94
N SER B 346 36.93 44.50 -33.89
CA SER B 346 38.06 44.13 -33.05
C SER B 346 37.82 42.78 -32.38
N VAL B 347 38.90 42.02 -32.20
CA VAL B 347 38.79 40.66 -31.67
C VAL B 347 38.24 40.70 -30.24
N TYR B 348 38.69 41.66 -29.44
CA TYR B 348 38.16 41.82 -28.09
C TYR B 348 36.69 42.23 -28.10
N ALA B 349 36.27 43.01 -29.10
CA ALA B 349 34.88 43.42 -29.26
C ALA B 349 34.11 42.42 -30.12
N TRP B 350 33.69 41.30 -29.52
CA TRP B 350 32.98 40.28 -30.26
C TRP B 350 31.62 40.79 -30.73
N ASN B 351 31.18 40.21 -31.85
CA ASN B 351 29.86 40.47 -32.48
C ASN B 351 28.76 39.80 -31.67
N ARG B 352 27.62 40.47 -31.51
CA ARG B 352 26.46 39.81 -30.91
C ARG B 352 25.80 38.96 -31.99
N THR B 353 26.32 37.75 -32.16
CA THR B 353 25.75 36.79 -33.11
C THR B 353 24.64 36.02 -32.38
N ARG B 354 23.50 36.68 -32.21
CA ARG B 354 22.40 36.10 -31.45
C ARG B 354 21.67 35.06 -32.28
N ILE B 355 21.91 33.78 -31.98
CA ILE B 355 21.30 32.66 -32.69
C ILE B 355 20.05 32.25 -31.92
N SER B 356 18.92 32.85 -32.25
CA SER B 356 17.67 32.54 -31.57
C SER B 356 16.54 32.48 -32.58
N ASN B 357 15.53 31.67 -32.26
CA ASN B 357 14.32 31.52 -33.06
C ASN B 357 14.65 31.16 -34.51
N CYS B 358 15.62 30.27 -34.67
CA CYS B 358 15.97 29.71 -35.97
C CYS B 358 16.69 28.39 -35.72
N VAL B 359 16.97 27.66 -36.80
CA VAL B 359 17.64 26.37 -36.73
C VAL B 359 19.13 26.59 -36.92
N ALA B 360 19.92 26.33 -35.88
CA ALA B 360 21.35 26.61 -35.90
C ALA B 360 22.10 25.52 -36.68
N ASP B 361 21.75 25.40 -37.96
CA ASP B 361 22.35 24.41 -38.84
C ASP B 361 23.54 25.06 -39.55
N TYR B 362 24.62 25.25 -38.79
CA TYR B 362 25.87 25.77 -39.29
C TYR B 362 26.87 24.66 -39.62
N SER B 363 26.43 23.40 -39.54
CA SER B 363 27.34 22.29 -39.78
C SER B 363 27.65 22.12 -41.26
N VAL B 364 26.75 22.60 -42.14
CA VAL B 364 27.05 22.55 -43.57
C VAL B 364 28.26 23.41 -43.90
N LEU B 365 28.40 24.55 -43.21
CA LEU B 365 29.53 25.44 -43.43
C LEU B 365 30.87 24.78 -43.13
N TYR B 366 30.86 23.66 -42.40
CA TYR B 366 32.09 22.90 -42.22
C TYR B 366 32.73 22.55 -43.55
N ASN B 367 31.92 22.31 -44.58
CA ASN B 367 32.43 22.02 -45.91
C ASN B 367 32.80 23.27 -46.71
N PHE B 368 32.33 24.45 -46.28
CA PHE B 368 32.64 25.67 -47.03
C PHE B 368 34.08 26.12 -46.79
N ALA B 369 34.56 26.01 -45.55
CA ALA B 369 35.91 26.40 -45.22
C ALA B 369 36.61 25.27 -44.47
N PRO B 370 37.92 25.12 -44.63
CA PRO B 370 38.62 24.03 -43.92
C PRO B 370 38.84 24.35 -42.45
N PHE B 371 37.83 24.09 -41.62
CA PHE B 371 37.95 24.37 -40.20
C PHE B 371 39.02 23.49 -39.57
N PHE B 372 40.06 24.13 -39.02
CA PHE B 372 41.20 23.42 -38.47
C PHE B 372 41.09 23.19 -36.96
N ALA B 373 40.97 24.25 -36.18
CA ALA B 373 40.90 24.16 -34.72
C ALA B 373 39.42 24.05 -34.35
N PHE B 374 38.90 22.83 -34.40
CA PHE B 374 37.51 22.53 -34.09
C PHE B 374 37.44 21.94 -32.68
N LYS B 375 37.55 22.80 -31.67
CA LYS B 375 37.47 22.36 -30.28
C LYS B 375 36.09 22.67 -29.72
N CYS B 376 35.21 21.68 -29.77
CA CYS B 376 33.87 21.78 -29.19
C CYS B 376 33.92 21.11 -27.82
N TYR B 377 33.89 21.92 -26.76
CA TYR B 377 34.14 21.43 -25.41
C TYR B 377 32.89 20.89 -24.73
N GLY B 378 31.70 21.36 -25.08
CA GLY B 378 30.49 20.88 -24.45
C GLY B 378 29.59 20.06 -25.36
N VAL B 379 29.50 20.45 -26.63
CA VAL B 379 28.69 19.75 -27.62
C VAL B 379 29.42 19.86 -28.95
N SER B 380 29.46 18.75 -29.70
CA SER B 380 30.22 18.67 -30.95
C SER B 380 29.29 18.25 -32.09
N PRO B 381 28.46 19.17 -32.59
CA PRO B 381 27.51 18.80 -33.62
C PRO B 381 28.10 18.77 -35.02
N THR B 382 28.06 17.61 -35.67
CA THR B 382 28.27 17.57 -37.12
C THR B 382 26.98 17.89 -37.86
N LYS B 383 25.92 18.15 -37.11
CA LYS B 383 24.61 18.59 -37.58
C LYS B 383 23.79 19.10 -36.40
N LEU B 384 23.02 20.17 -36.57
CA LEU B 384 22.46 20.88 -35.42
C LEU B 384 21.15 21.57 -35.82
N ASN B 385 20.03 20.91 -35.52
CA ASN B 385 18.75 21.41 -36.02
C ASN B 385 17.55 21.30 -35.07
N ASP B 386 17.71 20.92 -33.80
CA ASP B 386 16.52 20.60 -33.03
C ASP B 386 16.23 21.56 -31.89
N LEU B 387 17.13 21.69 -30.91
CA LEU B 387 16.80 22.32 -29.64
C LEU B 387 16.67 23.83 -29.79
N CYS B 388 15.73 24.41 -29.05
CA CYS B 388 15.58 25.86 -28.95
C CYS B 388 16.16 26.32 -27.62
N PHE B 389 16.94 27.40 -27.67
CA PHE B 389 17.62 27.90 -26.47
C PHE B 389 17.49 29.41 -26.43
N THR B 390 17.64 29.97 -25.22
CA THR B 390 17.45 31.41 -25.03
C THR B 390 18.70 32.19 -25.42
N ASN B 391 19.80 31.94 -24.73
CA ASN B 391 21.02 32.73 -24.90
C ASN B 391 22.11 31.91 -25.57
N VAL B 392 22.84 32.53 -26.49
CA VAL B 392 23.91 31.88 -27.23
C VAL B 392 25.27 32.49 -26.95
N TYR B 393 25.32 33.81 -26.70
CA TYR B 393 26.56 34.56 -26.51
C TYR B 393 27.66 34.10 -27.48
N ALA B 394 27.34 34.14 -28.77
CA ALA B 394 28.32 33.78 -29.78
C ALA B 394 29.31 34.91 -29.99
N ASP B 395 30.54 34.55 -30.32
CA ASP B 395 31.65 35.50 -30.43
C ASP B 395 32.39 35.29 -31.73
N SER B 396 33.01 36.35 -32.24
CA SER B 396 33.82 36.30 -33.44
C SER B 396 35.22 36.79 -33.11
N PHE B 397 36.23 36.03 -33.51
CA PHE B 397 37.62 36.30 -33.17
C PHE B 397 38.50 36.23 -34.42
N VAL B 398 39.63 36.91 -34.36
CA VAL B 398 40.68 36.80 -35.37
C VAL B 398 41.99 36.66 -34.61
N ILE B 399 42.62 35.49 -34.70
CA ILE B 399 43.77 35.15 -33.87
C ILE B 399 44.84 34.47 -34.73
N LYS B 400 45.95 34.12 -34.08
CA LYS B 400 47.05 33.41 -34.70
C LYS B 400 46.79 31.90 -34.66
N GLY B 401 47.81 31.12 -35.01
CA GLY B 401 47.70 29.67 -34.98
C GLY B 401 48.18 29.03 -33.70
N ASN B 402 49.41 29.34 -33.29
CA ASN B 402 49.99 28.73 -32.10
C ASN B 402 49.59 29.50 -30.85
N GLU B 403 48.28 29.72 -30.69
CA GLU B 403 47.75 30.40 -29.52
C GLU B 403 46.46 29.77 -29.01
N VAL B 404 45.96 28.71 -29.65
CA VAL B 404 44.70 28.11 -29.26
C VAL B 404 44.85 27.35 -27.95
N SER B 405 46.08 27.10 -27.52
CA SER B 405 46.31 26.44 -26.24
C SER B 405 45.68 27.23 -25.09
N GLN B 406 45.57 28.55 -25.25
CA GLN B 406 44.91 29.38 -24.26
C GLN B 406 43.40 29.41 -24.45
N ILE B 407 42.87 28.72 -25.46
CA ILE B 407 41.43 28.69 -25.73
C ILE B 407 40.91 27.37 -25.19
N ALA B 408 40.48 27.37 -23.95
CA ALA B 408 39.98 26.19 -23.26
C ALA B 408 39.15 26.65 -22.06
N PRO B 409 38.23 25.82 -21.58
CA PRO B 409 37.43 26.21 -20.41
C PRO B 409 38.30 26.38 -19.16
N GLY B 410 38.14 27.53 -18.52
CA GLY B 410 38.89 27.81 -17.31
C GLY B 410 40.36 28.04 -17.52
N GLN B 411 40.78 28.31 -18.74
CA GLN B 411 42.18 28.49 -19.07
C GLN B 411 42.64 29.90 -18.68
N THR B 412 43.95 30.03 -18.48
CA THR B 412 44.59 31.32 -18.25
C THR B 412 45.63 31.56 -19.33
N GLY B 413 45.82 32.83 -19.68
CA GLY B 413 46.76 33.20 -20.70
C GLY B 413 46.43 34.57 -21.28
N ASN B 414 47.02 34.85 -22.45
CA ASN B 414 46.82 36.15 -23.08
C ASN B 414 45.35 36.39 -23.42
N ILE B 415 44.69 35.41 -24.04
CA ILE B 415 43.30 35.60 -24.43
C ILE B 415 42.41 35.69 -23.19
N ALA B 416 42.63 34.80 -22.23
CA ALA B 416 41.78 34.76 -21.04
C ALA B 416 41.96 35.99 -20.16
N ASP B 417 43.20 36.47 -20.03
CA ASP B 417 43.45 37.58 -19.10
C ASP B 417 43.46 38.93 -19.79
N TYR B 418 43.38 38.97 -21.12
CA TYR B 418 43.48 40.24 -21.83
C TYR B 418 42.34 40.43 -22.81
N ASN B 419 41.90 39.34 -23.48
CA ASN B 419 40.89 39.43 -24.52
C ASN B 419 39.53 38.93 -24.06
N TYR B 420 39.45 37.68 -23.62
CA TYR B 420 38.20 37.09 -23.20
C TYR B 420 38.49 35.83 -22.40
N LYS B 421 37.96 35.77 -21.17
CA LYS B 421 38.16 34.63 -20.29
C LYS B 421 37.11 33.57 -20.58
N LEU B 422 37.55 32.35 -20.82
CA LEU B 422 36.62 31.24 -21.00
C LEU B 422 36.26 30.65 -19.64
N PRO B 423 34.96 30.50 -19.34
CA PRO B 423 34.56 30.00 -18.03
C PRO B 423 35.03 28.57 -17.81
N ASP B 424 35.09 28.18 -16.53
CA ASP B 424 35.42 26.79 -16.20
C ASP B 424 34.42 25.83 -16.84
N ASP B 425 33.14 26.18 -16.79
CA ASP B 425 32.09 25.41 -17.46
C ASP B 425 31.77 26.07 -18.80
N PHE B 426 32.78 26.11 -19.66
CA PHE B 426 32.62 26.65 -21.01
C PHE B 426 32.23 25.51 -21.95
N THR B 427 30.95 25.43 -22.28
CA THR B 427 30.41 24.39 -23.14
C THR B 427 30.02 25.05 -24.46
N GLY B 428 30.95 25.03 -25.41
CA GLY B 428 30.71 25.64 -26.71
C GLY B 428 31.77 25.21 -27.68
N CYS B 429 31.58 25.64 -28.93
CA CYS B 429 32.47 25.27 -30.03
C CYS B 429 33.38 26.45 -30.35
N VAL B 430 34.68 26.25 -30.16
CA VAL B 430 35.69 27.16 -30.69
C VAL B 430 36.12 26.63 -32.05
N ILE B 431 35.73 27.34 -33.11
CA ILE B 431 36.03 26.92 -34.47
C ILE B 431 36.93 27.96 -35.10
N ALA B 432 38.20 27.63 -35.23
CA ALA B 432 39.18 28.49 -35.89
C ALA B 432 39.53 27.87 -37.24
N TRP B 433 39.49 28.71 -38.27
CA TRP B 433 39.86 28.24 -39.60
C TRP B 433 40.83 29.21 -40.23
N ASN B 434 41.79 28.65 -40.96
CA ASN B 434 42.77 29.46 -41.67
C ASN B 434 42.11 30.20 -42.83
N SER B 435 42.48 31.47 -42.97
CA SER B 435 41.85 32.35 -43.93
C SER B 435 42.91 33.09 -44.76
N ASN B 436 43.91 32.35 -45.24
CA ASN B 436 44.92 32.95 -46.10
C ASN B 436 44.30 33.50 -47.38
N LYS B 437 43.37 32.76 -47.97
CA LYS B 437 42.76 33.14 -49.23
C LYS B 437 41.79 34.30 -49.10
N LEU B 438 41.40 34.69 -47.88
CA LEU B 438 40.47 35.80 -47.71
C LEU B 438 40.85 36.76 -46.58
N ASP B 439 41.99 36.58 -45.93
CA ASP B 439 42.45 37.51 -44.91
C ASP B 439 43.94 37.80 -45.04
N SER B 440 44.48 37.72 -46.25
CA SER B 440 45.87 38.03 -46.51
C SER B 440 45.97 38.88 -47.77
N LYS B 441 47.01 39.71 -47.82
CA LYS B 441 47.22 40.60 -48.94
C LYS B 441 48.72 40.72 -49.22
N HIS B 442 49.05 41.14 -50.44
CA HIS B 442 50.44 41.19 -50.86
C HIS B 442 51.22 42.23 -50.06
N SER B 443 50.62 43.39 -49.80
CA SER B 443 51.33 44.49 -49.14
C SER B 443 51.28 44.41 -47.62
N GLY B 444 50.56 43.45 -47.05
CA GLY B 444 50.49 43.33 -45.61
C GLY B 444 49.14 43.71 -45.04
N ASN B 445 48.50 42.78 -44.32
CA ASN B 445 47.17 43.00 -43.77
C ASN B 445 47.28 43.45 -42.32
N TYR B 446 47.82 44.66 -42.15
CA TYR B 446 47.98 45.28 -40.84
C TYR B 446 46.67 45.97 -40.42
N ASP B 447 45.64 45.16 -40.17
CA ASP B 447 44.32 45.67 -39.86
C ASP B 447 43.68 45.05 -38.62
N TYR B 448 44.02 43.82 -38.26
CA TYR B 448 43.37 43.11 -37.16
C TYR B 448 44.21 43.30 -35.89
N TRP B 449 43.72 44.14 -34.99
CA TRP B 449 44.38 44.42 -33.72
C TRP B 449 43.89 43.45 -32.65
N TYR B 450 44.81 43.07 -31.77
CA TYR B 450 44.49 42.23 -30.62
C TYR B 450 45.09 42.86 -29.38
N ARG B 451 44.40 42.69 -28.24
CA ARG B 451 44.86 43.32 -27.01
C ARG B 451 45.93 42.46 -26.33
N LEU B 452 47.11 43.05 -26.13
CA LEU B 452 48.21 42.39 -25.45
C LEU B 452 48.40 42.86 -24.02
N PHE B 453 48.07 44.10 -23.69
CA PHE B 453 48.28 44.65 -22.36
C PHE B 453 46.99 45.26 -21.84
N ARG B 454 46.70 44.98 -20.57
CA ARG B 454 45.51 45.48 -19.89
C ARG B 454 45.70 45.33 -18.40
N LYS B 455 45.41 46.38 -17.65
CA LYS B 455 45.53 46.37 -16.20
C LYS B 455 44.26 45.87 -15.53
N SER B 456 43.78 44.71 -15.97
CA SER B 456 42.57 44.09 -15.44
C SER B 456 42.47 42.69 -16.03
N LYS B 457 41.76 41.81 -15.33
CA LYS B 457 41.56 40.44 -15.74
C LYS B 457 40.13 40.23 -16.21
N LEU B 458 39.99 39.62 -17.39
CA LEU B 458 38.69 39.34 -17.97
C LEU B 458 37.99 38.23 -17.19
N LYS B 459 36.66 38.31 -17.17
CA LYS B 459 35.80 37.33 -16.54
C LYS B 459 34.94 36.66 -17.62
N PRO B 460 34.38 35.48 -17.33
CA PRO B 460 33.53 34.81 -18.31
C PRO B 460 32.33 35.67 -18.72
N PHE B 461 31.98 35.58 -19.99
CA PHE B 461 30.83 36.31 -20.56
C PHE B 461 30.95 37.81 -20.31
N GLU B 462 32.14 38.34 -20.59
CA GLU B 462 32.42 39.76 -20.44
C GLU B 462 32.98 40.31 -21.74
N ARG B 463 32.70 41.59 -21.99
CA ARG B 463 33.28 42.32 -23.10
C ARG B 463 34.18 43.42 -22.55
N ASP B 464 35.41 43.47 -23.05
CA ASP B 464 36.36 44.50 -22.66
C ASP B 464 36.28 45.68 -23.62
N ILE B 465 35.98 46.86 -23.08
CA ILE B 465 35.80 48.06 -23.88
C ILE B 465 36.94 49.02 -23.58
N SER B 466 37.66 48.78 -22.49
CA SER B 466 38.69 49.69 -22.04
C SER B 466 39.78 49.84 -23.10
N THR B 467 39.84 51.02 -23.71
CA THR B 467 40.83 51.34 -24.73
C THR B 467 42.01 52.13 -24.17
N GLU B 468 42.13 52.20 -22.86
CA GLU B 468 43.22 52.98 -22.25
C GLU B 468 44.56 52.26 -22.46
N ILE B 469 45.60 53.06 -22.67
CA ILE B 469 46.94 52.51 -22.80
C ILE B 469 47.39 51.97 -21.45
N TYR B 470 47.88 50.73 -21.45
CA TYR B 470 48.27 50.09 -20.21
C TYR B 470 49.47 50.78 -19.58
N GLN B 471 49.40 50.97 -18.26
CA GLN B 471 50.47 51.65 -17.53
C GLN B 471 51.35 50.60 -16.86
N ALA B 472 52.65 50.62 -17.18
CA ALA B 472 53.62 49.71 -16.59
C ALA B 472 54.76 50.43 -15.88
N GLY B 473 54.71 51.76 -15.79
CA GLY B 473 55.76 52.52 -15.15
C GLY B 473 55.21 53.43 -14.07
N ASN B 474 56.10 53.85 -13.17
CA ASN B 474 55.69 54.75 -12.10
C ASN B 474 55.24 56.09 -12.64
N LYS B 475 55.95 56.62 -13.64
CA LYS B 475 55.58 57.89 -14.23
C LYS B 475 54.26 57.76 -14.99
N PRO B 476 53.48 58.84 -15.09
CA PRO B 476 52.22 58.77 -15.84
C PRO B 476 52.46 58.41 -17.30
N CYS B 477 51.54 57.63 -17.85
CA CYS B 477 51.70 57.07 -19.19
C CYS B 477 50.97 57.95 -20.20
N LYS B 478 51.72 58.58 -21.10
CA LYS B 478 51.16 59.40 -22.17
C LYS B 478 52.02 59.22 -23.41
N GLY B 479 51.54 58.42 -24.36
CA GLY B 479 52.24 58.21 -25.61
C GLY B 479 53.32 57.15 -25.52
N LYS B 480 54.00 56.96 -26.65
CA LYS B 480 55.09 55.99 -26.73
C LYS B 480 56.36 56.59 -26.12
N GLY B 481 57.50 55.93 -26.32
CA GLY B 481 58.70 56.31 -25.63
C GLY B 481 59.05 55.33 -24.53
N PRO B 482 58.73 55.69 -23.29
CA PRO B 482 58.97 54.76 -22.17
C PRO B 482 58.08 53.54 -22.25
N ASN B 483 58.08 52.71 -21.19
CA ASN B 483 57.42 51.41 -21.24
C ASN B 483 55.91 51.63 -21.28
N CYS B 484 55.45 52.14 -22.43
CA CYS B 484 54.04 52.40 -22.68
C CYS B 484 53.71 51.95 -24.09
N TYR B 485 53.17 50.73 -24.20
CA TYR B 485 52.82 50.15 -25.48
C TYR B 485 51.37 50.44 -25.80
N PHE B 486 51.10 50.63 -27.08
CA PHE B 486 49.72 50.76 -27.53
C PHE B 486 48.99 49.45 -27.24
N PRO B 487 47.80 49.49 -26.60
CA PRO B 487 47.17 48.28 -26.08
C PRO B 487 46.57 47.38 -27.15
N LEU B 488 46.86 47.69 -28.41
CA LEU B 488 46.45 46.84 -29.52
C LEU B 488 47.66 46.61 -30.43
N GLN B 489 48.00 45.34 -30.64
CA GLN B 489 49.04 44.95 -31.58
C GLN B 489 48.38 44.51 -32.87
N SER B 490 48.85 45.02 -34.00
CA SER B 490 48.28 44.69 -35.29
C SER B 490 48.88 43.40 -35.82
N TYR B 491 48.03 42.45 -36.20
CA TYR B 491 48.50 41.22 -36.81
C TYR B 491 49.16 41.53 -38.15
N GLY B 492 50.37 41.04 -38.35
CA GLY B 492 51.05 41.19 -39.62
C GLY B 492 50.78 40.03 -40.55
N PHE B 493 49.53 39.94 -41.02
CA PHE B 493 49.12 38.79 -41.82
C PHE B 493 49.86 38.77 -43.15
N ARG B 494 50.65 37.71 -43.37
CA ARG B 494 51.42 37.48 -44.57
C ARG B 494 51.09 36.10 -45.16
N PRO B 495 51.21 35.93 -46.48
CA PRO B 495 50.92 34.61 -47.07
C PRO B 495 52.03 33.59 -46.83
N THR B 496 53.23 34.01 -46.43
CA THR B 496 54.35 33.10 -46.25
C THR B 496 54.46 32.55 -44.83
N TYR B 497 53.63 33.02 -43.90
CA TYR B 497 53.72 32.55 -42.53
C TYR B 497 53.17 31.13 -42.39
N GLY B 498 53.56 30.48 -41.30
CA GLY B 498 53.19 29.10 -41.06
C GLY B 498 51.86 28.97 -40.35
N VAL B 499 51.55 27.73 -39.97
CA VAL B 499 50.27 27.43 -39.34
C VAL B 499 50.11 28.20 -38.04
N GLY B 500 51.20 28.38 -37.29
CA GLY B 500 51.13 29.11 -36.04
C GLY B 500 50.99 30.60 -36.19
N HIS B 501 51.15 31.13 -37.41
CA HIS B 501 50.99 32.55 -37.66
C HIS B 501 49.94 32.87 -38.72
N GLN B 502 49.43 31.88 -39.44
CA GLN B 502 48.40 32.13 -40.43
C GLN B 502 47.12 32.62 -39.74
N PRO B 503 46.38 33.53 -40.37
CA PRO B 503 45.18 34.06 -39.74
C PRO B 503 44.13 32.99 -39.51
N TYR B 504 43.64 32.92 -38.28
CA TYR B 504 42.46 32.12 -37.94
C TYR B 504 41.28 33.02 -37.68
N ARG B 505 40.20 32.78 -38.41
CA ARG B 505 38.89 33.38 -38.16
C ARG B 505 38.14 32.39 -37.28
N VAL B 506 37.57 32.87 -36.18
CA VAL B 506 37.11 32.01 -35.10
C VAL B 506 35.65 32.34 -34.78
N VAL B 507 34.82 31.31 -34.68
CA VAL B 507 33.48 31.40 -34.13
C VAL B 507 33.46 30.68 -32.79
N VAL B 508 33.03 31.38 -31.75
CA VAL B 508 32.98 30.83 -30.40
C VAL B 508 31.50 30.72 -30.02
N LEU B 509 31.01 29.49 -29.90
CA LEU B 509 29.67 29.21 -29.38
C LEU B 509 29.83 28.92 -27.90
N SER B 510 29.27 29.79 -27.07
CA SER B 510 29.46 29.73 -25.62
C SER B 510 28.11 29.85 -24.92
N PHE B 511 27.49 28.71 -24.64
CA PHE B 511 26.24 28.71 -23.92
C PHE B 511 26.47 28.88 -22.42
N GLU B 512 25.40 29.18 -21.70
CA GLU B 512 25.46 29.35 -20.26
C GLU B 512 25.53 28.01 -19.54
N CYS B 521 21.41 23.84 -30.85
CA CYS B 521 20.22 23.03 -31.07
C CYS B 521 20.45 21.58 -30.68
N GLY B 522 19.77 20.67 -31.37
CA GLY B 522 19.90 19.25 -31.12
C GLY B 522 20.36 18.52 -32.36
N PRO B 523 21.42 17.72 -32.24
CA PRO B 523 22.00 17.03 -33.41
C PRO B 523 21.25 15.78 -33.85
N LYS B 524 20.54 15.91 -34.98
CA LYS B 524 19.95 14.78 -35.68
C LYS B 524 19.36 15.25 -37.01
N LYS B 525 19.65 14.50 -38.07
CA LYS B 525 19.12 14.82 -39.40
C LYS B 525 17.78 14.12 -39.60
N SER B 526 16.76 14.90 -39.98
CA SER B 526 15.42 14.34 -40.16
C SER B 526 15.42 13.24 -41.22
N THR B 527 14.64 12.19 -40.96
CA THR B 527 14.55 11.05 -41.86
C THR B 527 13.14 10.91 -42.41
N ASN B 528 13.00 10.00 -43.38
CA ASN B 528 11.73 9.77 -44.05
C ASN B 528 10.70 9.18 -43.09
N LEU B 529 9.43 9.54 -43.32
CA LEU B 529 8.34 9.06 -42.49
C LEU B 529 7.80 7.73 -42.98
N VAL B 530 7.72 6.75 -42.09
CA VAL B 530 7.15 5.45 -42.41
C VAL B 530 5.72 5.38 -41.89
N LYS B 531 4.90 4.50 -42.46
CA LYS B 531 3.52 4.35 -42.04
C LYS B 531 3.18 2.88 -41.90
N ASN B 532 2.22 2.59 -41.01
CA ASN B 532 1.65 1.26 -40.86
C ASN B 532 2.69 0.24 -40.43
N LYS B 533 3.74 0.73 -39.76
CA LYS B 533 4.81 -0.13 -39.25
C LYS B 533 5.07 0.24 -37.80
N CYS B 534 5.13 -0.76 -36.92
CA CYS B 534 5.48 -0.52 -35.53
C CYS B 534 6.90 0.03 -35.47
N VAL B 535 7.02 1.31 -35.13
CA VAL B 535 8.25 2.07 -35.33
C VAL B 535 8.39 3.07 -34.19
N ASN B 536 9.64 3.35 -33.80
CA ASN B 536 9.90 4.45 -32.89
C ASN B 536 9.81 5.78 -33.63
N PHE B 537 9.24 6.78 -32.98
CA PHE B 537 9.10 8.10 -33.58
C PHE B 537 9.60 9.15 -32.61
N ASN B 538 10.17 10.22 -33.16
CA ASN B 538 10.71 11.33 -32.38
C ASN B 538 10.26 12.66 -32.96
N PHE B 539 8.94 12.81 -33.13
CA PHE B 539 8.38 13.98 -33.79
C PHE B 539 8.61 15.26 -33.02
N ASN B 540 9.55 16.09 -33.47
CA ASN B 540 9.76 17.43 -32.92
C ASN B 540 10.03 17.38 -31.42
N GLY B 541 10.78 16.37 -30.98
CA GLY B 541 11.10 16.21 -29.58
C GLY B 541 10.13 15.34 -28.80
N LEU B 542 8.94 15.07 -29.35
CA LEU B 542 7.98 14.15 -28.74
C LEU B 542 8.34 12.74 -29.18
N THR B 543 8.79 11.91 -28.24
CA THR B 543 9.34 10.60 -28.54
C THR B 543 8.41 9.51 -28.02
N GLY B 544 8.28 8.45 -28.80
CA GLY B 544 7.47 7.31 -28.40
C GLY B 544 7.65 6.18 -29.39
N THR B 545 6.81 5.16 -29.24
CA THR B 545 6.77 4.02 -30.15
C THR B 545 5.33 3.74 -30.53
N GLY B 546 5.10 3.36 -31.77
CA GLY B 546 3.75 3.04 -32.18
C GLY B 546 3.65 2.87 -33.69
N VAL B 547 2.41 2.85 -34.16
CA VAL B 547 2.10 2.68 -35.58
C VAL B 547 1.39 3.94 -36.05
N LEU B 548 1.94 4.58 -37.07
CA LEU B 548 1.42 5.84 -37.59
C LEU B 548 0.60 5.56 -38.84
N THR B 549 -0.67 5.94 -38.81
CA THR B 549 -1.58 5.77 -39.93
C THR B 549 -2.13 7.13 -40.36
N LYS B 550 -3.06 7.12 -41.31
CA LYS B 550 -3.69 8.35 -41.77
C LYS B 550 -4.78 8.77 -40.79
N SER B 551 -4.84 10.05 -40.49
CA SER B 551 -5.77 10.59 -39.51
C SER B 551 -6.82 11.46 -40.19
N ASN B 552 -8.08 11.31 -39.75
CA ASN B 552 -9.16 12.16 -40.19
C ASN B 552 -9.47 13.27 -39.19
N LYS B 553 -8.64 13.40 -38.15
CA LYS B 553 -8.80 14.45 -37.14
C LYS B 553 -8.27 15.76 -37.69
N LYS B 554 -9.09 16.80 -37.62
CA LYS B 554 -8.73 18.11 -38.15
C LYS B 554 -8.16 18.97 -37.03
N PHE B 555 -6.92 19.41 -37.19
CA PHE B 555 -6.29 20.30 -36.23
C PHE B 555 -6.54 21.76 -36.60
N LEU B 556 -6.73 22.59 -35.58
CA LEU B 556 -6.64 24.01 -35.79
C LEU B 556 -5.20 24.38 -36.08
N PRO B 557 -4.95 25.39 -36.92
CA PRO B 557 -3.58 25.61 -37.41
C PRO B 557 -2.67 26.24 -36.38
N PHE B 558 -2.77 25.80 -35.13
CA PHE B 558 -1.77 26.06 -34.12
C PHE B 558 -1.47 24.88 -33.22
N GLN B 559 -2.30 23.84 -33.25
CA GLN B 559 -2.15 22.71 -32.34
C GLN B 559 -1.19 21.69 -32.93
N GLN B 560 -0.22 21.26 -32.13
CA GLN B 560 0.78 20.28 -32.54
C GLN B 560 0.43 18.87 -32.07
N PHE B 561 0.25 18.70 -30.76
CA PHE B 561 0.01 17.39 -30.19
C PHE B 561 -1.47 17.02 -30.30
N GLY B 562 -1.85 15.91 -29.67
CA GLY B 562 -3.23 15.48 -29.62
C GLY B 562 -3.42 14.46 -28.52
N ARG B 563 -4.37 14.70 -27.62
CA ARG B 563 -4.55 13.88 -26.43
C ARG B 563 -5.96 13.29 -26.40
N ASP B 564 -6.27 12.65 -25.27
CA ASP B 564 -7.56 12.04 -25.04
C ASP B 564 -7.83 12.09 -23.54
N ILE B 565 -8.97 11.51 -23.13
CA ILE B 565 -9.31 11.48 -21.71
C ILE B 565 -8.28 10.68 -20.93
N VAL B 566 -7.63 9.71 -21.59
CA VAL B 566 -6.54 8.97 -20.98
C VAL B 566 -5.30 9.86 -20.80
N ASP B 567 -5.23 10.97 -21.54
CA ASP B 567 -4.08 11.88 -21.53
C ASP B 567 -2.83 11.19 -22.09
N THR B 568 -2.98 10.60 -23.28
CA THR B 568 -1.87 10.04 -24.04
C THR B 568 -1.87 10.67 -25.42
N THR B 569 -0.68 10.84 -25.99
CA THR B 569 -0.54 11.45 -27.31
C THR B 569 -1.17 10.53 -28.35
N ASP B 570 -2.34 10.91 -28.85
CA ASP B 570 -3.06 10.09 -29.82
C ASP B 570 -2.75 10.43 -31.27
N ALA B 571 -2.57 11.71 -31.58
CA ALA B 571 -2.35 12.13 -32.96
C ALA B 571 -1.33 13.27 -32.96
N VAL B 572 -0.38 13.22 -33.88
CA VAL B 572 0.64 14.24 -34.04
C VAL B 572 0.58 14.75 -35.48
N ARG B 573 0.75 16.06 -35.65
CA ARG B 573 0.88 16.63 -36.97
C ARG B 573 2.36 16.73 -37.34
N ASP B 574 2.68 16.35 -38.57
CA ASP B 574 4.06 16.30 -39.03
C ASP B 574 4.71 17.67 -38.95
N PRO B 575 5.84 17.81 -38.27
CA PRO B 575 6.54 19.11 -38.26
C PRO B 575 7.01 19.55 -39.64
N GLN B 576 7.28 18.60 -40.53
CA GLN B 576 7.92 18.92 -41.81
C GLN B 576 6.91 19.10 -42.94
N THR B 577 6.10 18.07 -43.20
CA THR B 577 5.12 18.13 -44.28
C THR B 577 3.77 18.63 -43.82
N LEU B 578 3.64 19.01 -42.54
CA LEU B 578 2.43 19.64 -42.01
C LEU B 578 1.20 18.74 -42.16
N GLU B 579 1.38 17.43 -41.96
CA GLU B 579 0.31 16.46 -42.13
C GLU B 579 0.01 15.78 -40.79
N ILE B 580 -1.26 15.41 -40.61
CA ILE B 580 -1.75 14.86 -39.36
C ILE B 580 -1.78 13.34 -39.46
N LEU B 581 -1.40 12.67 -38.37
CA LEU B 581 -1.36 11.21 -38.35
C LEU B 581 -1.44 10.72 -36.90
N ASP B 582 -2.21 9.65 -36.70
CA ASP B 582 -2.44 9.11 -35.37
C ASP B 582 -1.32 8.16 -34.95
N ILE B 583 -1.33 7.80 -33.67
CA ILE B 583 -0.20 7.14 -33.01
C ILE B 583 -0.63 5.81 -32.41
N THR B 584 -1.52 5.10 -33.12
CA THR B 584 -1.96 3.76 -32.69
C THR B 584 -0.77 2.93 -32.21
N PRO B 585 -0.79 2.47 -30.96
CA PRO B 585 0.40 1.83 -30.39
C PRO B 585 0.65 0.45 -30.97
N CYS B 586 1.88 -0.02 -30.80
CA CYS B 586 2.26 -1.33 -31.27
C CYS B 586 1.47 -2.41 -30.54
N SER B 587 1.17 -3.48 -31.26
CA SER B 587 0.40 -4.59 -30.68
C SER B 587 1.16 -5.23 -29.54
N PHE B 588 0.43 -5.63 -28.51
CA PHE B 588 1.02 -6.27 -27.34
C PHE B 588 -0.08 -7.04 -26.62
N GLY B 589 0.32 -7.78 -25.61
CA GLY B 589 -0.62 -8.52 -24.80
C GLY B 589 0.09 -9.61 -24.04
N GLY B 590 -0.71 -10.48 -23.44
CA GLY B 590 -0.19 -11.63 -22.73
C GLY B 590 -0.26 -12.88 -23.59
N VAL B 591 0.73 -13.76 -23.40
CA VAL B 591 0.71 -15.09 -23.99
C VAL B 591 0.55 -16.09 -22.86
N SER B 592 -0.25 -17.12 -23.11
CA SER B 592 -0.53 -18.15 -22.12
C SER B 592 -0.19 -19.50 -22.72
N VAL B 593 0.25 -20.42 -21.86
CA VAL B 593 0.68 -21.75 -22.30
C VAL B 593 -0.30 -22.78 -21.77
N ILE B 594 -0.92 -23.53 -22.68
CA ILE B 594 -1.87 -24.58 -22.34
C ILE B 594 -1.15 -25.90 -22.46
N THR B 595 -1.10 -26.66 -21.37
CA THR B 595 -0.39 -27.92 -21.36
C THR B 595 -1.27 -29.00 -20.73
N PRO B 596 -1.13 -30.25 -21.18
CA PRO B 596 -1.84 -31.36 -20.53
C PRO B 596 -1.12 -31.96 -19.35
N GLY B 597 -0.09 -31.30 -18.84
CA GLY B 597 0.70 -31.83 -17.74
C GLY B 597 2.00 -32.43 -18.22
N THR B 598 3.03 -32.31 -17.37
CA THR B 598 4.34 -32.86 -17.72
C THR B 598 4.28 -34.37 -17.86
N ASN B 599 3.59 -35.05 -16.93
CA ASN B 599 3.53 -36.50 -16.96
C ASN B 599 2.80 -37.01 -18.20
N THR B 600 1.70 -36.36 -18.58
CA THR B 600 0.90 -36.84 -19.70
C THR B 600 1.66 -36.73 -21.01
N SER B 601 2.22 -35.56 -21.29
CA SER B 601 2.89 -35.31 -22.56
C SER B 601 3.79 -34.09 -22.41
N ASN B 602 4.36 -33.64 -23.53
CA ASN B 602 5.16 -32.43 -23.57
C ASN B 602 4.69 -31.43 -24.62
N GLN B 603 3.82 -31.82 -25.54
CA GLN B 603 3.27 -30.88 -26.50
C GLN B 603 2.41 -29.84 -25.78
N VAL B 604 2.46 -28.61 -26.27
CA VAL B 604 1.77 -27.50 -25.64
C VAL B 604 1.09 -26.65 -26.71
N ALA B 605 0.27 -25.72 -26.23
CA ALA B 605 -0.37 -24.72 -27.09
C ALA B 605 -0.09 -23.34 -26.52
N VAL B 606 -0.08 -22.32 -27.37
CA VAL B 606 0.12 -20.96 -26.92
C VAL B 606 -1.00 -20.07 -27.43
N LEU B 607 -1.61 -19.34 -26.50
CA LEU B 607 -2.65 -18.37 -26.79
C LEU B 607 -2.05 -16.98 -26.67
N TYR B 608 -1.86 -16.31 -27.80
CA TYR B 608 -1.52 -14.89 -27.85
C TYR B 608 -2.83 -14.14 -27.69
N GLN B 609 -3.05 -13.62 -26.49
CA GLN B 609 -4.35 -13.06 -26.15
C GLN B 609 -4.59 -11.74 -26.86
N GLY B 610 -5.80 -11.59 -27.40
CA GLY B 610 -6.24 -10.33 -27.98
C GLY B 610 -5.42 -9.82 -29.14
N VAL B 611 -5.12 -10.67 -30.11
CA VAL B 611 -4.33 -10.28 -31.26
C VAL B 611 -4.85 -11.01 -32.50
N ASN B 612 -4.73 -10.34 -33.65
CA ASN B 612 -5.13 -10.94 -34.92
C ASN B 612 -4.13 -12.03 -35.32
N CYS B 613 -4.66 -13.15 -35.81
CA CYS B 613 -3.79 -14.22 -36.29
C CYS B 613 -2.95 -13.77 -37.48
N THR B 614 -3.54 -12.99 -38.38
CA THR B 614 -2.75 -12.44 -39.48
C THR B 614 -1.63 -11.56 -38.96
N GLU B 615 -1.94 -10.71 -37.97
CA GLU B 615 -0.92 -9.82 -37.41
C GLU B 615 0.18 -10.60 -36.72
N VAL B 616 -0.18 -11.60 -35.91
CA VAL B 616 0.83 -12.36 -35.19
C VAL B 616 1.67 -13.20 -36.15
N SER B 617 1.04 -13.74 -37.20
CA SER B 617 1.79 -14.50 -38.20
C SER B 617 2.76 -13.60 -38.95
N VAL B 618 2.33 -12.39 -39.31
CA VAL B 618 3.22 -11.45 -39.98
C VAL B 618 4.39 -11.07 -39.06
N ALA B 619 4.09 -10.81 -37.79
CA ALA B 619 5.13 -10.49 -36.83
C ALA B 619 6.12 -11.64 -36.68
N ILE B 620 5.61 -12.88 -36.66
CA ILE B 620 6.48 -14.05 -36.61
C ILE B 620 7.37 -14.09 -37.86
N HIS B 621 6.79 -13.80 -39.02
CA HIS B 621 7.56 -13.90 -40.26
C HIS B 621 8.73 -12.93 -40.27
N ALA B 622 8.46 -11.65 -40.02
CA ALA B 622 9.53 -10.65 -40.05
C ALA B 622 10.12 -10.39 -38.66
N ASP B 623 10.42 -11.46 -37.93
CA ASP B 623 11.16 -11.42 -36.67
C ASP B 623 10.76 -10.23 -35.80
N GLN B 624 9.48 -10.23 -35.37
CA GLN B 624 8.94 -9.09 -34.65
C GLN B 624 8.43 -9.42 -33.25
N LEU B 625 8.34 -10.69 -32.87
CA LEU B 625 7.81 -11.04 -31.56
C LEU B 625 8.93 -11.18 -30.53
N THR B 626 8.66 -10.70 -29.32
CA THR B 626 9.59 -10.72 -28.20
C THR B 626 9.73 -12.11 -27.58
N PRO B 627 8.65 -12.91 -27.45
CA PRO B 627 8.84 -14.30 -27.00
C PRO B 627 9.51 -15.12 -28.09
N THR B 628 10.85 -15.08 -28.09
CA THR B 628 11.64 -15.49 -29.25
C THR B 628 11.32 -16.91 -29.70
N TRP B 629 10.89 -17.79 -28.80
CA TRP B 629 10.52 -19.13 -29.22
C TRP B 629 9.31 -19.08 -30.15
N ARG B 630 9.38 -19.81 -31.25
CA ARG B 630 8.28 -19.93 -32.19
C ARG B 630 7.72 -21.35 -32.13
N VAL B 631 6.44 -21.46 -31.80
CA VAL B 631 5.75 -22.74 -31.97
C VAL B 631 5.68 -23.04 -33.46
N TYR B 632 6.05 -24.27 -33.84
CA TYR B 632 6.15 -24.60 -35.25
C TYR B 632 4.80 -24.49 -35.94
N SER B 633 4.65 -23.49 -36.81
CA SER B 633 3.42 -23.33 -37.55
C SER B 633 3.33 -24.40 -38.64
N THR B 634 2.19 -25.10 -38.68
CA THR B 634 1.97 -26.16 -39.64
C THR B 634 1.00 -25.76 -40.74
N GLY B 635 0.29 -24.64 -40.57
CA GLY B 635 -0.78 -24.27 -41.46
C GLY B 635 -2.16 -24.69 -40.99
N SER B 636 -2.24 -25.63 -40.06
CA SER B 636 -3.48 -26.03 -39.43
C SER B 636 -3.46 -25.92 -37.92
N ASN B 637 -2.29 -25.73 -37.31
CA ASN B 637 -2.16 -25.59 -35.87
C ASN B 637 -2.35 -24.14 -35.41
N VAL B 638 -2.99 -23.30 -36.21
CA VAL B 638 -3.27 -21.92 -35.87
C VAL B 638 -4.78 -21.73 -35.85
N PHE B 639 -5.30 -21.21 -34.74
CA PHE B 639 -6.73 -20.98 -34.60
C PHE B 639 -6.96 -19.54 -34.16
N GLN B 640 -8.10 -19.00 -34.57
CA GLN B 640 -8.50 -17.63 -34.24
C GLN B 640 -9.76 -17.66 -33.39
N THR B 641 -9.79 -16.85 -32.33
CA THR B 641 -10.96 -16.75 -31.48
C THR B 641 -10.97 -15.38 -30.81
N ARG B 642 -12.11 -15.04 -30.21
CA ARG B 642 -12.25 -13.73 -29.59
C ARG B 642 -11.26 -13.53 -28.44
N ALA B 643 -10.76 -14.61 -27.86
CA ALA B 643 -9.73 -14.50 -26.83
C ALA B 643 -8.37 -14.17 -27.42
N GLY B 644 -8.09 -14.58 -28.64
CA GLY B 644 -6.82 -14.30 -29.27
C GLY B 644 -6.51 -15.35 -30.32
N CYS B 645 -5.22 -15.48 -30.61
CA CYS B 645 -4.75 -16.46 -31.59
C CYS B 645 -4.07 -17.61 -30.86
N LEU B 646 -4.61 -18.81 -31.04
CA LEU B 646 -4.12 -20.02 -30.39
C LEU B 646 -3.32 -20.81 -31.41
N ILE B 647 -2.01 -20.57 -31.45
CA ILE B 647 -1.11 -21.36 -32.31
C ILE B 647 -0.54 -22.46 -31.44
N GLY B 648 -1.36 -23.46 -31.13
CA GLY B 648 -0.83 -24.65 -30.52
C GLY B 648 -1.59 -25.91 -30.84
N ALA B 649 -2.68 -25.79 -31.59
CA ALA B 649 -3.64 -26.88 -31.67
C ALA B 649 -4.60 -26.58 -32.82
N GLU B 650 -5.47 -27.55 -33.09
CA GLU B 650 -6.47 -27.45 -34.13
C GLU B 650 -7.85 -27.35 -33.51
N TYR B 651 -8.71 -26.53 -34.12
CA TYR B 651 -10.10 -26.44 -33.68
C TYR B 651 -10.90 -27.59 -34.26
N VAL B 652 -11.81 -28.12 -33.45
CA VAL B 652 -12.70 -29.19 -33.86
C VAL B 652 -14.14 -28.70 -33.73
N ASN B 653 -14.96 -29.02 -34.75
CA ASN B 653 -16.37 -28.67 -34.71
C ASN B 653 -17.14 -29.47 -33.67
N ASN B 654 -16.52 -30.50 -33.10
CA ASN B 654 -17.16 -31.27 -32.04
C ASN B 654 -17.36 -30.40 -30.80
N SER B 655 -18.15 -30.90 -29.86
CA SER B 655 -18.44 -30.20 -28.62
C SER B 655 -18.16 -31.13 -27.46
N TYR B 656 -17.37 -30.66 -26.50
CA TYR B 656 -17.06 -31.40 -25.28
C TYR B 656 -17.09 -30.44 -24.10
N GLU B 657 -17.16 -31.02 -22.90
CA GLU B 657 -17.12 -30.22 -21.69
C GLU B 657 -15.76 -29.54 -21.56
N CYS B 658 -15.75 -28.39 -20.90
CA CYS B 658 -14.52 -27.61 -20.78
C CYS B 658 -13.54 -28.33 -19.86
N ASP B 659 -12.29 -28.45 -20.33
CA ASP B 659 -11.23 -29.09 -19.56
C ASP B 659 -10.16 -28.07 -19.15
N ILE B 660 -9.58 -27.36 -20.10
CA ILE B 660 -8.67 -26.26 -19.85
C ILE B 660 -9.28 -25.01 -20.48
N PRO B 661 -9.83 -24.11 -19.68
CA PRO B 661 -10.50 -22.93 -20.24
C PRO B 661 -9.53 -22.05 -21.01
N ILE B 662 -9.88 -21.77 -22.26
CA ILE B 662 -9.13 -20.86 -23.12
C ILE B 662 -9.73 -19.46 -23.09
N GLY B 663 -11.03 -19.36 -23.30
CA GLY B 663 -11.73 -18.08 -23.27
C GLY B 663 -12.76 -17.99 -24.37
N ALA B 664 -13.73 -17.10 -24.17
CA ALA B 664 -14.82 -16.88 -25.12
C ALA B 664 -15.52 -18.20 -25.46
N GLY B 665 -15.68 -19.04 -24.44
CA GLY B 665 -16.27 -20.36 -24.60
C GLY B 665 -15.29 -21.42 -25.04
N VAL B 666 -14.30 -21.06 -25.84
CA VAL B 666 -13.35 -22.04 -26.36
C VAL B 666 -12.54 -22.63 -25.21
N CYS B 667 -12.36 -23.95 -25.24
CA CYS B 667 -11.56 -24.68 -24.26
C CYS B 667 -10.65 -25.67 -24.99
N ALA B 668 -9.59 -26.10 -24.32
CA ALA B 668 -8.60 -26.99 -24.94
C ALA B 668 -8.42 -28.23 -24.09
N SER B 669 -8.13 -29.35 -24.76
CA SER B 669 -7.94 -30.61 -24.05
C SER B 669 -7.10 -31.56 -24.89
N TYR B 670 -6.45 -32.50 -24.19
CA TYR B 670 -5.65 -33.53 -24.84
C TYR B 670 -6.53 -34.70 -25.22
N GLN B 671 -6.33 -35.22 -26.43
CA GLN B 671 -7.05 -36.38 -26.92
C GLN B 671 -6.09 -37.35 -27.58
N THR B 672 -6.44 -38.64 -27.52
CA THR B 672 -5.59 -39.71 -28.04
C THR B 672 -6.34 -40.54 -29.08
N SER B 685 -5.18 -39.11 -33.26
CA SER B 685 -4.16 -39.62 -32.34
C SER B 685 -3.99 -38.70 -31.13
N GLN B 686 -2.78 -38.63 -30.60
CA GLN B 686 -2.48 -37.87 -29.40
C GLN B 686 -2.09 -36.45 -29.79
N SER B 687 -2.92 -35.48 -29.40
CA SER B 687 -2.67 -34.08 -29.68
C SER B 687 -3.63 -33.24 -28.85
N ILE B 688 -3.36 -31.94 -28.80
CA ILE B 688 -4.22 -30.98 -28.13
C ILE B 688 -5.23 -30.47 -29.13
N ILE B 689 -6.49 -30.37 -28.72
CA ILE B 689 -7.57 -29.89 -29.57
C ILE B 689 -8.27 -28.73 -28.86
N ALA B 690 -8.82 -27.82 -29.64
CA ALA B 690 -9.60 -26.70 -29.14
C ALA B 690 -11.03 -26.83 -29.64
N TYR B 691 -11.98 -26.75 -28.72
CA TYR B 691 -13.38 -26.95 -29.04
C TYR B 691 -14.23 -25.92 -28.33
N THR B 692 -15.38 -25.61 -28.92
CA THR B 692 -16.39 -24.81 -28.23
C THR B 692 -16.93 -25.60 -27.05
N MET B 693 -17.01 -24.97 -25.89
CA MET B 693 -17.46 -25.67 -24.69
C MET B 693 -18.90 -26.12 -24.84
N SER B 694 -19.15 -27.40 -24.55
CA SER B 694 -20.50 -27.95 -24.59
C SER B 694 -21.11 -27.80 -23.20
N LEU B 695 -22.22 -27.07 -23.12
CA LEU B 695 -22.86 -26.81 -21.85
C LEU B 695 -23.75 -27.96 -21.42
N GLY B 696 -23.19 -29.17 -21.42
CA GLY B 696 -23.97 -30.35 -21.09
C GLY B 696 -24.83 -30.81 -22.26
N ALA B 697 -25.50 -31.93 -22.04
CA ALA B 697 -26.39 -32.49 -23.05
C ALA B 697 -27.67 -31.67 -23.15
N GLU B 698 -28.16 -31.51 -24.37
CA GLU B 698 -29.44 -30.84 -24.60
C GLU B 698 -30.57 -31.82 -24.31
N ASN B 699 -31.54 -31.37 -23.51
CA ASN B 699 -32.59 -32.25 -23.01
C ASN B 699 -33.91 -31.49 -23.02
N SER B 700 -34.81 -31.86 -23.92
CA SER B 700 -36.12 -31.22 -24.01
C SER B 700 -37.13 -32.01 -23.18
N VAL B 701 -37.72 -31.36 -22.18
CA VAL B 701 -38.76 -31.99 -21.37
C VAL B 701 -40.08 -31.92 -22.11
N ALA B 702 -40.76 -33.05 -22.22
CA ALA B 702 -41.92 -33.20 -23.10
C ALA B 702 -43.17 -32.64 -22.40
N TYR B 703 -43.15 -31.33 -22.17
CA TYR B 703 -44.26 -30.66 -21.52
C TYR B 703 -45.54 -30.81 -22.35
N SER B 704 -46.67 -30.88 -21.64
CA SER B 704 -47.97 -31.03 -22.28
C SER B 704 -49.04 -30.51 -21.32
N ASN B 705 -50.25 -30.31 -21.86
CA ASN B 705 -51.37 -29.89 -21.04
C ASN B 705 -51.60 -30.83 -19.87
N ASN B 706 -51.43 -32.13 -20.11
CA ASN B 706 -51.62 -33.17 -19.09
C ASN B 706 -50.50 -34.21 -19.20
N SER B 707 -49.41 -33.96 -18.48
CA SER B 707 -48.26 -34.85 -18.54
C SER B 707 -47.43 -34.61 -17.29
N ILE B 708 -47.37 -35.59 -16.40
CA ILE B 708 -46.56 -35.50 -15.20
C ILE B 708 -45.72 -36.76 -15.08
N ALA B 709 -44.59 -36.64 -14.39
CA ALA B 709 -43.68 -37.76 -14.16
C ALA B 709 -43.34 -37.80 -12.69
N ILE B 710 -43.68 -38.91 -12.04
CA ILE B 710 -43.37 -39.14 -10.62
C ILE B 710 -42.38 -40.29 -10.53
N PRO B 711 -41.24 -40.10 -9.86
CA PRO B 711 -40.26 -41.20 -9.76
C PRO B 711 -40.82 -42.36 -8.96
N THR B 712 -40.43 -43.57 -9.36
CA THR B 712 -40.80 -44.79 -8.65
C THR B 712 -39.68 -45.33 -7.79
N ASN B 713 -38.51 -44.70 -7.81
CA ASN B 713 -37.37 -45.17 -7.03
C ASN B 713 -36.55 -43.96 -6.61
N PHE B 714 -35.46 -44.21 -5.90
CA PHE B 714 -34.61 -43.11 -5.48
C PHE B 714 -33.19 -43.62 -5.23
N THR B 715 -32.35 -42.70 -4.76
CA THR B 715 -30.98 -43.00 -4.39
C THR B 715 -30.59 -42.14 -3.21
N ILE B 716 -30.01 -42.76 -2.19
CA ILE B 716 -29.50 -42.04 -1.03
C ILE B 716 -28.06 -41.67 -1.37
N SER B 717 -27.87 -40.46 -1.88
CA SER B 717 -26.56 -40.02 -2.34
C SER B 717 -25.82 -39.33 -1.19
N VAL B 718 -24.50 -39.44 -1.20
CA VAL B 718 -23.65 -38.77 -0.23
C VAL B 718 -22.60 -37.97 -0.99
N THR B 719 -22.51 -36.67 -0.68
CA THR B 719 -21.59 -35.78 -1.37
C THR B 719 -20.71 -35.08 -0.35
N THR B 720 -19.49 -34.77 -0.76
CA THR B 720 -18.54 -34.08 0.11
C THR B 720 -18.59 -32.58 -0.17
N GLU B 721 -18.53 -31.79 0.89
CA GLU B 721 -18.54 -30.33 0.80
C GLU B 721 -17.43 -29.82 1.70
N ILE B 722 -16.33 -29.35 1.09
CA ILE B 722 -15.13 -28.97 1.81
C ILE B 722 -15.12 -27.46 2.00
N LEU B 723 -14.91 -27.01 3.24
CA LEU B 723 -14.96 -25.60 3.56
C LEU B 723 -13.77 -25.20 4.41
N PRO B 724 -13.02 -24.17 4.03
CA PRO B 724 -12.00 -23.64 4.92
C PRO B 724 -12.64 -22.95 6.12
N VAL B 725 -12.03 -23.13 7.29
CA VAL B 725 -12.61 -22.62 8.52
C VAL B 725 -11.61 -21.71 9.24
N SER B 726 -10.32 -21.95 9.02
CA SER B 726 -9.29 -21.24 9.77
C SER B 726 -8.12 -20.91 8.86
N MET B 727 -7.18 -20.17 9.41
CA MET B 727 -5.95 -19.80 8.73
C MET B 727 -4.81 -19.85 9.72
N THR B 728 -3.59 -20.05 9.23
CA THR B 728 -2.45 -20.10 10.12
C THR B 728 -2.23 -18.77 10.81
N LYS B 729 -2.16 -18.80 12.13
CA LYS B 729 -1.95 -17.59 12.92
C LYS B 729 -0.48 -17.22 12.84
N THR B 730 -0.18 -16.06 12.26
CA THR B 730 1.19 -15.60 12.09
C THR B 730 1.39 -14.32 12.89
N SER B 731 2.54 -14.25 13.57
CA SER B 731 2.93 -13.06 14.32
C SER B 731 4.31 -12.62 13.84
N VAL B 732 4.45 -11.34 13.55
CA VAL B 732 5.70 -10.79 13.01
C VAL B 732 6.23 -9.76 13.99
N ASP B 733 7.47 -9.94 14.41
CA ASP B 733 8.16 -8.93 15.20
C ASP B 733 8.70 -7.88 14.23
N CYS B 734 8.09 -6.70 14.24
CA CYS B 734 8.41 -5.68 13.26
C CYS B 734 9.88 -5.28 13.35
N THR B 735 10.39 -5.08 14.58
CA THR B 735 11.77 -4.66 14.75
C THR B 735 12.74 -5.71 14.22
N MET B 736 12.58 -6.97 14.66
CA MET B 736 13.52 -8.01 14.27
C MET B 736 13.48 -8.27 12.77
N TYR B 737 12.28 -8.28 12.18
CA TYR B 737 12.18 -8.48 10.74
C TYR B 737 12.84 -7.34 9.98
N ILE B 738 12.47 -6.11 10.30
CA ILE B 738 13.02 -4.96 9.59
C ILE B 738 14.49 -4.77 9.94
N CYS B 739 14.82 -4.87 11.21
CA CYS B 739 16.17 -4.62 11.70
C CYS B 739 16.74 -5.90 12.30
N GLY B 740 17.90 -6.32 11.81
CA GLY B 740 18.54 -7.52 12.32
C GLY B 740 19.19 -7.30 13.66
N ASP B 741 18.38 -6.95 14.67
CA ASP B 741 18.87 -6.65 16.01
C ASP B 741 19.94 -5.55 15.98
N SER B 742 19.71 -4.54 15.15
CA SER B 742 20.61 -3.40 15.04
C SER B 742 19.99 -2.20 15.76
N THR B 743 20.74 -1.62 16.70
CA THR B 743 20.23 -0.49 17.46
C THR B 743 20.01 0.72 16.58
N GLU B 744 20.91 0.97 15.62
CA GLU B 744 20.76 2.11 14.74
C GLU B 744 19.49 1.99 13.90
N CYS B 745 19.23 0.79 13.37
CA CYS B 745 18.02 0.57 12.61
C CYS B 745 16.78 0.75 13.47
N SER B 746 16.84 0.30 14.73
CA SER B 746 15.70 0.49 15.63
C SER B 746 15.44 1.97 15.87
N ASN B 747 16.51 2.75 16.08
CA ASN B 747 16.34 4.18 16.30
C ASN B 747 15.76 4.86 15.07
N LEU B 748 16.23 4.48 13.88
CA LEU B 748 15.69 5.05 12.65
C LEU B 748 14.22 4.67 12.46
N LEU B 749 13.89 3.41 12.75
CA LEU B 749 12.50 2.96 12.64
C LEU B 749 11.61 3.68 13.64
N LEU B 750 12.15 4.10 14.78
CA LEU B 750 11.35 4.78 15.78
C LEU B 750 10.74 6.07 15.26
N GLN B 751 11.35 6.69 14.25
CA GLN B 751 10.82 7.94 13.71
C GLN B 751 9.61 7.72 12.81
N TYR B 752 9.33 6.50 12.39
CA TYR B 752 8.21 6.21 11.50
C TYR B 752 6.89 6.05 12.24
N GLY B 753 6.79 6.52 13.48
CA GLY B 753 5.55 6.42 14.20
C GLY B 753 5.25 4.99 14.65
N SER B 754 3.97 4.72 14.87
CA SER B 754 3.51 3.42 15.35
C SER B 754 3.13 2.49 14.20
N PHE B 755 4.03 2.33 13.24
CA PHE B 755 3.78 1.35 12.17
C PHE B 755 3.91 -0.07 12.68
N CYS B 756 4.96 -0.34 13.46
CA CYS B 756 5.14 -1.66 14.04
C CYS B 756 3.97 -2.01 14.96
N THR B 757 3.53 -1.05 15.77
CA THR B 757 2.38 -1.27 16.64
C THR B 757 1.12 -1.55 15.83
N GLN B 758 0.93 -0.82 14.74
CA GLN B 758 -0.26 -1.04 13.90
C GLN B 758 -0.25 -2.45 13.30
N LEU B 759 0.91 -2.88 12.78
CA LEU B 759 0.99 -4.21 12.19
C LEU B 759 0.78 -5.29 13.24
N LYS B 760 1.36 -5.11 14.43
CA LYS B 760 1.17 -6.07 15.50
C LYS B 760 -0.30 -6.15 15.91
N ARG B 761 -0.97 -4.99 16.01
CA ARG B 761 -2.38 -4.99 16.34
C ARG B 761 -3.21 -5.72 15.29
N ALA B 762 -2.92 -5.46 14.01
CA ALA B 762 -3.67 -6.13 12.95
C ALA B 762 -3.47 -7.63 12.98
N LEU B 763 -2.22 -8.08 13.17
CA LEU B 763 -1.96 -9.52 13.18
C LEU B 763 -2.58 -10.19 14.40
N THR B 764 -2.55 -9.53 15.56
CA THR B 764 -3.20 -10.10 16.74
C THR B 764 -4.71 -10.19 16.53
N GLY B 765 -5.31 -9.16 15.92
CA GLY B 765 -6.72 -9.23 15.59
C GLY B 765 -7.03 -10.40 14.66
N ILE B 766 -6.18 -10.61 13.66
CA ILE B 766 -6.36 -11.74 12.74
C ILE B 766 -6.29 -13.06 13.50
N ALA B 767 -5.32 -13.20 14.41
CA ALA B 767 -5.16 -14.44 15.16
C ALA B 767 -6.37 -14.72 16.04
N VAL B 768 -6.83 -13.71 16.79
CA VAL B 768 -8.00 -13.92 17.64
C VAL B 768 -9.24 -14.17 16.78
N GLU B 769 -9.28 -13.60 15.57
CA GLU B 769 -10.38 -13.89 14.66
C GLU B 769 -10.36 -15.35 14.21
N GLN B 770 -9.16 -15.89 13.96
CA GLN B 770 -9.07 -17.32 13.63
C GLN B 770 -9.56 -18.19 14.78
N ASP B 771 -9.14 -17.85 16.00
CA ASP B 771 -9.61 -18.60 17.17
C ASP B 771 -11.12 -18.54 17.29
N LYS B 772 -11.70 -17.35 17.12
CA LYS B 772 -13.16 -17.22 17.20
C LYS B 772 -13.84 -17.94 16.04
N ASN B 773 -13.20 -18.01 14.88
CA ASN B 773 -13.77 -18.74 13.75
C ASN B 773 -13.92 -20.21 14.08
N THR B 774 -12.84 -20.84 14.53
CA THR B 774 -12.95 -22.26 14.89
C THR B 774 -13.85 -22.47 16.09
N GLN B 775 -13.88 -21.51 17.03
CA GLN B 775 -14.79 -21.59 18.17
C GLN B 775 -16.24 -21.60 17.71
N GLU B 776 -16.60 -20.67 16.82
CA GLU B 776 -17.98 -20.58 16.35
C GLU B 776 -18.37 -21.79 15.50
N VAL B 777 -17.42 -22.33 14.72
CA VAL B 777 -17.76 -23.45 13.85
C VAL B 777 -17.93 -24.73 14.64
N PHE B 778 -16.92 -25.09 15.45
CA PHE B 778 -16.90 -26.43 16.03
C PHE B 778 -17.50 -26.52 17.42
N ALA B 779 -17.72 -25.41 18.11
CA ALA B 779 -18.12 -25.42 19.52
C ALA B 779 -19.56 -24.96 19.72
N GLN B 780 -20.46 -25.38 18.83
CA GLN B 780 -21.87 -25.05 18.97
C GLN B 780 -22.62 -26.01 19.87
N VAL B 781 -21.93 -27.00 20.44
CA VAL B 781 -22.54 -27.99 21.32
C VAL B 781 -22.11 -27.70 22.75
N LYS B 782 -23.08 -27.75 23.67
CA LYS B 782 -22.79 -27.43 25.07
C LYS B 782 -21.91 -28.50 25.71
N GLN B 783 -22.27 -29.76 25.54
CA GLN B 783 -21.63 -30.86 26.25
C GLN B 783 -21.11 -31.89 25.25
N ILE B 784 -19.94 -32.47 25.57
CA ILE B 784 -19.37 -33.52 24.74
C ILE B 784 -20.25 -34.76 24.87
N TYR B 785 -20.82 -35.21 23.76
CA TYR B 785 -21.68 -36.39 23.77
C TYR B 785 -20.89 -37.63 23.40
N LYS B 786 -21.23 -38.74 24.04
CA LYS B 786 -20.54 -40.01 23.85
C LYS B 786 -21.42 -40.98 23.08
N THR B 787 -20.83 -41.63 22.08
CA THR B 787 -21.56 -42.64 21.33
C THR B 787 -21.72 -43.91 22.17
N PRO B 788 -22.85 -44.61 22.01
CA PRO B 788 -23.08 -45.83 22.80
C PRO B 788 -22.14 -46.94 22.39
N PRO B 789 -21.95 -47.95 23.25
CA PRO B 789 -21.02 -49.05 22.90
C PRO B 789 -21.63 -50.08 21.98
N ILE B 790 -22.96 -50.13 21.87
CA ILE B 790 -23.60 -51.16 21.07
C ILE B 790 -23.28 -50.99 19.59
N LYS B 791 -23.21 -49.74 19.12
CA LYS B 791 -22.78 -49.35 17.78
C LYS B 791 -23.73 -49.81 16.67
N TYR B 792 -24.89 -50.39 17.00
CA TYR B 792 -25.84 -50.78 15.99
C TYR B 792 -26.88 -49.68 15.83
N PHE B 793 -27.12 -49.27 14.59
CA PHE B 793 -27.98 -48.13 14.29
C PHE B 793 -28.99 -48.50 13.21
N GLY B 794 -29.63 -49.66 13.36
CA GLY B 794 -30.66 -50.08 12.43
C GLY B 794 -30.16 -50.38 11.04
N GLY B 795 -28.94 -50.90 10.90
CA GLY B 795 -28.37 -51.26 9.61
C GLY B 795 -27.40 -50.23 9.07
N PHE B 796 -27.53 -48.97 9.50
CA PHE B 796 -26.57 -47.95 9.11
C PHE B 796 -25.21 -48.25 9.73
N ASN B 797 -24.15 -47.95 8.99
CA ASN B 797 -22.84 -48.47 9.35
C ASN B 797 -22.10 -47.55 10.33
N PHE B 798 -21.82 -46.32 9.91
CA PHE B 798 -21.18 -45.31 10.77
C PHE B 798 -19.84 -45.79 11.32
N SER B 799 -19.07 -46.52 10.50
CA SER B 799 -17.73 -46.87 10.94
C SER B 799 -16.70 -45.84 10.49
N GLN B 800 -16.80 -45.36 9.25
CA GLN B 800 -15.84 -44.41 8.71
C GLN B 800 -16.02 -43.00 9.27
N ILE B 801 -17.12 -42.73 9.98
CA ILE B 801 -17.35 -41.41 10.54
C ILE B 801 -17.31 -41.38 12.05
N LEU B 802 -17.61 -42.49 12.72
CA LEU B 802 -17.46 -42.54 14.17
C LEU B 802 -16.00 -42.64 14.55
N PRO B 803 -15.63 -42.17 15.74
CA PRO B 803 -14.23 -42.28 16.17
C PRO B 803 -13.80 -43.73 16.27
N ASP B 804 -12.54 -43.98 15.91
CA ASP B 804 -11.98 -45.33 15.98
C ASP B 804 -11.00 -45.40 17.16
N PRO B 805 -11.40 -46.01 18.28
CA PRO B 805 -10.52 -46.02 19.46
C PRO B 805 -9.23 -46.79 19.26
N SER B 806 -9.16 -47.69 18.29
CA SER B 806 -7.97 -48.52 18.12
C SER B 806 -6.88 -47.79 17.35
N LYS B 807 -6.55 -46.57 17.79
CA LYS B 807 -5.49 -45.75 17.23
C LYS B 807 -5.38 -44.45 18.01
N PRO B 808 -4.26 -43.74 17.95
CA PRO B 808 -4.16 -42.45 18.62
C PRO B 808 -5.04 -41.39 17.95
N SER B 809 -5.33 -40.35 18.73
CA SER B 809 -6.09 -39.16 18.32
C SER B 809 -7.57 -39.45 18.15
N LYS B 810 -7.96 -40.73 18.26
CA LYS B 810 -9.36 -41.13 18.26
C LYS B 810 -10.13 -40.54 17.08
N ARG B 811 -9.53 -40.57 15.90
CA ARG B 811 -10.15 -40.01 14.71
C ARG B 811 -10.82 -41.10 13.89
N SER B 812 -11.85 -40.71 13.15
CA SER B 812 -12.52 -41.63 12.26
C SER B 812 -11.62 -41.94 11.06
N PRO B 813 -11.84 -43.09 10.41
CA PRO B 813 -11.02 -43.42 9.23
C PRO B 813 -11.07 -42.36 8.14
N ILE B 814 -12.25 -41.78 7.89
CA ILE B 814 -12.33 -40.70 6.91
C ILE B 814 -11.55 -39.49 7.38
N GLU B 815 -11.62 -39.19 8.68
CA GLU B 815 -10.80 -38.12 9.24
C GLU B 815 -9.31 -38.42 9.06
N ASP B 816 -8.93 -39.69 9.22
CA ASP B 816 -7.54 -40.07 9.02
C ASP B 816 -7.11 -39.85 7.57
N LEU B 817 -7.97 -40.22 6.62
CA LEU B 817 -7.66 -39.97 5.22
C LEU B 817 -7.53 -38.48 4.93
N LEU B 818 -8.44 -37.68 5.50
CA LEU B 818 -8.37 -36.24 5.31
C LEU B 818 -7.07 -35.67 5.86
N PHE B 819 -6.66 -36.11 7.05
CA PHE B 819 -5.45 -35.59 7.65
C PHE B 819 -4.21 -36.05 6.91
N ASN B 820 -4.19 -37.29 6.44
CA ASN B 820 -3.04 -37.78 5.68
C ASN B 820 -3.04 -37.33 4.24
N LYS B 821 -4.11 -36.68 3.78
CA LYS B 821 -4.18 -36.18 2.41
C LYS B 821 -3.75 -34.72 2.29
N VAL B 822 -3.79 -33.96 3.39
CA VAL B 822 -3.42 -32.55 3.38
C VAL B 822 -2.18 -32.39 4.25
N THR B 823 -1.16 -31.74 3.70
CA THR B 823 0.08 -31.50 4.42
C THR B 823 0.10 -30.10 5.02
N PHE B 851 11.86 -18.11 11.81
CA PHE B 851 13.11 -17.91 11.09
C PHE B 851 13.66 -16.51 11.29
N ASN B 852 12.93 -15.52 10.74
CA ASN B 852 13.40 -14.14 10.74
C ASN B 852 12.36 -13.21 11.34
N GLY B 853 11.78 -13.60 12.48
CA GLY B 853 10.75 -12.83 13.13
C GLY B 853 9.34 -13.32 12.91
N LEU B 854 9.13 -14.16 11.90
CA LEU B 854 7.81 -14.73 11.66
C LEU B 854 7.61 -15.96 12.53
N THR B 855 6.48 -16.02 13.23
CA THR B 855 6.20 -17.11 14.13
C THR B 855 4.78 -17.60 13.90
N VAL B 856 4.63 -18.92 13.73
CA VAL B 856 3.32 -19.53 13.53
C VAL B 856 2.80 -19.93 14.90
N LEU B 857 1.90 -19.13 15.46
CA LEU B 857 1.32 -19.44 16.74
C LEU B 857 0.42 -20.68 16.63
N PRO B 858 0.52 -21.62 17.57
CA PRO B 858 -0.35 -22.79 17.52
C PRO B 858 -1.79 -22.39 17.76
N PRO B 859 -2.76 -23.07 17.14
CA PRO B 859 -4.16 -22.78 17.42
C PRO B 859 -4.51 -23.12 18.86
N LEU B 860 -5.45 -22.36 19.41
CA LEU B 860 -5.90 -22.60 20.77
C LEU B 860 -6.49 -23.99 20.92
N LEU B 861 -7.34 -24.39 19.98
CA LEU B 861 -8.00 -25.68 20.02
C LEU B 861 -7.11 -26.69 19.30
N THR B 862 -6.56 -27.63 20.05
CA THR B 862 -5.73 -28.66 19.41
C THR B 862 -6.59 -29.56 18.55
N ASP B 863 -5.95 -30.20 17.56
CA ASP B 863 -6.69 -31.03 16.62
C ASP B 863 -7.40 -32.18 17.33
N GLU B 864 -6.86 -32.64 18.47
CA GLU B 864 -7.58 -33.61 19.28
C GLU B 864 -8.88 -33.02 19.83
N MET B 865 -8.82 -31.77 20.28
CA MET B 865 -10.04 -31.12 20.79
C MET B 865 -11.05 -30.90 19.66
N ILE B 866 -10.57 -30.55 18.47
CA ILE B 866 -11.46 -30.38 17.33
C ILE B 866 -12.11 -31.70 16.97
N ALA B 867 -11.32 -32.79 17.00
CA ALA B 867 -11.88 -34.12 16.76
C ALA B 867 -12.91 -34.47 17.82
N GLN B 868 -12.67 -34.05 19.06
CA GLN B 868 -13.63 -34.34 20.13
C GLN B 868 -14.95 -33.60 19.90
N TYR B 869 -14.88 -32.34 19.48
CA TYR B 869 -16.11 -31.64 19.08
C TYR B 869 -16.81 -32.33 17.92
N THR B 870 -16.05 -32.75 16.89
CA THR B 870 -16.65 -33.45 15.78
C THR B 870 -17.35 -34.71 16.24
N SER B 871 -16.70 -35.49 17.11
CA SER B 871 -17.30 -36.71 17.63
C SER B 871 -18.56 -36.40 18.44
N ALA B 872 -18.52 -35.37 19.27
CA ALA B 872 -19.69 -35.02 20.07
C ALA B 872 -20.85 -34.60 19.18
N LEU B 873 -20.59 -33.75 18.18
CA LEU B 873 -21.64 -33.33 17.27
C LEU B 873 -22.23 -34.52 16.53
N LEU B 874 -21.37 -35.41 16.04
CA LEU B 874 -21.85 -36.55 15.28
C LEU B 874 -22.62 -37.53 16.15
N ALA B 875 -22.19 -37.72 17.39
CA ALA B 875 -22.91 -38.62 18.30
C ALA B 875 -24.26 -38.06 18.67
N GLY B 876 -24.34 -36.74 18.93
CA GLY B 876 -25.63 -36.12 19.16
C GLY B 876 -26.54 -36.21 17.96
N THR B 877 -25.96 -36.11 16.76
CA THR B 877 -26.75 -36.25 15.53
C THR B 877 -27.28 -37.66 15.37
N ILE B 878 -26.47 -38.67 15.66
CA ILE B 878 -26.85 -40.05 15.37
C ILE B 878 -27.57 -40.73 16.53
N THR B 879 -27.65 -40.09 17.69
CA THR B 879 -28.41 -40.66 18.80
C THR B 879 -29.64 -39.83 19.14
N SER B 880 -29.48 -38.54 19.42
CA SER B 880 -30.59 -37.66 19.74
C SER B 880 -31.14 -36.94 18.52
N GLY B 881 -30.61 -37.21 17.33
CA GLY B 881 -31.06 -36.52 16.14
C GLY B 881 -30.68 -35.06 16.14
N TRP B 882 -31.59 -34.21 15.69
CA TRP B 882 -31.39 -32.77 15.67
C TRP B 882 -31.88 -32.08 16.93
N THR B 883 -32.43 -32.83 17.88
CA THR B 883 -33.01 -32.24 19.07
C THR B 883 -31.96 -31.60 19.97
N PHE B 884 -30.73 -32.11 19.94
CA PHE B 884 -29.68 -31.62 20.83
C PHE B 884 -29.24 -30.20 20.49
N GLY B 885 -29.62 -29.68 19.32
CA GLY B 885 -29.26 -28.32 18.95
C GLY B 885 -30.20 -27.24 19.41
N ALA B 886 -31.39 -27.60 19.90
CA ALA B 886 -32.36 -26.63 20.38
C ALA B 886 -32.70 -26.82 21.85
N GLY B 887 -31.89 -27.58 22.58
CA GLY B 887 -32.14 -27.84 23.98
C GLY B 887 -31.44 -29.10 24.45
N PRO B 888 -31.96 -29.72 25.50
CA PRO B 888 -31.37 -30.99 25.97
C PRO B 888 -31.51 -32.08 24.91
N ALA B 889 -30.49 -32.93 24.84
CA ALA B 889 -30.50 -34.02 23.88
C ALA B 889 -31.58 -35.03 24.22
N LEU B 890 -32.38 -35.39 23.23
CA LEU B 890 -33.51 -36.30 23.39
C LEU B 890 -33.26 -37.54 22.56
N GLN B 891 -33.05 -38.67 23.22
CA GLN B 891 -32.71 -39.89 22.50
C GLN B 891 -33.88 -40.34 21.63
N ILE B 892 -33.55 -41.03 20.55
CA ILE B 892 -34.55 -41.50 19.59
C ILE B 892 -33.88 -42.55 18.70
N PRO B 893 -34.53 -43.68 18.43
CA PRO B 893 -33.93 -44.68 17.54
C PRO B 893 -33.66 -44.08 16.17
N PHE B 894 -32.52 -44.46 15.59
CA PHE B 894 -32.08 -43.87 14.32
C PHE B 894 -33.07 -44.09 13.19
N PRO B 895 -33.67 -45.27 13.00
CA PRO B 895 -34.71 -45.40 11.97
C PRO B 895 -35.85 -44.41 12.15
N MET B 896 -36.24 -44.13 13.39
CA MET B 896 -37.28 -43.12 13.61
C MET B 896 -36.81 -41.74 13.17
N GLN B 897 -35.55 -41.40 13.45
CA GLN B 897 -35.01 -40.12 13.03
C GLN B 897 -35.00 -40.00 11.51
N MET B 898 -34.58 -41.07 10.82
CA MET B 898 -34.59 -41.03 9.37
C MET B 898 -36.01 -40.98 8.81
N ALA B 899 -36.97 -41.61 9.49
CA ALA B 899 -38.35 -41.51 9.07
C ALA B 899 -38.86 -40.08 9.18
N TYR B 900 -38.52 -39.38 10.26
CA TYR B 900 -38.90 -37.98 10.35
C TYR B 900 -38.15 -37.12 9.35
N ARG B 901 -36.91 -37.47 9.01
CA ARG B 901 -36.21 -36.72 7.98
C ARG B 901 -36.83 -36.93 6.61
N PHE B 902 -37.38 -38.11 6.33
CA PHE B 902 -38.26 -38.25 5.17
C PHE B 902 -39.50 -37.40 5.29
N ASN B 903 -40.13 -37.36 6.47
CA ASN B 903 -41.28 -36.49 6.68
C ASN B 903 -40.95 -35.05 6.34
N GLY B 904 -39.70 -34.64 6.57
CA GLY B 904 -39.27 -33.29 6.32
C GLY B 904 -39.09 -32.90 4.87
N ILE B 905 -39.10 -33.86 3.95
CA ILE B 905 -38.89 -33.57 2.53
C ILE B 905 -40.09 -34.03 1.72
N GLY B 906 -41.27 -34.04 2.35
CA GLY B 906 -42.48 -34.44 1.65
C GLY B 906 -42.53 -35.88 1.20
N VAL B 907 -41.97 -36.78 2.00
CA VAL B 907 -42.05 -38.22 1.74
C VAL B 907 -42.54 -38.87 3.03
N THR B 908 -43.66 -39.58 2.95
CA THR B 908 -44.24 -40.18 4.14
C THR B 908 -43.27 -41.19 4.75
N GLN B 909 -43.27 -41.24 6.08
CA GLN B 909 -42.37 -42.13 6.81
C GLN B 909 -42.54 -43.59 6.43
N ASN B 910 -43.73 -43.97 5.96
CA ASN B 910 -43.99 -45.36 5.61
C ASN B 910 -43.02 -45.88 4.56
N VAL B 911 -42.43 -44.99 3.75
CA VAL B 911 -41.45 -45.41 2.76
C VAL B 911 -40.25 -46.04 3.45
N LEU B 912 -39.69 -45.34 4.45
CA LEU B 912 -38.44 -45.80 5.05
C LEU B 912 -38.58 -47.19 5.64
N TYR B 913 -39.58 -47.39 6.50
CA TYR B 913 -39.81 -48.72 7.04
C TYR B 913 -40.05 -49.74 5.93
N GLU B 914 -40.75 -49.31 4.88
CA GLU B 914 -41.02 -50.22 3.77
C GLU B 914 -39.77 -50.57 2.99
N ASN B 915 -38.71 -49.75 3.08
CA ASN B 915 -37.48 -50.01 2.35
C ASN B 915 -36.28 -49.75 3.24
N GLN B 916 -36.35 -50.18 4.50
CA GLN B 916 -35.28 -49.88 5.44
C GLN B 916 -33.97 -50.50 5.01
N LYS B 917 -33.91 -51.85 4.97
CA LYS B 917 -32.67 -52.54 4.66
C LYS B 917 -32.00 -51.97 3.43
N LEU B 918 -32.70 -51.98 2.30
CA LEU B 918 -32.15 -51.44 1.07
C LEU B 918 -31.58 -50.05 1.28
N ILE B 919 -32.38 -49.15 1.87
CA ILE B 919 -31.90 -47.79 2.10
C ILE B 919 -30.62 -47.81 2.90
N ALA B 920 -30.61 -48.58 4.00
CA ALA B 920 -29.39 -48.71 4.79
C ALA B 920 -28.24 -49.15 3.91
N ASN B 921 -28.44 -50.21 3.13
CA ASN B 921 -27.38 -50.68 2.25
C ASN B 921 -26.95 -49.57 1.30
N GLN B 922 -27.92 -48.87 0.72
CA GLN B 922 -27.57 -47.73 -0.13
C GLN B 922 -26.65 -46.78 0.60
N PHE B 923 -27.05 -46.35 1.80
CA PHE B 923 -26.18 -45.49 2.58
C PHE B 923 -24.84 -46.15 2.80
N ASN B 924 -24.86 -47.42 3.22
CA ASN B 924 -23.61 -48.13 3.48
C ASN B 924 -22.76 -48.20 2.22
N SER B 925 -23.40 -48.30 1.05
CA SER B 925 -22.64 -48.24 -0.19
C SER B 925 -22.11 -46.83 -0.44
N ALA B 926 -22.99 -45.83 -0.31
CA ALA B 926 -22.62 -44.46 -0.69
C ALA B 926 -21.42 -43.99 0.11
N ILE B 927 -21.49 -44.11 1.44
CA ILE B 927 -20.38 -43.72 2.29
C ILE B 927 -19.11 -44.46 1.88
N GLY B 928 -19.22 -45.75 1.54
CA GLY B 928 -18.06 -46.49 1.09
C GLY B 928 -17.41 -45.83 -0.12
N LYS B 929 -18.22 -45.46 -1.11
CA LYS B 929 -17.66 -44.79 -2.27
C LYS B 929 -16.97 -43.50 -1.89
N ILE B 930 -17.52 -42.78 -0.90
CA ILE B 930 -16.87 -41.56 -0.43
C ILE B 930 -15.45 -41.88 0.02
N GLN B 931 -15.27 -42.96 0.76
CA GLN B 931 -13.94 -43.32 1.24
C GLN B 931 -12.99 -43.52 0.07
N ASP B 932 -13.49 -44.09 -1.03
CA ASP B 932 -12.66 -44.23 -2.22
C ASP B 932 -12.55 -42.90 -2.97
N SER B 933 -13.62 -42.10 -2.98
CA SER B 933 -13.64 -40.88 -3.77
C SER B 933 -12.53 -39.93 -3.31
N LEU B 934 -12.37 -39.76 -2.00
CA LEU B 934 -11.24 -39.00 -1.49
C LEU B 934 -9.93 -39.74 -1.74
N PHE B 935 -9.94 -41.06 -1.58
CA PHE B 935 -8.70 -41.83 -1.73
C PHE B 935 -8.23 -41.83 -3.19
N SER B 936 -9.13 -42.12 -4.12
CA SER B 936 -8.74 -42.22 -5.52
C SER B 936 -8.34 -40.86 -6.09
N THR B 937 -9.17 -39.85 -5.87
CA THR B 937 -8.90 -38.53 -6.43
C THR B 937 -8.00 -37.75 -5.49
N PRO B 938 -6.78 -37.37 -5.90
CA PRO B 938 -5.91 -36.59 -5.02
C PRO B 938 -6.20 -35.10 -5.03
N SER B 939 -7.11 -34.62 -5.87
CA SER B 939 -7.45 -33.21 -5.96
C SER B 939 -8.75 -32.87 -5.25
N ALA B 940 -9.27 -33.78 -4.42
CA ALA B 940 -10.54 -33.54 -3.75
C ALA B 940 -10.45 -32.37 -2.77
N LEU B 941 -9.39 -32.35 -1.97
CA LEU B 941 -9.22 -31.30 -0.96
C LEU B 941 -8.42 -30.13 -1.53
N GLY B 942 -8.91 -29.62 -2.66
CA GLY B 942 -8.25 -28.52 -3.33
C GLY B 942 -8.32 -27.21 -2.57
N LYS B 943 -9.45 -26.92 -1.92
CA LYS B 943 -9.64 -25.61 -1.30
C LYS B 943 -8.76 -25.44 -0.07
N LEU B 944 -8.74 -26.44 0.81
CA LEU B 944 -7.90 -26.36 2.01
C LEU B 944 -6.42 -26.32 1.64
N GLN B 945 -6.02 -27.15 0.68
CA GLN B 945 -4.64 -27.13 0.22
C GLN B 945 -4.29 -25.78 -0.39
N ASP B 946 -5.25 -25.17 -1.10
CA ASP B 946 -5.02 -23.84 -1.65
C ASP B 946 -4.84 -22.80 -0.56
N VAL B 947 -5.64 -22.90 0.52
CA VAL B 947 -5.48 -21.98 1.64
C VAL B 947 -4.09 -22.12 2.26
N VAL B 948 -3.69 -23.37 2.52
CA VAL B 948 -2.38 -23.61 3.12
C VAL B 948 -1.27 -23.11 2.22
N ASN B 949 -1.37 -23.39 0.92
CA ASN B 949 -0.35 -22.96 -0.02
C ASN B 949 -0.31 -21.45 -0.17
N HIS B 950 -1.46 -20.79 -0.07
CA HIS B 950 -1.49 -19.33 -0.13
C HIS B 950 -0.78 -18.73 1.07
N ASN B 951 -1.05 -19.26 2.26
CA ASN B 951 -0.35 -18.75 3.44
C ASN B 951 1.15 -19.01 3.34
N ALA B 952 1.53 -20.20 2.87
CA ALA B 952 2.95 -20.51 2.72
C ALA B 952 3.61 -19.60 1.70
N GLN B 953 2.93 -19.32 0.59
CA GLN B 953 3.48 -18.43 -0.43
C GLN B 953 3.62 -17.01 0.10
N ALA B 954 2.64 -16.55 0.88
CA ALA B 954 2.76 -15.22 1.47
C ALA B 954 3.97 -15.13 2.38
N LEU B 955 4.15 -16.13 3.25
CA LEU B 955 5.31 -16.11 4.14
C LEU B 955 6.62 -16.21 3.36
N ASN B 956 6.65 -17.06 2.32
CA ASN B 956 7.85 -17.21 1.52
C ASN B 956 8.21 -15.92 0.79
N THR B 957 7.21 -15.23 0.24
CA THR B 957 7.47 -13.94 -0.39
C THR B 957 7.98 -12.92 0.64
N LEU B 958 7.39 -12.92 1.82
CA LEU B 958 7.81 -11.99 2.86
C LEU B 958 9.27 -12.21 3.25
N VAL B 959 9.67 -13.47 3.37
CA VAL B 959 11.06 -13.73 3.76
C VAL B 959 12.01 -13.56 2.57
N LYS B 960 11.54 -13.82 1.35
CA LYS B 960 12.40 -13.64 0.18
C LYS B 960 12.68 -12.18 -0.11
N GLN B 961 11.74 -11.28 0.19
CA GLN B 961 12.00 -9.86 -0.02
C GLN B 961 12.97 -9.30 1.02
N LEU B 962 13.34 -10.08 2.05
CA LEU B 962 14.46 -9.70 2.89
C LEU B 962 15.75 -9.62 2.10
N SER B 963 15.85 -10.34 0.99
CA SER B 963 17.02 -10.31 0.12
C SER B 963 16.91 -9.26 -0.98
N SER B 964 15.84 -8.47 -0.99
CA SER B 964 15.67 -7.43 -1.98
C SER B 964 16.48 -6.20 -1.58
N LYS B 965 17.29 -5.69 -2.50
CA LYS B 965 18.14 -4.56 -2.18
C LYS B 965 17.33 -3.26 -2.06
N PHE B 966 16.16 -3.20 -2.71
CA PHE B 966 15.29 -2.04 -2.64
C PHE B 966 16.02 -0.76 -3.07
N GLY B 967 16.90 -0.90 -4.06
CA GLY B 967 17.70 0.23 -4.50
C GLY B 967 18.67 0.73 -3.47
N ALA B 968 19.28 -0.17 -2.72
CA ALA B 968 20.29 0.17 -1.72
C ALA B 968 21.58 -0.60 -2.02
N ILE B 969 22.57 -0.40 -1.15
CA ILE B 969 23.87 -1.05 -1.34
C ILE B 969 23.74 -2.56 -1.23
N SER B 970 23.02 -3.04 -0.22
CA SER B 970 22.88 -4.47 0.00
C SER B 970 21.57 -4.73 0.71
N SER B 971 21.29 -6.02 0.93
CA SER B 971 20.08 -6.46 1.61
C SER B 971 20.32 -6.88 3.04
N VAL B 972 21.55 -6.71 3.55
CA VAL B 972 21.90 -7.09 4.90
C VAL B 972 22.34 -5.85 5.67
N LEU B 973 21.75 -5.63 6.84
CA LEU B 973 22.07 -4.46 7.63
C LEU B 973 23.49 -4.54 8.18
N ASN B 974 23.94 -5.76 8.51
CA ASN B 974 25.25 -5.91 9.13
C ASN B 974 26.37 -5.41 8.21
N ASP B 975 26.30 -5.75 6.92
CA ASP B 975 27.32 -5.28 6.00
C ASP B 975 27.29 -3.76 5.87
N ILE B 976 26.09 -3.18 5.76
CA ILE B 976 25.98 -1.73 5.62
C ILE B 976 26.56 -1.03 6.84
N LEU B 977 26.30 -1.57 8.03
CA LEU B 977 26.85 -0.98 9.25
C LEU B 977 28.37 -1.00 9.24
N SER B 978 28.97 -2.17 9.00
CA SER B 978 30.42 -2.25 8.93
C SER B 978 30.93 -2.11 7.50
N ARG B 979 30.38 -1.12 6.80
CA ARG B 979 30.94 -0.66 5.52
C ARG B 979 30.91 0.86 5.37
N LEU B 980 30.01 1.56 6.05
CA LEU B 980 29.81 2.98 5.85
C LEU B 980 29.68 3.68 7.19
N ASP B 981 30.11 4.94 7.23
CA ASP B 981 29.90 5.76 8.40
C ASP B 981 28.40 6.00 8.61
N PRO B 982 27.95 6.13 9.85
CA PRO B 982 26.52 6.20 10.13
C PRO B 982 25.79 7.35 9.42
N PRO B 983 26.40 8.54 9.24
CA PRO B 983 25.64 9.57 8.49
C PRO B 983 25.30 9.17 7.07
N GLU B 984 26.25 8.58 6.34
CA GLU B 984 25.96 8.12 4.99
C GLU B 984 25.13 6.83 5.01
N ALA B 985 25.45 5.93 5.93
CA ALA B 985 24.70 4.67 6.01
C ALA B 985 23.24 4.91 6.39
N GLU B 986 22.94 6.09 6.93
CA GLU B 986 21.55 6.41 7.26
C GLU B 986 20.64 6.35 6.04
N VAL B 987 21.12 6.82 4.89
CA VAL B 987 20.31 6.82 3.69
C VAL B 987 20.00 5.40 3.25
N GLN B 988 21.01 4.53 3.24
CA GLN B 988 20.79 3.15 2.81
C GLN B 988 19.89 2.41 3.78
N ILE B 989 20.10 2.60 5.09
CA ILE B 989 19.25 1.97 6.07
C ILE B 989 17.82 2.47 5.93
N ASP B 990 17.65 3.76 5.64
CA ASP B 990 16.31 4.31 5.44
C ASP B 990 15.64 3.68 4.22
N ARG B 991 16.39 3.51 3.13
CA ARG B 991 15.81 2.90 1.94
C ARG B 991 15.40 1.45 2.21
N LEU B 992 16.26 0.69 2.89
CA LEU B 992 15.92 -0.68 3.23
C LEU B 992 14.73 -0.74 4.17
N ILE B 993 14.66 0.20 5.13
CA ILE B 993 13.54 0.24 6.06
C ILE B 993 12.25 0.52 5.32
N THR B 994 12.26 1.47 4.39
CA THR B 994 11.07 1.78 3.61
C THR B 994 10.63 0.58 2.78
N GLY B 995 11.58 -0.10 2.15
CA GLY B 995 11.24 -1.27 1.35
C GLY B 995 10.64 -2.38 2.17
N ARG B 996 11.29 -2.71 3.29
CA ARG B 996 10.80 -3.80 4.14
C ARG B 996 9.50 -3.43 4.81
N LEU B 997 9.29 -2.14 5.10
CA LEU B 997 8.05 -1.70 5.71
C LEU B 997 6.90 -1.76 4.70
N GLN B 998 7.16 -1.40 3.44
CA GLN B 998 6.15 -1.59 2.41
C GLN B 998 5.83 -3.07 2.23
N SER B 999 6.86 -3.92 2.28
CA SER B 999 6.61 -5.36 2.21
C SER B 999 5.74 -5.84 3.35
N LEU B 1000 6.04 -5.39 4.58
CA LEU B 1000 5.25 -5.79 5.74
C LEU B 1000 3.81 -5.30 5.62
N GLN B 1001 3.63 -4.06 5.18
CA GLN B 1001 2.28 -3.52 5.03
C GLN B 1001 1.50 -4.27 3.96
N THR B 1002 2.14 -4.59 2.84
CA THR B 1002 1.48 -5.37 1.81
C THR B 1002 1.08 -6.74 2.34
N TYR B 1003 1.98 -7.41 3.06
CA TYR B 1003 1.65 -8.71 3.63
C TYR B 1003 0.49 -8.61 4.62
N VAL B 1004 0.49 -7.57 5.45
CA VAL B 1004 -0.56 -7.42 6.45
C VAL B 1004 -1.90 -7.14 5.79
N THR B 1005 -1.91 -6.30 4.75
CA THR B 1005 -3.15 -6.03 4.04
C THR B 1005 -3.67 -7.27 3.33
N GLN B 1006 -2.76 -8.03 2.70
CA GLN B 1006 -3.15 -9.28 2.07
C GLN B 1006 -3.72 -10.26 3.09
N GLN B 1007 -3.09 -10.35 4.26
CA GLN B 1007 -3.59 -11.22 5.31
C GLN B 1007 -4.95 -10.74 5.83
N LEU B 1008 -5.15 -9.43 5.90
CA LEU B 1008 -6.45 -8.92 6.33
C LEU B 1008 -7.54 -9.27 5.32
N ILE B 1009 -7.25 -9.13 4.04
CA ILE B 1009 -8.24 -9.49 3.01
C ILE B 1009 -8.53 -10.98 3.06
N ARG B 1010 -7.50 -11.81 3.16
CA ARG B 1010 -7.70 -13.26 3.23
C ARG B 1010 -8.41 -13.64 4.52
N ALA B 1011 -8.16 -12.89 5.60
CA ALA B 1011 -8.85 -13.15 6.86
C ALA B 1011 -10.33 -12.82 6.74
N ALA B 1012 -10.67 -11.74 6.03
CA ALA B 1012 -12.07 -11.45 5.78
C ALA B 1012 -12.72 -12.53 4.92
N GLU B 1013 -12.01 -13.00 3.90
CA GLU B 1013 -12.53 -14.07 3.06
C GLU B 1013 -12.77 -15.35 3.86
N ILE B 1014 -11.80 -15.73 4.68
CA ILE B 1014 -11.93 -16.94 5.49
C ILE B 1014 -12.95 -16.73 6.60
N ARG B 1015 -13.15 -15.49 7.05
CA ARG B 1015 -14.21 -15.19 7.99
C ARG B 1015 -15.58 -15.42 7.35
N ALA B 1016 -15.75 -15.00 6.10
CA ALA B 1016 -16.99 -15.30 5.38
C ALA B 1016 -17.16 -16.80 5.22
N SER B 1017 -16.09 -17.50 4.86
CA SER B 1017 -16.17 -18.95 4.69
C SER B 1017 -16.50 -19.64 6.01
N ALA B 1018 -15.94 -19.15 7.12
CA ALA B 1018 -16.20 -19.76 8.42
C ALA B 1018 -17.61 -19.45 8.90
N ASN B 1019 -18.13 -18.27 8.58
CA ASN B 1019 -19.53 -17.98 8.87
C ASN B 1019 -20.44 -18.90 8.07
N LEU B 1020 -20.10 -19.15 6.81
CA LEU B 1020 -20.87 -20.11 6.02
C LEU B 1020 -20.78 -21.51 6.61
N ALA B 1021 -19.60 -21.90 7.08
CA ALA B 1021 -19.44 -23.22 7.68
C ALA B 1021 -20.23 -23.34 8.97
N ALA B 1022 -20.23 -22.29 9.78
CA ALA B 1022 -21.03 -22.28 11.02
C ALA B 1022 -22.51 -22.34 10.69
N THR B 1023 -22.94 -21.62 9.65
CA THR B 1023 -24.34 -21.68 9.23
C THR B 1023 -24.71 -23.09 8.78
N LYS B 1024 -23.83 -23.74 8.03
CA LYS B 1024 -24.08 -25.11 7.59
C LYS B 1024 -24.15 -26.07 8.78
N MET B 1025 -23.22 -25.93 9.72
CA MET B 1025 -23.23 -26.81 10.89
C MET B 1025 -24.45 -26.57 11.76
N SER B 1026 -24.95 -25.33 11.79
CA SER B 1026 -26.15 -25.02 12.55
C SER B 1026 -27.43 -25.36 11.80
N GLU B 1027 -27.36 -25.60 10.50
CA GLU B 1027 -28.54 -25.94 9.73
C GLU B 1027 -28.46 -27.30 9.08
N CYS B 1028 -27.35 -27.63 8.44
CA CYS B 1028 -27.19 -28.95 7.82
C CYS B 1028 -27.01 -30.03 8.87
N VAL B 1029 -26.21 -29.76 9.90
CA VAL B 1029 -25.89 -30.78 10.91
C VAL B 1029 -26.89 -30.75 12.06
N LEU B 1030 -27.14 -29.58 12.63
CA LEU B 1030 -28.08 -29.45 13.75
C LEU B 1030 -29.49 -29.25 13.26
N GLY B 1031 -29.94 -30.14 12.37
CA GLY B 1031 -31.26 -30.01 11.79
C GLY B 1031 -31.28 -30.41 10.32
N GLN B 1032 -32.45 -30.38 9.71
CA GLN B 1032 -32.60 -30.61 8.29
C GLN B 1032 -33.03 -29.30 7.63
N SER B 1033 -32.28 -28.89 6.61
CA SER B 1033 -32.47 -27.59 5.99
C SER B 1033 -33.35 -27.72 4.76
N LYS B 1034 -34.33 -26.83 4.63
CA LYS B 1034 -35.22 -26.81 3.48
C LYS B 1034 -34.68 -25.94 2.35
N ARG B 1035 -33.58 -25.24 2.55
CA ARG B 1035 -32.99 -24.43 1.49
C ARG B 1035 -32.42 -25.35 0.42
N VAL B 1036 -32.76 -25.07 -0.84
CA VAL B 1036 -32.39 -25.95 -1.93
C VAL B 1036 -30.93 -25.75 -2.29
N ASP B 1037 -30.22 -26.86 -2.49
CA ASP B 1037 -28.81 -26.86 -2.88
C ASP B 1037 -27.93 -26.16 -1.84
N PHE B 1038 -28.39 -26.11 -0.60
CA PHE B 1038 -27.59 -25.59 0.51
C PHE B 1038 -26.83 -26.69 1.23
N CYS B 1039 -27.52 -27.74 1.65
CA CYS B 1039 -26.92 -28.87 2.37
C CYS B 1039 -26.83 -30.11 1.49
N GLY B 1040 -26.54 -29.92 0.20
CA GLY B 1040 -26.42 -31.05 -0.70
C GLY B 1040 -27.12 -30.84 -2.03
N LYS B 1041 -26.81 -31.69 -3.00
CA LYS B 1041 -27.36 -31.56 -4.35
C LYS B 1041 -28.60 -32.46 -4.46
N GLY B 1042 -29.68 -32.01 -3.82
CA GLY B 1042 -30.93 -32.73 -3.80
C GLY B 1042 -31.67 -32.45 -2.52
N TYR B 1043 -32.74 -33.22 -2.29
CA TYR B 1043 -33.52 -33.09 -1.06
C TYR B 1043 -32.65 -33.50 0.12
N HIS B 1044 -32.32 -32.54 0.97
CA HIS B 1044 -31.41 -32.80 2.07
C HIS B 1044 -32.03 -33.73 3.11
N LEU B 1045 -31.27 -34.76 3.48
CA LEU B 1045 -31.65 -35.67 4.56
C LEU B 1045 -30.88 -35.39 5.83
N MET B 1046 -29.54 -35.37 5.77
CA MET B 1046 -28.74 -35.07 6.94
C MET B 1046 -27.33 -34.69 6.48
N SER B 1047 -26.49 -34.39 7.46
CA SER B 1047 -25.10 -34.05 7.18
C SER B 1047 -24.23 -34.46 8.36
N PHE B 1048 -23.00 -34.84 8.05
CA PHE B 1048 -22.04 -35.28 9.07
C PHE B 1048 -20.77 -34.46 8.95
N PRO B 1049 -20.33 -33.79 10.02
CA PRO B 1049 -19.08 -33.03 9.95
C PRO B 1049 -17.87 -33.92 10.18
N GLN B 1050 -16.76 -33.52 9.56
CA GLN B 1050 -15.47 -34.17 9.76
C GLN B 1050 -14.40 -33.10 9.81
N SER B 1051 -13.63 -33.08 10.89
CA SER B 1051 -12.55 -32.12 11.01
C SER B 1051 -11.48 -32.38 9.96
N ALA B 1052 -10.89 -31.32 9.43
CA ALA B 1052 -9.82 -31.39 8.47
C ALA B 1052 -8.84 -30.27 8.78
N PRO B 1053 -7.58 -30.40 8.36
CA PRO B 1053 -6.59 -29.35 8.65
C PRO B 1053 -7.07 -27.99 8.16
N HIS B 1054 -7.36 -27.12 9.14
CA HIS B 1054 -7.82 -25.75 8.87
C HIS B 1054 -9.14 -25.73 8.11
N GLY B 1055 -10.02 -26.67 8.42
CA GLY B 1055 -11.30 -26.66 7.73
C GLY B 1055 -12.20 -27.79 8.18
N VAL B 1056 -13.36 -27.85 7.54
CA VAL B 1056 -14.37 -28.86 7.82
C VAL B 1056 -14.78 -29.51 6.52
N VAL B 1057 -15.24 -30.76 6.61
CA VAL B 1057 -15.77 -31.50 5.48
C VAL B 1057 -17.15 -32.00 5.86
N PHE B 1058 -18.15 -31.66 5.07
CA PHE B 1058 -19.52 -32.06 5.33
C PHE B 1058 -19.88 -33.21 4.40
N LEU B 1059 -20.29 -34.32 4.98
CA LEU B 1059 -20.84 -35.44 4.23
C LEU B 1059 -22.35 -35.22 4.20
N HIS B 1060 -22.85 -34.75 3.07
CA HIS B 1060 -24.27 -34.44 2.90
C HIS B 1060 -24.97 -35.68 2.36
N VAL B 1061 -25.90 -36.22 3.14
CA VAL B 1061 -26.74 -37.33 2.73
C VAL B 1061 -28.05 -36.75 2.23
N THR B 1062 -28.35 -37.00 0.95
CA THR B 1062 -29.48 -36.40 0.26
C THR B 1062 -30.29 -37.47 -0.45
N TYR B 1063 -31.55 -37.15 -0.72
CA TYR B 1063 -32.48 -38.04 -1.41
C TYR B 1063 -32.59 -37.55 -2.85
N VAL B 1064 -32.16 -38.37 -3.80
CA VAL B 1064 -32.21 -38.03 -5.22
C VAL B 1064 -33.18 -39.00 -5.89
N PRO B 1065 -34.38 -38.55 -6.27
CA PRO B 1065 -35.33 -39.46 -6.91
C PRO B 1065 -34.84 -39.93 -8.27
N ALA B 1066 -35.32 -41.11 -8.66
CA ALA B 1066 -34.88 -41.75 -9.90
C ALA B 1066 -35.91 -42.78 -10.34
N GLN B 1067 -35.68 -43.35 -11.52
CA GLN B 1067 -36.61 -44.29 -12.16
C GLN B 1067 -37.98 -43.63 -12.36
N GLU B 1068 -37.98 -42.59 -13.17
CA GLU B 1068 -39.19 -41.83 -13.46
C GLU B 1068 -40.20 -42.69 -14.21
N LYS B 1069 -41.42 -42.18 -14.30
CA LYS B 1069 -42.50 -42.88 -14.99
C LYS B 1069 -43.47 -41.84 -15.53
N ASN B 1070 -43.61 -41.78 -16.84
CA ASN B 1070 -44.50 -40.80 -17.45
C ASN B 1070 -45.94 -41.11 -17.07
N PHE B 1071 -46.72 -40.05 -16.84
CA PHE B 1071 -48.09 -40.23 -16.39
C PHE B 1071 -48.96 -39.10 -16.92
N THR B 1072 -50.27 -39.34 -16.90
CA THR B 1072 -51.27 -38.36 -17.28
C THR B 1072 -51.93 -37.79 -16.04
N THR B 1073 -52.06 -36.46 -15.99
CA THR B 1073 -52.48 -35.76 -14.80
C THR B 1073 -53.68 -34.87 -15.10
N ALA B 1074 -54.37 -34.47 -14.03
CA ALA B 1074 -55.54 -33.61 -14.10
C ALA B 1074 -55.66 -32.84 -12.79
N PRO B 1075 -55.79 -31.52 -12.84
CA PRO B 1075 -55.78 -30.72 -11.60
C PRO B 1075 -56.92 -31.03 -10.65
N ALA B 1076 -58.01 -31.63 -11.11
CA ALA B 1076 -59.17 -31.85 -10.27
C ALA B 1076 -59.82 -33.19 -10.61
N ILE B 1077 -60.91 -33.49 -9.92
CA ILE B 1077 -61.69 -34.70 -10.12
C ILE B 1077 -63.15 -34.37 -9.87
N CYS B 1078 -63.99 -34.52 -10.90
CA CYS B 1078 -65.39 -34.11 -10.84
C CYS B 1078 -66.23 -35.37 -10.66
N HIS B 1079 -66.47 -35.75 -9.39
CA HIS B 1079 -67.24 -36.97 -9.13
C HIS B 1079 -68.71 -36.68 -8.85
N ASP B 1080 -69.00 -35.98 -7.75
CA ASP B 1080 -70.38 -35.66 -7.40
C ASP B 1080 -70.76 -34.25 -7.86
N GLY B 1081 -70.53 -33.96 -9.14
CA GLY B 1081 -70.82 -32.63 -9.64
C GLY B 1081 -69.98 -31.54 -9.00
N LYS B 1082 -68.91 -31.91 -8.30
CA LYS B 1082 -68.07 -30.97 -7.59
C LYS B 1082 -66.61 -31.29 -7.87
N ALA B 1083 -65.79 -30.25 -7.90
CA ALA B 1083 -64.35 -30.44 -8.10
C ALA B 1083 -63.72 -30.99 -6.82
N HIS B 1084 -62.75 -31.89 -6.99
CA HIS B 1084 -62.01 -32.46 -5.87
C HIS B 1084 -60.52 -32.28 -6.12
N PHE B 1085 -59.80 -31.86 -5.08
CA PHE B 1085 -58.38 -31.61 -5.18
C PHE B 1085 -57.63 -32.41 -4.12
N PRO B 1086 -56.47 -32.96 -4.44
CA PRO B 1086 -55.72 -33.76 -3.45
C PRO B 1086 -55.30 -32.92 -2.27
N ARG B 1087 -55.35 -33.53 -1.08
CA ARG B 1087 -54.94 -32.83 0.13
C ARG B 1087 -53.45 -32.51 0.09
N GLU B 1088 -52.62 -33.51 -0.23
CA GLU B 1088 -51.20 -33.30 -0.40
C GLU B 1088 -50.62 -34.07 -1.57
N GLY B 1089 -51.44 -34.78 -2.35
CA GLY B 1089 -50.96 -35.62 -3.42
C GLY B 1089 -51.11 -34.98 -4.79
N VAL B 1090 -50.99 -35.83 -5.82
CA VAL B 1090 -51.15 -35.44 -7.21
C VAL B 1090 -52.00 -36.50 -7.89
N PHE B 1091 -52.94 -36.06 -8.71
CA PHE B 1091 -53.81 -36.98 -9.45
C PHE B 1091 -53.09 -37.46 -10.70
N VAL B 1092 -52.94 -38.78 -10.83
CA VAL B 1092 -52.29 -39.39 -11.99
C VAL B 1092 -53.16 -40.53 -12.48
N SER B 1093 -52.88 -40.97 -13.71
CA SER B 1093 -53.58 -42.11 -14.30
C SER B 1093 -52.60 -42.95 -15.08
N ASN B 1094 -52.72 -44.27 -14.95
CA ASN B 1094 -51.93 -45.20 -15.74
C ASN B 1094 -52.64 -45.60 -17.03
N GLY B 1095 -53.53 -44.76 -17.52
CA GLY B 1095 -54.24 -45.01 -18.76
C GLY B 1095 -55.70 -45.33 -18.55
N THR B 1096 -55.99 -46.16 -17.54
CA THR B 1096 -57.35 -46.61 -17.27
C THR B 1096 -57.88 -46.12 -15.93
N HIS B 1097 -57.18 -46.38 -14.83
CA HIS B 1097 -57.64 -46.02 -13.50
C HIS B 1097 -56.93 -44.77 -13.02
N TRP B 1098 -57.66 -43.94 -12.28
CA TRP B 1098 -57.13 -42.69 -11.73
C TRP B 1098 -56.79 -42.88 -10.26
N PHE B 1099 -55.53 -42.60 -9.92
CA PHE B 1099 -55.04 -42.67 -8.55
C PHE B 1099 -54.53 -41.30 -8.13
N VAL B 1100 -54.28 -41.14 -6.84
CA VAL B 1100 -53.55 -40.00 -6.31
C VAL B 1100 -52.31 -40.53 -5.60
N THR B 1101 -51.18 -39.87 -5.82
CA THR B 1101 -49.92 -40.37 -5.31
C THR B 1101 -49.11 -39.23 -4.71
N GLN B 1102 -48.08 -39.59 -3.95
CA GLN B 1102 -47.14 -38.61 -3.45
C GLN B 1102 -46.42 -37.95 -4.61
N ARG B 1103 -46.10 -36.68 -4.46
CA ARG B 1103 -45.47 -35.91 -5.53
C ARG B 1103 -43.95 -36.03 -5.52
N ASN B 1104 -43.40 -37.02 -4.82
CA ASN B 1104 -41.97 -37.28 -4.87
C ASN B 1104 -41.62 -38.76 -4.88
N PHE B 1105 -42.61 -39.66 -4.89
CA PHE B 1105 -42.35 -41.09 -4.89
C PHE B 1105 -43.64 -41.79 -5.29
N TYR B 1106 -43.58 -42.59 -6.35
CA TYR B 1106 -44.79 -43.21 -6.89
C TYR B 1106 -45.42 -44.16 -5.89
N GLU B 1107 -46.60 -43.78 -5.37
CA GLU B 1107 -47.39 -44.63 -4.48
C GLU B 1107 -48.86 -44.39 -4.78
N PRO B 1108 -49.39 -45.08 -5.79
CA PRO B 1108 -50.79 -44.85 -6.17
C PRO B 1108 -51.74 -45.24 -5.05
N GLN B 1109 -52.82 -44.47 -4.92
CA GLN B 1109 -53.83 -44.71 -3.91
C GLN B 1109 -55.20 -44.41 -4.49
N ILE B 1110 -56.18 -45.23 -4.11
CA ILE B 1110 -57.55 -45.03 -4.61
C ILE B 1110 -58.13 -43.78 -3.99
N ILE B 1111 -58.79 -42.96 -4.80
CA ILE B 1111 -59.28 -41.67 -4.36
C ILE B 1111 -60.48 -41.85 -3.44
N THR B 1112 -60.46 -41.20 -2.28
CA THR B 1112 -61.56 -41.23 -1.34
C THR B 1112 -61.74 -39.85 -0.74
N THR B 1113 -62.79 -39.71 0.08
CA THR B 1113 -63.11 -38.41 0.66
C THR B 1113 -62.06 -37.99 1.68
N ASP B 1114 -61.56 -38.92 2.48
CA ASP B 1114 -60.49 -38.61 3.42
C ASP B 1114 -59.21 -38.20 2.70
N ASN B 1115 -59.17 -38.30 1.38
CA ASN B 1115 -57.97 -38.16 0.60
C ASN B 1115 -58.00 -36.92 -0.30
N THR B 1116 -59.18 -36.34 -0.53
CA THR B 1116 -59.34 -35.13 -1.32
C THR B 1116 -60.25 -34.16 -0.58
N PHE B 1117 -60.18 -32.89 -0.97
CA PHE B 1117 -61.06 -31.86 -0.44
C PHE B 1117 -61.73 -31.12 -1.59
N VAL B 1118 -62.96 -30.65 -1.34
CA VAL B 1118 -63.86 -30.13 -2.36
C VAL B 1118 -63.90 -28.61 -2.31
N SER B 1119 -64.02 -27.99 -3.49
CA SER B 1119 -64.17 -26.53 -3.60
C SER B 1119 -64.94 -26.21 -4.86
N GLY B 1120 -66.24 -25.96 -4.72
CA GLY B 1120 -67.05 -25.47 -5.82
C GLY B 1120 -67.51 -26.56 -6.78
N ASN B 1121 -68.14 -26.10 -7.86
CA ASN B 1121 -68.66 -26.99 -8.90
C ASN B 1121 -67.64 -27.12 -10.03
N CYS B 1122 -68.03 -27.83 -11.08
CA CYS B 1122 -67.09 -28.27 -12.10
C CYS B 1122 -67.11 -27.35 -13.33
N ASP B 1123 -66.82 -26.08 -13.10
CA ASP B 1123 -66.77 -25.19 -14.27
C ASP B 1123 -65.50 -24.37 -14.37
N VAL B 1124 -64.99 -23.85 -13.24
CA VAL B 1124 -63.83 -22.96 -13.30
C VAL B 1124 -62.57 -23.73 -13.62
N VAL B 1125 -62.43 -24.94 -13.05
CA VAL B 1125 -61.22 -25.73 -13.27
C VAL B 1125 -61.13 -26.10 -14.75
N ILE B 1126 -59.93 -25.92 -15.32
CA ILE B 1126 -59.75 -26.14 -16.74
C ILE B 1126 -59.57 -27.63 -17.05
N GLY B 1127 -58.56 -28.25 -16.44
CA GLY B 1127 -58.24 -29.64 -16.74
C GLY B 1127 -58.97 -30.64 -15.88
N ILE B 1128 -60.16 -30.27 -15.40
CA ILE B 1128 -60.94 -31.18 -14.57
C ILE B 1128 -61.36 -32.41 -15.39
N VAL B 1129 -61.44 -33.55 -14.72
CA VAL B 1129 -61.74 -34.82 -15.36
C VAL B 1129 -62.78 -35.56 -14.51
N ASN B 1130 -63.82 -36.08 -15.17
CA ASN B 1130 -64.82 -36.87 -14.49
C ASN B 1130 -64.20 -38.16 -13.95
N ASN B 1131 -64.65 -38.58 -12.77
CA ASN B 1131 -64.13 -39.76 -12.11
C ASN B 1131 -65.07 -40.11 -10.95
N THR B 1132 -64.69 -41.14 -10.19
CA THR B 1132 -65.44 -41.57 -9.02
C THR B 1132 -64.58 -41.39 -7.78
N VAL B 1133 -65.16 -40.82 -6.74
CA VAL B 1133 -64.50 -40.68 -5.43
C VAL B 1133 -65.27 -41.57 -4.47
N TYR B 1134 -64.72 -42.75 -4.19
CA TYR B 1134 -65.42 -43.75 -3.39
C TYR B 1134 -65.34 -43.40 -1.92
N ASP B 1135 -66.47 -43.50 -1.23
CA ASP B 1135 -66.48 -43.35 0.22
C ASP B 1135 -66.19 -44.71 0.87
N PRO B 1136 -65.33 -44.75 1.89
CA PRO B 1136 -64.97 -46.01 2.54
C PRO B 1136 -66.07 -46.52 3.48
N GLN C 27 -13.83 57.28 -17.85
CA GLN C 27 -14.01 55.85 -18.04
C GLN C 27 -15.01 55.28 -17.03
N SER C 28 -15.75 54.25 -17.46
CA SER C 28 -16.75 53.62 -16.62
C SER C 28 -16.30 52.21 -16.24
N TYR C 29 -17.17 51.49 -15.54
CA TYR C 29 -16.88 50.15 -15.07
C TYR C 29 -17.99 49.20 -15.53
N THR C 30 -17.60 48.09 -16.13
CA THR C 30 -18.55 47.08 -16.57
C THR C 30 -18.14 45.71 -16.05
N ASN C 31 -18.84 44.66 -16.50
CA ASN C 31 -18.53 43.30 -16.11
C ASN C 31 -18.07 42.51 -17.32
N SER C 32 -16.97 41.78 -17.18
CA SER C 32 -16.54 40.84 -18.21
C SER C 32 -17.50 39.66 -18.17
N PHE C 33 -18.47 39.64 -19.07
CA PHE C 33 -19.57 38.68 -19.02
C PHE C 33 -19.04 37.26 -19.03
N THR C 34 -18.44 36.84 -20.14
CA THR C 34 -17.76 35.55 -20.21
C THR C 34 -16.44 35.64 -20.98
N ARG C 35 -16.03 36.83 -21.39
CA ARG C 35 -14.85 36.99 -22.23
C ARG C 35 -13.58 36.67 -21.46
N GLY C 36 -12.48 36.58 -22.19
CA GLY C 36 -11.17 36.36 -21.61
C GLY C 36 -10.68 34.93 -21.63
N VAL C 37 -11.37 34.02 -22.31
CA VAL C 37 -10.98 32.62 -22.37
C VAL C 37 -10.12 32.40 -23.61
N TYR C 38 -8.91 31.88 -23.41
CA TYR C 38 -7.99 31.61 -24.49
C TYR C 38 -7.54 30.16 -24.42
N TYR C 39 -6.91 29.70 -25.50
CA TYR C 39 -6.40 28.33 -25.54
C TYR C 39 -5.20 28.22 -24.61
N PRO C 40 -5.25 27.34 -23.61
CA PRO C 40 -4.12 27.28 -22.65
C PRO C 40 -2.80 26.90 -23.29
N ASP C 41 -2.81 26.09 -24.34
CA ASP C 41 -1.60 25.61 -24.98
C ASP C 41 -1.93 25.23 -26.41
N LYS C 42 -1.01 24.53 -27.06
CA LYS C 42 -1.18 24.10 -28.45
C LYS C 42 -1.41 22.60 -28.54
N VAL C 43 -2.22 22.07 -27.62
CA VAL C 43 -2.55 20.64 -27.58
C VAL C 43 -3.97 20.46 -28.09
N PHE C 44 -4.13 19.56 -29.05
CA PHE C 44 -5.46 19.26 -29.58
C PHE C 44 -6.18 18.29 -28.66
N ARG C 45 -7.46 18.59 -28.40
CA ARG C 45 -8.32 17.71 -27.63
C ARG C 45 -9.70 17.70 -28.29
N SER C 46 -10.27 16.51 -28.42
CA SER C 46 -11.52 16.33 -29.16
C SER C 46 -12.62 15.91 -28.21
N SER C 47 -13.59 16.80 -27.98
CA SER C 47 -14.80 16.52 -27.22
C SER C 47 -14.47 15.99 -25.83
N VAL C 48 -13.72 16.79 -25.08
CA VAL C 48 -13.32 16.46 -23.72
C VAL C 48 -13.61 17.65 -22.81
N LEU C 49 -13.34 17.47 -21.52
CA LEU C 49 -13.49 18.53 -20.52
C LEU C 49 -12.20 18.60 -19.72
N HIS C 50 -11.38 19.60 -20.00
CA HIS C 50 -10.07 19.74 -19.39
C HIS C 50 -10.13 20.76 -18.26
N LEU C 51 -9.74 20.34 -17.06
CA LEU C 51 -9.65 21.23 -15.91
C LEU C 51 -8.21 21.72 -15.81
N THR C 52 -8.00 23.00 -16.07
CA THR C 52 -6.66 23.57 -16.08
C THR C 52 -6.61 24.82 -15.21
N GLN C 53 -5.52 24.96 -14.47
CA GLN C 53 -5.27 26.15 -13.67
C GLN C 53 -4.24 27.02 -14.37
N ASP C 54 -4.58 28.29 -14.57
CA ASP C 54 -3.69 29.21 -15.27
C ASP C 54 -4.17 30.63 -14.99
N LEU C 55 -3.44 31.60 -15.50
CA LEU C 55 -3.85 33.00 -15.41
C LEU C 55 -4.96 33.25 -16.43
N PHE C 56 -6.12 33.68 -15.94
CA PHE C 56 -7.29 33.90 -16.77
C PHE C 56 -7.94 35.22 -16.37
N LEU C 57 -9.00 35.57 -17.09
CA LEU C 57 -9.83 36.70 -16.70
C LEU C 57 -11.01 36.17 -15.91
N PRO C 58 -11.10 36.42 -14.61
CA PRO C 58 -12.22 35.88 -13.82
C PRO C 58 -13.56 36.35 -14.35
N PHE C 59 -14.54 35.46 -14.31
CA PHE C 59 -15.86 35.78 -14.85
C PHE C 59 -16.51 36.91 -14.06
N PHE C 60 -17.16 37.82 -14.79
CA PHE C 60 -17.95 38.90 -14.20
C PHE C 60 -17.11 39.79 -13.30
N SER C 61 -15.82 39.93 -13.61
CA SER C 61 -14.96 40.84 -12.88
C SER C 61 -15.12 42.26 -13.40
N ASN C 62 -14.70 43.22 -12.58
CA ASN C 62 -14.82 44.62 -12.95
C ASN C 62 -13.83 44.95 -14.06
N VAL C 63 -14.32 45.61 -15.11
CA VAL C 63 -13.54 45.93 -16.30
C VAL C 63 -13.63 47.42 -16.55
N THR C 64 -12.48 48.06 -16.77
CA THR C 64 -12.42 49.50 -16.96
C THR C 64 -12.64 49.81 -18.44
N TRP C 65 -13.72 50.52 -18.74
CA TRP C 65 -14.09 50.85 -20.11
C TRP C 65 -13.75 52.31 -20.38
N PHE C 66 -12.80 52.53 -21.28
CA PHE C 66 -12.43 53.87 -21.71
C PHE C 66 -13.09 54.18 -23.04
N ASN C 80 -3.97 58.80 -22.49
CA ASN C 80 -3.26 57.53 -22.39
C ASN C 80 -2.61 57.37 -21.02
N PRO C 81 -3.38 56.94 -20.03
CA PRO C 81 -2.83 56.71 -18.70
C PRO C 81 -1.98 55.43 -18.67
N VAL C 82 -1.15 55.34 -17.64
CA VAL C 82 -0.21 54.23 -17.50
C VAL C 82 -0.94 53.13 -16.72
N LEU C 83 -1.60 52.24 -17.46
CA LEU C 83 -2.30 51.13 -16.83
C LEU C 83 -1.30 50.09 -16.35
N PRO C 84 -1.34 49.69 -15.08
CA PRO C 84 -0.37 48.72 -14.58
C PRO C 84 -0.52 47.37 -15.27
N PHE C 85 0.63 46.72 -15.50
CA PHE C 85 0.67 45.39 -16.09
C PHE C 85 0.68 44.37 -14.95
N ASN C 86 -0.51 43.97 -14.52
CA ASN C 86 -0.65 42.97 -13.46
C ASN C 86 -0.55 41.59 -14.09
N ASP C 87 0.69 41.19 -14.39
CA ASP C 87 1.09 39.89 -14.93
C ASP C 87 0.02 39.31 -15.87
N GLY C 88 -0.32 40.09 -16.89
CA GLY C 88 -1.33 39.69 -17.85
C GLY C 88 -2.53 40.61 -17.87
N VAL C 89 -2.91 41.06 -19.06
CA VAL C 89 -4.05 41.97 -19.23
C VAL C 89 -4.90 41.47 -20.39
N TYR C 90 -6.14 41.96 -20.42
CA TYR C 90 -7.09 41.66 -21.49
C TYR C 90 -7.58 42.98 -22.07
N PHE C 91 -7.30 43.21 -23.35
CA PHE C 91 -7.58 44.46 -24.03
C PHE C 91 -8.58 44.19 -25.15
N ALA C 92 -9.75 44.82 -25.08
CA ALA C 92 -10.79 44.65 -26.09
C ALA C 92 -11.05 46.00 -26.74
N SER C 93 -10.67 46.13 -28.01
CA SER C 93 -10.80 47.40 -28.74
C SER C 93 -11.94 47.31 -29.73
N THR C 94 -12.74 48.38 -29.81
CA THR C 94 -13.85 48.47 -30.76
C THR C 94 -13.79 49.87 -31.39
N GLU C 95 -13.24 49.97 -32.58
CA GLU C 95 -13.23 51.22 -33.32
C GLU C 95 -13.06 50.91 -34.80
N LYS C 96 -13.44 51.88 -35.64
CA LYS C 96 -13.17 51.83 -37.07
C LYS C 96 -12.34 52.99 -37.55
N SER C 97 -11.96 53.91 -36.66
CA SER C 97 -11.10 55.03 -37.02
C SER C 97 -9.63 54.67 -37.04
N ASN C 98 -9.28 53.45 -36.62
CA ASN C 98 -7.90 52.96 -36.63
C ASN C 98 -6.99 53.80 -35.73
N ILE C 99 -7.58 54.45 -34.72
CA ILE C 99 -6.78 55.24 -33.80
C ILE C 99 -5.92 54.33 -32.92
N ILE C 100 -6.48 53.22 -32.47
CA ILE C 100 -5.72 52.24 -31.71
C ILE C 100 -4.70 51.62 -32.67
N ARG C 101 -3.42 51.78 -32.36
CA ARG C 101 -2.35 51.33 -33.25
C ARG C 101 -1.39 50.33 -32.61
N GLY C 102 -1.33 50.25 -31.28
CA GLY C 102 -0.43 49.30 -30.66
C GLY C 102 -0.31 49.55 -29.17
N TRP C 103 0.80 49.06 -28.62
CA TRP C 103 1.00 49.05 -27.18
C TRP C 103 2.48 49.27 -26.86
N ILE C 104 2.72 49.78 -25.65
CA ILE C 104 4.06 49.85 -25.08
C ILE C 104 4.05 49.09 -23.76
N PHE C 105 5.03 48.21 -23.59
CA PHE C 105 5.17 47.38 -22.41
C PHE C 105 6.55 47.57 -21.81
N GLY C 106 6.67 47.36 -20.50
CA GLY C 106 7.99 47.38 -19.90
C GLY C 106 7.90 47.56 -18.39
N THR C 107 8.97 48.12 -17.83
CA THR C 107 9.02 48.45 -16.41
C THR C 107 9.08 49.94 -16.15
N THR C 108 9.85 50.68 -16.93
CA THR C 108 9.96 52.14 -16.81
C THR C 108 9.35 52.88 -17.98
N LEU C 109 9.56 52.42 -19.21
CA LEU C 109 8.97 53.01 -20.40
C LEU C 109 9.28 54.50 -20.53
N ASP C 110 10.52 54.86 -20.18
CA ASP C 110 10.94 56.26 -20.19
C ASP C 110 12.28 56.40 -20.91
N SER C 111 12.47 55.60 -21.96
CA SER C 111 13.73 55.57 -22.72
C SER C 111 14.92 55.23 -21.84
N LYS C 112 14.73 54.32 -20.89
CA LYS C 112 15.82 53.79 -20.09
C LYS C 112 15.95 52.28 -20.21
N THR C 113 14.85 51.54 -20.06
CA THR C 113 14.88 50.09 -20.17
C THR C 113 14.43 49.65 -21.56
N GLN C 114 14.37 48.33 -21.75
CA GLN C 114 13.97 47.75 -23.03
C GLN C 114 12.46 47.76 -23.12
N SER C 115 11.90 48.87 -23.59
CA SER C 115 10.47 48.98 -23.81
C SER C 115 10.06 48.18 -25.03
N LEU C 116 9.04 47.35 -24.87
CA LEU C 116 8.47 46.56 -25.96
C LEU C 116 7.45 47.42 -26.69
N LEU C 117 7.72 47.70 -27.96
CA LEU C 117 6.86 48.49 -28.83
C LEU C 117 6.14 47.54 -29.78
N ILE C 118 4.81 47.62 -29.81
CA ILE C 118 4.00 46.87 -30.75
C ILE C 118 3.16 47.88 -31.52
N VAL C 119 3.19 47.81 -32.85
CA VAL C 119 2.38 48.70 -33.68
C VAL C 119 1.94 47.98 -34.93
N ASN C 120 0.64 47.94 -35.18
CA ASN C 120 0.07 47.32 -36.37
C ASN C 120 -0.43 48.45 -37.28
N ASN C 121 0.42 48.86 -38.23
CA ASN C 121 0.12 50.05 -39.01
C ASN C 121 -0.91 49.79 -40.11
N ALA C 122 -0.55 48.99 -41.11
CA ALA C 122 -1.53 48.61 -42.13
C ALA C 122 -1.49 47.14 -42.52
N THR C 123 -0.35 46.47 -42.48
CA THR C 123 -0.26 45.07 -42.91
C THR C 123 0.46 44.18 -41.92
N ASN C 124 1.50 44.67 -41.27
CA ASN C 124 2.35 43.85 -40.44
C ASN C 124 2.48 44.47 -39.05
N VAL C 125 2.52 43.60 -38.04
CA VAL C 125 2.66 44.04 -36.65
C VAL C 125 4.15 44.24 -36.39
N PHE C 126 4.61 45.46 -36.61
CA PHE C 126 5.98 45.84 -36.27
C PHE C 126 6.17 45.73 -34.76
N ILE C 127 6.99 44.77 -34.34
CA ILE C 127 7.29 44.54 -32.93
C ILE C 127 8.77 44.81 -32.73
N LYS C 128 9.09 45.75 -31.86
CA LYS C 128 10.45 46.17 -31.60
C LYS C 128 10.70 46.10 -30.10
N VAL C 129 11.95 45.85 -29.71
CA VAL C 129 12.31 45.97 -28.31
C VAL C 129 13.36 47.06 -28.19
N CYS C 130 12.92 48.30 -27.98
CA CYS C 130 13.82 49.44 -28.13
C CYS C 130 13.77 50.36 -26.91
N GLU C 131 14.39 51.54 -27.05
CA GLU C 131 14.52 52.48 -25.93
C GLU C 131 14.17 53.86 -26.45
N PHE C 132 12.92 54.26 -26.27
CA PHE C 132 12.40 55.50 -26.83
C PHE C 132 11.60 56.26 -25.77
N GLN C 133 11.65 57.59 -25.88
CA GLN C 133 10.89 58.44 -24.95
C GLN C 133 9.39 58.29 -25.16
N PHE C 134 8.93 58.43 -26.41
CA PHE C 134 7.50 58.46 -26.69
C PHE C 134 7.24 58.02 -28.13
N CYS C 135 6.00 57.61 -28.37
CA CYS C 135 5.48 57.42 -29.71
C CYS C 135 4.79 58.70 -30.16
N ASN C 136 4.03 58.64 -31.26
CA ASN C 136 3.29 59.81 -31.73
C ASN C 136 2.33 60.32 -30.67
N ASP C 137 1.75 59.43 -29.86
CA ASP C 137 0.83 59.86 -28.82
C ASP C 137 1.58 60.63 -27.74
N PRO C 138 0.96 61.62 -27.09
CA PRO C 138 1.55 62.41 -26.00
C PRO C 138 2.22 61.56 -24.94
N MET C 151 -6.78 63.84 -43.90
CA MET C 151 -5.99 64.36 -42.79
C MET C 151 -5.19 63.25 -42.13
N GLU C 152 -3.93 63.55 -41.78
CA GLU C 152 -3.05 62.63 -41.08
C GLU C 152 -2.87 61.33 -41.87
N SER C 153 -2.26 61.46 -43.04
CA SER C 153 -2.02 60.32 -43.93
C SER C 153 -0.63 59.74 -43.81
N GLU C 154 0.19 60.23 -42.88
CA GLU C 154 1.56 59.76 -42.74
C GLU C 154 2.08 60.11 -41.35
N SER C 155 2.58 59.12 -40.62
CA SER C 155 3.18 59.38 -39.30
C SER C 155 4.06 58.18 -38.93
N GLY C 156 5.36 58.43 -38.82
CA GLY C 156 6.31 57.43 -38.37
C GLY C 156 7.38 58.00 -37.47
N VAL C 157 7.01 59.03 -36.70
CA VAL C 157 8.03 59.86 -36.05
C VAL C 157 8.50 59.24 -34.73
N TYR C 158 7.57 58.83 -33.87
CA TYR C 158 7.85 58.43 -32.49
C TYR C 158 8.87 59.37 -31.84
N SER C 159 9.77 58.83 -31.02
CA SER C 159 10.79 59.70 -30.44
C SER C 159 12.22 59.19 -30.61
N SER C 160 12.42 57.88 -30.51
CA SER C 160 13.77 57.34 -30.55
C SER C 160 13.75 55.89 -31.00
N ALA C 161 14.89 55.41 -31.49
CA ALA C 161 15.08 54.01 -31.85
C ALA C 161 16.32 53.42 -31.20
N ASN C 162 16.71 53.94 -30.03
CA ASN C 162 17.94 53.51 -29.38
C ASN C 162 17.81 52.11 -28.80
N ASN C 163 18.90 51.35 -28.88
CA ASN C 163 19.03 50.05 -28.21
C ASN C 163 17.86 49.11 -28.54
N CYS C 164 17.75 48.76 -29.82
CA CYS C 164 16.73 47.83 -30.29
C CYS C 164 17.30 46.41 -30.22
N THR C 165 16.80 45.62 -29.28
CA THR C 165 17.34 44.30 -29.03
C THR C 165 16.59 43.18 -29.77
N PHE C 166 15.45 43.47 -30.38
CA PHE C 166 14.70 42.45 -31.10
C PHE C 166 13.74 43.11 -32.06
N GLU C 167 13.52 42.47 -33.21
CA GLU C 167 12.63 42.94 -34.26
C GLU C 167 11.78 41.79 -34.77
N TYR C 168 10.54 42.11 -35.15
CA TYR C 168 9.61 41.13 -35.71
C TYR C 168 8.57 41.87 -36.54
N VAL C 169 8.05 41.18 -37.56
CA VAL C 169 7.04 41.75 -38.44
C VAL C 169 5.92 40.73 -38.63
N SER C 170 4.72 41.24 -38.91
CA SER C 170 3.54 40.43 -39.19
C SER C 170 3.31 39.35 -38.13
N ASN C 186 -14.01 44.21 -36.25
CA ASN C 186 -14.69 44.67 -35.06
C ASN C 186 -14.37 43.79 -33.86
N LEU C 187 -14.42 44.37 -32.67
CA LEU C 187 -14.24 43.66 -31.41
C LEU C 187 -12.94 42.86 -31.41
N ARG C 188 -11.83 43.57 -31.48
CA ARG C 188 -10.50 42.95 -31.46
C ARG C 188 -10.11 42.71 -30.01
N GLU C 189 -10.12 41.44 -29.59
CA GLU C 189 -9.71 41.06 -28.25
C GLU C 189 -8.29 40.54 -28.27
N PHE C 190 -7.51 40.92 -27.26
CA PHE C 190 -6.10 40.55 -27.17
C PHE C 190 -5.75 40.29 -25.71
N VAL C 191 -5.34 39.07 -25.41
CA VAL C 191 -4.82 38.71 -24.11
C VAL C 191 -3.30 38.80 -24.17
N PHE C 192 -2.73 39.64 -23.31
CA PHE C 192 -1.28 39.84 -23.23
C PHE C 192 -0.79 39.21 -21.94
N LYS C 193 0.02 38.16 -22.06
CA LYS C 193 0.52 37.45 -20.89
C LYS C 193 2.05 37.42 -20.94
N ASN C 194 2.66 37.43 -19.75
CA ASN C 194 4.11 37.39 -19.63
C ASN C 194 4.47 36.26 -18.67
N ILE C 195 5.18 35.25 -19.15
CA ILE C 195 5.58 34.13 -18.30
C ILE C 195 6.84 33.49 -18.87
N ASP C 196 7.83 33.27 -18.00
CA ASP C 196 9.07 32.59 -18.35
C ASP C 196 9.79 33.27 -19.52
N GLY C 197 9.86 34.60 -19.47
CA GLY C 197 10.45 35.33 -20.58
C GLY C 197 9.71 35.20 -21.88
N TYR C 198 8.43 34.80 -21.83
CA TYR C 198 7.61 34.59 -23.00
C TYR C 198 6.48 35.61 -22.97
N PHE C 199 6.43 36.46 -24.00
CA PHE C 199 5.31 37.35 -24.25
C PHE C 199 4.32 36.61 -25.14
N LYS C 200 3.19 36.19 -24.57
CA LYS C 200 2.14 35.50 -25.30
C LYS C 200 1.04 36.49 -25.65
N ILE C 201 0.75 36.63 -26.93
CA ILE C 201 -0.36 37.45 -27.40
C ILE C 201 -1.39 36.50 -27.99
N TYR C 202 -2.59 36.51 -27.43
CA TYR C 202 -3.72 35.74 -27.92
C TYR C 202 -4.72 36.69 -28.57
N SER C 203 -5.01 36.47 -29.85
CA SER C 203 -5.85 37.37 -30.62
C SER C 203 -7.21 36.74 -30.89
N LYS C 204 -8.21 37.60 -31.09
CA LYS C 204 -9.52 37.16 -31.53
C LYS C 204 -10.22 38.33 -32.21
N HIS C 205 -10.43 38.23 -33.51
CA HIS C 205 -11.11 39.26 -34.28
C HIS C 205 -12.49 38.71 -34.67
N THR C 206 -13.47 38.90 -33.80
CA THR C 206 -14.82 38.49 -34.09
C THR C 206 -15.61 39.70 -34.59
N PRO C 207 -15.96 39.75 -35.87
CA PRO C 207 -16.58 40.97 -36.43
C PRO C 207 -18.02 41.17 -35.96
N ILE C 208 -18.20 41.69 -34.75
CA ILE C 208 -19.53 41.98 -34.25
C ILE C 208 -20.17 43.07 -35.11
N ILE C 209 -21.45 42.89 -35.42
CA ILE C 209 -22.20 43.92 -36.14
C ILE C 209 -22.43 45.08 -35.18
N GLY C 210 -21.69 46.16 -35.37
CA GLY C 210 -21.66 47.26 -34.43
C GLY C 210 -20.37 47.27 -33.61
N ARG C 211 -20.43 47.94 -32.47
CA ARG C 211 -19.27 48.05 -31.61
C ARG C 211 -19.59 47.92 -30.12
N ASP C 212 -20.83 47.62 -29.75
CA ASP C 212 -21.17 47.45 -28.34
C ASP C 212 -20.64 46.12 -27.82
N PHE C 213 -20.32 46.10 -26.53
CA PHE C 213 -19.77 44.90 -25.89
C PHE C 213 -20.81 43.79 -25.89
N PRO C 214 -20.55 42.68 -26.59
CA PRO C 214 -21.54 41.59 -26.64
C PRO C 214 -21.36 40.59 -25.52
N GLN C 215 -22.47 40.21 -24.88
CA GLN C 215 -22.43 39.25 -23.77
C GLN C 215 -22.53 37.84 -24.35
N GLY C 216 -21.41 37.37 -24.91
CA GLY C 216 -21.34 36.06 -25.49
C GLY C 216 -20.03 35.35 -25.20
N PHE C 217 -19.75 34.27 -25.93
CA PHE C 217 -18.55 33.48 -25.72
C PHE C 217 -17.77 33.35 -27.02
N SER C 218 -16.44 33.45 -26.91
CA SER C 218 -15.55 33.21 -28.03
C SER C 218 -14.15 33.00 -27.48
N ALA C 219 -13.56 31.84 -27.77
CA ALA C 219 -12.21 31.56 -27.31
C ALA C 219 -11.19 32.39 -28.09
N LEU C 220 -9.98 32.46 -27.55
CA LEU C 220 -8.91 33.25 -28.14
C LEU C 220 -7.75 32.33 -28.51
N GLU C 221 -7.39 32.33 -29.79
CA GLU C 221 -6.28 31.55 -30.30
C GLU C 221 -4.96 32.23 -29.96
N PRO C 222 -3.88 31.45 -29.82
CA PRO C 222 -2.56 32.08 -29.59
C PRO C 222 -2.02 32.74 -30.84
N LEU C 223 -2.06 34.06 -30.88
CA LEU C 223 -1.54 34.77 -32.05
C LEU C 223 -0.04 34.60 -32.18
N VAL C 224 0.69 34.73 -31.08
CA VAL C 224 2.15 34.58 -31.11
C VAL C 224 2.66 34.35 -29.70
N ASP C 225 3.79 33.65 -29.59
CA ASP C 225 4.49 33.40 -28.33
C ASP C 225 5.95 33.79 -28.56
N LEU C 226 6.29 35.04 -28.24
CA LEU C 226 7.63 35.55 -28.48
C LEU C 226 8.50 35.36 -27.25
N PRO C 227 9.57 34.57 -27.30
CA PRO C 227 10.47 34.40 -26.15
C PRO C 227 11.54 35.48 -26.06
N ILE C 228 11.12 36.74 -26.10
CA ILE C 228 12.07 37.84 -26.06
C ILE C 228 12.74 37.95 -24.70
N GLY C 229 11.99 37.68 -23.63
CA GLY C 229 12.54 37.69 -22.29
C GLY C 229 12.91 39.05 -21.74
N ILE C 230 11.91 39.90 -21.49
CA ILE C 230 12.12 41.19 -20.85
C ILE C 230 11.17 41.31 -19.66
N ASN C 231 11.58 42.14 -18.70
CA ASN C 231 10.75 42.38 -17.52
C ASN C 231 9.71 43.44 -17.84
N ILE C 232 8.46 43.16 -17.49
CA ILE C 232 7.34 44.05 -17.79
C ILE C 232 6.49 44.22 -16.53
N THR C 233 6.24 45.49 -16.16
CA THR C 233 5.36 45.81 -15.04
C THR C 233 4.29 46.84 -15.37
N ARG C 234 4.39 47.54 -16.50
CA ARG C 234 3.44 48.56 -16.90
C ARG C 234 3.26 48.51 -18.41
N PHE C 235 2.14 49.05 -18.88
CA PHE C 235 1.84 49.09 -20.30
C PHE C 235 0.88 50.23 -20.57
N GLN C 236 0.91 50.73 -21.80
CA GLN C 236 0.03 51.79 -22.25
C GLN C 236 -0.40 51.56 -23.69
N THR C 237 -1.58 52.08 -24.02
CA THR C 237 -2.11 52.07 -25.37
C THR C 237 -1.38 53.09 -26.23
N LEU C 238 -1.41 52.88 -27.54
CA LEU C 238 -0.74 53.76 -28.50
C LEU C 238 -1.73 54.20 -29.57
N LEU C 239 -1.66 55.47 -29.93
CA LEU C 239 -2.50 56.05 -30.97
C LEU C 239 -1.61 56.80 -31.96
N ALA C 240 -2.24 57.32 -33.00
CA ALA C 240 -1.53 58.12 -34.01
C ALA C 240 -1.54 59.59 -33.63
N ASP C 261 -13.67 52.95 -28.85
CA ASP C 261 -13.39 52.83 -27.43
C ASP C 261 -12.72 51.49 -27.13
N TYR C 262 -12.42 51.24 -25.85
CA TYR C 262 -11.78 49.97 -25.50
C TYR C 262 -12.07 49.64 -24.04
N TYR C 263 -11.73 48.41 -23.68
CA TYR C 263 -11.97 47.84 -22.37
C TYR C 263 -10.70 47.16 -21.90
N VAL C 264 -10.41 47.27 -20.62
CA VAL C 264 -9.21 46.68 -20.03
C VAL C 264 -9.62 45.89 -18.79
N GLY C 265 -9.14 44.65 -18.73
CA GLY C 265 -9.30 43.84 -17.53
C GLY C 265 -7.98 43.22 -17.14
N TYR C 266 -7.89 42.80 -15.88
CA TYR C 266 -6.67 42.23 -15.33
C TYR C 266 -6.86 40.74 -15.05
N LEU C 267 -5.78 39.98 -15.24
CA LEU C 267 -5.80 38.54 -15.09
C LEU C 267 -5.46 38.14 -13.66
N GLN C 268 -5.95 36.97 -13.27
CA GLN C 268 -5.71 36.38 -11.97
C GLN C 268 -5.46 34.89 -12.15
N PRO C 269 -4.70 34.27 -11.25
CA PRO C 269 -4.49 32.82 -11.34
C PRO C 269 -5.71 32.06 -10.86
N ARG C 270 -6.46 31.50 -11.80
CA ARG C 270 -7.68 30.78 -11.46
C ARG C 270 -7.67 29.37 -12.03
N THR C 271 -8.77 28.64 -11.87
CA THR C 271 -8.95 27.32 -12.44
C THR C 271 -10.18 27.36 -13.33
N PHE C 272 -10.05 26.84 -14.54
CA PHE C 272 -11.10 26.86 -15.54
C PHE C 272 -11.33 25.46 -16.08
N LEU C 273 -12.59 25.13 -16.31
CA LEU C 273 -12.97 23.87 -16.97
C LEU C 273 -13.36 24.20 -18.40
N LEU C 274 -12.56 23.79 -19.38
CA LEU C 274 -12.68 24.28 -20.76
C LEU C 274 -13.16 23.13 -21.64
N LYS C 275 -14.35 23.23 -22.23
CA LYS C 275 -14.94 22.14 -23.06
C LYS C 275 -14.43 22.26 -24.50
N TYR C 276 -13.41 21.48 -24.84
CA TYR C 276 -12.95 21.35 -26.23
C TYR C 276 -13.98 20.52 -26.93
N ASN C 277 -14.37 20.89 -28.15
CA ASN C 277 -15.48 20.27 -28.92
C ASN C 277 -14.94 19.18 -29.82
N GLU C 278 -15.75 18.73 -30.78
CA GLU C 278 -15.26 17.70 -31.74
C GLU C 278 -14.01 18.19 -32.44
N ASN C 279 -14.13 19.25 -33.23
CA ASN C 279 -13.00 19.72 -34.07
C ASN C 279 -12.00 20.46 -33.20
N GLY C 280 -12.10 20.35 -31.89
CA GLY C 280 -11.05 20.89 -31.01
C GLY C 280 -11.21 22.36 -30.71
N THR C 281 -12.45 22.85 -30.60
CA THR C 281 -12.69 24.29 -30.39
C THR C 281 -13.18 24.54 -28.97
N ILE C 282 -12.56 25.47 -28.24
CA ILE C 282 -12.97 25.67 -26.82
C ILE C 282 -14.33 26.35 -26.85
N THR C 283 -15.31 25.77 -26.17
CA THR C 283 -16.65 26.36 -26.12
C THR C 283 -17.17 26.31 -24.69
N ASP C 284 -17.79 27.40 -24.25
CA ASP C 284 -18.55 27.46 -23.01
C ASP C 284 -17.71 27.18 -21.76
N ALA C 285 -16.44 27.60 -21.75
CA ALA C 285 -15.59 27.38 -20.59
C ALA C 285 -16.21 27.96 -19.32
N VAL C 286 -16.10 27.22 -18.21
CA VAL C 286 -16.79 27.56 -16.97
C VAL C 286 -15.75 27.77 -15.87
N ASP C 287 -16.00 28.79 -15.04
CA ASP C 287 -15.09 29.13 -13.94
C ASP C 287 -15.20 28.09 -12.83
N CYS C 288 -14.26 28.19 -11.87
CA CYS C 288 -14.23 27.29 -10.73
C CYS C 288 -14.22 28.04 -9.39
N ALA C 289 -14.34 29.36 -9.41
CA ALA C 289 -14.35 30.15 -8.19
C ALA C 289 -15.43 31.22 -8.16
N LEU C 290 -16.35 31.21 -9.12
CA LEU C 290 -17.40 32.23 -9.19
C LEU C 290 -18.58 31.86 -8.30
N ASP C 291 -19.13 30.67 -8.49
CA ASP C 291 -20.39 30.28 -7.87
C ASP C 291 -20.26 28.90 -7.22
N PRO C 292 -21.04 28.62 -6.18
CA PRO C 292 -21.06 27.26 -5.63
C PRO C 292 -21.39 26.21 -6.67
N LEU C 293 -22.32 26.52 -7.58
CA LEU C 293 -22.66 25.59 -8.65
C LEU C 293 -21.46 25.37 -9.56
N SER C 294 -20.82 26.45 -10.00
CA SER C 294 -19.63 26.35 -10.83
C SER C 294 -18.39 26.17 -9.95
N GLU C 295 -18.53 25.26 -8.98
CA GLU C 295 -17.39 24.65 -8.30
C GLU C 295 -17.66 23.16 -8.26
N THR C 296 -18.94 22.80 -8.14
CA THR C 296 -19.33 21.41 -8.30
C THR C 296 -19.19 20.96 -9.75
N LYS C 297 -19.47 21.87 -10.68
CA LYS C 297 -19.24 21.56 -12.09
C LYS C 297 -17.76 21.23 -12.34
N CYS C 298 -16.86 21.97 -11.69
CA CYS C 298 -15.44 21.66 -11.80
C CYS C 298 -15.10 20.36 -11.08
N THR C 299 -15.72 20.12 -9.92
CA THR C 299 -15.43 18.90 -9.16
C THR C 299 -15.80 17.65 -9.95
N LEU C 300 -16.96 17.67 -10.62
CA LEU C 300 -17.44 16.51 -11.37
C LEU C 300 -16.90 16.46 -12.78
N LYS C 301 -16.08 17.43 -13.20
CA LYS C 301 -15.51 17.48 -14.54
C LYS C 301 -16.59 17.52 -15.62
N SER C 302 -17.78 18.01 -15.26
CA SER C 302 -18.90 17.98 -16.19
C SER C 302 -19.67 19.30 -16.12
N PHE C 303 -20.40 19.58 -17.20
CA PHE C 303 -21.20 20.78 -17.30
C PHE C 303 -22.61 20.59 -16.75
N THR C 304 -23.04 19.35 -16.55
CA THR C 304 -24.37 19.05 -16.04
C THR C 304 -24.23 18.40 -14.68
N VAL C 305 -24.82 19.01 -13.66
CA VAL C 305 -24.80 18.47 -12.31
C VAL C 305 -26.13 17.77 -12.07
N GLU C 306 -26.10 16.75 -11.22
CA GLU C 306 -27.28 15.97 -10.90
C GLU C 306 -27.79 16.33 -9.52
N LYS C 307 -29.10 16.28 -9.35
CA LYS C 307 -29.74 16.65 -8.08
C LYS C 307 -29.18 15.81 -6.94
N GLY C 308 -28.53 16.47 -6.00
CA GLY C 308 -27.98 15.76 -4.85
C GLY C 308 -26.92 16.57 -4.15
N ILE C 309 -26.53 16.07 -2.97
CA ILE C 309 -25.48 16.69 -2.18
C ILE C 309 -24.12 16.39 -2.81
N TYR C 310 -23.22 17.36 -2.77
CA TYR C 310 -21.88 17.20 -3.34
C TYR C 310 -20.85 17.76 -2.37
N GLN C 311 -19.92 16.91 -1.96
CA GLN C 311 -18.74 17.36 -1.24
C GLN C 311 -17.87 18.20 -2.17
N THR C 312 -17.29 19.26 -1.61
CA THR C 312 -16.46 20.17 -2.40
C THR C 312 -15.37 20.73 -1.50
N SER C 313 -14.79 21.85 -1.90
CA SER C 313 -13.65 22.43 -1.18
C SER C 313 -14.02 22.74 0.26
N ASN C 314 -13.01 23.07 1.05
CA ASN C 314 -13.17 23.31 2.48
C ASN C 314 -13.12 24.81 2.77
N PHE C 315 -13.95 25.24 3.72
CA PHE C 315 -13.92 26.62 4.18
C PHE C 315 -13.02 26.72 5.41
N ARG C 316 -12.36 27.87 5.53
CA ARG C 316 -11.47 28.12 6.66
C ARG C 316 -11.37 29.63 6.84
N VAL C 317 -11.69 30.12 8.05
CA VAL C 317 -11.63 31.55 8.31
C VAL C 317 -10.19 32.02 8.19
N GLN C 318 -9.98 33.11 7.47
CA GLN C 318 -8.60 33.53 7.28
C GLN C 318 -8.15 34.40 8.45
N PRO C 319 -6.85 34.43 8.74
CA PRO C 319 -6.35 35.26 9.83
C PRO C 319 -6.63 36.74 9.58
N THR C 320 -6.95 37.45 10.67
CA THR C 320 -7.29 38.86 10.58
C THR C 320 -6.07 39.76 10.67
N GLU C 321 -5.26 39.56 11.70
CA GLU C 321 -4.06 40.35 11.91
C GLU C 321 -2.85 39.43 12.00
N SER C 322 -1.68 40.03 12.26
CA SER C 322 -0.44 39.30 12.45
C SER C 322 0.33 39.94 13.59
N ILE C 323 0.54 39.20 14.67
CA ILE C 323 1.20 39.73 15.87
C ILE C 323 2.45 38.93 16.13
N VAL C 324 3.52 39.63 16.48
CA VAL C 324 4.77 39.03 16.92
C VAL C 324 5.03 39.52 18.35
N ARG C 325 5.33 38.58 19.24
CA ARG C 325 5.59 38.90 20.64
C ARG C 325 6.91 38.26 21.04
N PHE C 326 7.91 39.10 21.30
CA PHE C 326 9.22 38.67 21.74
C PHE C 326 9.55 39.27 23.11
N PRO C 327 10.35 38.61 23.99
CA PRO C 327 10.62 39.19 25.31
C PRO C 327 11.38 40.51 25.18
N ASN C 328 10.85 41.56 25.83
CA ASN C 328 11.64 42.74 26.25
C ASN C 328 12.99 42.28 26.81
N VAL C 329 14.06 42.30 26.00
CA VAL C 329 15.38 41.92 26.60
C VAL C 329 16.39 43.02 26.30
N THR C 330 17.67 42.74 26.57
CA THR C 330 18.74 43.71 26.43
C THR C 330 19.06 43.98 24.96
N ASN C 331 20.12 44.73 24.74
CA ASN C 331 20.52 45.18 23.41
C ASN C 331 21.37 44.09 22.75
N LEU C 332 22.06 44.44 21.68
CA LEU C 332 22.81 43.50 20.84
C LEU C 332 23.56 42.46 21.66
N CYS C 333 23.52 41.22 21.18
CA CYS C 333 24.28 40.15 21.77
C CYS C 333 25.77 40.45 21.64
N PRO C 334 26.60 39.92 22.53
CA PRO C 334 28.05 40.18 22.42
C PRO C 334 28.68 39.40 21.27
N PHE C 335 28.04 39.47 20.11
CA PHE C 335 28.54 38.87 18.88
C PHE C 335 29.71 39.65 18.32
N HIS C 336 29.51 40.96 18.19
CA HIS C 336 30.60 41.91 17.83
C HIS C 336 31.86 41.46 18.56
N GLU C 337 31.80 41.60 19.89
CA GLU C 337 32.96 41.31 20.74
C GLU C 337 33.52 39.92 20.43
N VAL C 338 32.65 38.94 20.21
CA VAL C 338 33.12 37.63 19.76
C VAL C 338 33.74 37.73 18.37
N PHE C 339 32.90 38.13 17.41
CA PHE C 339 33.36 38.12 15.99
C PHE C 339 34.61 38.99 15.87
N ASN C 340 35.12 39.42 17.02
CA ASN C 340 36.29 40.32 17.01
C ASN C 340 37.35 39.79 17.95
N ALA C 341 37.02 39.70 19.24
CA ALA C 341 38.03 39.30 20.25
C ALA C 341 39.33 40.06 19.92
N THR C 342 40.38 39.33 19.56
CA THR C 342 41.67 39.95 19.18
C THR C 342 42.54 38.82 18.64
N ARG C 343 42.54 37.70 19.38
CA ARG C 343 43.33 36.52 18.95
C ARG C 343 42.59 35.26 19.35
N PHE C 344 41.63 34.81 18.55
CA PHE C 344 41.00 33.52 18.82
C PHE C 344 42.06 32.51 19.22
N ALA C 345 41.72 31.64 20.15
CA ALA C 345 42.66 30.65 20.64
C ALA C 345 42.91 29.58 19.57
N SER C 346 43.73 28.60 19.92
CA SER C 346 44.04 27.52 19.01
C SER C 346 42.80 26.67 18.74
N VAL C 347 42.84 25.92 17.63
CA VAL C 347 41.70 25.12 17.24
C VAL C 347 41.39 24.06 18.29
N TYR C 348 42.43 23.41 18.83
CA TYR C 348 42.20 22.45 19.91
C TYR C 348 41.82 23.14 21.20
N ALA C 349 42.07 24.45 21.31
CA ALA C 349 41.71 25.24 22.48
C ALA C 349 40.53 26.17 22.17
N TRP C 350 39.60 25.63 21.38
CA TRP C 350 38.47 26.40 20.83
C TRP C 350 37.68 27.03 21.96
N ASN C 351 37.11 28.21 21.72
CA ASN C 351 36.42 28.94 22.82
C ASN C 351 34.92 28.68 22.75
N ARG C 352 34.41 27.81 23.61
CA ARG C 352 32.97 27.78 23.92
C ARG C 352 32.59 29.12 24.58
N THR C 353 31.89 29.95 23.82
CA THR C 353 31.40 31.26 24.25
C THR C 353 29.87 31.26 24.15
N ARG C 354 29.22 30.83 25.23
CA ARG C 354 27.76 30.81 25.27
C ARG C 354 27.23 32.23 25.35
N ILE C 355 26.24 32.53 24.51
CA ILE C 355 25.59 33.84 24.46
C ILE C 355 24.14 33.67 24.90
N SER C 356 23.67 34.54 25.78
CA SER C 356 22.32 34.41 26.30
C SER C 356 21.81 35.76 26.79
N ASN C 357 20.49 35.86 26.87
CA ASN C 357 19.79 37.02 27.43
C ASN C 357 20.21 38.30 26.71
N CYS C 358 19.97 38.31 25.40
CA CYS C 358 20.39 39.39 24.51
C CYS C 358 19.66 39.21 23.18
N VAL C 359 19.94 40.09 22.23
CA VAL C 359 19.25 40.13 20.96
C VAL C 359 20.25 39.74 19.87
N ALA C 360 19.89 38.72 19.09
CA ALA C 360 20.77 38.19 18.05
C ALA C 360 20.57 38.96 16.75
N ASP C 361 20.76 40.27 16.84
CA ASP C 361 20.64 41.16 15.68
C ASP C 361 22.00 41.23 15.01
N TYR C 362 22.44 40.08 14.49
CA TYR C 362 23.77 39.98 13.89
C TYR C 362 23.72 40.06 12.37
N SER C 363 22.57 40.39 11.79
CA SER C 363 22.50 40.59 10.35
C SER C 363 23.42 41.73 9.91
N VAL C 364 23.71 42.66 10.82
CA VAL C 364 24.68 43.71 10.52
C VAL C 364 26.08 43.11 10.35
N LEU C 365 26.41 42.08 11.15
CA LEU C 365 27.74 41.46 11.09
C LEU C 365 28.03 40.85 9.72
N TYR C 366 27.00 40.62 8.91
CA TYR C 366 27.21 40.15 7.55
C TYR C 366 28.14 41.08 6.79
N ASN C 367 28.13 42.36 7.13
CA ASN C 367 29.00 43.34 6.50
C ASN C 367 30.35 43.49 7.20
N PHE C 368 30.46 43.07 8.46
CA PHE C 368 31.71 43.28 9.19
C PHE C 368 32.84 42.45 8.61
N ALA C 369 32.56 41.22 8.20
CA ALA C 369 33.58 40.37 7.60
C ALA C 369 33.13 39.89 6.23
N PRO C 370 33.99 39.98 5.21
CA PRO C 370 33.62 39.47 3.89
C PRO C 370 33.68 37.95 3.84
N PHE C 371 32.57 37.32 4.23
CA PHE C 371 32.52 35.86 4.32
C PHE C 371 32.82 35.23 2.97
N PHE C 372 33.72 34.24 2.95
CA PHE C 372 33.86 33.37 1.81
C PHE C 372 33.31 31.98 2.05
N ALA C 373 33.29 31.56 3.32
CA ALA C 373 32.80 30.26 3.75
C ALA C 373 31.65 30.49 4.72
N PHE C 374 30.43 30.53 4.18
CA PHE C 374 29.22 30.72 4.96
C PHE C 374 28.32 29.52 4.70
N LYS C 375 28.53 28.44 5.46
CA LYS C 375 27.78 27.22 5.27
C LYS C 375 26.94 26.92 6.49
N CYS C 376 25.62 26.84 6.30
CA CYS C 376 24.69 26.53 7.38
C CYS C 376 24.08 25.17 7.06
N TYR C 377 24.37 24.18 7.90
CA TYR C 377 24.10 22.78 7.57
C TYR C 377 22.77 22.28 8.13
N GLY C 378 22.24 22.89 9.17
CA GLY C 378 20.98 22.43 9.73
C GLY C 378 19.88 23.47 9.59
N VAL C 379 20.27 24.74 9.57
CA VAL C 379 19.36 25.86 9.43
C VAL C 379 20.05 26.93 8.60
N SER C 380 19.53 27.21 7.41
CA SER C 380 20.21 28.05 6.42
C SER C 380 19.32 29.18 5.93
N PRO C 381 18.98 30.15 6.81
CA PRO C 381 18.24 31.31 6.32
C PRO C 381 19.16 32.48 6.00
N THR C 382 18.94 33.16 4.87
CA THR C 382 19.38 34.53 4.77
C THR C 382 18.58 35.41 5.72
N LYS C 383 17.33 35.04 5.98
CA LYS C 383 16.42 35.71 6.90
C LYS C 383 16.42 35.09 8.30
N LEU C 384 17.61 34.85 8.88
CA LEU C 384 17.67 34.24 10.20
C LEU C 384 17.41 35.34 11.24
N ASN C 385 16.14 35.72 11.34
CA ASN C 385 15.69 36.68 12.35
C ASN C 385 14.43 36.25 13.09
N ASP C 386 13.61 35.36 12.51
CA ASP C 386 12.47 34.80 13.21
C ASP C 386 12.86 33.72 14.20
N LEU C 387 14.15 33.38 14.28
CA LEU C 387 14.59 32.24 15.05
C LEU C 387 14.83 32.61 16.51
N CYS C 388 14.09 31.97 17.41
CA CYS C 388 14.34 32.04 18.83
C CYS C 388 14.75 30.65 19.31
N PHE C 389 15.94 30.57 19.91
CA PHE C 389 16.53 29.28 20.21
C PHE C 389 17.32 29.36 21.51
N THR C 390 17.42 28.22 22.19
CA THR C 390 17.99 28.20 23.54
C THR C 390 19.50 28.39 23.53
N ASN C 391 20.22 27.51 22.86
CA ASN C 391 21.68 27.50 22.90
C ASN C 391 22.25 27.97 21.58
N VAL C 392 23.29 28.80 21.66
CA VAL C 392 24.03 29.27 20.50
C VAL C 392 25.44 28.71 20.45
N TYR C 393 26.13 28.68 21.58
CA TYR C 393 27.42 28.00 21.73
C TYR C 393 28.39 28.40 20.62
N ALA C 394 28.70 29.69 20.57
CA ALA C 394 29.65 30.19 19.61
C ALA C 394 31.03 29.61 19.89
N ASP C 395 31.68 29.10 18.85
CA ASP C 395 33.00 28.50 18.97
C ASP C 395 33.97 29.20 18.02
N SER C 396 35.21 29.37 18.46
CA SER C 396 36.22 30.12 17.73
C SER C 396 37.32 29.20 17.26
N PHE C 397 37.57 29.19 15.95
CA PHE C 397 38.58 28.35 15.32
C PHE C 397 39.58 29.22 14.58
N VAL C 398 40.86 28.86 14.69
CA VAL C 398 41.92 29.43 13.86
C VAL C 398 42.50 28.28 13.06
N ILE C 399 42.34 28.32 11.74
CA ILE C 399 42.73 27.21 10.87
C ILE C 399 43.61 27.74 9.76
N LYS C 400 44.03 26.86 8.87
CA LYS C 400 44.79 27.22 7.69
C LYS C 400 43.84 27.49 6.53
N GLY C 401 44.40 27.61 5.32
CA GLY C 401 43.59 27.78 4.13
C GLY C 401 42.89 26.52 3.70
N ASN C 402 43.67 25.45 3.47
CA ASN C 402 43.09 24.16 3.09
C ASN C 402 42.64 23.41 4.34
N GLU C 403 41.82 24.06 5.17
CA GLU C 403 41.36 23.48 6.42
C GLU C 403 39.87 23.64 6.65
N VAL C 404 39.20 24.57 5.95
CA VAL C 404 37.77 24.77 6.11
C VAL C 404 36.99 23.56 5.64
N SER C 405 37.57 22.75 4.75
CA SER C 405 36.85 21.64 4.14
C SER C 405 36.36 20.65 5.19
N GLN C 406 37.21 20.32 6.17
CA GLN C 406 36.84 19.34 7.18
C GLN C 406 35.74 19.82 8.12
N ILE C 407 35.40 21.11 8.10
CA ILE C 407 34.40 21.67 9.01
C ILE C 407 33.04 21.49 8.35
N ALA C 408 32.43 20.33 8.59
CA ALA C 408 31.08 20.03 8.14
C ALA C 408 30.58 18.81 8.91
N PRO C 409 29.26 18.66 9.06
CA PRO C 409 28.73 17.45 9.70
C PRO C 409 29.11 16.21 8.92
N GLY C 410 29.36 15.12 9.66
CA GLY C 410 29.76 13.88 9.04
C GLY C 410 31.07 13.93 8.30
N GLN C 411 31.94 14.88 8.63
CA GLN C 411 33.24 15.00 7.97
C GLN C 411 34.34 14.41 8.83
N THR C 412 35.39 13.95 8.16
CA THR C 412 36.55 13.35 8.81
C THR C 412 37.82 13.97 8.25
N GLY C 413 38.88 13.88 9.04
CA GLY C 413 40.15 14.46 8.67
C GLY C 413 40.99 14.73 9.91
N ASN C 414 42.00 15.58 9.73
CA ASN C 414 42.88 15.90 10.84
C ASN C 414 42.12 16.56 11.98
N ILE C 415 41.22 17.49 11.66
CA ILE C 415 40.44 18.16 12.69
C ILE C 415 39.54 17.17 13.42
N ALA C 416 38.83 16.35 12.66
CA ALA C 416 37.86 15.43 13.25
C ALA C 416 38.53 14.30 14.01
N ASP C 417 39.80 14.01 13.70
CA ASP C 417 40.50 12.92 14.37
C ASP C 417 41.33 13.40 15.55
N TYR C 418 41.79 14.66 15.52
CA TYR C 418 42.74 15.11 16.52
C TYR C 418 42.29 16.39 17.21
N ASN C 419 41.69 17.31 16.47
CA ASN C 419 41.45 18.66 16.97
C ASN C 419 40.02 18.85 17.47
N TYR C 420 39.03 18.65 16.62
CA TYR C 420 37.65 18.99 16.98
C TYR C 420 36.69 18.17 16.13
N LYS C 421 35.63 17.67 16.74
CA LYS C 421 34.64 16.83 16.07
C LYS C 421 33.30 17.55 16.05
N LEU C 422 32.77 17.78 14.84
CA LEU C 422 31.41 18.28 14.69
C LEU C 422 30.41 17.13 14.78
N PRO C 423 29.30 17.32 15.48
CA PRO C 423 28.23 16.31 15.43
C PRO C 423 27.64 16.23 14.04
N ASP C 424 27.21 15.02 13.67
CA ASP C 424 26.55 14.85 12.39
C ASP C 424 25.22 15.59 12.36
N ASP C 425 24.56 15.73 13.52
CA ASP C 425 23.33 16.48 13.65
C ASP C 425 23.67 17.89 14.14
N PHE C 426 24.34 18.64 13.27
CA PHE C 426 24.78 19.99 13.58
C PHE C 426 23.77 20.98 13.03
N THR C 427 23.26 21.84 13.89
CA THR C 427 22.28 22.87 13.52
C THR C 427 22.90 24.23 13.84
N GLY C 428 23.60 24.79 12.86
CA GLY C 428 24.27 26.07 13.06
C GLY C 428 24.91 26.52 11.77
N CYS C 429 25.61 27.64 11.86
CA CYS C 429 26.28 28.24 10.72
C CYS C 429 27.77 28.28 10.95
N VAL C 430 28.53 27.73 10.02
CA VAL C 430 29.99 27.87 10.00
C VAL C 430 30.32 29.08 9.14
N ILE C 431 31.02 30.04 9.73
CA ILE C 431 31.38 31.30 9.09
C ILE C 431 32.90 31.40 9.12
N ALA C 432 33.50 31.81 8.01
CA ALA C 432 34.94 31.94 7.98
C ALA C 432 35.35 33.14 7.16
N TRP C 433 36.50 33.71 7.50
CA TRP C 433 37.08 34.77 6.68
C TRP C 433 38.60 34.79 6.88
N ASN C 434 39.28 35.31 5.87
CA ASN C 434 40.74 35.34 5.90
C ASN C 434 41.23 36.29 6.99
N SER C 435 42.39 35.97 7.55
CA SER C 435 42.96 36.72 8.67
C SER C 435 44.46 36.94 8.45
N ASN C 436 44.82 37.32 7.23
CA ASN C 436 46.23 37.59 6.93
C ASN C 436 46.75 38.79 7.71
N LYS C 437 45.99 39.90 7.69
CA LYS C 437 46.45 41.13 8.31
C LYS C 437 46.32 41.13 9.83
N LEU C 438 45.68 40.09 10.41
CA LEU C 438 45.47 40.07 11.85
C LEU C 438 45.76 38.73 12.50
N ASP C 439 46.17 37.71 11.75
CA ASP C 439 46.52 36.42 12.34
C ASP C 439 47.76 35.82 11.66
N SER C 440 48.66 36.66 11.18
CA SER C 440 49.87 36.19 10.51
C SER C 440 51.07 37.00 10.98
N LYS C 441 52.24 36.41 10.80
CA LYS C 441 53.50 37.07 11.08
C LYS C 441 54.44 36.88 9.90
N HIS C 442 55.29 37.87 9.66
CA HIS C 442 56.20 37.83 8.51
C HIS C 442 57.07 36.59 8.54
N SER C 443 57.67 36.28 9.68
CA SER C 443 58.45 35.05 9.83
C SER C 443 57.59 33.85 10.13
N GLY C 444 56.28 34.04 10.30
CA GLY C 444 55.39 32.94 10.64
C GLY C 444 54.78 33.12 12.02
N ASN C 445 53.46 33.26 12.08
CA ASN C 445 52.77 33.43 13.36
C ASN C 445 52.75 32.08 14.09
N TYR C 446 53.93 31.71 14.60
CA TYR C 446 54.14 30.41 15.22
C TYR C 446 53.62 30.42 16.66
N ASP C 447 52.37 30.85 16.80
CA ASP C 447 51.69 30.91 18.08
C ASP C 447 50.30 30.28 18.06
N TYR C 448 49.75 29.99 16.89
CA TYR C 448 48.48 29.28 16.76
C TYR C 448 48.84 27.79 16.62
N TRP C 449 48.51 27.01 17.66
CA TRP C 449 48.87 25.61 17.67
C TRP C 449 47.68 24.75 17.28
N TYR C 450 47.96 23.48 16.99
CA TYR C 450 46.91 22.51 16.69
C TYR C 450 47.38 21.11 17.05
N ARG C 451 46.41 20.28 17.43
CA ARG C 451 46.68 18.88 17.74
C ARG C 451 47.00 18.11 16.47
N LEU C 452 48.06 17.31 16.52
CA LEU C 452 48.49 16.53 15.36
C LEU C 452 48.48 15.03 15.60
N PHE C 453 48.70 14.56 16.82
CA PHE C 453 48.76 13.14 17.11
C PHE C 453 47.95 12.84 18.36
N ARG C 454 47.31 11.67 18.37
CA ARG C 454 46.47 11.27 19.49
C ARG C 454 46.15 9.79 19.34
N LYS C 455 46.31 9.04 20.44
CA LYS C 455 45.97 7.61 20.44
C LYS C 455 44.50 7.40 20.75
N SER C 456 43.64 8.12 20.02
CA SER C 456 42.20 8.08 20.17
C SER C 456 41.60 8.98 19.08
N LYS C 457 40.29 8.87 18.89
CA LYS C 457 39.56 9.70 17.95
C LYS C 457 38.60 10.61 18.70
N LEU C 458 38.27 11.74 18.07
CA LEU C 458 37.42 12.75 18.68
C LEU C 458 35.95 12.40 18.51
N LYS C 459 35.14 12.91 19.43
CA LYS C 459 33.70 12.78 19.44
C LYS C 459 33.08 14.16 19.50
N PRO C 460 31.82 14.31 19.08
CA PRO C 460 31.23 15.65 18.95
C PRO C 460 31.32 16.47 20.23
N PHE C 461 31.70 17.74 20.08
CA PHE C 461 31.83 18.68 21.19
C PHE C 461 32.74 18.13 22.29
N GLU C 462 33.88 17.61 21.88
CA GLU C 462 34.93 17.15 22.79
C GLU C 462 36.19 17.96 22.54
N ARG C 463 36.83 18.39 23.63
CA ARG C 463 38.06 19.17 23.55
C ARG C 463 39.21 18.37 24.14
N ASP C 464 40.36 18.44 23.48
CA ASP C 464 41.57 17.77 23.93
C ASP C 464 42.41 18.72 24.76
N ILE C 465 42.73 18.32 25.98
CA ILE C 465 43.51 19.15 26.90
C ILE C 465 44.79 18.39 27.26
N SER C 466 44.77 17.07 27.08
CA SER C 466 45.92 16.25 27.39
C SER C 466 47.09 16.63 26.48
N THR C 467 48.22 16.98 27.10
CA THR C 467 49.42 17.36 26.37
C THR C 467 50.51 16.30 26.43
N GLU C 468 50.20 15.11 26.90
CA GLU C 468 51.18 14.03 26.93
C GLU C 468 51.64 13.69 25.52
N ILE C 469 52.96 13.49 25.38
CA ILE C 469 53.52 13.20 24.07
C ILE C 469 52.93 11.92 23.51
N TYR C 470 52.59 11.95 22.22
CA TYR C 470 51.95 10.81 21.59
C TYR C 470 52.91 9.63 21.51
N GLN C 471 52.36 8.43 21.71
CA GLN C 471 53.14 7.20 21.62
C GLN C 471 53.08 6.69 20.18
N ALA C 472 54.15 6.93 19.41
CA ALA C 472 54.23 6.48 18.04
C ALA C 472 54.97 5.16 17.89
N GLY C 473 55.40 4.55 18.99
CA GLY C 473 56.06 3.26 18.96
C GLY C 473 55.38 2.29 19.90
N ASN C 474 55.54 1.00 19.61
CA ASN C 474 54.95 -0.03 20.47
C ASN C 474 55.61 -0.03 21.86
N LYS C 475 56.84 0.43 21.94
CA LYS C 475 57.49 0.57 23.23
C LYS C 475 56.81 1.65 24.06
N PRO C 476 56.88 1.55 25.40
CA PRO C 476 56.26 2.58 26.23
C PRO C 476 56.87 3.95 25.98
N CYS C 477 56.03 4.98 26.07
CA CYS C 477 56.41 6.33 25.66
C CYS C 477 56.83 7.13 26.89
N LYS C 478 58.11 7.49 26.96
CA LYS C 478 58.63 8.36 28.00
C LYS C 478 59.67 9.29 27.38
N GLY C 479 59.31 10.56 27.20
CA GLY C 479 60.22 11.55 26.68
C GLY C 479 60.40 11.45 25.18
N LYS C 480 61.12 12.42 24.64
CA LYS C 480 61.43 12.45 23.21
C LYS C 480 62.57 11.48 22.94
N GLY C 481 63.12 11.50 21.72
CA GLY C 481 64.05 10.48 21.32
C GLY C 481 63.40 9.49 20.38
N PRO C 482 62.97 8.33 20.94
CA PRO C 482 62.27 7.33 20.13
C PRO C 482 60.92 7.84 19.66
N ASN C 483 60.11 6.97 19.05
CA ASN C 483 58.89 7.40 18.36
C ASN C 483 57.90 7.90 19.39
N CYS C 484 58.15 9.11 19.87
CA CYS C 484 57.27 9.82 20.80
C CYS C 484 57.27 11.29 20.41
N TYR C 485 56.10 11.79 20.03
CA TYR C 485 55.98 13.14 19.48
C TYR C 485 55.05 13.98 20.34
N PHE C 486 55.44 15.22 20.55
CA PHE C 486 54.56 16.18 21.21
C PHE C 486 53.37 16.46 20.30
N PRO C 487 52.14 16.27 20.77
CA PRO C 487 50.96 16.40 19.91
C PRO C 487 50.46 17.84 19.76
N LEU C 488 51.39 18.76 19.51
CA LEU C 488 51.04 20.16 19.32
C LEU C 488 52.01 20.78 18.34
N GLN C 489 51.48 21.27 17.22
CA GLN C 489 52.31 21.94 16.22
C GLN C 489 51.78 23.35 16.03
N SER C 490 52.67 24.33 16.13
CA SER C 490 52.28 25.73 15.94
C SER C 490 52.20 26.04 14.45
N TYR C 491 51.10 26.67 14.05
CA TYR C 491 50.93 27.03 12.64
C TYR C 491 51.96 28.06 12.22
N GLY C 492 52.54 27.87 11.05
CA GLY C 492 53.49 28.82 10.50
C GLY C 492 52.82 29.84 9.61
N PHE C 493 51.96 30.67 10.19
CA PHE C 493 51.16 31.59 9.40
C PHE C 493 52.01 32.72 8.84
N ARG C 494 52.35 32.64 7.55
CA ARG C 494 53.07 33.68 6.84
C ARG C 494 52.12 34.46 5.94
N PRO C 495 52.34 35.77 5.77
CA PRO C 495 51.50 36.53 4.83
C PRO C 495 51.80 36.23 3.37
N THR C 496 52.94 35.63 3.07
CA THR C 496 53.30 35.29 1.69
C THR C 496 52.86 33.90 1.28
N TYR C 497 52.25 33.13 2.18
CA TYR C 497 51.78 31.80 1.83
C TYR C 497 50.54 31.88 0.94
N GLY C 498 50.22 30.77 0.30
CA GLY C 498 49.12 30.71 -0.63
C GLY C 498 47.76 30.71 0.07
N VAL C 499 46.72 30.70 -0.76
CA VAL C 499 45.35 30.72 -0.24
C VAL C 499 45.09 29.49 0.62
N GLY C 500 45.57 28.33 0.16
CA GLY C 500 45.43 27.11 0.92
C GLY C 500 46.24 27.06 2.22
N HIS C 501 47.13 28.03 2.43
CA HIS C 501 47.90 28.10 3.66
C HIS C 501 47.63 29.36 4.47
N GLN C 502 46.86 30.30 3.93
CA GLN C 502 46.57 31.52 4.65
C GLN C 502 45.65 31.22 5.84
N PRO C 503 45.87 31.85 6.98
CA PRO C 503 45.03 31.58 8.15
C PRO C 503 43.59 32.02 7.92
N TYR C 504 42.66 31.22 8.45
CA TYR C 504 41.24 31.50 8.41
C TYR C 504 40.70 31.58 9.82
N ARG C 505 39.94 32.64 10.09
CA ARG C 505 39.24 32.83 11.36
C ARG C 505 37.81 32.33 11.16
N VAL C 506 37.38 31.41 12.01
CA VAL C 506 36.12 30.68 11.84
C VAL C 506 35.29 30.83 13.11
N VAL C 507 34.01 31.14 12.93
CA VAL C 507 33.02 31.14 13.99
C VAL C 507 32.02 30.03 13.69
N VAL C 508 31.90 29.09 14.61
CA VAL C 508 30.93 28.01 14.51
C VAL C 508 29.77 28.37 15.44
N LEU C 509 28.65 28.75 14.85
CA LEU C 509 27.44 29.08 15.61
C LEU C 509 26.58 27.83 15.66
N SER C 510 26.79 27.02 16.69
CA SER C 510 26.09 25.74 16.82
C SER C 510 24.81 25.98 17.61
N PHE C 511 23.76 26.39 16.90
CA PHE C 511 22.48 26.60 17.55
C PHE C 511 21.90 25.27 18.03
N GLU C 512 20.97 25.38 18.98
CA GLU C 512 20.16 24.25 19.45
C GLU C 512 18.71 24.70 19.34
N LEU C 513 18.14 24.55 18.16
CA LEU C 513 16.81 25.08 17.87
C LEU C 513 15.76 24.03 18.23
N LEU C 514 15.34 24.02 19.50
CA LEU C 514 14.23 23.20 19.95
C LEU C 514 13.18 24.16 20.53
N HIS C 515 12.36 24.71 19.63
CA HIS C 515 11.36 25.71 19.99
C HIS C 515 12.03 26.86 20.74
N ALA C 516 11.40 27.35 21.80
CA ALA C 516 12.03 28.40 22.58
C ALA C 516 11.50 28.48 24.00
N PRO C 517 11.95 27.59 24.89
CA PRO C 517 11.67 27.79 26.32
C PRO C 517 12.72 28.70 26.95
N ALA C 518 13.48 29.41 26.14
CA ALA C 518 14.62 30.18 26.63
C ALA C 518 14.74 31.47 25.83
N THR C 519 15.83 32.19 26.08
CA THR C 519 16.10 33.51 25.53
C THR C 519 16.88 33.38 24.22
N VAL C 520 17.52 34.46 23.78
CA VAL C 520 18.30 34.57 22.55
C VAL C 520 17.35 34.61 21.35
N CYS C 521 16.72 35.76 21.14
CA CYS C 521 15.80 35.96 20.03
C CYS C 521 16.39 36.96 19.04
N GLY C 522 16.03 36.78 17.77
CA GLY C 522 16.49 37.66 16.72
C GLY C 522 15.78 38.99 16.74
N PRO C 523 16.25 39.90 15.88
CA PRO C 523 15.66 41.24 15.83
C PRO C 523 14.28 41.26 15.18
N LYS C 524 13.25 41.50 15.97
CA LYS C 524 11.88 41.58 15.45
C LYS C 524 11.03 42.37 16.43
N LYS C 525 10.39 43.42 15.95
CA LYS C 525 9.57 44.26 16.81
C LYS C 525 8.37 43.50 17.34
N SER C 526 8.09 43.67 18.63
CA SER C 526 6.93 43.03 19.23
C SER C 526 5.65 43.72 18.78
N THR C 527 4.52 43.18 19.22
CA THR C 527 3.22 43.72 18.87
C THR C 527 2.26 43.45 20.02
N ASN C 528 1.22 44.29 20.11
CA ASN C 528 0.24 44.14 21.17
C ASN C 528 -0.54 42.83 21.02
N LEU C 529 -0.95 42.29 22.16
CA LEU C 529 -1.75 41.07 22.17
C LEU C 529 -3.14 41.35 21.61
N VAL C 530 -3.68 40.35 20.91
CA VAL C 530 -5.02 40.45 20.34
C VAL C 530 -5.86 39.26 20.82
N LYS C 531 -6.57 39.44 21.92
CA LYS C 531 -7.37 38.37 22.49
C LYS C 531 -8.64 38.15 21.67
N ASN C 532 -9.04 36.89 21.56
CA ASN C 532 -10.31 36.52 20.93
C ASN C 532 -10.39 37.00 19.48
N LYS C 533 -9.42 36.57 18.69
CA LYS C 533 -9.32 37.04 17.30
C LYS C 533 -8.43 36.07 16.53
N CYS C 534 -8.94 35.53 15.43
CA CYS C 534 -8.17 34.60 14.60
C CYS C 534 -7.02 35.35 13.95
N VAL C 535 -5.82 35.16 14.48
CA VAL C 535 -4.66 35.99 14.14
C VAL C 535 -3.45 35.07 13.98
N ASN C 536 -2.52 35.49 13.13
CA ASN C 536 -1.20 34.86 13.09
C ASN C 536 -0.41 35.24 14.34
N PHE C 537 0.18 34.25 14.99
CA PHE C 537 0.97 34.47 16.19
C PHE C 537 2.37 33.91 15.99
N ASN C 538 3.34 34.57 16.62
CA ASN C 538 4.74 34.22 16.57
C ASN C 538 5.35 34.28 17.97
N PHE C 539 4.72 33.59 18.91
CA PHE C 539 5.16 33.70 20.31
C PHE C 539 6.56 33.14 20.52
N ASN C 540 7.53 34.03 20.70
CA ASN C 540 8.89 33.64 21.05
C ASN C 540 9.49 32.69 20.02
N GLY C 541 9.19 32.93 18.75
CA GLY C 541 9.66 32.08 17.67
C GLY C 541 8.77 30.90 17.38
N LEU C 542 7.74 30.66 18.20
CA LEU C 542 6.76 29.62 17.93
C LEU C 542 5.70 30.20 17.00
N THR C 543 5.65 29.67 15.79
CA THR C 543 4.82 30.23 14.72
C THR C 543 3.52 29.47 14.60
N GLY C 544 2.46 30.18 14.20
CA GLY C 544 1.21 29.51 13.91
C GLY C 544 0.11 30.53 13.69
N THR C 545 -1.10 30.00 13.57
CA THR C 545 -2.32 30.81 13.47
C THR C 545 -3.34 30.27 14.46
N GLY C 546 -4.15 31.17 15.02
CA GLY C 546 -5.19 30.71 15.92
C GLY C 546 -5.82 31.86 16.68
N VAL C 547 -6.61 31.49 17.68
CA VAL C 547 -7.34 32.43 18.52
C VAL C 547 -6.78 32.32 19.93
N LEU C 548 -6.32 33.45 20.47
CA LEU C 548 -5.68 33.49 21.77
C LEU C 548 -6.70 33.98 22.81
N THR C 549 -7.00 33.12 23.78
CA THR C 549 -7.96 33.43 24.83
C THR C 549 -7.30 33.33 26.19
N LYS C 550 -7.86 34.04 27.17
CA LYS C 550 -7.37 33.94 28.54
C LYS C 550 -7.50 32.51 29.03
N SER C 551 -6.44 31.99 29.63
CA SER C 551 -6.37 30.60 30.03
C SER C 551 -6.43 30.46 31.54
N ASN C 552 -7.10 29.39 31.99
CA ASN C 552 -7.15 29.02 33.39
C ASN C 552 -6.18 27.90 33.74
N LYS C 553 -5.32 27.53 32.80
CA LYS C 553 -4.33 26.47 33.05
C LYS C 553 -3.32 26.95 34.09
N LYS C 554 -3.07 26.11 35.10
CA LYS C 554 -2.15 26.46 36.17
C LYS C 554 -0.75 25.98 35.77
N PHE C 555 -0.01 26.85 35.08
CA PHE C 555 1.39 26.55 34.79
C PHE C 555 2.21 26.73 36.05
N LEU C 556 3.00 25.70 36.38
CA LEU C 556 3.97 25.85 37.44
C LEU C 556 5.03 26.87 36.99
N PRO C 557 5.62 27.61 37.92
CA PRO C 557 6.42 28.79 37.50
C PRO C 557 7.77 28.40 36.91
N PHE C 558 7.77 27.37 36.07
CA PHE C 558 8.88 27.09 35.17
C PHE C 558 8.44 26.64 33.79
N GLN C 559 7.18 26.29 33.59
CA GLN C 559 6.71 25.74 32.33
C GLN C 559 6.33 26.87 31.38
N GLN C 560 6.80 26.78 30.13
CA GLN C 560 6.52 27.80 29.12
C GLN C 560 5.39 27.37 28.19
N PHE C 561 5.54 26.23 27.54
CA PHE C 561 4.58 25.76 26.55
C PHE C 561 3.52 24.89 27.22
N GLY C 562 2.67 24.26 26.41
CA GLY C 562 1.68 23.34 26.91
C GLY C 562 1.09 22.49 25.79
N ARG C 563 1.07 21.18 25.98
CA ARG C 563 0.63 20.24 24.96
C ARG C 563 -0.75 19.69 25.33
N ASP C 564 -1.25 18.82 24.46
CA ASP C 564 -2.48 18.08 24.67
C ASP C 564 -2.19 16.59 24.52
N ILE C 565 -3.26 15.79 24.48
CA ILE C 565 -3.10 14.35 24.30
C ILE C 565 -2.48 14.04 22.94
N VAL C 566 -2.81 14.85 21.92
CA VAL C 566 -2.28 14.64 20.57
C VAL C 566 -0.91 15.27 20.40
N ASP C 567 -0.37 15.90 21.46
CA ASP C 567 0.92 16.58 21.43
C ASP C 567 0.89 17.76 20.47
N THR C 568 -0.04 18.69 20.68
CA THR C 568 -0.11 19.95 19.97
C THR C 568 -0.08 21.08 20.98
N THR C 569 0.61 22.17 20.63
CA THR C 569 0.75 23.29 21.56
C THR C 569 -0.59 23.95 21.81
N ASP C 570 -1.16 23.71 23.00
CA ASP C 570 -2.50 24.20 23.34
C ASP C 570 -2.47 25.30 24.40
N ALA C 571 -1.31 25.87 24.69
CA ALA C 571 -1.18 26.94 25.68
C ALA C 571 0.20 27.54 25.58
N VAL C 572 0.31 28.82 25.93
CA VAL C 572 1.58 29.53 25.90
C VAL C 572 1.44 30.80 26.74
N ARG C 573 2.59 31.30 27.20
CA ARG C 573 2.64 32.60 27.86
C ARG C 573 3.94 33.28 27.50
N ASP C 574 3.85 34.52 27.02
CA ASP C 574 5.02 35.27 26.58
C ASP C 574 5.66 36.00 27.75
N PRO C 575 6.99 35.99 27.82
CA PRO C 575 7.67 36.72 28.91
C PRO C 575 7.34 38.20 28.94
N GLN C 576 7.06 38.81 27.78
CA GLN C 576 6.72 40.22 27.76
C GLN C 576 5.46 40.52 28.55
N THR C 577 4.56 39.54 28.68
CA THR C 577 3.35 39.69 29.48
C THR C 577 3.25 38.70 30.63
N LEU C 578 3.83 37.50 30.50
CA LEU C 578 3.83 36.48 31.55
C LEU C 578 2.40 36.13 31.97
N GLU C 579 1.56 35.90 30.97
CA GLU C 579 0.16 35.57 31.19
C GLU C 579 -0.21 34.38 30.33
N ILE C 580 -0.84 33.38 30.95
CA ILE C 580 -1.13 32.12 30.28
C ILE C 580 -2.35 32.29 29.38
N LEU C 581 -2.27 31.76 28.16
CA LEU C 581 -3.33 31.89 27.18
C LEU C 581 -3.26 30.71 26.22
N ASP C 582 -4.41 30.18 25.84
CA ASP C 582 -4.45 28.98 24.99
C ASP C 582 -4.56 29.39 23.51
N ILE C 583 -4.39 28.39 22.65
CA ILE C 583 -4.12 28.61 21.23
C ILE C 583 -5.17 27.92 20.36
N THR C 584 -6.41 27.88 20.83
CA THR C 584 -7.51 27.29 20.08
C THR C 584 -7.46 27.72 18.61
N PRO C 585 -7.42 26.80 17.66
CA PRO C 585 -7.16 27.17 16.27
C PRO C 585 -8.38 27.83 15.63
N CYS C 586 -8.12 28.50 14.51
CA CYS C 586 -9.18 29.16 13.78
C CYS C 586 -10.17 28.16 13.21
N SER C 587 -11.43 28.59 13.10
CA SER C 587 -12.48 27.70 12.64
C SER C 587 -12.29 27.30 11.19
N PHE C 588 -12.64 26.05 10.89
CA PHE C 588 -12.58 25.54 9.52
C PHE C 588 -13.56 24.38 9.42
N GLY C 589 -13.60 23.79 8.24
CA GLY C 589 -14.42 22.62 8.01
C GLY C 589 -14.65 22.44 6.52
N GLY C 590 -15.49 21.47 6.20
CA GLY C 590 -15.89 21.25 4.83
C GLY C 590 -17.22 21.91 4.50
N VAL C 591 -17.31 22.44 3.28
CA VAL C 591 -18.57 22.97 2.77
C VAL C 591 -19.09 22.00 1.72
N SER C 592 -20.41 21.87 1.66
CA SER C 592 -21.06 20.99 0.70
C SER C 592 -22.14 21.76 -0.03
N VAL C 593 -22.44 21.32 -1.25
CA VAL C 593 -23.37 22.03 -2.12
C VAL C 593 -24.58 21.14 -2.39
N ILE C 594 -25.77 21.68 -2.12
CA ILE C 594 -27.03 21.03 -2.45
C ILE C 594 -27.57 21.70 -3.70
N THR C 595 -27.73 20.91 -4.77
CA THR C 595 -28.26 21.43 -6.02
C THR C 595 -29.34 20.49 -6.54
N PRO C 596 -30.39 21.04 -7.16
CA PRO C 596 -31.45 20.21 -7.75
C PRO C 596 -31.18 19.76 -9.18
N GLY C 597 -29.97 19.90 -9.68
CA GLY C 597 -29.64 19.50 -11.03
C GLY C 597 -29.59 20.68 -11.97
N THR C 598 -28.69 20.60 -12.95
CA THR C 598 -28.56 21.67 -13.93
C THR C 598 -29.83 21.81 -14.76
N ASN C 599 -30.45 20.68 -15.12
CA ASN C 599 -31.67 20.72 -15.91
C ASN C 599 -32.79 21.46 -15.19
N THR C 600 -32.92 21.24 -13.88
CA THR C 600 -34.02 21.84 -13.13
C THR C 600 -33.82 23.34 -12.97
N SER C 601 -32.74 23.75 -12.32
CA SER C 601 -32.49 25.16 -12.02
C SER C 601 -31.01 25.36 -11.75
N ASN C 602 -30.65 26.55 -11.29
CA ASN C 602 -29.28 26.88 -10.93
C ASN C 602 -29.14 27.34 -9.49
N GLN C 603 -30.23 27.48 -8.76
CA GLN C 603 -30.13 27.83 -7.34
C GLN C 603 -29.44 26.73 -6.57
N VAL C 604 -28.60 27.12 -5.62
CA VAL C 604 -27.82 26.16 -4.83
C VAL C 604 -27.94 26.53 -3.36
N ALA C 605 -27.60 25.56 -2.51
CA ALA C 605 -27.49 25.77 -1.07
C ALA C 605 -26.10 25.33 -0.63
N VAL C 606 -25.52 26.06 0.32
CA VAL C 606 -24.20 25.72 0.84
C VAL C 606 -24.32 25.40 2.33
N LEU C 607 -23.84 24.22 2.71
CA LEU C 607 -23.81 23.78 4.08
C LEU C 607 -22.35 23.82 4.55
N TYR C 608 -22.05 24.76 5.44
CA TYR C 608 -20.75 24.82 6.11
C TYR C 608 -20.83 23.83 7.27
N GLN C 609 -20.11 22.72 7.15
CA GLN C 609 -20.29 21.61 8.07
C GLN C 609 -19.62 21.88 9.41
N GLY C 610 -20.36 21.62 10.49
CA GLY C 610 -19.81 21.67 11.83
C GLY C 610 -19.28 23.02 12.27
N VAL C 611 -20.05 24.08 12.00
CA VAL C 611 -19.65 25.43 12.39
C VAL C 611 -20.89 26.19 12.84
N ASN C 612 -20.70 27.16 13.72
CA ASN C 612 -21.80 27.97 14.21
C ASN C 612 -22.22 28.98 13.15
N CYS C 613 -23.52 29.23 13.08
CA CYS C 613 -24.03 30.22 12.12
C CYS C 613 -23.58 31.63 12.49
N THR C 614 -23.50 31.93 13.79
CA THR C 614 -23.00 33.23 14.21
C THR C 614 -21.54 33.41 13.79
N GLU C 615 -20.72 32.37 13.99
CA GLU C 615 -19.31 32.45 13.62
C GLU C 615 -19.13 32.63 12.12
N VAL C 616 -19.87 31.86 11.32
CA VAL C 616 -19.72 31.98 9.87
C VAL C 616 -20.24 33.33 9.39
N SER C 617 -21.31 33.83 10.00
CA SER C 617 -21.82 35.16 9.64
C SER C 617 -20.81 36.25 9.97
N VAL C 618 -20.18 36.16 11.15
CA VAL C 618 -19.16 37.14 11.51
C VAL C 618 -17.99 37.09 10.55
N ALA C 619 -17.56 35.88 10.19
CA ALA C 619 -16.49 35.75 9.20
C ALA C 619 -16.91 36.31 7.85
N ILE C 620 -18.19 36.17 7.49
CA ILE C 620 -18.69 36.73 6.23
C ILE C 620 -18.59 38.25 6.28
N HIS C 621 -19.02 38.85 7.39
CA HIS C 621 -19.07 40.31 7.47
C HIS C 621 -17.68 40.92 7.32
N ALA C 622 -16.70 40.43 8.07
CA ALA C 622 -15.34 40.93 7.92
C ALA C 622 -14.53 40.09 6.95
N ASP C 623 -15.12 39.78 5.79
CA ASP C 623 -14.45 39.20 4.63
C ASP C 623 -13.35 38.21 5.01
N GLN C 624 -13.75 37.17 5.75
CA GLN C 624 -12.77 36.28 6.37
C GLN C 624 -12.79 34.84 5.87
N LEU C 625 -13.76 34.45 5.06
CA LEU C 625 -13.84 33.08 4.58
C LEU C 625 -13.05 32.90 3.29
N THR C 626 -12.27 31.82 3.24
CA THR C 626 -11.49 31.52 2.05
C THR C 626 -12.33 31.28 0.80
N PRO C 627 -13.46 30.54 0.84
CA PRO C 627 -14.26 30.41 -0.38
C PRO C 627 -14.96 31.70 -0.71
N THR C 628 -14.24 32.56 -1.44
CA THR C 628 -14.61 33.97 -1.57
C THR C 628 -16.01 34.17 -2.12
N TRP C 629 -16.54 33.22 -2.87
CA TRP C 629 -17.90 33.36 -3.37
C TRP C 629 -18.86 33.42 -2.19
N ARG C 630 -19.91 34.24 -2.33
CA ARG C 630 -20.85 34.49 -1.25
C ARG C 630 -22.26 34.25 -1.75
N VAL C 631 -22.97 33.32 -1.11
CA VAL C 631 -24.41 33.24 -1.31
C VAL C 631 -25.03 34.50 -0.75
N TYR C 632 -26.15 34.93 -1.35
CA TYR C 632 -26.64 36.28 -1.14
C TYR C 632 -26.92 36.56 0.34
N SER C 633 -27.19 35.52 1.12
CA SER C 633 -27.31 35.62 2.58
C SER C 633 -28.40 36.61 2.98
N THR C 634 -29.63 36.31 2.56
CA THR C 634 -30.78 37.13 2.89
C THR C 634 -31.19 36.87 4.34
N GLY C 635 -32.32 37.43 4.74
CA GLY C 635 -32.89 37.08 6.03
C GLY C 635 -33.70 35.80 5.95
N SER C 636 -33.67 35.05 7.06
CA SER C 636 -34.48 33.84 7.23
C SER C 636 -34.15 32.76 6.20
N ASN C 637 -32.92 32.76 5.68
CA ASN C 637 -32.45 31.67 4.84
C ASN C 637 -31.21 31.00 5.42
N VAL C 638 -30.71 31.49 6.56
CA VAL C 638 -29.55 30.90 7.22
C VAL C 638 -30.07 29.95 8.29
N PHE C 639 -30.04 28.66 7.99
CA PHE C 639 -30.53 27.67 8.93
C PHE C 639 -29.36 27.06 9.70
N GLN C 640 -29.62 26.66 10.94
CA GLN C 640 -28.61 26.07 11.80
C GLN C 640 -29.05 24.66 12.19
N THR C 641 -28.14 23.70 12.09
CA THR C 641 -28.43 22.33 12.47
C THR C 641 -27.13 21.65 12.88
N ARG C 642 -27.26 20.45 13.45
CA ARG C 642 -26.07 19.73 13.90
C ARG C 642 -25.11 19.41 12.75
N ALA C 643 -25.63 19.28 11.52
CA ALA C 643 -24.75 19.13 10.38
C ALA C 643 -23.90 20.37 10.17
N GLY C 644 -24.47 21.55 10.34
CA GLY C 644 -23.73 22.79 10.22
C GLY C 644 -24.66 23.95 9.95
N CYS C 645 -24.10 24.97 9.31
CA CYS C 645 -24.85 26.16 8.93
C CYS C 645 -25.19 26.10 7.44
N LEU C 646 -26.47 26.03 7.13
CA LEU C 646 -26.95 25.91 5.76
C LEU C 646 -27.44 27.29 5.31
N ILE C 647 -26.56 28.04 4.66
CA ILE C 647 -26.97 29.32 4.05
C ILE C 647 -27.24 29.03 2.58
N GLY C 648 -28.37 28.39 2.31
CA GLY C 648 -28.80 28.30 0.93
C GLY C 648 -30.30 28.22 0.73
N ALA C 649 -31.06 28.16 1.82
CA ALA C 649 -32.46 27.79 1.71
C ALA C 649 -33.15 28.04 3.04
N GLU C 650 -34.47 28.14 2.99
CA GLU C 650 -35.29 28.34 4.17
C GLU C 650 -35.69 27.00 4.76
N TYR C 651 -35.77 26.95 6.09
CA TYR C 651 -36.29 25.77 6.75
C TYR C 651 -37.81 25.84 6.81
N VAL C 652 -38.45 24.71 6.50
CA VAL C 652 -39.90 24.58 6.54
C VAL C 652 -40.26 23.50 7.56
N ASN C 653 -41.21 23.81 8.42
CA ASN C 653 -41.63 22.90 9.48
C ASN C 653 -42.51 21.77 8.97
N ASN C 654 -42.88 21.79 7.68
CA ASN C 654 -43.56 20.65 7.09
C ASN C 654 -42.62 19.46 6.98
N SER C 655 -43.20 18.28 6.84
CA SER C 655 -42.43 17.04 6.75
C SER C 655 -42.61 16.44 5.37
N TYR C 656 -41.49 16.21 4.68
CA TYR C 656 -41.48 15.55 3.39
C TYR C 656 -40.47 14.40 3.42
N GLU C 657 -40.62 13.48 2.48
CA GLU C 657 -39.64 12.41 2.34
C GLU C 657 -38.29 12.99 1.92
N CYS C 658 -37.22 12.29 2.30
CA CYS C 658 -35.88 12.79 2.02
C CYS C 658 -35.61 12.74 0.52
N ASP C 659 -35.13 13.86 -0.01
CA ASP C 659 -34.78 13.96 -1.43
C ASP C 659 -33.28 14.16 -1.62
N ILE C 660 -32.71 15.17 -0.98
CA ILE C 660 -31.27 15.36 -0.93
C ILE C 660 -30.84 15.30 0.53
N PRO C 661 -30.29 14.16 0.97
CA PRO C 661 -29.94 14.03 2.39
C PRO C 661 -28.84 15.01 2.79
N ILE C 662 -29.17 15.87 3.75
CA ILE C 662 -28.23 16.84 4.30
C ILE C 662 -27.55 16.31 5.55
N GLY C 663 -28.33 15.85 6.51
CA GLY C 663 -27.78 15.23 7.71
C GLY C 663 -28.57 15.57 8.95
N ALA C 664 -28.37 14.76 9.98
CA ALA C 664 -29.03 14.93 11.28
C ALA C 664 -30.55 14.99 11.13
N GLY C 665 -31.09 14.18 10.21
CA GLY C 665 -32.51 14.14 9.96
C GLY C 665 -33.04 15.26 9.08
N VAL C 666 -32.18 16.15 8.60
CA VAL C 666 -32.58 17.26 7.76
C VAL C 666 -32.27 16.92 6.31
N CYS C 667 -33.25 17.14 5.44
CA CYS C 667 -33.12 16.87 4.01
C CYS C 667 -33.59 18.09 3.22
N ALA C 668 -33.06 18.23 2.01
CA ALA C 668 -33.34 19.37 1.16
C ALA C 668 -34.05 18.93 -0.11
N SER C 669 -34.90 19.81 -0.64
CA SER C 669 -35.63 19.51 -1.87
C SER C 669 -36.00 20.80 -2.57
N TYR C 670 -36.18 20.71 -3.88
CA TYR C 670 -36.53 21.84 -4.72
C TYR C 670 -38.03 21.82 -4.95
N GLN C 671 -38.74 22.80 -4.37
CA GLN C 671 -40.20 22.83 -4.44
C GLN C 671 -40.62 24.13 -5.14
N THR C 672 -41.93 24.26 -5.33
CA THR C 672 -42.48 25.44 -5.98
C THR C 672 -42.36 26.68 -5.09
N SER C 685 -42.33 30.31 -8.92
CA SER C 685 -41.52 30.79 -7.80
C SER C 685 -40.94 29.62 -7.01
N GLN C 686 -40.15 28.79 -7.68
CA GLN C 686 -39.53 27.63 -7.05
C GLN C 686 -38.36 28.07 -6.18
N SER C 687 -38.03 27.21 -5.21
CA SER C 687 -36.92 27.49 -4.30
C SER C 687 -36.49 26.19 -3.64
N ILE C 688 -35.29 26.21 -3.08
CA ILE C 688 -34.76 25.10 -2.29
C ILE C 688 -35.28 25.26 -0.86
N ILE C 689 -35.69 24.15 -0.26
CA ILE C 689 -36.21 24.15 1.10
C ILE C 689 -35.54 23.02 1.88
N ALA C 690 -35.28 23.28 3.16
CA ALA C 690 -34.73 22.29 4.07
C ALA C 690 -35.77 21.95 5.12
N TYR C 691 -35.95 20.66 5.37
CA TYR C 691 -37.02 20.22 6.25
C TYR C 691 -36.57 19.00 7.04
N THR C 692 -37.25 18.77 8.16
CA THR C 692 -37.06 17.53 8.90
C THR C 692 -37.57 16.36 8.07
N MET C 693 -36.75 15.32 7.97
CA MET C 693 -37.11 14.16 7.16
C MET C 693 -38.32 13.46 7.76
N SER C 694 -39.23 13.04 6.88
CA SER C 694 -40.43 12.32 7.29
C SER C 694 -40.21 10.84 7.06
N LEU C 695 -40.42 10.04 8.11
CA LEU C 695 -40.19 8.61 8.02
C LEU C 695 -41.41 7.90 7.41
N GLY C 696 -41.85 8.36 6.25
CA GLY C 696 -43.05 7.81 5.67
C GLY C 696 -44.29 8.27 6.42
N ALA C 697 -45.41 7.64 6.08
CA ALA C 697 -46.69 7.97 6.69
C ALA C 697 -46.77 7.36 8.09
N GLU C 698 -47.91 7.60 8.75
CA GLU C 698 -48.19 7.05 10.07
C GLU C 698 -49.48 6.25 10.02
N ASN C 699 -49.48 5.10 10.68
CA ASN C 699 -50.62 4.19 10.62
C ASN C 699 -50.71 3.43 11.94
N SER C 700 -51.71 3.77 12.75
CA SER C 700 -51.98 3.07 14.00
C SER C 700 -52.90 1.89 13.70
N VAL C 701 -52.36 0.68 13.79
CA VAL C 701 -53.15 -0.52 13.53
C VAL C 701 -54.11 -0.74 14.70
N ALA C 702 -55.39 -0.92 14.39
CA ALA C 702 -56.45 -0.92 15.40
C ALA C 702 -56.47 -2.26 16.13
N TYR C 703 -55.42 -2.50 16.89
CA TYR C 703 -55.35 -3.71 17.70
C TYR C 703 -56.48 -3.75 18.71
N SER C 704 -56.97 -4.96 18.99
CA SER C 704 -58.01 -5.17 19.97
C SER C 704 -57.86 -6.57 20.55
N ASN C 705 -58.54 -6.80 21.66
CA ASN C 705 -58.56 -8.14 22.26
C ASN C 705 -59.06 -9.17 21.25
N ASN C 706 -60.06 -8.81 20.46
CA ASN C 706 -60.69 -9.69 19.48
C ASN C 706 -61.01 -8.92 18.20
N SER C 707 -60.06 -8.94 17.26
CA SER C 707 -60.24 -8.29 15.97
C SER C 707 -59.11 -8.74 15.06
N ILE C 708 -59.46 -9.27 13.89
CA ILE C 708 -58.46 -9.74 12.94
C ILE C 708 -58.87 -9.31 11.54
N ALA C 709 -57.87 -8.92 10.75
CA ALA C 709 -58.08 -8.51 9.37
C ALA C 709 -57.55 -9.61 8.45
N ILE C 710 -58.41 -10.12 7.59
CA ILE C 710 -58.06 -11.20 6.66
C ILE C 710 -58.14 -10.63 5.25
N PRO C 711 -57.16 -10.90 4.40
CA PRO C 711 -57.23 -10.42 3.01
C PRO C 711 -58.31 -11.16 2.23
N THR C 712 -59.01 -10.41 1.37
CA THR C 712 -60.01 -11.00 0.50
C THR C 712 -59.53 -11.10 -0.94
N ASN C 713 -58.45 -10.43 -1.30
CA ASN C 713 -57.94 -10.45 -2.66
C ASN C 713 -56.42 -10.50 -2.60
N PHE C 714 -55.78 -10.57 -3.76
CA PHE C 714 -54.32 -10.62 -3.78
C PHE C 714 -53.83 -9.98 -5.07
N THR C 715 -52.51 -9.87 -5.16
CA THR C 715 -51.82 -9.32 -6.32
C THR C 715 -50.59 -10.19 -6.61
N ILE C 716 -50.39 -10.51 -7.88
CA ILE C 716 -49.22 -11.27 -8.30
C ILE C 716 -48.20 -10.24 -8.77
N SER C 717 -47.31 -9.83 -7.87
CA SER C 717 -46.40 -8.74 -8.12
C SER C 717 -45.04 -9.27 -8.57
N VAL C 718 -44.51 -8.68 -9.64
CA VAL C 718 -43.19 -9.04 -10.17
C VAL C 718 -42.25 -7.90 -9.88
N THR C 719 -41.18 -8.18 -9.15
CA THR C 719 -40.20 -7.18 -8.78
C THR C 719 -38.84 -7.55 -9.35
N THR C 720 -38.08 -6.55 -9.79
CA THR C 720 -36.76 -6.77 -10.34
C THR C 720 -35.72 -6.56 -9.26
N GLU C 721 -34.83 -7.53 -9.10
CA GLU C 721 -33.79 -7.49 -8.08
C GLU C 721 -32.45 -7.69 -8.79
N ILE C 722 -31.85 -6.58 -9.23
CA ILE C 722 -30.60 -6.60 -9.96
C ILE C 722 -29.47 -6.93 -9.00
N LEU C 723 -28.48 -7.71 -9.47
CA LEU C 723 -27.36 -8.11 -8.64
C LEU C 723 -26.10 -8.24 -9.49
N PRO C 724 -25.02 -7.55 -9.14
CA PRO C 724 -23.75 -7.78 -9.82
C PRO C 724 -23.24 -9.19 -9.56
N VAL C 725 -22.63 -9.78 -10.58
CA VAL C 725 -22.16 -11.15 -10.49
C VAL C 725 -20.68 -11.23 -10.85
N SER C 726 -20.21 -10.30 -11.67
CA SER C 726 -18.87 -10.41 -12.21
C SER C 726 -18.22 -9.02 -12.28
N MET C 727 -16.90 -9.03 -12.35
CA MET C 727 -16.09 -7.84 -12.55
C MET C 727 -15.22 -8.06 -13.78
N THR C 728 -14.99 -6.98 -14.54
CA THR C 728 -14.19 -7.07 -15.75
C THR C 728 -12.80 -7.61 -15.44
N LYS C 729 -12.48 -8.79 -15.94
CA LYS C 729 -11.17 -9.38 -15.70
C LYS C 729 -10.09 -8.49 -16.29
N THR C 730 -9.15 -8.06 -15.45
CA THR C 730 -8.07 -7.18 -15.87
C THR C 730 -6.74 -7.80 -15.49
N SER C 731 -5.77 -7.69 -16.41
CA SER C 731 -4.40 -8.11 -16.16
C SER C 731 -3.47 -6.95 -16.51
N VAL C 732 -2.49 -6.71 -15.65
CA VAL C 732 -1.57 -5.60 -15.83
C VAL C 732 -0.16 -6.14 -15.98
N ASP C 733 0.51 -5.76 -17.07
CA ASP C 733 1.92 -6.09 -17.25
C ASP C 733 2.72 -5.08 -16.44
N CYS C 734 3.24 -5.53 -15.30
CA CYS C 734 3.91 -4.62 -14.36
C CYS C 734 5.09 -3.91 -15.03
N THR C 735 5.92 -4.66 -15.75
CA THR C 735 7.12 -4.08 -16.35
C THR C 735 6.77 -3.00 -17.36
N MET C 736 5.88 -3.30 -18.30
CA MET C 736 5.54 -2.33 -19.35
C MET C 736 4.86 -1.11 -18.77
N TYR C 737 3.93 -1.31 -17.82
CA TYR C 737 3.23 -0.17 -17.24
C TYR C 737 4.21 0.73 -16.50
N ILE C 738 5.02 0.17 -15.60
CA ILE C 738 5.96 0.97 -14.84
C ILE C 738 7.08 1.48 -15.74
N CYS C 739 7.58 0.63 -16.63
CA CYS C 739 8.71 0.95 -17.50
C CYS C 739 8.30 0.78 -18.95
N GLY C 740 8.24 1.88 -19.69
CA GLY C 740 7.83 1.83 -21.07
C GLY C 740 8.93 1.33 -22.00
N ASP C 741 9.20 0.02 -21.94
CA ASP C 741 10.24 -0.61 -22.75
C ASP C 741 11.60 0.03 -22.51
N SER C 742 11.86 0.41 -21.26
CA SER C 742 13.13 1.01 -20.85
C SER C 742 13.91 -0.04 -20.07
N THR C 743 15.04 -0.47 -20.63
CA THR C 743 15.88 -1.45 -19.94
C THR C 743 16.43 -0.91 -18.63
N GLU C 744 16.71 0.40 -18.58
CA GLU C 744 17.16 1.02 -17.33
C GLU C 744 16.10 0.91 -16.26
N CYS C 745 14.86 1.29 -16.58
CA CYS C 745 13.78 1.19 -15.61
C CYS C 745 13.50 -0.26 -15.24
N SER C 746 13.60 -1.18 -16.21
CA SER C 746 13.39 -2.59 -15.92
C SER C 746 14.44 -3.09 -14.92
N ASN C 747 15.70 -2.72 -15.13
CA ASN C 747 16.75 -3.15 -14.21
C ASN C 747 16.56 -2.54 -12.83
N LEU C 748 16.14 -1.27 -12.77
CA LEU C 748 15.87 -0.65 -11.47
C LEU C 748 14.71 -1.34 -10.76
N LEU C 749 13.65 -1.66 -11.49
CA LEU C 749 12.52 -2.39 -10.93
C LEU C 749 12.90 -3.78 -10.48
N LEU C 750 13.90 -4.39 -11.12
CA LEU C 750 14.32 -5.74 -10.75
C LEU C 750 14.78 -5.84 -9.30
N GLN C 751 15.23 -4.74 -8.70
CA GLN C 751 15.70 -4.77 -7.31
C GLN C 751 14.56 -4.67 -6.30
N TYR C 752 13.34 -4.43 -6.74
CA TYR C 752 12.21 -4.27 -5.83
C TYR C 752 11.55 -5.60 -5.46
N GLY C 753 12.22 -6.72 -5.70
CA GLY C 753 11.68 -8.00 -5.32
C GLY C 753 10.50 -8.42 -6.20
N SER C 754 9.71 -9.34 -5.67
CA SER C 754 8.58 -9.89 -6.39
C SER C 754 7.30 -9.09 -6.18
N PHE C 755 7.37 -7.77 -6.38
CA PHE C 755 6.16 -6.96 -6.36
C PHE C 755 5.29 -7.26 -7.58
N CYS C 756 5.90 -7.27 -8.77
CA CYS C 756 5.15 -7.53 -9.98
C CYS C 756 4.55 -8.93 -9.97
N THR C 757 5.32 -9.92 -9.46
CA THR C 757 4.79 -11.27 -9.36
C THR C 757 3.59 -11.33 -8.43
N GLN C 758 3.66 -10.64 -7.29
CA GLN C 758 2.54 -10.60 -6.36
C GLN C 758 1.32 -9.97 -7.00
N LEU C 759 1.50 -8.85 -7.70
CA LEU C 759 0.37 -8.18 -8.35
C LEU C 759 -0.25 -9.06 -9.43
N LYS C 760 0.60 -9.72 -10.23
CA LYS C 760 0.09 -10.59 -11.28
C LYS C 760 -0.67 -11.77 -10.69
N ARG C 761 -0.15 -12.35 -9.60
CA ARG C 761 -0.87 -13.45 -8.96
C ARG C 761 -2.21 -12.99 -8.41
N ALA C 762 -2.24 -11.82 -7.79
CA ALA C 762 -3.50 -11.29 -7.26
C ALA C 762 -4.51 -11.06 -8.38
N LEU C 763 -4.06 -10.48 -9.50
CA LEU C 763 -4.97 -10.19 -10.60
C LEU C 763 -5.49 -11.48 -11.25
N THR C 764 -4.61 -12.48 -11.41
CA THR C 764 -5.07 -13.76 -11.96
C THR C 764 -6.04 -14.44 -11.01
N GLY C 765 -5.80 -14.35 -9.71
CA GLY C 765 -6.76 -14.86 -8.75
C GLY C 765 -8.11 -14.16 -8.87
N ILE C 766 -8.09 -12.84 -9.07
CA ILE C 766 -9.34 -12.11 -9.25
C ILE C 766 -10.05 -12.57 -10.53
N ALA C 767 -9.30 -12.79 -11.61
CA ALA C 767 -9.91 -13.20 -12.87
C ALA C 767 -10.55 -14.58 -12.74
N VAL C 768 -9.81 -15.55 -12.19
CA VAL C 768 -10.39 -16.88 -12.02
C VAL C 768 -11.53 -16.83 -11.02
N GLU C 769 -11.49 -15.89 -10.07
CA GLU C 769 -12.62 -15.71 -9.16
C GLU C 769 -13.86 -15.24 -9.90
N GLN C 770 -13.69 -14.32 -10.86
CA GLN C 770 -14.83 -13.87 -11.65
C GLN C 770 -15.41 -15.01 -12.48
N ASP C 771 -14.53 -15.81 -13.09
CA ASP C 771 -15.01 -16.95 -13.86
C ASP C 771 -15.75 -17.94 -12.98
N LYS C 772 -15.22 -18.22 -11.79
CA LYS C 772 -15.89 -19.10 -10.85
C LYS C 772 -17.21 -18.50 -10.36
N ASN C 773 -17.26 -17.17 -10.22
CA ASN C 773 -18.50 -16.51 -9.82
C ASN C 773 -19.60 -16.76 -10.83
N THR C 774 -19.32 -16.49 -12.10
CA THR C 774 -20.35 -16.73 -13.11
C THR C 774 -20.64 -18.22 -13.29
N GLN C 775 -19.64 -19.09 -13.09
CA GLN C 775 -19.88 -20.53 -13.14
C GLN C 775 -20.83 -20.97 -12.04
N GLU C 776 -20.62 -20.49 -10.81
CA GLU C 776 -21.50 -20.83 -9.71
C GLU C 776 -22.90 -20.25 -9.86
N VAL C 777 -23.01 -19.03 -10.37
CA VAL C 777 -24.31 -18.40 -10.51
C VAL C 777 -25.14 -19.04 -11.61
N PHE C 778 -24.55 -19.28 -12.79
CA PHE C 778 -25.35 -19.63 -13.96
C PHE C 778 -25.28 -21.10 -14.36
N ALA C 779 -24.41 -21.90 -13.76
CA ALA C 779 -24.20 -23.28 -14.19
C ALA C 779 -24.62 -24.28 -13.11
N GLN C 780 -25.75 -24.04 -12.46
CA GLN C 780 -26.30 -24.98 -11.50
C GLN C 780 -27.19 -26.03 -12.16
N VAL C 781 -27.31 -26.02 -13.48
CA VAL C 781 -28.18 -26.92 -14.22
C VAL C 781 -27.35 -27.99 -14.89
N LYS C 782 -27.82 -29.24 -14.81
CA LYS C 782 -27.06 -30.35 -15.39
C LYS C 782 -27.09 -30.30 -16.91
N GLN C 783 -28.28 -30.11 -17.49
CA GLN C 783 -28.48 -30.27 -18.92
C GLN C 783 -29.24 -29.08 -19.47
N ILE C 784 -28.94 -28.72 -20.72
CA ILE C 784 -29.64 -27.62 -21.36
C ILE C 784 -31.05 -28.07 -21.71
N TYR C 785 -32.04 -27.36 -21.21
CA TYR C 785 -33.44 -27.67 -21.46
C TYR C 785 -34.00 -26.75 -22.52
N LYS C 786 -34.71 -27.32 -23.49
CA LYS C 786 -35.39 -26.53 -24.50
C LYS C 786 -36.83 -26.28 -24.09
N THR C 787 -37.38 -25.17 -24.57
CA THR C 787 -38.81 -24.95 -24.45
C THR C 787 -39.56 -25.94 -25.34
N PRO C 788 -40.82 -26.22 -25.04
CA PRO C 788 -41.61 -27.06 -25.94
C PRO C 788 -41.68 -26.42 -27.31
N PRO C 789 -41.86 -27.24 -28.37
CA PRO C 789 -41.87 -26.71 -29.74
C PRO C 789 -42.81 -25.52 -29.89
N ILE C 790 -44.07 -25.70 -29.53
CA ILE C 790 -45.01 -24.59 -29.43
C ILE C 790 -46.09 -24.96 -28.43
N LYS C 791 -46.25 -24.14 -27.40
CA LYS C 791 -47.23 -24.40 -26.36
C LYS C 791 -47.31 -23.19 -25.43
N TYR C 792 -48.49 -22.96 -24.89
CA TYR C 792 -48.68 -21.97 -23.83
C TYR C 792 -48.67 -22.69 -22.48
N PHE C 793 -48.75 -21.90 -21.42
CA PHE C 793 -48.53 -22.47 -20.09
C PHE C 793 -49.66 -22.14 -19.13
N GLY C 794 -50.91 -22.36 -19.55
CA GLY C 794 -52.04 -22.07 -18.72
C GLY C 794 -52.51 -20.63 -18.77
N GLY C 795 -52.17 -19.91 -19.83
CA GLY C 795 -52.47 -18.50 -19.95
C GLY C 795 -51.30 -17.59 -19.63
N PHE C 796 -50.30 -18.10 -18.90
CA PHE C 796 -49.10 -17.33 -18.66
C PHE C 796 -48.33 -17.15 -19.97
N ASN C 797 -47.65 -16.01 -20.08
CA ASN C 797 -47.16 -15.56 -21.38
C ASN C 797 -45.68 -15.91 -21.61
N PHE C 798 -44.79 -15.40 -20.75
CA PHE C 798 -43.37 -15.70 -20.77
C PHE C 798 -42.67 -15.29 -22.07
N SER C 799 -43.34 -14.59 -22.97
CA SER C 799 -42.69 -14.25 -24.24
C SER C 799 -41.51 -13.32 -24.02
N GLN C 800 -41.64 -12.36 -23.11
CA GLN C 800 -40.56 -11.40 -22.88
C GLN C 800 -39.38 -12.03 -22.15
N ILE C 801 -39.55 -13.21 -21.56
CA ILE C 801 -38.47 -13.84 -20.81
C ILE C 801 -37.95 -15.06 -21.57
N LEU C 802 -38.79 -15.66 -22.40
CA LEU C 802 -38.34 -16.78 -23.21
C LEU C 802 -37.55 -16.27 -24.42
N PRO C 803 -36.56 -17.03 -24.87
CA PRO C 803 -35.76 -16.60 -26.03
C PRO C 803 -36.61 -16.50 -27.29
N ASP C 804 -36.29 -15.51 -28.12
CA ASP C 804 -36.92 -15.34 -29.42
C ASP C 804 -35.90 -15.62 -30.51
N PRO C 805 -35.97 -16.77 -31.19
CA PRO C 805 -34.93 -17.12 -32.18
C PRO C 805 -34.89 -16.17 -33.36
N SER C 806 -35.95 -15.42 -33.62
CA SER C 806 -35.97 -14.51 -34.77
C SER C 806 -35.22 -13.22 -34.48
N LYS C 807 -33.97 -13.34 -34.05
CA LYS C 807 -33.13 -12.20 -33.73
C LYS C 807 -31.73 -12.72 -33.41
N PRO C 808 -30.71 -11.88 -33.54
CA PRO C 808 -29.36 -12.30 -33.14
C PRO C 808 -29.26 -12.51 -31.63
N SER C 809 -28.34 -13.40 -31.26
CA SER C 809 -27.97 -13.69 -29.88
C SER C 809 -29.05 -14.49 -29.14
N LYS C 810 -30.21 -14.68 -29.77
CA LYS C 810 -31.27 -15.53 -29.25
C LYS C 810 -31.66 -15.14 -27.83
N ARG C 811 -31.64 -13.84 -27.54
CA ARG C 811 -31.94 -13.35 -26.21
C ARG C 811 -33.40 -12.92 -26.10
N SER C 812 -33.90 -12.93 -24.87
CA SER C 812 -35.28 -12.53 -24.61
C SER C 812 -35.43 -11.02 -24.78
N PRO C 813 -36.65 -10.54 -25.03
CA PRO C 813 -36.85 -9.09 -25.17
C PRO C 813 -36.40 -8.30 -23.94
N ILE C 814 -36.65 -8.82 -22.74
CA ILE C 814 -36.17 -8.15 -21.55
C ILE C 814 -34.64 -8.16 -21.52
N GLU C 815 -34.04 -9.29 -21.92
CA GLU C 815 -32.58 -9.33 -22.07
C GLU C 815 -32.10 -8.32 -23.10
N ASP C 816 -32.86 -8.15 -24.20
CA ASP C 816 -32.50 -7.15 -25.19
C ASP C 816 -32.52 -5.74 -24.59
N LEU C 817 -33.56 -5.43 -23.81
CA LEU C 817 -33.62 -4.12 -23.17
C LEU C 817 -32.46 -3.92 -22.21
N LEU C 818 -32.14 -4.94 -21.43
CA LEU C 818 -31.04 -4.84 -20.46
C LEU C 818 -29.72 -4.62 -21.17
N PHE C 819 -29.47 -5.35 -22.26
CA PHE C 819 -28.19 -5.23 -22.95
C PHE C 819 -28.10 -3.93 -23.74
N ASN C 820 -29.23 -3.41 -24.23
CA ASN C 820 -29.22 -2.16 -24.98
C ASN C 820 -29.43 -0.95 -24.07
N LYS C 821 -29.55 -1.16 -22.76
CA LYS C 821 -29.63 -0.06 -21.82
C LYS C 821 -28.33 0.18 -21.06
N VAL C 822 -27.63 -0.88 -20.67
CA VAL C 822 -26.35 -0.74 -20.00
C VAL C 822 -25.28 -0.46 -21.03
N THR C 823 -24.50 0.60 -20.81
CA THR C 823 -23.43 0.98 -21.72
C THR C 823 -22.20 0.11 -21.50
N PHE C 851 -4.20 0.07 -24.15
CA PHE C 851 -3.68 0.91 -23.08
C PHE C 851 -2.15 0.89 -23.02
N ASN C 852 -1.62 0.76 -21.81
CA ASN C 852 -0.19 0.84 -21.55
C ASN C 852 0.25 -0.32 -20.68
N GLY C 853 -0.18 -1.53 -21.05
CA GLY C 853 0.05 -2.72 -20.29
C GLY C 853 -1.19 -3.31 -19.66
N LEU C 854 -2.29 -2.56 -19.62
CA LEU C 854 -3.55 -3.09 -19.15
C LEU C 854 -4.20 -3.96 -20.22
N THR C 855 -4.93 -4.98 -19.78
CA THR C 855 -5.58 -5.88 -20.72
C THR C 855 -6.87 -6.37 -20.08
N VAL C 856 -7.97 -6.32 -20.83
CA VAL C 856 -9.27 -6.80 -20.37
C VAL C 856 -9.47 -8.19 -20.94
N LEU C 857 -9.32 -9.20 -20.11
CA LEU C 857 -9.50 -10.57 -20.55
C LEU C 857 -10.99 -10.88 -20.70
N PRO C 858 -11.42 -11.39 -21.85
CA PRO C 858 -12.85 -11.67 -22.02
C PRO C 858 -13.30 -12.78 -21.10
N PRO C 859 -14.55 -12.76 -20.65
CA PRO C 859 -15.04 -13.83 -19.79
C PRO C 859 -15.03 -15.17 -20.50
N LEU C 860 -14.79 -16.23 -19.73
CA LEU C 860 -14.78 -17.57 -20.31
C LEU C 860 -16.14 -17.93 -20.89
N LEU C 861 -17.20 -17.62 -20.15
CA LEU C 861 -18.56 -17.89 -20.59
C LEU C 861 -19.02 -16.72 -21.47
N THR C 862 -19.13 -16.97 -22.77
CA THR C 862 -19.60 -15.94 -23.67
C THR C 862 -21.06 -15.60 -23.38
N ASP C 863 -21.47 -14.41 -23.78
CA ASP C 863 -22.83 -13.95 -23.50
C ASP C 863 -23.87 -14.89 -24.08
N GLU C 864 -23.56 -15.51 -25.22
CA GLU C 864 -24.48 -16.51 -25.78
C GLU C 864 -24.62 -17.70 -24.85
N MET C 865 -23.50 -18.17 -24.27
CA MET C 865 -23.57 -19.30 -23.35
C MET C 865 -24.33 -18.93 -22.08
N ILE C 866 -24.14 -17.71 -21.58
CA ILE C 866 -24.87 -17.29 -20.40
C ILE C 866 -26.36 -17.19 -20.70
N ALA C 867 -26.71 -16.70 -21.89
CA ALA C 867 -28.11 -16.68 -22.30
C ALA C 867 -28.66 -18.10 -22.41
N GLN C 868 -27.84 -19.05 -22.88
CA GLN C 868 -28.28 -20.43 -22.97
C GLN C 868 -28.53 -21.04 -21.59
N TYR C 869 -27.64 -20.74 -20.63
CA TYR C 869 -27.90 -21.16 -19.25
C TYR C 869 -29.18 -20.55 -18.72
N THR C 870 -29.41 -19.27 -18.98
CA THR C 870 -30.64 -18.63 -18.52
C THR C 870 -31.86 -19.31 -19.14
N SER C 871 -31.81 -19.59 -20.44
CA SER C 871 -32.92 -20.24 -21.11
C SER C 871 -33.16 -21.64 -20.55
N ALA C 872 -32.08 -22.38 -20.29
CA ALA C 872 -32.23 -23.73 -19.74
C ALA C 872 -32.84 -23.69 -18.34
N LEU C 873 -32.35 -22.79 -17.49
CA LEU C 873 -32.92 -22.67 -16.15
C LEU C 873 -34.39 -22.30 -16.22
N LEU C 874 -34.74 -21.34 -17.07
CA LEU C 874 -36.12 -20.89 -17.15
C LEU C 874 -37.03 -21.97 -17.74
N ALA C 875 -36.54 -22.72 -18.73
CA ALA C 875 -37.35 -23.79 -19.31
C ALA C 875 -37.56 -24.93 -18.32
N GLY C 876 -36.52 -25.30 -17.58
CA GLY C 876 -36.70 -26.28 -16.53
C GLY C 876 -37.64 -25.80 -15.45
N THR C 877 -37.60 -24.51 -15.13
CA THR C 877 -38.50 -23.96 -14.12
C THR C 877 -39.95 -23.99 -14.59
N ILE C 878 -40.19 -23.67 -15.86
CA ILE C 878 -41.56 -23.55 -16.33
C ILE C 878 -42.17 -24.87 -16.78
N THR C 879 -41.35 -25.83 -17.22
CA THR C 879 -41.84 -27.13 -17.65
C THR C 879 -41.78 -28.16 -16.53
N SER C 880 -40.59 -28.40 -15.99
CA SER C 880 -40.41 -29.40 -14.93
C SER C 880 -40.56 -28.83 -13.54
N GLY C 881 -40.74 -27.52 -13.39
CA GLY C 881 -40.92 -26.93 -12.09
C GLY C 881 -39.64 -26.82 -11.27
N TRP C 882 -39.77 -27.03 -9.97
CA TRP C 882 -38.66 -26.90 -9.03
C TRP C 882 -37.81 -28.17 -8.94
N THR C 883 -38.27 -29.27 -9.54
CA THR C 883 -37.67 -30.57 -9.28
C THR C 883 -36.38 -30.78 -10.06
N PHE C 884 -36.20 -30.07 -11.17
CA PHE C 884 -35.01 -30.26 -12.00
C PHE C 884 -33.73 -29.92 -11.26
N GLY C 885 -33.81 -29.10 -10.21
CA GLY C 885 -32.65 -28.80 -9.40
C GLY C 885 -32.32 -29.81 -8.34
N ALA C 886 -33.16 -30.83 -8.15
CA ALA C 886 -32.93 -31.87 -7.17
C ALA C 886 -32.84 -33.26 -7.79
N GLY C 887 -32.48 -33.34 -9.07
CA GLY C 887 -32.36 -34.60 -9.76
C GLY C 887 -32.85 -34.50 -11.19
N PRO C 888 -33.36 -35.61 -11.73
CA PRO C 888 -33.91 -35.58 -13.08
C PRO C 888 -35.12 -34.64 -13.15
N ALA C 889 -35.24 -33.94 -14.27
CA ALA C 889 -36.36 -33.02 -14.46
C ALA C 889 -37.64 -33.80 -14.69
N LEU C 890 -38.64 -33.53 -13.86
CA LEU C 890 -39.94 -34.21 -13.92
C LEU C 890 -40.97 -33.23 -14.47
N GLN C 891 -41.57 -33.59 -15.60
CA GLN C 891 -42.53 -32.72 -16.24
C GLN C 891 -43.79 -32.58 -15.39
N ILE C 892 -44.44 -31.42 -15.52
CA ILE C 892 -45.69 -31.15 -14.81
C ILE C 892 -46.32 -29.90 -15.43
N PRO C 893 -47.63 -29.90 -15.69
CA PRO C 893 -48.26 -28.71 -16.25
C PRO C 893 -48.11 -27.50 -15.34
N PHE C 894 -47.92 -26.34 -15.95
CA PHE C 894 -47.70 -25.11 -15.18
C PHE C 894 -48.82 -24.77 -14.22
N PRO C 895 -50.11 -24.91 -14.57
CA PRO C 895 -51.15 -24.68 -13.56
C PRO C 895 -51.08 -25.62 -12.38
N MET C 896 -50.34 -26.72 -12.49
CA MET C 896 -50.14 -27.60 -11.34
C MET C 896 -48.95 -27.15 -10.51
N GLN C 897 -47.88 -26.68 -11.16
CA GLN C 897 -46.74 -26.15 -10.43
C GLN C 897 -47.12 -24.90 -9.65
N MET C 898 -47.95 -24.04 -10.26
CA MET C 898 -48.44 -22.87 -9.54
C MET C 898 -49.31 -23.28 -8.36
N ALA C 899 -50.07 -24.36 -8.50
CA ALA C 899 -50.84 -24.89 -7.37
C ALA C 899 -49.90 -25.32 -6.24
N TYR C 900 -48.81 -26.00 -6.59
CA TYR C 900 -47.82 -26.38 -5.57
C TYR C 900 -47.24 -25.14 -4.89
N ARG C 901 -46.93 -24.12 -5.68
CA ARG C 901 -46.34 -22.91 -5.12
C ARG C 901 -47.31 -22.16 -4.22
N PHE C 902 -48.61 -22.18 -4.53
CA PHE C 902 -49.59 -21.66 -3.58
C PHE C 902 -49.63 -22.50 -2.32
N ASN C 903 -49.58 -23.84 -2.46
CA ASN C 903 -49.51 -24.68 -1.28
C ASN C 903 -48.29 -24.36 -0.44
N GLY C 904 -47.22 -23.90 -1.05
CA GLY C 904 -46.01 -23.56 -0.34
C GLY C 904 -46.04 -22.26 0.44
N ILE C 905 -47.13 -21.49 0.36
CA ILE C 905 -47.23 -20.25 1.12
C ILE C 905 -48.51 -20.25 1.95
N GLY C 906 -48.98 -21.44 2.31
CA GLY C 906 -50.18 -21.55 3.12
C GLY C 906 -51.46 -21.11 2.44
N VAL C 907 -51.57 -21.32 1.13
CA VAL C 907 -52.78 -21.07 0.37
C VAL C 907 -53.13 -22.35 -0.38
N THR C 908 -54.31 -22.90 -0.08
CA THR C 908 -54.72 -24.14 -0.73
C THR C 908 -54.86 -23.93 -2.22
N GLN C 909 -54.47 -24.94 -2.99
CA GLN C 909 -54.35 -24.82 -4.44
C GLN C 909 -55.66 -24.45 -5.11
N ASN C 910 -56.81 -24.79 -4.50
CA ASN C 910 -58.09 -24.55 -5.15
C ASN C 910 -58.23 -23.12 -5.62
N VAL C 911 -57.82 -22.15 -4.79
CA VAL C 911 -57.95 -20.74 -5.15
C VAL C 911 -57.32 -20.48 -6.49
N LEU C 912 -56.10 -20.98 -6.70
CA LEU C 912 -55.45 -20.83 -8.00
C LEU C 912 -56.38 -21.24 -9.12
N TYR C 913 -56.84 -22.50 -9.10
CA TYR C 913 -57.77 -22.93 -10.14
C TYR C 913 -59.01 -22.07 -10.10
N GLU C 914 -59.55 -21.83 -8.90
CA GLU C 914 -60.76 -21.03 -8.76
C GLU C 914 -60.59 -19.64 -9.33
N ASN C 915 -59.35 -19.17 -9.49
CA ASN C 915 -59.07 -17.91 -10.15
C ASN C 915 -57.90 -18.07 -11.11
N GLN C 916 -57.91 -19.13 -11.92
CA GLN C 916 -56.76 -19.38 -12.79
C GLN C 916 -56.53 -18.22 -13.76
N LYS C 917 -57.49 -18.03 -14.69
CA LYS C 917 -57.26 -17.11 -15.80
C LYS C 917 -56.91 -15.71 -15.31
N LEU C 918 -57.68 -15.20 -14.33
CA LEU C 918 -57.40 -13.89 -13.76
C LEU C 918 -55.94 -13.78 -13.34
N ILE C 919 -55.46 -14.77 -12.57
CA ILE C 919 -54.08 -14.74 -12.11
C ILE C 919 -53.14 -14.62 -13.30
N ALA C 920 -53.38 -15.43 -14.34
CA ALA C 920 -52.55 -15.34 -15.54
C ALA C 920 -52.50 -13.91 -16.05
N ASN C 921 -53.67 -13.30 -16.22
CA ASN C 921 -53.70 -11.92 -16.70
C ASN C 921 -52.92 -11.01 -15.78
N GLN C 922 -53.09 -11.17 -14.47
CA GLN C 922 -52.30 -10.39 -13.52
C GLN C 922 -50.83 -10.55 -13.82
N PHE C 923 -50.36 -11.80 -13.91
CA PHE C 923 -48.97 -12.02 -14.27
C PHE C 923 -48.69 -11.40 -15.64
N ASN C 924 -49.57 -11.64 -16.60
CA ASN C 924 -49.38 -11.08 -17.93
C ASN C 924 -49.32 -9.56 -17.87
N SER C 925 -50.08 -8.95 -16.95
CA SER C 925 -49.96 -7.51 -16.77
C SER C 925 -48.64 -7.16 -16.09
N ALA C 926 -48.30 -7.87 -15.00
CA ALA C 926 -47.15 -7.48 -14.20
C ALA C 926 -45.88 -7.49 -15.04
N ILE C 927 -45.63 -8.59 -15.74
CA ILE C 927 -44.44 -8.69 -16.58
C ILE C 927 -44.40 -7.54 -17.57
N GLY C 928 -45.55 -7.15 -18.13
CA GLY C 928 -45.56 -6.04 -19.06
C GLY C 928 -45.02 -4.77 -18.44
N LYS C 929 -45.47 -4.45 -17.22
CA LYS C 929 -44.96 -3.26 -16.55
C LYS C 929 -43.45 -3.32 -16.39
N ILE C 930 -42.90 -4.52 -16.15
CA ILE C 930 -41.45 -4.63 -16.02
C ILE C 930 -40.77 -4.10 -17.27
N GLN C 931 -41.26 -4.49 -18.45
CA GLN C 931 -40.65 -4.02 -19.69
C GLN C 931 -40.67 -2.50 -19.76
N ASP C 932 -41.74 -1.88 -19.25
CA ASP C 932 -41.76 -0.43 -19.20
C ASP C 932 -40.88 0.11 -18.08
N SER C 933 -40.90 -0.55 -16.91
CA SER C 933 -40.23 0.00 -15.75
C SER C 933 -38.73 0.12 -15.98
N LEU C 934 -38.12 -0.92 -16.57
CA LEU C 934 -36.72 -0.83 -16.94
C LEU C 934 -36.51 0.16 -18.08
N PHE C 935 -37.44 0.21 -19.03
CA PHE C 935 -37.26 1.06 -20.19
C PHE C 935 -37.34 2.54 -19.85
N SER C 936 -38.31 2.92 -19.00
CA SER C 936 -38.51 4.33 -18.69
C SER C 936 -37.42 4.85 -17.75
N THR C 937 -37.30 4.26 -16.57
CA THR C 937 -36.33 4.74 -15.60
C THR C 937 -34.92 4.38 -16.04
N PRO C 938 -34.02 5.36 -16.22
CA PRO C 938 -32.63 5.02 -16.57
C PRO C 938 -31.79 4.56 -15.38
N SER C 939 -32.28 4.75 -14.16
CA SER C 939 -31.57 4.32 -12.96
C SER C 939 -31.97 2.93 -12.49
N ALA C 940 -32.79 2.22 -13.27
CA ALA C 940 -33.20 0.88 -12.89
C ALA C 940 -32.00 -0.06 -12.75
N LEU C 941 -31.12 -0.05 -13.73
CA LEU C 941 -29.87 -0.82 -13.67
C LEU C 941 -28.74 0.02 -13.07
N GLY C 942 -29.00 0.59 -11.90
CA GLY C 942 -28.01 1.44 -11.27
C GLY C 942 -26.79 0.69 -10.80
N LYS C 943 -26.99 -0.52 -10.24
CA LYS C 943 -25.88 -1.22 -9.59
C LYS C 943 -24.86 -1.72 -10.61
N LEU C 944 -25.33 -2.34 -11.70
CA LEU C 944 -24.41 -2.83 -12.72
C LEU C 944 -23.67 -1.68 -13.40
N GLN C 945 -24.39 -0.60 -13.71
CA GLN C 945 -23.75 0.57 -14.30
C GLN C 945 -22.73 1.16 -13.35
N ASP C 946 -23.03 1.16 -12.05
CA ASP C 946 -22.08 1.65 -11.07
C ASP C 946 -20.83 0.78 -11.00
N VAL C 947 -21.01 -0.54 -11.11
CA VAL C 947 -19.85 -1.43 -11.13
C VAL C 947 -18.97 -1.15 -12.34
N VAL C 948 -19.60 -1.03 -13.50
CA VAL C 948 -18.85 -0.74 -14.73
C VAL C 948 -18.13 0.60 -14.60
N ASN C 949 -18.81 1.61 -14.08
CA ASN C 949 -18.21 2.93 -13.90
C ASN C 949 -17.06 2.89 -12.91
N HIS C 950 -17.19 2.09 -11.85
CA HIS C 950 -16.11 1.97 -10.88
C HIS C 950 -14.87 1.36 -11.51
N ASN C 951 -15.05 0.29 -12.29
CA ASN C 951 -13.89 -0.30 -12.95
C ASN C 951 -13.27 0.67 -13.95
N ALA C 952 -14.11 1.37 -14.73
CA ALA C 952 -13.60 2.33 -15.69
C ALA C 952 -12.86 3.47 -15.02
N GLN C 953 -13.39 3.97 -13.90
CA GLN C 953 -12.74 5.05 -13.17
C GLN C 953 -11.41 4.58 -12.58
N ALA C 954 -11.35 3.36 -12.06
CA ALA C 954 -10.09 2.83 -11.55
C ALA C 954 -9.05 2.75 -12.65
N LEU C 955 -9.43 2.21 -13.82
CA LEU C 955 -8.47 2.12 -14.92
C LEU C 955 -8.05 3.50 -15.40
N ASN C 956 -8.99 4.44 -15.49
CA ASN C 956 -8.67 5.79 -15.94
C ASN C 956 -7.73 6.49 -14.97
N THR C 957 -7.96 6.31 -13.67
CA THR C 957 -7.05 6.88 -12.67
C THR C 957 -5.67 6.28 -12.80
N LEU C 958 -5.60 4.96 -13.02
CA LEU C 958 -4.31 4.30 -13.14
C LEU C 958 -3.54 4.83 -14.35
N VAL C 959 -4.22 5.01 -15.49
CA VAL C 959 -3.50 5.51 -16.66
C VAL C 959 -3.16 6.98 -16.52
N LYS C 960 -4.05 7.76 -15.90
CA LYS C 960 -3.77 9.19 -15.71
C LYS C 960 -2.58 9.40 -14.78
N GLN C 961 -2.41 8.54 -13.79
CA GLN C 961 -1.30 8.66 -12.86
C GLN C 961 0.03 8.29 -13.48
N LEU C 962 0.03 7.83 -14.73
CA LEU C 962 1.28 7.72 -15.48
C LEU C 962 1.86 9.09 -15.82
N SER C 963 1.06 10.13 -15.77
CA SER C 963 1.50 11.49 -16.08
C SER C 963 1.80 12.31 -14.84
N SER C 964 1.82 11.68 -13.67
CA SER C 964 2.12 12.38 -12.42
C SER C 964 3.62 12.39 -12.21
N LYS C 965 4.16 13.59 -11.93
CA LYS C 965 5.60 13.71 -11.76
C LYS C 965 6.08 13.04 -10.48
N PHE C 966 5.22 12.97 -9.46
CA PHE C 966 5.57 12.34 -8.18
C PHE C 966 6.79 12.99 -7.56
N GLY C 967 6.87 14.32 -7.69
CA GLY C 967 8.03 15.05 -7.20
C GLY C 967 9.32 14.73 -7.90
N ALA C 968 9.28 14.56 -9.22
CA ALA C 968 10.46 14.28 -10.01
C ALA C 968 10.57 15.33 -11.12
N ILE C 969 11.53 15.11 -12.03
CA ILE C 969 11.77 16.07 -13.10
C ILE C 969 10.58 16.12 -14.05
N SER C 970 10.09 14.96 -14.46
CA SER C 970 8.99 14.90 -15.42
C SER C 970 8.19 13.62 -15.15
N SER C 971 7.35 13.25 -16.11
CA SER C 971 6.52 12.07 -16.02
C SER C 971 6.78 11.06 -17.13
N VAL C 972 7.76 11.31 -17.98
CA VAL C 972 8.11 10.41 -19.08
C VAL C 972 9.55 9.95 -18.88
N LEU C 973 9.75 8.64 -18.93
CA LEU C 973 11.07 8.07 -18.68
C LEU C 973 12.06 8.49 -19.76
N ASN C 974 11.62 8.55 -21.02
CA ASN C 974 12.53 8.77 -22.13
C ASN C 974 13.17 10.16 -22.06
N ASP C 975 12.38 11.17 -21.67
CA ASP C 975 12.94 12.51 -21.52
C ASP C 975 13.98 12.56 -20.41
N ILE C 976 13.71 11.89 -19.29
CA ILE C 976 14.67 11.84 -18.20
C ILE C 976 15.96 11.16 -18.66
N LEU C 977 15.83 10.07 -19.41
CA LEU C 977 17.02 9.38 -19.91
C LEU C 977 17.81 10.26 -20.86
N SER C 978 17.16 10.81 -21.88
CA SER C 978 17.85 11.72 -22.79
C SER C 978 17.69 13.17 -22.38
N ARG C 979 17.90 13.44 -21.09
CA ARG C 979 18.09 14.79 -20.58
C ARG C 979 19.18 14.90 -19.54
N LEU C 980 19.53 13.85 -18.81
CA LEU C 980 20.43 13.93 -17.68
C LEU C 980 21.46 12.81 -17.75
N ASP C 981 22.45 12.91 -16.86
CA ASP C 981 23.44 11.85 -16.72
C ASP C 981 22.79 10.62 -16.07
N PRO C 982 23.34 9.43 -16.33
CA PRO C 982 22.75 8.20 -15.77
C PRO C 982 22.65 8.17 -14.25
N PRO C 983 23.61 8.72 -13.49
CA PRO C 983 23.47 8.60 -12.02
C PRO C 983 22.25 9.30 -11.45
N GLU C 984 22.06 10.58 -11.73
CA GLU C 984 20.90 11.29 -11.19
C GLU C 984 19.62 10.84 -11.87
N ALA C 985 19.71 10.46 -13.15
CA ALA C 985 18.57 9.85 -13.82
C ALA C 985 18.13 8.60 -13.09
N GLU C 986 19.07 7.85 -12.50
CA GLU C 986 18.69 6.68 -11.71
C GLU C 986 17.81 7.07 -10.53
N VAL C 987 18.16 8.15 -9.83
CA VAL C 987 17.34 8.60 -8.70
C VAL C 987 15.97 9.06 -9.17
N GLN C 988 15.93 9.80 -10.28
CA GLN C 988 14.64 10.27 -10.79
C GLN C 988 13.75 9.11 -11.20
N ILE C 989 14.32 8.12 -11.90
CA ILE C 989 13.57 6.93 -12.29
C ILE C 989 13.14 6.16 -11.04
N ASP C 990 13.98 6.17 -10.00
CA ASP C 990 13.59 5.52 -8.75
C ASP C 990 12.36 6.18 -8.14
N ARG C 991 12.33 7.51 -8.13
CA ARG C 991 11.15 8.21 -7.61
C ARG C 991 9.91 7.90 -8.45
N LEU C 992 10.06 7.92 -9.76
CA LEU C 992 8.94 7.62 -10.64
C LEU C 992 8.46 6.18 -10.44
N ILE C 993 9.39 5.25 -10.26
CA ILE C 993 9.05 3.85 -10.05
C ILE C 993 8.30 3.69 -8.74
N THR C 994 8.77 4.36 -7.68
CA THR C 994 8.06 4.29 -6.41
C THR C 994 6.64 4.80 -6.55
N GLY C 995 6.48 5.95 -7.20
CA GLY C 995 5.13 6.49 -7.36
C GLY C 995 4.22 5.58 -8.17
N ARG C 996 4.72 5.08 -9.30
CA ARG C 996 3.91 4.25 -10.17
C ARG C 996 3.59 2.90 -9.53
N LEU C 997 4.54 2.33 -8.79
CA LEU C 997 4.29 1.06 -8.12
C LEU C 997 3.33 1.23 -6.96
N GLN C 998 3.38 2.37 -6.27
CA GLN C 998 2.36 2.66 -5.27
C GLN C 998 0.99 2.80 -5.92
N SER C 999 0.92 3.44 -7.10
CA SER C 999 -0.33 3.51 -7.83
C SER C 999 -0.84 2.11 -8.19
N LEU C 1000 0.05 1.24 -8.67
CA LEU C 1000 -0.34 -0.12 -9.00
C LEU C 1000 -0.84 -0.87 -7.77
N GLN C 1001 -0.14 -0.72 -6.65
CA GLN C 1001 -0.55 -1.42 -5.44
C GLN C 1001 -1.90 -0.91 -4.95
N THR C 1002 -2.13 0.40 -5.01
CA THR C 1002 -3.43 0.95 -4.64
C THR C 1002 -4.51 0.40 -5.55
N TYR C 1003 -4.26 0.36 -6.86
CA TYR C 1003 -5.24 -0.18 -7.80
C TYR C 1003 -5.53 -1.65 -7.51
N VAL C 1004 -4.50 -2.42 -7.22
CA VAL C 1004 -4.67 -3.86 -6.99
C VAL C 1004 -5.43 -4.09 -5.68
N THR C 1005 -5.12 -3.31 -4.65
CA THR C 1005 -5.84 -3.44 -3.38
C THR C 1005 -7.30 -3.04 -3.54
N GLN C 1006 -7.56 -1.96 -4.28
CA GLN C 1006 -8.94 -1.56 -4.55
C GLN C 1006 -9.68 -2.63 -5.34
N GLN C 1007 -9.01 -3.23 -6.32
CA GLN C 1007 -9.62 -4.32 -7.07
C GLN C 1007 -9.88 -5.53 -6.19
N LEU C 1008 -8.98 -5.82 -5.25
CA LEU C 1008 -9.20 -6.93 -4.33
C LEU C 1008 -10.41 -6.68 -3.44
N ILE C 1009 -10.55 -5.47 -2.93
CA ILE C 1009 -11.70 -5.15 -2.08
C ILE C 1009 -12.99 -5.21 -2.89
N ARG C 1010 -12.99 -4.63 -4.09
CA ARG C 1010 -14.18 -4.69 -4.94
C ARG C 1010 -14.47 -6.13 -5.36
N ALA C 1011 -13.43 -6.95 -5.52
CA ALA C 1011 -13.63 -8.34 -5.87
C ALA C 1011 -14.25 -9.11 -4.71
N ALA C 1012 -13.85 -8.80 -3.48
CA ALA C 1012 -14.51 -9.38 -2.32
C ALA C 1012 -15.97 -8.96 -2.25
N GLU C 1013 -16.25 -7.68 -2.51
CA GLU C 1013 -17.64 -7.21 -2.51
C GLU C 1013 -18.47 -7.92 -3.57
N ILE C 1014 -17.92 -8.04 -4.79
CA ILE C 1014 -18.64 -8.69 -5.87
C ILE C 1014 -18.73 -10.19 -5.64
N ARG C 1015 -17.76 -10.77 -4.92
CA ARG C 1015 -17.84 -12.18 -4.56
C ARG C 1015 -18.97 -12.42 -3.56
N ALA C 1016 -19.13 -11.51 -2.61
CA ALA C 1016 -20.29 -11.60 -1.72
C ALA C 1016 -21.59 -11.44 -2.49
N SER C 1017 -21.63 -10.51 -3.43
CA SER C 1017 -22.82 -10.33 -4.26
C SER C 1017 -23.10 -11.56 -5.10
N ALA C 1018 -22.06 -12.19 -5.65
CA ALA C 1018 -22.23 -13.38 -6.47
C ALA C 1018 -22.66 -14.57 -5.63
N ASN C 1019 -22.16 -14.67 -4.39
CA ASN C 1019 -22.64 -15.70 -3.49
C ASN C 1019 -24.11 -15.50 -3.17
N LEU C 1020 -24.53 -14.25 -2.96
CA LEU C 1020 -25.94 -13.96 -2.74
C LEU C 1020 -26.76 -14.32 -3.98
N ALA C 1021 -26.25 -14.02 -5.17
CA ALA C 1021 -26.97 -14.34 -6.39
C ALA C 1021 -27.09 -15.84 -6.59
N ALA C 1022 -26.02 -16.58 -6.31
CA ALA C 1022 -26.07 -18.03 -6.40
C ALA C 1022 -27.05 -18.62 -5.39
N THR C 1023 -27.06 -18.07 -4.18
CA THR C 1023 -28.02 -18.52 -3.17
C THR C 1023 -29.45 -18.23 -3.61
N LYS C 1024 -29.69 -17.07 -4.22
CA LYS C 1024 -31.02 -16.73 -4.71
C LYS C 1024 -31.44 -17.68 -5.82
N MET C 1025 -30.56 -17.92 -6.80
CA MET C 1025 -30.92 -18.80 -7.90
C MET C 1025 -31.08 -20.23 -7.44
N SER C 1026 -30.39 -20.63 -6.37
CA SER C 1026 -30.56 -21.95 -5.81
C SER C 1026 -31.70 -22.04 -4.80
N GLU C 1027 -32.30 -20.91 -4.43
CA GLU C 1027 -33.40 -20.90 -3.48
C GLU C 1027 -34.63 -20.15 -3.95
N CYS C 1028 -34.50 -19.20 -4.87
CA CYS C 1028 -35.65 -18.49 -5.42
C CYS C 1028 -36.06 -19.03 -6.79
N VAL C 1029 -35.10 -19.52 -7.57
CA VAL C 1029 -35.38 -20.05 -8.90
C VAL C 1029 -35.54 -21.56 -8.83
N LEU C 1030 -34.52 -22.25 -8.31
CA LEU C 1030 -34.57 -23.71 -8.20
C LEU C 1030 -35.33 -24.12 -6.95
N GLY C 1031 -36.55 -23.63 -6.80
CA GLY C 1031 -37.33 -23.91 -5.62
C GLY C 1031 -37.97 -22.66 -5.06
N GLN C 1032 -38.94 -22.84 -4.17
CA GLN C 1032 -39.63 -21.73 -3.55
C GLN C 1032 -39.12 -21.55 -2.12
N SER C 1033 -38.67 -20.34 -1.81
CA SER C 1033 -38.05 -20.04 -0.52
C SER C 1033 -39.06 -19.49 0.46
N LYS C 1034 -39.00 -19.95 1.70
CA LYS C 1034 -39.87 -19.48 2.77
C LYS C 1034 -39.26 -18.33 3.56
N ARG C 1035 -38.02 -17.94 3.26
CA ARG C 1035 -37.41 -16.82 3.95
C ARG C 1035 -38.11 -15.52 3.59
N VAL C 1036 -38.35 -14.69 4.59
CA VAL C 1036 -39.14 -13.48 4.41
C VAL C 1036 -38.30 -12.41 3.70
N ASP C 1037 -38.88 -11.81 2.67
CA ASP C 1037 -38.28 -10.69 1.94
C ASP C 1037 -36.90 -11.05 1.39
N PHE C 1038 -36.68 -12.32 1.07
CA PHE C 1038 -35.47 -12.76 0.43
C PHE C 1038 -35.61 -12.88 -1.08
N CYS C 1039 -36.74 -13.42 -1.55
CA CYS C 1039 -37.06 -13.51 -2.96
C CYS C 1039 -38.12 -12.49 -3.37
N GLY C 1040 -38.07 -11.30 -2.79
CA GLY C 1040 -38.98 -10.22 -3.13
C GLY C 1040 -39.88 -9.83 -1.97
N LYS C 1041 -40.48 -8.66 -2.13
CA LYS C 1041 -41.37 -8.08 -1.13
C LYS C 1041 -42.71 -8.80 -1.20
N GLY C 1042 -42.96 -9.66 -0.22
CA GLY C 1042 -44.19 -10.42 -0.14
C GLY C 1042 -43.93 -11.92 -0.15
N TYR C 1043 -45.01 -12.68 -0.03
CA TYR C 1043 -44.91 -14.13 -0.07
C TYR C 1043 -44.38 -14.57 -1.42
N HIS C 1044 -43.32 -15.37 -1.41
CA HIS C 1044 -42.65 -15.75 -2.64
C HIS C 1044 -43.45 -16.80 -3.41
N LEU C 1045 -43.47 -16.67 -4.74
CA LEU C 1045 -44.06 -17.66 -5.62
C LEU C 1045 -43.01 -18.33 -6.50
N MET C 1046 -42.22 -17.56 -7.23
CA MET C 1046 -41.16 -18.11 -8.05
C MET C 1046 -40.22 -16.98 -8.45
N SER C 1047 -39.21 -17.30 -9.25
CA SER C 1047 -38.28 -16.29 -9.73
C SER C 1047 -37.78 -16.71 -11.12
N PHE C 1048 -37.40 -15.71 -11.90
CA PHE C 1048 -36.87 -15.93 -13.25
C PHE C 1048 -35.56 -15.17 -13.41
N PRO C 1049 -34.47 -15.86 -13.74
CA PRO C 1049 -33.21 -15.14 -13.97
C PRO C 1049 -33.17 -14.53 -15.36
N GLN C 1050 -32.43 -13.43 -15.48
CA GLN C 1050 -32.16 -12.82 -16.77
C GLN C 1050 -30.72 -12.33 -16.77
N SER C 1051 -29.91 -12.82 -17.72
CA SER C 1051 -28.53 -12.40 -17.81
C SER C 1051 -28.44 -10.94 -18.18
N ALA C 1052 -27.54 -10.21 -17.53
CA ALA C 1052 -27.27 -8.82 -17.82
C ALA C 1052 -25.77 -8.60 -17.81
N PRO C 1053 -25.26 -7.56 -18.46
CA PRO C 1053 -23.82 -7.34 -18.50
C PRO C 1053 -23.22 -7.33 -17.11
N HIS C 1054 -22.44 -8.37 -16.81
CA HIS C 1054 -21.75 -8.53 -15.53
C HIS C 1054 -22.74 -8.58 -14.37
N GLY C 1055 -23.84 -9.30 -14.55
CA GLY C 1055 -24.78 -9.44 -13.45
C GLY C 1055 -26.02 -10.22 -13.88
N VAL C 1056 -26.94 -10.32 -12.93
CA VAL C 1056 -28.18 -11.05 -13.16
C VAL C 1056 -29.34 -10.23 -12.60
N VAL C 1057 -30.43 -10.21 -13.34
CA VAL C 1057 -31.66 -9.54 -12.93
C VAL C 1057 -32.68 -10.62 -12.60
N PHE C 1058 -33.20 -10.59 -11.38
CA PHE C 1058 -34.16 -11.57 -10.90
C PHE C 1058 -35.55 -10.98 -10.97
N LEU C 1059 -36.42 -11.62 -11.75
CA LEU C 1059 -37.84 -11.29 -11.78
C LEU C 1059 -38.50 -12.15 -10.73
N HIS C 1060 -38.72 -11.58 -9.55
CA HIS C 1060 -39.33 -12.29 -8.44
C HIS C 1060 -40.84 -12.15 -8.56
N VAL C 1061 -41.53 -13.27 -8.77
CA VAL C 1061 -42.98 -13.31 -8.79
C VAL C 1061 -43.43 -13.68 -7.38
N THR C 1062 -44.15 -12.76 -6.74
CA THR C 1062 -44.52 -12.88 -5.33
C THR C 1062 -46.01 -12.66 -5.16
N TYR C 1063 -46.56 -13.27 -4.12
CA TYR C 1063 -47.97 -13.12 -3.78
C TYR C 1063 -48.10 -12.05 -2.70
N VAL C 1064 -48.92 -11.05 -2.94
CA VAL C 1064 -49.10 -9.94 -2.02
C VAL C 1064 -50.58 -9.82 -1.68
N PRO C 1065 -50.98 -10.08 -0.43
CA PRO C 1065 -52.40 -9.94 -0.08
C PRO C 1065 -52.87 -8.49 -0.16
N ALA C 1066 -54.17 -8.33 -0.37
CA ALA C 1066 -54.77 -7.01 -0.52
C ALA C 1066 -56.27 -7.13 -0.31
N GLN C 1067 -56.92 -5.97 -0.20
CA GLN C 1067 -58.37 -5.87 0.03
C GLN C 1067 -58.76 -6.58 1.34
N GLU C 1068 -58.20 -6.04 2.42
CA GLU C 1068 -58.40 -6.61 3.74
C GLU C 1068 -59.86 -6.44 4.19
N LYS C 1069 -60.26 -7.29 5.13
CA LYS C 1069 -61.60 -7.22 5.71
C LYS C 1069 -61.50 -7.47 7.20
N ASN C 1070 -62.21 -6.68 7.99
CA ASN C 1070 -62.17 -6.78 9.44
C ASN C 1070 -63.14 -7.84 9.93
N PHE C 1071 -62.79 -8.49 11.03
CA PHE C 1071 -63.61 -9.55 11.61
C PHE C 1071 -63.33 -9.65 13.10
N THR C 1072 -64.21 -10.35 13.80
CA THR C 1072 -64.03 -10.66 15.21
C THR C 1072 -63.56 -12.10 15.33
N THR C 1073 -62.51 -12.31 16.13
CA THR C 1073 -61.87 -13.61 16.25
C THR C 1073 -61.92 -14.10 17.68
N ALA C 1074 -61.81 -15.42 17.83
CA ALA C 1074 -61.80 -16.08 19.11
C ALA C 1074 -60.73 -17.17 19.02
N PRO C 1075 -59.91 -17.33 20.05
CA PRO C 1075 -58.82 -18.33 19.97
C PRO C 1075 -59.32 -19.75 19.78
N ALA C 1076 -60.49 -20.09 20.32
CA ALA C 1076 -60.98 -21.46 20.27
C ALA C 1076 -62.48 -21.44 20.06
N ILE C 1077 -63.09 -22.61 20.19
CA ILE C 1077 -64.54 -22.77 20.10
C ILE C 1077 -64.96 -23.86 21.08
N CYS C 1078 -66.00 -23.58 21.87
CA CYS C 1078 -66.52 -24.53 22.86
C CYS C 1078 -67.94 -24.91 22.42
N HIS C 1079 -68.04 -26.03 21.69
CA HIS C 1079 -69.36 -26.49 21.22
C HIS C 1079 -69.99 -27.51 22.16
N ASP C 1080 -69.35 -28.68 22.30
CA ASP C 1080 -69.87 -29.73 23.17
C ASP C 1080 -69.17 -29.76 24.51
N GLY C 1081 -69.08 -28.61 25.18
CA GLY C 1081 -68.38 -28.54 26.45
C GLY C 1081 -66.91 -28.87 26.34
N LYS C 1082 -66.40 -28.86 25.11
CA LYS C 1082 -65.01 -29.18 24.82
C LYS C 1082 -64.42 -28.10 23.93
N ALA C 1083 -63.16 -27.75 24.20
CA ALA C 1083 -62.48 -26.76 23.37
C ALA C 1083 -62.23 -27.31 21.98
N HIS C 1084 -62.33 -26.43 20.98
CA HIS C 1084 -62.02 -26.78 19.60
C HIS C 1084 -61.09 -25.74 19.01
N PHE C 1085 -60.15 -26.20 18.19
CA PHE C 1085 -59.14 -25.35 17.58
C PHE C 1085 -59.07 -25.62 16.09
N PRO C 1086 -58.92 -24.59 15.27
CA PRO C 1086 -58.80 -24.80 13.82
C PRO C 1086 -57.57 -25.64 13.50
N ARG C 1087 -57.73 -26.55 12.53
CA ARG C 1087 -56.63 -27.43 12.15
C ARG C 1087 -55.46 -26.63 11.58
N GLU C 1088 -55.75 -25.76 10.60
CA GLU C 1088 -54.73 -24.86 10.08
C GLU C 1088 -55.28 -23.47 9.78
N GLY C 1089 -56.52 -23.17 10.15
CA GLY C 1089 -57.15 -21.91 9.85
C GLY C 1089 -57.24 -20.98 11.03
N VAL C 1090 -58.15 -20.02 10.92
CA VAL C 1090 -58.38 -19.00 11.95
C VAL C 1090 -59.89 -18.85 12.12
N PHE C 1091 -60.33 -18.77 13.38
CA PHE C 1091 -61.75 -18.58 13.66
C PHE C 1091 -62.09 -17.10 13.53
N VAL C 1092 -62.98 -16.78 12.60
CA VAL C 1092 -63.37 -15.40 12.32
C VAL C 1092 -64.89 -15.32 12.33
N SER C 1093 -65.39 -14.10 12.48
CA SER C 1093 -66.83 -13.86 12.56
C SER C 1093 -67.19 -12.65 11.72
N ASN C 1094 -68.29 -12.75 10.98
CA ASN C 1094 -68.83 -11.63 10.20
C ASN C 1094 -70.03 -11.00 10.90
N GLY C 1095 -69.88 -10.91 12.22
CA GLY C 1095 -70.95 -10.46 13.11
C GLY C 1095 -71.68 -11.65 13.68
N THR C 1096 -72.51 -12.29 12.86
CA THR C 1096 -73.42 -13.31 13.36
C THR C 1096 -72.90 -14.72 13.18
N HIS C 1097 -72.51 -15.11 11.97
CA HIS C 1097 -72.08 -16.47 11.69
C HIS C 1097 -70.58 -16.60 11.89
N TRP C 1098 -70.16 -17.61 12.65
CA TRP C 1098 -68.76 -17.89 12.87
C TRP C 1098 -68.26 -18.88 11.82
N PHE C 1099 -67.04 -18.64 11.33
CA PHE C 1099 -66.43 -19.48 10.32
C PHE C 1099 -64.97 -19.70 10.68
N VAL C 1100 -64.36 -20.66 9.99
CA VAL C 1100 -62.91 -20.86 10.03
C VAL C 1100 -62.38 -20.66 8.62
N THR C 1101 -61.35 -19.84 8.49
CA THR C 1101 -60.87 -19.41 7.19
C THR C 1101 -59.36 -19.61 7.09
N GLN C 1102 -58.89 -19.72 5.86
CA GLN C 1102 -57.46 -19.78 5.61
C GLN C 1102 -56.81 -18.45 5.99
N ARG C 1103 -55.63 -18.52 6.60
CA ARG C 1103 -55.03 -17.35 7.21
C ARG C 1103 -54.24 -16.49 6.22
N ASN C 1104 -54.48 -16.66 4.91
CA ASN C 1104 -53.86 -15.79 3.93
C ASN C 1104 -54.81 -15.40 2.80
N PHE C 1105 -56.07 -15.82 2.86
CA PHE C 1105 -57.04 -15.52 1.81
C PHE C 1105 -58.42 -15.78 2.38
N TYR C 1106 -59.28 -14.77 2.39
CA TYR C 1106 -60.61 -14.92 2.95
C TYR C 1106 -61.38 -16.01 2.21
N GLU C 1107 -61.78 -17.04 2.94
CA GLU C 1107 -62.57 -18.14 2.40
C GLU C 1107 -63.30 -18.82 3.54
N PRO C 1108 -64.44 -18.27 3.98
CA PRO C 1108 -65.14 -18.84 5.13
C PRO C 1108 -65.62 -20.25 4.83
N GLN C 1109 -65.57 -21.10 5.86
CA GLN C 1109 -65.99 -22.49 5.75
C GLN C 1109 -66.75 -22.86 7.02
N ILE C 1110 -67.85 -23.59 6.84
CA ILE C 1110 -68.69 -23.97 7.97
C ILE C 1110 -67.89 -24.86 8.92
N ILE C 1111 -68.00 -24.59 10.21
CA ILE C 1111 -67.21 -25.30 11.21
C ILE C 1111 -67.75 -26.72 11.37
N THR C 1112 -66.86 -27.70 11.29
CA THR C 1112 -67.22 -29.11 11.42
C THR C 1112 -66.05 -29.85 12.05
N THR C 1113 -66.34 -31.04 12.56
CA THR C 1113 -65.31 -31.84 13.24
C THR C 1113 -64.15 -32.18 12.31
N ASP C 1114 -64.43 -32.37 11.02
CA ASP C 1114 -63.34 -32.56 10.06
C ASP C 1114 -62.49 -31.31 9.89
N ASN C 1115 -62.96 -30.16 10.35
CA ASN C 1115 -62.26 -28.89 10.15
C ASN C 1115 -61.53 -28.41 11.38
N THR C 1116 -61.91 -28.86 12.58
CA THR C 1116 -61.26 -28.48 13.82
C THR C 1116 -60.80 -29.74 14.55
N PHE C 1117 -60.10 -29.55 15.66
CA PHE C 1117 -59.74 -30.66 16.54
C PHE C 1117 -59.92 -30.24 17.99
N VAL C 1118 -60.20 -31.24 18.84
CA VAL C 1118 -60.54 -31.03 20.24
C VAL C 1118 -59.31 -31.26 21.11
N SER C 1119 -59.12 -30.40 22.11
CA SER C 1119 -58.06 -30.60 23.11
C SER C 1119 -58.47 -29.85 24.38
N GLY C 1120 -58.95 -30.58 25.38
CA GLY C 1120 -59.31 -30.01 26.66
C GLY C 1120 -60.73 -29.49 26.70
N ASN C 1121 -61.16 -29.16 27.92
CA ASN C 1121 -62.49 -28.63 28.17
C ASN C 1121 -62.46 -27.10 28.21
N CYS C 1122 -63.62 -26.51 28.46
CA CYS C 1122 -63.79 -25.06 28.35
C CYS C 1122 -63.70 -24.40 29.71
N ASP C 1123 -62.51 -24.50 30.31
CA ASP C 1123 -62.24 -23.81 31.57
C ASP C 1123 -60.87 -23.14 31.62
N VAL C 1124 -60.04 -23.29 30.59
CA VAL C 1124 -58.72 -22.70 30.57
C VAL C 1124 -58.58 -21.65 29.47
N VAL C 1125 -59.24 -21.86 28.33
CA VAL C 1125 -59.12 -20.93 27.22
C VAL C 1125 -59.63 -19.55 27.62
N ILE C 1126 -58.92 -18.51 27.18
CA ILE C 1126 -59.25 -17.16 27.60
C ILE C 1126 -60.43 -16.61 26.79
N GLY C 1127 -60.30 -16.60 25.47
CA GLY C 1127 -61.31 -16.01 24.61
C GLY C 1127 -62.21 -17.00 23.92
N ILE C 1128 -62.40 -18.18 24.52
CA ILE C 1128 -63.25 -19.19 23.91
C ILE C 1128 -64.69 -18.66 23.81
N VAL C 1129 -65.40 -19.11 22.77
CA VAL C 1129 -66.71 -18.57 22.42
C VAL C 1129 -67.67 -19.72 22.16
N ASN C 1130 -68.87 -19.64 22.76
CA ASN C 1130 -69.93 -20.59 22.47
C ASN C 1130 -70.25 -20.60 20.98
N ASN C 1131 -70.42 -21.80 20.43
CA ASN C 1131 -70.73 -21.98 19.01
C ASN C 1131 -71.19 -23.41 18.82
N THR C 1132 -71.42 -23.79 17.56
CA THR C 1132 -71.82 -25.14 17.20
C THR C 1132 -70.84 -25.70 16.18
N VAL C 1133 -70.39 -26.93 16.41
CA VAL C 1133 -69.56 -27.65 15.46
C VAL C 1133 -70.43 -28.75 14.87
N TYR C 1134 -70.97 -28.50 13.67
CA TYR C 1134 -71.93 -29.41 13.08
C TYR C 1134 -71.23 -30.65 12.53
N ASP C 1135 -71.79 -31.82 12.85
CA ASP C 1135 -71.24 -33.06 12.34
C ASP C 1135 -71.60 -33.22 10.87
N PRO C 1136 -70.69 -33.71 10.01
CA PRO C 1136 -70.99 -33.90 8.58
C PRO C 1136 -71.78 -35.17 8.31
C1 NAG D . -45.23 -4.37 32.99
C2 NAG D . -46.28 -4.31 34.11
C3 NAG D . -46.10 -3.04 34.94
C4 NAG D . -44.67 -2.91 35.43
C5 NAG D . -43.70 -3.03 34.25
C6 NAG D . -42.25 -3.04 34.68
C7 NAG D . -48.19 -3.50 32.75
C8 NAG D . -49.60 -3.79 32.33
N2 NAG D . -47.63 -4.40 33.57
O3 NAG D . -47.00 -3.08 36.05
O4 NAG D . -44.48 -1.65 36.05
O5 NAG D . -43.93 -4.27 33.56
O6 NAG D . -41.44 -2.28 33.79
O7 NAG D . -47.59 -2.50 32.37
C1 NAG D . -44.35 -1.85 37.47
C2 NAG D . -43.26 -0.92 38.00
C3 NAG D . -43.14 -1.07 39.52
C4 NAG D . -44.49 -0.90 40.19
C5 NAG D . -45.53 -1.82 39.55
C6 NAG D . -46.92 -1.60 40.09
C7 NAG D . -41.05 -0.24 37.17
C8 NAG D . -39.79 -0.68 36.49
N2 NAG D . -41.99 -1.18 37.36
O3 NAG D . -42.22 -0.10 40.01
O4 NAG D . -44.38 -1.21 41.57
O5 NAG D . -45.58 -1.59 38.14
O6 NAG D . -47.90 -1.95 39.12
O7 NAG D . -41.21 0.92 37.55
C1 NAG E . -19.40 -51.41 8.60
C2 NAG E . -19.51 -52.72 9.37
C3 NAG E . -18.12 -53.07 9.89
C4 NAG E . -17.13 -53.13 8.73
C5 NAG E . -17.14 -51.79 7.98
C6 NAG E . -16.28 -51.79 6.75
C7 NAG E . -20.99 -53.50 11.19
C8 NAG E . -21.83 -53.06 12.35
N2 NAG E . -20.47 -52.53 10.44
O3 NAG E . -18.18 -54.31 10.57
O4 NAG E . -15.84 -53.35 9.28
O5 NAG E . -18.47 -51.49 7.54
O6 NAG E . -16.72 -52.79 5.84
O7 NAG E . -20.81 -54.69 10.93
C1 NAG E . -15.00 -54.39 8.88
C2 NAG E . -15.66 -55.76 9.12
C3 NAG E . -14.69 -56.86 8.69
C4 NAG E . -14.26 -56.66 7.24
C5 NAG E . -13.67 -55.27 7.08
C6 NAG E . -13.32 -54.93 5.65
C7 NAG E . -15.34 -56.07 11.57
C8 NAG E . -16.06 -56.55 12.80
N2 NAG E . -16.10 -55.95 10.48
O3 NAG E . -15.31 -58.13 8.87
O4 NAG E . -13.28 -57.63 6.90
O5 NAG E . -14.61 -54.26 7.52
O6 NAG E . -12.80 -53.61 5.53
O7 NAG E . -14.14 -55.80 11.60
C1 NAG F . -47.75 -12.80 -25.09
C2 NAG F . -48.67 -13.42 -26.13
C3 NAG F . -48.22 -12.98 -27.51
C4 NAG F . -48.16 -11.45 -27.57
C5 NAG F . -47.24 -10.93 -26.47
C6 NAG F . -47.24 -9.42 -26.41
C7 NAG F . -49.46 -15.72 -26.56
C8 NAG F . -49.13 -17.17 -26.39
N2 NAG F . -48.63 -14.85 -25.98
O3 NAG F . -49.10 -13.47 -28.50
O4 NAG F . -47.64 -11.06 -28.83
O5 NAG F . -47.70 -11.39 -25.19
O6 NAG F . -48.58 -8.93 -26.27
O7 NAG F . -50.44 -15.34 -27.20
C1 NAG F . -48.54 -10.37 -29.66
C2 NAG F . -47.79 -9.89 -30.90
C3 NAG F . -48.75 -9.11 -31.78
C4 NAG F . -49.96 -9.97 -32.12
C5 NAG F . -50.62 -10.45 -30.83
C6 NAG F . -51.76 -11.40 -31.07
C7 NAG F . -46.55 -7.98 -29.87
C8 NAG F . -45.18 -7.56 -29.42
N2 NAG F . -46.60 -9.14 -30.52
O3 NAG F . -48.09 -8.68 -32.96
O4 NAG F . -50.91 -9.20 -32.85
O5 NAG F . -49.67 -11.16 -30.02
O6 NAG F . -51.32 -12.57 -31.74
O7 NAG F . -47.55 -7.29 -29.64
C1 NAG G . 9.33 44.65 29.75
C2 NAG G . 7.94 45.23 29.61
C3 NAG G . 7.93 46.65 30.15
C4 NAG G . 8.45 46.67 31.58
C5 NAG G . 9.83 46.04 31.64
C6 NAG G . 10.36 45.91 33.05
C7 NAG G . 7.17 46.08 27.39
C8 NAG G . 5.72 46.06 27.00
N2 NAG G . 7.56 45.10 28.21
O3 NAG G . 6.60 47.17 30.10
O4 NAG G . 8.60 48.01 32.06
O5 NAG G . 9.79 44.70 31.10
O6 NAG G . 11.66 45.33 33.05
O7 NAG G . 7.95 46.93 26.95
C1 NAG G . 7.55 48.62 32.76
C2 NAG G . 8.15 49.88 33.39
C3 NAG G . 7.05 50.64 34.13
C4 NAG G . 5.89 50.93 33.18
C5 NAG G . 5.39 49.63 32.57
C6 NAG G . 4.32 49.84 31.53
C7 NAG G . 10.20 50.33 34.68
C8 NAG G . 10.72 51.33 33.70
N2 NAG G . 9.26 49.50 34.24
O3 NAG G . 7.55 51.85 34.69
O4 NAG G . 4.84 51.55 33.91
O5 NAG G . 6.47 48.94 31.91
O6 NAG G . 3.91 48.61 30.95
O7 NAG G . 10.64 50.26 35.83
C1 NAG H . 35.14 44.98 15.81
C2 NAG H . 35.94 46.07 16.52
C3 NAG H . 35.67 47.42 15.89
C4 NAG H . 36.06 47.37 14.41
C5 NAG H . 35.24 46.25 13.76
C6 NAG H . 35.62 46.04 12.31
C7 NAG H . 36.46 46.63 18.88
C8 NAG H . 35.87 46.69 20.25
N2 NAG H . 35.70 46.05 17.95
O3 NAG H . 36.39 48.45 16.56
O4 NAG H . 35.77 48.60 13.77
O5 NAG H . 35.51 45.00 14.43
O6 NAG H . 35.30 47.19 11.52
O7 NAG H . 37.56 47.09 18.62
C1 NAG H . 36.83 49.48 13.56
C2 NAG H . 36.31 50.68 12.77
C3 NAG H . 37.45 51.67 12.54
C4 NAG H . 38.08 52.05 13.88
C5 NAG H . 38.54 50.79 14.62
C6 NAG H . 39.06 51.08 16.01
C7 NAG H . 35.99 50.54 10.29
C8 NAG H . 36.77 49.57 9.47
N2 NAG H . 35.72 50.16 11.54
O3 NAG H . 36.96 52.83 11.90
O4 NAG H . 39.22 52.87 13.64
O5 NAG H . 37.43 49.87 14.77
O6 NAG H . 38.04 51.67 16.81
O7 NAG H . 35.62 51.62 9.86
C1 NAG I . 36.16 33.25 25.34
C2 NAG I . 36.90 34.57 25.30
C3 NAG I . 36.77 35.27 26.65
C4 NAG I . 35.30 35.41 27.02
C5 NAG I . 34.62 34.03 26.99
C6 NAG I . 33.13 34.10 27.24
C7 NAG I . 38.85 34.72 23.82
C8 NAG I . 40.29 34.35 23.63
N2 NAG I . 38.30 34.36 24.98
O3 NAG I . 37.42 36.53 26.59
O4 NAG I . 35.19 35.95 28.33
O5 NAG I . 34.80 33.42 25.69
O6 NAG I . 32.85 34.61 28.54
O7 NAG I . 38.20 35.33 22.96
C1 NAG I . 34.84 37.29 28.44
C2 NAG I . 34.82 37.65 29.93
C3 NAG I . 34.45 39.12 30.09
C4 NAG I . 35.40 39.98 29.28
C5 NAG I . 35.41 39.53 27.82
C6 NAG I . 36.43 40.26 26.98
C7 NAG I . 32.85 37.02 31.34
C8 NAG I . 32.99 36.68 32.81
N2 NAG I . 33.92 36.72 30.58
O3 NAG I . 34.50 39.50 31.46
O4 NAG I . 34.98 41.34 29.34
O5 NAG I . 35.73 38.14 27.73
O6 NAG I . 36.41 39.79 25.64
O7 NAG I . 31.84 37.51 30.88
C1 NAG J . 14.07 -29.96 25.58
C2 NAG J . 13.28 -30.96 24.73
C3 NAG J . 13.34 -32.35 25.36
C4 NAG J . 14.79 -32.77 25.56
C5 NAG J . 15.54 -31.71 26.36
C6 NAG J . 17.01 -31.99 26.49
C7 NAG J . 11.20 -30.68 23.47
C8 NAG J . 9.79 -30.18 23.48
N2 NAG J . 11.89 -30.52 24.60
O3 NAG J . 12.66 -33.28 24.51
O4 NAG J . 14.84 -34.00 26.27
O5 NAG J . 15.42 -30.43 25.71
O6 NAG J . 17.69 -31.80 25.25
O7 NAG J . 11.68 -31.21 22.47
C1 NAG K . -31.07 -54.11 18.58
C2 NAG K . -30.22 -54.65 19.73
C3 NAG K . -28.98 -55.36 19.19
C4 NAG K . -29.38 -56.43 18.19
C5 NAG K . -30.29 -55.84 17.10
C6 NAG K . -30.84 -56.89 16.17
C7 NAG K . -30.15 -53.58 21.94
C8 NAG K . -30.93 -54.76 22.43
N2 NAG K . -29.83 -53.58 20.65
O3 NAG K . -28.26 -55.94 20.27
O4 NAG K . -28.22 -56.98 17.58
O5 NAG K . -31.41 -55.20 17.70
O6 NAG K . -29.82 -57.47 15.37
O7 NAG K . -29.81 -52.66 22.69
C1 NAG L . -42.99 -26.11 33.92
C2 NAG L . -43.75 -26.58 35.16
C3 NAG L . -44.27 -25.38 35.95
C4 NAG L . -43.12 -24.42 36.27
C5 NAG L . -42.38 -24.05 34.98
C6 NAG L . -41.16 -23.19 35.21
C7 NAG L . -45.89 -27.14 34.06
C8 NAG L . -46.90 -28.23 33.82
N2 NAG L . -44.85 -27.48 34.82
O3 NAG L . -44.87 -25.83 37.16
O4 NAG L . -43.62 -23.24 36.87
O5 NAG L . -41.93 -25.24 34.30
O6 NAG L . -40.20 -23.36 34.19
O7 NAG L . -46.03 -26.03 33.56
C1 NAG M . -33.97 -43.89 30.62
C2 NAG M . -34.60 -45.25 30.95
C3 NAG M . -33.99 -45.77 32.25
C4 NAG M . -32.48 -45.84 32.15
C5 NAG M . -31.94 -44.46 31.77
C6 NAG M . -30.45 -44.46 31.54
C7 NAG M . -36.91 -46.14 31.00
C8 NAG M . -38.34 -45.76 30.71
N2 NAG M . -36.04 -45.13 31.00
O3 NAG M . -34.53 -47.04 32.59
O4 NAG M . -31.93 -46.23 33.39
O5 NAG M . -32.56 -44.00 30.55
O6 NAG M . -29.98 -43.15 31.24
O7 NAG M . -36.59 -47.30 31.20
C1 NAG N . -49.43 -45.14 31.88
C2 NAG N . -49.52 -45.25 33.41
C3 NAG N . -50.93 -45.68 33.82
C4 NAG N . -51.97 -44.74 33.22
C5 NAG N . -51.77 -44.63 31.71
C6 NAG N . -52.68 -43.60 31.07
C7 NAG N . -48.42 -47.45 33.64
C8 NAG N . -47.31 -48.21 34.31
N2 NAG N . -48.52 -46.15 33.95
O3 NAG N . -51.04 -45.67 35.23
O4 NAG N . -53.28 -45.21 33.49
O5 NAG N . -50.43 -44.23 31.40
O6 NAG N . -54.05 -44.00 31.17
O7 NAG N . -49.19 -48.00 32.85
C1 NAG O . -48.43 -60.03 16.34
C2 NAG O . -47.40 -61.13 16.59
C3 NAG O . -47.51 -62.21 15.50
C4 NAG O . -48.94 -62.71 15.39
C5 NAG O . -49.91 -61.54 15.20
C6 NAG O . -51.35 -61.96 15.20
C7 NAG O . -45.41 -60.35 17.79
C8 NAG O . -44.02 -59.80 17.66
N2 NAG O . -46.06 -60.60 16.65
O3 NAG O . -46.63 -63.28 15.82
O4 NAG O . -49.06 -63.61 14.30
O5 NAG O . -49.73 -60.59 16.26
O6 NAG O . -51.96 -61.67 16.46
O7 NAG O . -45.93 -60.56 18.88
C1 NAG P . 35.99 12.82 32.82
C2 NAG P . 36.25 12.06 31.51
C3 NAG P . 36.62 10.62 31.83
C4 NAG P . 37.81 10.58 32.77
C5 NAG P . 37.49 11.38 34.03
C6 NAG P . 38.67 11.49 34.98
C7 NAG P . 34.52 13.15 30.10
C8 NAG P . 35.39 14.09 29.32
N2 NAG P . 35.13 12.07 30.58
O3 NAG P . 36.89 9.92 30.62
O4 NAG P . 38.07 9.23 33.14
O5 NAG P . 37.12 12.72 33.68
O6 NAG P . 39.10 10.20 35.42
O7 NAG P . 33.33 13.34 30.26
C1 NAG Q . 53.50 2.47 -13.85
C2 NAG Q . 54.28 3.28 -12.85
C3 NAG Q . 55.06 4.32 -13.61
C4 NAG Q . 55.92 3.64 -14.66
C5 NAG Q . 55.04 2.81 -15.59
C6 NAG Q . 55.88 2.06 -16.63
C7 NAG Q . 53.09 3.32 -10.75
C8 NAG Q . 54.24 2.65 -10.06
N2 NAG Q . 53.38 3.89 -11.91
O3 NAG Q . 55.91 5.05 -12.72
O4 NAG Q . 56.61 4.64 -15.42
O5 NAG Q . 54.32 1.85 -14.83
O6 NAG Q . 56.61 3.00 -17.43
O7 NAG Q . 51.96 3.34 -10.28
C1 NAG R . 57.91 8.18 2.28
C2 NAG R . 56.65 8.92 2.74
C3 NAG R . 57.04 10.07 3.64
C4 NAG R . 57.83 9.50 4.82
C5 NAG R . 59.04 8.75 4.30
C6 NAG R . 59.85 8.13 5.44
C7 NAG R . 54.97 8.68 0.98
C8 NAG R . 54.20 9.39 -0.08
N2 NAG R . 55.89 9.42 1.61
O3 NAG R . 55.87 10.73 4.12
O4 NAG R . 58.25 10.58 5.66
O5 NAG R . 58.63 7.71 3.42
O6 NAG R . 60.31 9.15 6.32
O7 NAG R . 54.79 7.51 1.24
C1 NAG S . -7.56 -9.29 -38.93
C2 NAG S . -9.05 -9.27 -38.59
C3 NAG S . -9.84 -9.62 -39.84
C4 NAG S . -9.46 -8.69 -40.98
C5 NAG S . -7.95 -8.74 -41.22
C6 NAG S . -7.48 -7.75 -42.26
C7 NAG S . -9.68 -9.81 -36.29
C8 NAG S . -9.74 -10.88 -35.26
N2 NAG S . -9.34 -10.19 -37.53
O3 NAG S . -11.23 -9.52 -39.55
O4 NAG S . -10.13 -9.11 -42.17
O5 NAG S . -7.24 -8.43 -40.00
O6 NAG S . -8.11 -7.99 -43.52
O7 NAG S . -9.90 -8.63 -36.02
C1 NAG T . -53.95 -27.31 -24.38
C2 NAG T . -53.54 -27.73 -25.79
C3 NAG T . -53.65 -26.53 -26.73
C4 NAG T . -55.04 -25.94 -26.67
C5 NAG T . -55.44 -25.62 -25.23
C6 NAG T . -56.87 -25.18 -25.08
C7 NAG T . -51.96 -29.53 -26.27
C8 NAG T . -53.14 -30.31 -26.77
N2 NAG T . -52.21 -28.30 -25.82
O3 NAG T . -53.35 -26.94 -28.06
O4 NAG T . -55.09 -24.73 -27.43
O5 NAG T . -55.28 -26.79 -24.40
O6 NAG T . -57.28 -24.37 -26.18
O7 NAG T . -50.82 -30.00 -26.28
C1 NAG U . -34.67 -49.40 -7.03
C2 NAG U . -35.42 -50.72 -7.12
C3 NAG U . -34.75 -51.75 -6.22
C4 NAG U . -33.28 -51.86 -6.60
C5 NAG U . -32.62 -50.49 -6.52
C6 NAG U . -31.18 -50.49 -6.97
C7 NAG U . -37.79 -50.64 -7.63
C8 NAG U . -39.16 -50.24 -7.15
N2 NAG U . -36.81 -50.56 -6.74
O3 NAG U . -35.41 -52.99 -6.33
O4 NAG U . -32.63 -52.74 -5.69
O5 NAG U . -33.31 -49.56 -7.37
O6 NAG U . -30.63 -49.19 -6.88
O7 NAG U . -37.59 -50.99 -8.78
C1 NAG V . -45.41 -40.15 -21.70
C2 NAG V . -44.38 -40.89 -22.56
C3 NAG V . -45.09 -41.74 -23.62
C4 NAG V . -46.10 -42.67 -22.97
C5 NAG V . -47.07 -41.86 -22.09
C6 NAG V . -48.03 -42.75 -21.33
C7 NAG V . -42.20 -39.78 -22.83
C8 NAG V . -41.72 -40.66 -21.71
N2 NAG V . -43.48 -39.94 -23.19
O3 NAG V . -44.12 -42.49 -24.35
O4 NAG V . -46.84 -43.35 -23.97
O5 NAG V . -46.33 -41.12 -21.12
O6 NAG V . -48.64 -42.03 -20.26
O7 NAG V . -41.46 -38.98 -23.38
C1 NAG W . -53.47 -49.62 -14.09
C2 NAG W . -53.20 -50.87 -14.92
C3 NAG W . -54.20 -51.97 -14.54
C4 NAG W . -54.18 -52.22 -13.04
C5 NAG W . -54.42 -50.91 -12.29
C6 NAG W . -54.31 -51.05 -10.79
C7 NAG W . -52.26 -50.05 -17.03
C8 NAG W . -52.51 -49.83 -18.49
N2 NAG W . -53.28 -50.59 -16.34
O3 NAG W . -53.86 -53.17 -15.23
O4 NAG W . -55.20 -53.15 -12.69
O5 NAG W . -53.44 -49.94 -12.69
O6 NAG W . -53.79 -52.32 -10.42
O7 NAG W . -51.20 -49.75 -16.49
C1 NAG X . -68.62 -34.92 -16.87
C2 NAG X . -68.51 -34.28 -18.26
C3 NAG X . -69.61 -33.24 -18.44
C4 NAG X . -70.97 -33.85 -18.16
C5 NAG X . -70.98 -34.49 -16.79
C6 NAG X . -72.28 -35.22 -16.49
C7 NAG X . -66.29 -34.19 -19.30
C8 NAG X . -64.99 -33.46 -19.38
N2 NAG X . -67.20 -33.70 -18.45
O3 NAG X . -69.55 -32.75 -19.78
O4 NAG X . -71.97 -32.84 -18.22
O5 NAG X . -69.93 -35.47 -16.69
O6 NAG X . -72.15 -36.06 -15.34
O7 NAG X . -66.51 -35.20 -19.98
C1 NAG Y . 26.28 -36.94 -0.97
C2 NAG Y . 25.49 -38.09 -1.57
C3 NAG Y . 25.57 -39.30 -0.65
C4 NAG Y . 27.03 -39.65 -0.39
C5 NAG Y . 27.77 -38.43 0.16
C6 NAG Y . 29.25 -38.67 0.33
C7 NAG Y . 23.61 -37.53 -3.02
C8 NAG Y . 22.11 -37.48 -3.14
N2 NAG Y . 24.10 -37.74 -1.80
O3 NAG Y . 24.88 -40.40 -1.22
O4 NAG Y . 27.10 -40.71 0.56
O5 NAG Y . 27.62 -37.31 -0.74
O6 NAG Y . 29.49 -39.74 1.25
O7 NAG Y . 24.34 -37.40 -4.00
C1 NAG Z . 30.27 41.54 -37.26
C2 NAG Z . 31.68 42.06 -37.42
C3 NAG Z . 31.63 43.28 -38.32
C4 NAG Z . 31.04 42.82 -39.64
C5 NAG Z . 29.66 42.27 -39.39
C6 NAG Z . 28.99 41.85 -40.69
C7 NAG Z . 32.87 41.29 -35.50
C8 NAG Z . 33.36 41.52 -34.11
N2 NAG Z . 32.31 42.31 -36.13
O3 NAG Z . 32.91 43.88 -38.51
O4 NAG Z . 30.99 43.91 -40.56
O5 NAG Z . 29.76 41.14 -38.52
O6 NAG Z . 27.66 41.39 -40.41
O7 NAG Z . 32.95 40.19 -36.03
C1 NAG AA . 32.27 31.07 -47.49
C2 NAG AA . 33.21 30.07 -46.86
C3 NAG AA . 34.35 29.86 -47.83
C4 NAG AA . 33.74 29.36 -49.13
C5 NAG AA . 32.77 30.40 -49.66
C6 NAG AA . 32.16 29.95 -50.98
C7 NAG AA . 33.03 30.20 -44.46
C8 NAG AA . 33.74 30.50 -43.17
N2 NAG AA . 33.70 30.51 -45.56
O3 NAG AA . 35.30 28.94 -47.31
O4 NAG AA . 34.77 29.12 -50.09
O5 NAG AA . 31.72 30.58 -48.71
O6 NAG AA . 31.20 30.93 -51.41
O7 NAG AA . 31.92 29.69 -44.49
C1 NAG BA . -23.39 29.70 18.53
C2 NAG BA . -23.52 28.61 19.59
C3 NAG BA . -24.69 28.92 20.52
C4 NAG BA . -24.54 30.32 21.10
C5 NAG BA . -24.35 31.34 19.98
C6 NAG BA . -24.06 32.73 20.50
C7 NAG BA . -22.66 26.50 18.68
C8 NAG BA . -23.02 25.18 18.05
N2 NAG BA . -23.69 27.30 18.97
O3 NAG BA . -24.73 27.96 21.56
O4 NAG BA . -25.70 30.66 21.85
O5 NAG BA . -23.23 30.97 19.17
O6 NAG BA . -24.86 33.04 21.64
O7 NAG BA . -21.50 26.82 18.91
C1 NAG CA . -59.18 -6.65 26.93
C2 NAG CA . -60.03 -5.39 27.13
C3 NAG CA . -59.60 -4.66 28.39
C4 NAG CA . -59.62 -5.59 29.58
C5 NAG CA . -58.80 -6.85 29.29
C6 NAG CA . -58.88 -7.88 30.39
C7 NAG CA . -60.95 -4.36 25.09
C8 NAG CA . -62.20 -5.15 25.37
N2 NAG CA . -59.95 -4.52 25.97
O3 NAG CA . -60.47 -3.56 28.62
O4 NAG CA . -59.08 -4.93 30.73
O5 NAG CA . -59.28 -7.47 28.09
O6 NAG CA . -59.97 -8.76 30.18
O7 NAG CA . -60.86 -3.62 24.12
C1 NAG DA . -59.79 -8.97 -6.96
C2 NAG DA . -61.23 -8.58 -7.28
C3 NAG DA . -61.47 -8.66 -8.80
C4 NAG DA . -60.43 -7.84 -9.54
C5 NAG DA . -59.03 -8.28 -9.13
C6 NAG DA . -57.93 -7.45 -9.76
C7 NAG DA . -62.30 -10.73 -6.69
C8 NAG DA . -63.35 -11.37 -5.84
N2 NAG DA . -62.19 -9.40 -6.56
O3 NAG DA . -62.78 -8.17 -9.08
O4 NAG DA . -60.58 -8.03 -10.95
O5 NAG DA . -58.88 -8.15 -7.71
O6 NAG DA . -58.40 -6.79 -10.93
O7 NAG DA . -61.58 -11.38 -7.44
C1 NAG EA . -63.36 -3.51 12.23
C2 NAG EA . -63.30 -2.26 11.34
C3 NAG EA . -64.53 -1.40 11.59
C4 NAG EA . -65.81 -2.21 11.42
C5 NAG EA . -65.76 -3.48 12.28
C6 NAG EA . -66.93 -4.39 12.04
C7 NAG EA . -61.18 -1.26 10.64
C8 NAG EA . -61.49 -1.79 9.26
N2 NAG EA . -62.08 -1.51 11.59
O3 NAG EA . -64.53 -0.30 10.69
O4 NAG EA . -66.93 -1.44 11.81
O5 NAG EA . -64.57 -4.23 11.97
O6 NAG EA . -66.57 -5.76 12.25
O7 NAG EA . -60.16 -0.62 10.86
C1 NAG FA . -72.34 -13.53 7.28
C2 NAG FA . -73.33 -12.63 6.54
C3 NAG FA . -74.60 -13.39 6.18
C4 NAG FA . -74.25 -14.65 5.41
C5 NAG FA . -73.25 -15.49 6.19
C6 NAG FA . -72.76 -16.71 5.43
C7 NAG FA . -74.24 -11.42 8.50
C8 NAG FA . -74.47 -10.08 9.12
N2 NAG FA . -73.64 -11.42 7.30
O3 NAG FA . -75.45 -12.56 5.40
O4 NAG FA . -75.43 -15.43 5.18
O5 NAG FA . -72.08 -14.70 6.50
O6 NAG FA . -72.68 -16.45 4.04
O7 NAG FA . -74.58 -12.46 9.07
C1 NAG GA . -70.19 -20.35 26.92
C2 NAG GA . -71.24 -19.57 27.71
C3 NAG GA . -71.15 -19.91 29.20
C4 NAG GA . -71.25 -21.41 29.41
C5 NAG GA . -70.19 -22.11 28.58
C6 NAG GA . -70.28 -23.62 28.66
C7 NAG GA . -71.72 -17.48 26.52
C8 NAG GA . -71.46 -16.01 26.45
N2 NAG GA . -71.10 -18.14 27.50
O3 NAG GA . -72.20 -19.25 29.89
O4 NAG GA . -71.06 -21.72 30.78
O5 NAG GA . -70.33 -21.76 27.20
O6 NAG GA . -71.56 -24.08 28.24
O7 NAG GA . -72.47 -18.04 25.72
#